data_7DDL
#
_entry.id   7DDL
#
_cell.length_a   115.721
_cell.length_b   117.646
_cell.length_c   492.068
_cell.angle_alpha   90.000
_cell.angle_beta   90.000
_cell.angle_gamma   90.000
#
_symmetry.space_group_name_H-M   'P 21 21 21'
#
loop_
_entity.id
_entity.type
_entity.pdbx_description
1 polymer 'Sodium/potassium-transporting ATPase subunit alpha-1'
2 polymer 'Sodium/potassium-transporting ATPase subunit beta-1'
3 polymer 'FXYD domain-containing ion transport regulator'
4 branched 2-acetamido-2-deoxy-beta-D-glucopyranose-(1-4)-2-acetamido-2-deoxy-beta-D-glucopyranose
5 non-polymer 'MAGNESIUM ION'
6 non-polymer 'SODIUM ION'
7 non-polymer 1,2-DIOLEOYL-SN-GLYCERO-3-PHOSPHOCHOLINE
8 non-polymer bufalin
9 non-polymer CHOLESTEROL
10 non-polymer 2-acetamido-2-deoxy-beta-D-glucopyranose
11 water water
#
loop_
_entity_poly.entity_id
_entity_poly.type
_entity_poly.pdbx_seq_one_letter_code
_entity_poly.pdbx_strand_id
1 'polypeptide(L)'
;GRDKYEPAAVSEHGDKKKAKKERDMDELKKEVSMDDHKLSLDELHRKYGTDLSRGLTPARAAEILARDGPNALTPPPTTP
EWVKFCRQLFGGFSMLLWIGAILCFLAYGIQAATEEEPQNDNLYLGVVLSAVVIITGCFSYYQEAKSSKIMESFKNMVPQ
QALVIRNGEKMSINAEEVVVGDLVEVKGGDRIPADLRIISANGCKVDNSSLTGESEPQTRSPDFTNENPLETRNIAFFST
NCVEGTARGIVVYTGDRTVMGRIATLASGLEGGQTPIAAEIEHFIHIITGVAVFLGVSFFILSLILEYTWLEAVIFLIGI
IVANVPEGLLATVTVCLTLTAKRMARKNCLVKNLEAVETLGSTSTICS(PHD)KTGTLTQNRMTVAHMWSDNQIHEADTT
ENQSGVSFDKTSATWLALSRIAGLCNRAVFQANQENLPILKRAVAGDASESALLKCIELCCGSVKEMRERYTKIVEIPFN
STNKYQLSIHKNPNTAEPRHLLVMKGAPERILDRCSSILIHGKEQPLDEELKDAFQNAYLELGGLGERVLGFCHLFLPDE
QFPEGFQFDTDDVNFPLDNLCFVGLISMIDPPRAAVPDAVGKCRSAGIKVIMVTGDHPITAKAIAKGVGIISEGNETVED
IAARLNIPVSQVNPRDAKACVVHGSDLKDMTSEQLDDILKYHTEIVFARTSPQQKLIIVEGCQRQGAIVAVTGDGVNDSP
ASKKADIGVAMGIAGSDVSKQAADMILLDDNFASIVTGVEEGRLIFDNLKKSIAYTLTSNIPEITPFLIFIIANIPLPLG
TVTILCIDLGTDMVPAISLAYEQAESDIMKRQPRNPKTDKLVNEQLISMAYGQIGMIQALGGFFTYFVILAENGFLPIHL
LGLRVNWDDRWINDVEDSYGQQWTYEQRKIVEFTCHTPFFVTIVVVQWADLVICKTRRNSVFQQGMKNKILIFGLFEETA
LAAFLSYCPGMGVALRMYPLKPTWWFCAFPYSLLIFVYDEVRKLIIRRRPGGWVEKETYY
;
A,C
2 'polypeptide(L)'
;MARGKAKEEGSWKKFIWNSEKKEFLGRTGGSWFKILLFYVIFYGCLAGIFIGTIQVMLLTISEFKPTYQDRVAPPGLTQI
PQSQKTEISFRPNDPQSYESYVVSIVRFLEKYKDLAQKDDMIFEDCGNVPSELKERGEYNNERGERKVCRFRLEWLGNCS
GLNDETYGYKDGKPCVIIKLNRVLGFKPKPPKNESLETYPVMKYNPYVLPVHCTGKRDEDKEKVGTMEYFGLGGYPGFPL
QYYPYYGKLLQPKYLQPLMAVQFTNLTMDTEIRIECKAYGENIGYSEKDRFQGRFDVKIEVKS
;
B,D
3 'polypeptide(L)' MAGLSTDDGGSPKGDVDPFYYDYETVRNGGLIFAALAFIVGLIIILSKRLRCGGKKHRPINEDEL G,E
#
loop_
_chem_comp.id
_chem_comp.type
_chem_comp.name
_chem_comp.formula
BUF non-polymer bufalin 'C24 H34 O4'
CLR non-polymer CHOLESTEROL 'C27 H46 O'
MG non-polymer 'MAGNESIUM ION' 'Mg 2'
NA non-polymer 'SODIUM ION' 'Na 1'
NAG D-saccharide, beta linking 2-acetamido-2-deoxy-beta-D-glucopyranose 'C8 H15 N O6'
PCW non-polymer 1,2-DIOLEOYL-SN-GLYCERO-3-PHOSPHOCHOLINE 'C44 H85 N O8 P 1'
#
# COMPACT_ATOMS: atom_id res chain seq x y z
N LYS A 21 62.11 -16.95 24.61
CA LYS A 21 62.36 -18.33 24.95
C LYS A 21 61.16 -18.91 25.70
N GLU A 22 59.98 -18.34 25.45
CA GLU A 22 58.77 -18.81 26.10
C GLU A 22 58.28 -20.15 25.56
N ARG A 23 58.79 -20.57 24.40
CA ARG A 23 58.39 -21.86 23.83
C ARG A 23 58.74 -23.01 24.77
N ASP A 24 59.96 -22.99 25.30
CA ASP A 24 60.38 -24.04 26.23
C ASP A 24 59.58 -23.96 27.52
N MET A 25 59.23 -22.74 27.96
CA MET A 25 58.44 -22.57 29.17
C MET A 25 57.07 -23.21 29.01
N ASP A 26 56.44 -23.06 27.84
CA ASP A 26 55.13 -23.66 27.61
C ASP A 26 55.23 -25.17 27.40
N GLU A 27 56.33 -25.62 26.78
CA GLU A 27 56.52 -27.05 26.55
C GLU A 27 56.70 -27.79 27.88
N LEU A 28 57.41 -27.17 28.83
CA LEU A 28 57.57 -27.82 30.13
C LEU A 28 56.29 -27.79 30.95
N LYS A 29 55.25 -27.11 30.44
CA LYS A 29 53.95 -27.03 31.10
C LYS A 29 52.93 -27.92 30.43
N LYS A 30 53.19 -28.36 29.20
CA LYS A 30 52.28 -29.28 28.54
C LYS A 30 52.49 -30.71 29.02
N GLU A 31 53.55 -30.94 29.79
CA GLU A 31 53.88 -32.26 30.33
C GLU A 31 53.19 -32.47 31.67
N VAL A 32 52.79 -33.71 31.94
CA VAL A 32 52.15 -34.02 33.21
C VAL A 32 53.20 -33.84 34.32
N SER A 33 52.74 -33.41 35.50
CA SER A 33 53.60 -33.12 36.63
C SER A 33 54.34 -34.32 37.18
N MET A 34 55.45 -34.03 37.87
CA MET A 34 56.34 -34.96 38.54
C MET A 34 56.30 -34.65 40.03
N ASP A 35 56.91 -35.49 40.86
CA ASP A 35 56.89 -35.25 42.30
C ASP A 35 57.94 -36.10 43.01
N ASP A 36 57.98 -35.91 44.34
CA ASP A 36 58.84 -36.59 45.29
C ASP A 36 58.04 -37.01 46.51
N HIS A 37 56.74 -37.26 46.32
CA HIS A 37 55.85 -37.66 47.42
C HIS A 37 56.27 -38.99 48.04
N LYS A 38 56.75 -39.91 47.21
CA LYS A 38 57.17 -41.24 47.66
C LYS A 38 58.49 -41.10 48.44
N LEU A 39 58.37 -40.61 49.67
CA LEU A 39 59.52 -40.41 50.53
C LEU A 39 59.12 -40.69 51.97
N SER A 40 60.06 -41.27 52.72
CA SER A 40 59.81 -41.53 54.13
C SER A 40 59.68 -40.20 54.87
N LEU A 41 58.98 -40.25 56.01
CA LEU A 41 58.78 -39.02 56.79
C LEU A 41 60.10 -38.38 57.19
N ASP A 42 61.13 -39.18 57.44
CA ASP A 42 62.43 -38.64 57.80
C ASP A 42 63.12 -38.01 56.60
N GLU A 43 63.04 -38.66 55.42
CA GLU A 43 63.65 -38.08 54.22
C GLU A 43 62.95 -36.79 53.84
N LEU A 44 61.63 -36.72 54.04
CA LEU A 44 60.88 -35.50 53.74
C LEU A 44 61.29 -34.37 54.68
N HIS A 45 61.30 -34.65 55.98
CA HIS A 45 61.68 -33.61 56.95
C HIS A 45 63.14 -33.20 56.77
N ARG A 46 63.99 -34.10 56.24
CA ARG A 46 65.38 -33.74 56.01
C ARG A 46 65.54 -32.89 54.75
N LYS A 47 64.76 -33.20 53.71
CA LYS A 47 64.85 -32.44 52.48
C LYS A 47 64.29 -31.03 52.66
N TYR A 48 63.16 -30.92 53.38
CA TYR A 48 62.55 -29.61 53.61
C TYR A 48 63.02 -28.93 54.88
N GLY A 49 63.52 -29.66 55.87
CA GLY A 49 63.96 -29.03 57.09
C GLY A 49 62.78 -28.48 57.85
N THR A 50 61.91 -29.36 58.36
CA THR A 50 60.71 -28.93 59.06
C THR A 50 60.35 -29.93 60.16
N ASP A 51 59.96 -29.41 61.32
CA ASP A 51 59.55 -30.28 62.40
C ASP A 51 58.18 -30.85 62.06
N LEU A 52 58.04 -32.16 62.21
CA LEU A 52 56.79 -32.83 61.87
C LEU A 52 55.63 -32.49 62.80
N SER A 53 55.91 -32.01 64.01
CA SER A 53 54.83 -31.67 64.94
C SER A 53 54.84 -30.21 65.37
N ARG A 54 55.86 -29.43 65.00
CA ARG A 54 55.94 -28.03 65.36
C ARG A 54 56.06 -27.09 64.17
N GLY A 55 56.23 -27.62 62.96
CA GLY A 55 56.36 -26.75 61.81
C GLY A 55 57.73 -26.10 61.78
N LEU A 56 57.76 -24.78 61.67
CA LEU A 56 59.02 -24.04 61.65
C LEU A 56 58.82 -22.70 62.36
N THR A 57 59.95 -22.04 62.62
CA THR A 57 59.91 -20.74 63.28
C THR A 57 59.28 -19.70 62.36
N PRO A 58 58.52 -18.74 62.92
CA PRO A 58 57.90 -17.72 62.07
C PRO A 58 58.92 -16.92 61.27
N ALA A 59 60.16 -16.81 61.75
CA ALA A 59 61.18 -16.09 61.02
C ALA A 59 61.53 -16.82 59.73
N ARG A 60 61.60 -18.15 59.78
CA ARG A 60 61.87 -18.93 58.58
C ARG A 60 60.71 -18.82 57.60
N ALA A 61 59.49 -18.79 58.14
CA ALA A 61 58.31 -18.64 57.31
C ALA A 61 58.34 -17.30 56.59
N ALA A 62 58.67 -16.23 57.31
CA ALA A 62 58.74 -14.93 56.68
C ALA A 62 59.90 -14.84 55.70
N GLU A 63 60.99 -15.59 55.96
CA GLU A 63 62.13 -15.57 55.03
C GLU A 63 61.75 -16.22 53.71
N ILE A 64 60.94 -17.28 53.75
CA ILE A 64 60.55 -17.89 52.48
C ILE A 64 59.45 -17.05 51.83
N LEU A 65 58.56 -16.50 52.65
CA LEU A 65 57.48 -15.64 52.15
C LEU A 65 58.06 -14.48 51.38
N ALA A 66 59.16 -13.91 51.87
CA ALA A 66 59.84 -12.82 51.21
C ALA A 66 60.98 -13.32 50.32
N ARG A 67 61.03 -14.63 50.06
CA ARG A 67 62.03 -15.22 49.20
C ARG A 67 61.47 -15.65 47.85
N ASP A 68 60.31 -16.33 47.83
CA ASP A 68 59.75 -16.78 46.55
C ASP A 68 58.37 -16.24 46.19
N GLY A 69 57.64 -15.63 47.11
CA GLY A 69 56.33 -15.10 46.79
C GLY A 69 55.18 -15.72 47.56
N PRO A 70 54.13 -14.93 47.80
CA PRO A 70 52.98 -15.43 48.56
C PRO A 70 52.25 -16.56 47.85
N ASN A 71 51.57 -17.40 48.64
CA ASN A 71 50.82 -18.54 48.12
C ASN A 71 49.53 -18.07 47.47
N ALA A 72 49.66 -17.66 46.21
CA ALA A 72 48.54 -17.18 45.42
C ALA A 72 49.01 -17.10 43.98
N LEU A 73 48.14 -17.45 43.05
CA LEU A 73 48.51 -17.39 41.65
C LEU A 73 48.70 -15.94 41.22
N THR A 74 49.65 -15.73 40.30
CA THR A 74 49.86 -14.38 39.80
C THR A 74 48.58 -13.93 39.13
N PRO A 75 48.15 -12.69 39.35
CA PRO A 75 46.90 -12.21 38.74
C PRO A 75 46.89 -12.43 37.24
N PRO A 76 45.71 -12.46 36.63
CA PRO A 76 45.65 -12.65 35.17
C PRO A 76 46.33 -11.48 34.47
N PRO A 77 46.58 -11.60 33.18
CA PRO A 77 47.22 -10.47 32.47
C PRO A 77 46.17 -9.40 32.24
N THR A 78 46.36 -8.25 32.89
CA THR A 78 45.40 -7.17 32.76
C THR A 78 45.35 -6.66 31.33
N THR A 79 44.14 -6.45 30.83
CA THR A 79 43.86 -6.00 29.47
C THR A 79 43.36 -4.57 29.50
N PRO A 80 44.23 -3.58 29.30
CA PRO A 80 43.77 -2.18 29.32
C PRO A 80 42.68 -1.95 28.29
N GLU A 81 41.83 -0.98 28.58
CA GLU A 81 40.67 -0.71 27.73
C GLU A 81 41.02 -0.02 26.42
N TRP A 82 42.13 0.70 26.33
CA TRP A 82 42.45 1.31 25.05
C TRP A 82 42.96 0.26 24.08
N VAL A 83 43.51 -0.84 24.60
CA VAL A 83 44.01 -1.91 23.74
C VAL A 83 42.86 -2.58 23.01
N LYS A 84 41.81 -2.98 23.73
CA LYS A 84 40.71 -3.65 23.06
C LYS A 84 39.83 -2.67 22.28
N PHE A 85 39.96 -1.36 22.53
CA PHE A 85 39.22 -0.41 21.72
C PHE A 85 39.91 -0.28 20.37
N CYS A 86 41.25 -0.26 20.39
CA CYS A 86 41.97 -0.25 19.12
C CYS A 86 41.74 -1.57 18.40
N ARG A 87 41.58 -2.66 19.16
CA ARG A 87 41.29 -3.96 18.58
C ARG A 87 39.98 -3.88 17.80
N GLN A 88 38.95 -3.27 18.41
CA GLN A 88 37.69 -3.15 17.69
C GLN A 88 37.82 -2.20 16.50
N LEU A 89 38.80 -1.30 16.53
CA LEU A 89 38.98 -0.44 15.36
C LEU A 89 39.72 -1.16 14.23
N PHE A 90 40.27 -2.34 14.51
CA PHE A 90 40.97 -3.13 13.49
C PHE A 90 40.21 -4.43 13.23
N GLY A 91 40.83 -5.33 12.46
CA GLY A 91 40.19 -6.60 12.13
C GLY A 91 40.37 -6.98 10.67
N GLY A 92 39.36 -7.58 10.07
CA GLY A 92 39.49 -7.92 8.66
C GLY A 92 38.56 -7.09 7.80
N PHE A 93 37.33 -6.90 8.30
CA PHE A 93 36.34 -6.10 7.58
C PHE A 93 36.65 -4.62 7.75
N SER A 94 36.88 -4.22 9.00
CA SER A 94 37.22 -2.83 9.27
C SER A 94 38.50 -2.45 8.57
N MET A 95 39.39 -3.42 8.35
CA MET A 95 40.63 -3.13 7.64
C MET A 95 40.35 -2.88 6.17
N LEU A 96 39.40 -3.62 5.58
CA LEU A 96 39.06 -3.37 4.18
C LEU A 96 38.48 -1.97 4.06
N LEU A 97 37.66 -1.57 5.02
CA LEU A 97 37.11 -0.22 4.97
C LEU A 97 38.21 0.82 5.19
N TRP A 98 39.25 0.46 5.96
CA TRP A 98 40.36 1.38 6.17
C TRP A 98 41.14 1.58 4.88
N ILE A 99 41.43 0.49 4.17
CA ILE A 99 42.16 0.62 2.91
C ILE A 99 41.29 1.37 1.93
N GLY A 100 39.97 1.26 2.05
CA GLY A 100 39.09 2.02 1.17
C GLY A 100 39.19 3.50 1.45
N ALA A 101 39.21 3.87 2.73
CA ALA A 101 39.34 5.28 3.09
C ALA A 101 40.68 5.83 2.61
N ILE A 102 41.75 5.04 2.78
CA ILE A 102 43.08 5.45 2.33
C ILE A 102 43.09 5.67 0.83
N LEU A 103 42.48 4.74 0.07
CA LEU A 103 42.42 4.90 -1.38
C LEU A 103 41.62 6.13 -1.76
N CYS A 104 40.59 6.47 -0.96
CA CYS A 104 39.79 7.67 -1.24
C CYS A 104 40.63 8.92 -1.05
N PHE A 105 41.42 8.98 0.01
CA PHE A 105 42.25 10.17 0.23
C PHE A 105 43.39 10.23 -0.79
N LEU A 106 43.85 9.07 -1.27
CA LEU A 106 44.90 9.07 -2.30
C LEU A 106 44.35 9.65 -3.59
N ALA A 107 43.14 9.20 -3.98
CA ALA A 107 42.50 9.72 -5.19
C ALA A 107 42.22 11.21 -5.05
N TYR A 108 41.74 11.64 -3.88
CA TYR A 108 41.47 13.06 -3.68
C TYR A 108 42.75 13.88 -3.73
N GLY A 109 43.85 13.31 -3.21
CA GLY A 109 45.11 14.03 -3.26
C GLY A 109 45.60 14.21 -4.68
N ILE A 110 45.34 13.21 -5.53
CA ILE A 110 45.74 13.32 -6.93
C ILE A 110 44.86 14.35 -7.64
N GLN A 111 43.55 14.34 -7.34
CA GLN A 111 42.62 15.27 -7.95
C GLN A 111 42.82 16.70 -7.50
N ALA A 112 43.38 16.89 -6.29
CA ALA A 112 43.57 18.24 -5.78
C ALA A 112 44.70 18.95 -6.51
N ALA A 113 45.91 18.35 -6.45
CA ALA A 113 47.05 19.00 -7.11
C ALA A 113 46.97 18.95 -8.63
N THR A 114 46.36 17.92 -9.22
CA THR A 114 46.42 17.86 -10.69
C THR A 114 45.36 18.67 -11.44
N GLU A 115 44.13 18.83 -10.96
CA GLU A 115 43.17 19.55 -11.80
C GLU A 115 42.57 20.78 -11.12
N GLU A 116 41.92 21.59 -11.96
CA GLU A 116 41.28 22.82 -11.54
C GLU A 116 39.99 22.50 -10.77
N GLU A 117 39.69 23.34 -9.76
CA GLU A 117 38.54 23.26 -8.84
C GLU A 117 38.20 21.81 -8.53
N PRO A 118 39.09 21.09 -7.84
CA PRO A 118 38.83 19.69 -7.53
C PRO A 118 37.54 19.48 -6.76
N GLN A 119 36.99 18.27 -6.93
CA GLN A 119 35.73 17.88 -6.30
C GLN A 119 35.98 17.24 -4.94
N ASN A 120 35.08 17.53 -4.00
CA ASN A 120 35.17 17.05 -2.62
C ASN A 120 34.59 15.65 -2.40
N ASP A 121 34.01 15.03 -3.44
CA ASP A 121 33.41 13.69 -3.36
C ASP A 121 34.31 12.66 -2.66
N ASN A 122 35.50 12.40 -3.23
CA ASN A 122 36.43 11.41 -2.68
C ASN A 122 36.76 11.67 -1.21
N LEU A 123 36.97 12.94 -0.84
CA LEU A 123 37.26 13.28 0.55
C LEU A 123 36.06 12.97 1.44
N TYR A 124 34.87 13.35 0.98
CA TYR A 124 33.62 13.08 1.68
C TYR A 124 33.49 11.57 1.93
N LEU A 125 33.78 10.77 0.90
CA LEU A 125 33.68 9.32 1.00
C LEU A 125 34.73 8.73 1.94
N GLY A 126 35.95 9.28 1.91
CA GLY A 126 36.98 8.77 2.79
C GLY A 126 36.66 9.01 4.25
N VAL A 127 36.20 10.23 4.56
CA VAL A 127 35.84 10.52 5.95
C VAL A 127 34.61 9.72 6.35
N VAL A 128 33.71 9.43 5.40
CA VAL A 128 32.53 8.62 5.75
C VAL A 128 32.95 7.19 6.07
N LEU A 129 33.86 6.61 5.27
CA LEU A 129 34.31 5.25 5.54
C LEU A 129 35.03 5.19 6.88
N SER A 130 35.84 6.21 7.19
CA SER A 130 36.53 6.24 8.47
C SER A 130 35.52 6.33 9.61
N ALA A 131 34.47 7.12 9.42
CA ALA A 131 33.43 7.25 10.44
C ALA A 131 32.71 5.92 10.63
N VAL A 132 32.49 5.18 9.55
CA VAL A 132 31.81 3.89 9.64
C VAL A 132 32.64 2.93 10.48
N VAL A 133 33.96 2.89 10.23
CA VAL A 133 34.82 1.99 11.00
C VAL A 133 34.84 2.38 12.48
N ILE A 134 34.99 3.68 12.75
CA ILE A 134 35.05 4.15 14.14
C ILE A 134 33.75 3.86 14.88
N ILE A 135 32.61 4.12 14.24
CA ILE A 135 31.32 3.86 14.89
C ILE A 135 31.13 2.38 15.15
N THR A 136 31.51 1.53 14.16
CA THR A 136 31.39 0.09 14.37
C THR A 136 32.27 -0.34 15.53
N GLY A 137 33.45 0.29 15.65
CA GLY A 137 34.33 -0.04 16.75
C GLY A 137 33.73 0.36 18.09
N CYS A 138 33.12 1.54 18.15
CA CYS A 138 32.49 1.99 19.40
C CYS A 138 31.38 1.06 19.82
N PHE A 139 30.55 0.62 18.86
CA PHE A 139 29.44 -0.26 19.20
C PHE A 139 29.93 -1.64 19.64
N SER A 140 30.78 -2.27 18.82
CA SER A 140 31.27 -3.60 19.18
C SER A 140 32.07 -3.57 20.47
N TYR A 141 32.81 -2.49 20.72
CA TYR A 141 33.56 -2.37 21.95
C TYR A 141 32.62 -2.27 23.13
N TYR A 142 31.56 -1.47 23.00
CA TYR A 142 30.61 -1.34 24.10
C TYR A 142 29.95 -2.68 24.40
N GLN A 143 29.70 -3.49 23.37
CA GLN A 143 29.08 -4.80 23.60
C GLN A 143 30.02 -5.77 24.30
N GLU A 144 31.25 -5.92 23.80
CA GLU A 144 32.19 -6.84 24.43
C GLU A 144 32.54 -6.37 25.84
N ALA A 145 32.63 -5.04 26.02
CA ALA A 145 32.92 -4.50 27.35
C ALA A 145 31.77 -4.76 28.29
N LYS A 146 30.52 -4.71 27.78
CA LYS A 146 29.36 -4.99 28.62
C LYS A 146 29.37 -6.44 29.08
N SER A 147 29.77 -7.35 28.18
CA SER A 147 29.86 -8.76 28.55
C SER A 147 30.91 -8.97 29.64
N SER A 148 32.10 -8.37 29.46
CA SER A 148 33.11 -8.52 30.50
C SER A 148 32.72 -7.82 31.79
N LYS A 149 31.94 -6.73 31.69
CA LYS A 149 31.49 -6.02 32.89
C LYS A 149 30.56 -6.89 33.71
N ILE A 150 29.57 -7.52 33.06
CA ILE A 150 28.69 -8.40 33.81
C ILE A 150 29.44 -9.66 34.22
N MET A 151 30.60 -9.93 33.60
CA MET A 151 31.40 -11.07 34.00
C MET A 151 32.17 -10.79 35.28
N GLU A 152 32.61 -9.54 35.49
CA GLU A 152 33.31 -9.20 36.73
C GLU A 152 32.39 -9.27 37.93
N SER A 153 31.07 -9.16 37.72
CA SER A 153 30.08 -9.23 38.80
C SER A 153 29.88 -10.65 39.30
N PHE A 154 30.65 -11.60 38.79
CA PHE A 154 30.58 -12.99 39.20
C PHE A 154 31.80 -13.43 39.99
N LYS A 155 32.81 -12.57 40.12
CA LYS A 155 34.00 -12.91 40.89
C LYS A 155 33.71 -12.57 42.33
N ASN A 156 33.39 -13.58 43.13
CA ASN A 156 33.12 -13.40 44.56
C ASN A 156 34.25 -14.16 45.25
N MET A 157 35.41 -13.51 45.31
CA MET A 157 36.60 -14.08 45.92
C MET A 157 36.63 -13.68 47.39
N VAL A 158 36.23 -14.62 48.25
CA VAL A 158 36.22 -14.38 49.68
C VAL A 158 37.55 -14.88 50.22
N PRO A 159 38.31 -14.07 50.94
CA PRO A 159 39.59 -14.55 51.47
C PRO A 159 39.37 -15.73 52.41
N GLN A 160 40.26 -16.72 52.32
CA GLN A 160 40.15 -17.93 53.11
C GLN A 160 41.46 -18.14 53.87
N GLN A 161 41.40 -18.06 55.19
CA GLN A 161 42.57 -18.25 56.04
C GLN A 161 42.80 -19.72 56.34
N ALA A 162 44.06 -20.13 56.29
CA ALA A 162 44.50 -21.49 56.54
C ALA A 162 44.97 -21.64 57.98
N LEU A 163 44.90 -22.88 58.47
CA LEU A 163 45.33 -23.23 59.83
C LEU A 163 46.73 -23.81 59.70
N VAL A 164 47.74 -23.06 60.15
CA VAL A 164 49.13 -23.46 60.06
C VAL A 164 49.70 -23.64 61.46
N ILE A 165 50.52 -24.68 61.62
CA ILE A 165 51.18 -24.99 62.88
C ILE A 165 52.63 -24.58 62.72
N ARG A 166 53.03 -23.51 63.41
CA ARG A 166 54.39 -23.01 63.34
C ARG A 166 54.94 -22.80 64.73
N ASN A 167 56.22 -23.14 64.91
CA ASN A 167 56.93 -23.02 66.18
C ASN A 167 56.24 -23.79 67.30
N GLY A 168 55.43 -24.77 66.94
CA GLY A 168 54.70 -25.58 67.90
C GLY A 168 53.36 -25.03 68.31
N GLU A 169 52.84 -24.01 67.62
CA GLU A 169 51.56 -23.42 67.97
C GLU A 169 50.67 -23.29 66.74
N LYS A 170 49.37 -23.40 66.97
CA LYS A 170 48.37 -23.31 65.91
C LYS A 170 47.94 -21.86 65.71
N MET A 171 48.01 -21.39 64.47
CA MET A 171 47.62 -20.02 64.13
C MET A 171 46.90 -20.03 62.79
N SER A 172 45.90 -19.17 62.66
CA SER A 172 45.11 -19.05 61.44
C SER A 172 45.58 -17.80 60.71
N ILE A 173 46.25 -18.01 59.57
CA ILE A 173 46.79 -16.90 58.79
C ILE A 173 46.18 -16.89 57.40
N ASN A 174 46.38 -15.78 56.69
CA ASN A 174 45.87 -15.66 55.33
C ASN A 174 46.50 -16.73 54.45
N ALA A 175 45.76 -17.19 53.44
CA ALA A 175 46.28 -18.22 52.56
C ALA A 175 47.52 -17.77 51.80
N GLU A 176 47.66 -16.46 51.57
CA GLU A 176 48.83 -15.96 50.87
C GLU A 176 50.07 -15.95 51.74
N GLU A 177 49.92 -15.94 53.06
CA GLU A 177 51.05 -15.93 53.97
C GLU A 177 51.62 -17.32 54.23
N VAL A 178 51.10 -18.34 53.55
CA VAL A 178 51.59 -19.70 53.69
C VAL A 178 52.80 -19.89 52.78
N VAL A 179 53.81 -20.60 53.27
CA VAL A 179 55.03 -20.83 52.51
C VAL A 179 55.28 -22.31 52.30
N VAL A 180 56.42 -22.63 51.66
CA VAL A 180 56.80 -24.00 51.40
C VAL A 180 57.39 -24.63 52.66
N GLY A 181 57.17 -25.92 52.82
CA GLY A 181 57.69 -26.67 53.95
C GLY A 181 57.30 -26.24 55.36
N ASP A 182 56.00 -26.25 55.66
CA ASP A 182 55.54 -25.89 57.00
C ASP A 182 54.30 -26.71 57.30
N LEU A 183 54.14 -27.08 58.56
CA LEU A 183 53.01 -27.90 58.97
C LEU A 183 51.69 -27.17 58.75
N VAL A 184 50.73 -27.87 58.17
CA VAL A 184 49.41 -27.31 57.88
C VAL A 184 48.35 -28.35 58.25
N GLU A 185 47.33 -27.91 58.97
CA GLU A 185 46.23 -28.77 59.40
C GLU A 185 44.94 -28.34 58.70
N VAL A 186 44.15 -29.32 58.28
CA VAL A 186 42.88 -29.06 57.61
C VAL A 186 41.77 -29.85 58.31
N LYS A 187 40.61 -29.21 58.42
CA LYS A 187 39.41 -29.73 59.06
C LYS A 187 38.31 -29.89 58.01
N GLY A 188 37.41 -30.84 58.23
CA GLY A 188 36.30 -31.09 57.34
C GLY A 188 35.49 -29.83 57.08
N GLY A 189 35.62 -29.30 55.87
CA GLY A 189 34.93 -28.10 55.48
C GLY A 189 35.94 -27.09 54.97
N ASP A 190 37.12 -27.08 55.57
CA ASP A 190 38.17 -26.18 55.15
C ASP A 190 38.70 -26.56 53.77
N ARG A 191 39.27 -25.57 53.10
CA ARG A 191 39.83 -25.73 51.77
C ARG A 191 41.33 -25.97 51.87
N ILE A 192 41.84 -26.89 51.06
CA ILE A 192 43.26 -27.19 51.05
C ILE A 192 43.96 -25.95 50.51
N PRO A 193 44.76 -25.25 51.31
CA PRO A 193 45.42 -24.01 50.85
C PRO A 193 46.36 -24.18 49.68
N ALA A 194 47.46 -24.88 49.90
CA ALA A 194 48.48 -25.16 48.91
C ALA A 194 48.51 -26.66 48.66
N ASP A 195 49.50 -27.11 47.91
CA ASP A 195 49.64 -28.54 47.65
C ASP A 195 50.35 -29.14 48.85
N LEU A 196 49.64 -29.97 49.59
CA LEU A 196 50.17 -30.58 50.80
C LEU A 196 50.66 -32.01 50.57
N ARG A 197 51.51 -32.45 51.48
CA ARG A 197 52.06 -33.80 51.51
C ARG A 197 51.58 -34.30 52.86
N ILE A 198 50.53 -35.13 52.82
CA ILE A 198 49.91 -35.65 54.03
C ILE A 198 50.94 -36.38 54.89
N ILE A 199 50.84 -36.17 56.21
CA ILE A 199 51.75 -36.84 57.13
C ILE A 199 50.95 -37.61 58.16
N SER A 200 49.72 -37.18 58.44
CA SER A 200 48.88 -37.87 59.41
C SER A 200 47.43 -37.52 59.12
N ALA A 201 46.62 -38.54 58.88
CA ALA A 201 45.20 -38.37 58.58
C ALA A 201 44.34 -39.13 59.57
N ASN A 202 43.09 -38.67 59.70
CA ASN A 202 42.08 -39.27 60.59
C ASN A 202 40.77 -39.33 59.80
N GLY A 203 40.61 -40.38 59.00
CA GLY A 203 39.40 -40.52 58.18
C GLY A 203 39.15 -39.30 57.31
N CYS A 204 40.20 -38.79 56.69
CA CYS A 204 40.13 -37.58 55.87
C CYS A 204 39.78 -37.88 54.42
N LYS A 205 38.73 -37.22 53.93
CA LYS A 205 38.27 -37.35 52.55
C LYS A 205 38.30 -35.96 51.92
N VAL A 206 39.05 -35.82 50.83
CA VAL A 206 39.16 -34.56 50.13
C VAL A 206 38.30 -34.63 48.88
N ASP A 207 38.09 -33.47 48.23
CA ASP A 207 37.28 -33.34 47.03
C ASP A 207 38.15 -32.91 45.85
N ASN A 208 38.53 -33.87 45.02
CA ASN A 208 39.36 -33.62 43.83
C ASN A 208 38.53 -33.43 42.56
N SER A 209 37.32 -32.89 42.67
CA SER A 209 36.45 -32.74 41.50
C SER A 209 36.86 -31.58 40.59
N SER A 210 37.10 -30.39 41.15
CA SER A 210 37.46 -29.25 40.31
C SER A 210 38.84 -29.39 39.68
N LEU A 211 39.73 -30.23 40.23
CA LEU A 211 41.08 -30.36 39.68
C LEU A 211 41.26 -31.61 38.82
N THR A 212 41.09 -32.80 39.40
CA THR A 212 41.28 -34.03 38.64
C THR A 212 39.98 -34.64 38.14
N GLY A 213 38.85 -33.99 38.36
CA GLY A 213 37.59 -34.53 37.89
C GLY A 213 37.09 -35.76 38.63
N GLU A 214 37.75 -36.16 39.71
CA GLU A 214 37.31 -37.33 40.48
C GLU A 214 36.04 -36.95 41.25
N SER A 215 34.91 -37.52 40.85
CA SER A 215 33.62 -37.23 41.45
C SER A 215 33.48 -37.51 42.93
N GLU A 216 33.50 -38.78 43.33
CA GLU A 216 33.35 -39.12 44.73
C GLU A 216 34.53 -38.60 45.54
N PRO A 217 34.30 -38.14 46.79
CA PRO A 217 35.40 -37.61 47.60
C PRO A 217 36.50 -38.65 47.83
N GLN A 218 37.67 -38.39 47.26
CA GLN A 218 38.80 -39.29 47.39
C GLN A 218 39.45 -39.10 48.75
N THR A 219 39.63 -40.19 49.49
CA THR A 219 40.25 -40.06 50.79
C THR A 219 41.76 -39.78 50.63
N ARG A 220 42.35 -39.27 51.71
CA ARG A 220 43.77 -38.93 51.73
C ARG A 220 44.43 -39.61 52.92
N SER A 221 45.37 -40.52 52.64
CA SER A 221 46.10 -41.26 53.65
C SER A 221 47.58 -40.89 53.61
N PRO A 222 48.28 -40.95 54.74
CA PRO A 222 49.71 -40.58 54.73
C PRO A 222 50.60 -41.53 53.93
N ASP A 223 50.17 -42.77 53.72
CA ASP A 223 50.98 -43.73 52.97
C ASP A 223 50.86 -43.53 51.47
N PHE A 224 51.99 -43.57 50.78
CA PHE A 224 52.00 -43.41 49.32
C PHE A 224 51.33 -44.61 48.66
N THR A 225 50.39 -44.34 47.75
CA THR A 225 49.63 -45.41 47.09
C THR A 225 49.87 -45.52 45.59
N ASN A 226 49.96 -44.43 44.84
CA ASN A 226 50.16 -44.53 43.40
C ASN A 226 51.31 -43.67 42.92
N GLU A 227 52.00 -44.15 41.87
CA GLU A 227 53.12 -43.44 41.29
C GLU A 227 52.69 -42.10 40.71
N ASN A 228 51.41 -41.95 40.38
CA ASN A 228 50.90 -40.70 39.86
C ASN A 228 50.53 -39.81 41.04
N PRO A 229 51.13 -38.62 41.15
CA PRO A 229 50.79 -37.74 42.29
C PRO A 229 49.32 -37.41 42.37
N LEU A 230 48.60 -37.44 41.25
CA LEU A 230 47.18 -37.14 41.26
C LEU A 230 46.37 -38.29 41.85
N GLU A 231 46.77 -39.53 41.57
CA GLU A 231 46.04 -40.69 42.06
C GLU A 231 46.38 -41.04 43.51
N THR A 232 47.63 -40.82 43.94
CA THR A 232 48.02 -41.16 45.30
C THR A 232 47.22 -40.36 46.33
N ARG A 233 47.19 -40.90 47.55
CA ARG A 233 46.44 -40.31 48.66
C ARG A 233 47.30 -39.51 49.63
N ASN A 234 48.62 -39.49 49.47
CA ASN A 234 49.47 -38.74 50.38
C ASN A 234 49.68 -37.30 49.93
N ILE A 235 48.82 -36.81 49.03
CA ILE A 235 48.96 -35.46 48.50
C ILE A 235 47.60 -34.78 48.46
N ALA A 236 47.49 -33.61 49.10
CA ALA A 236 46.30 -32.78 49.05
C ALA A 236 46.59 -31.75 47.97
N PHE A 237 45.55 -31.24 47.31
CA PHE A 237 45.81 -30.31 46.21
C PHE A 237 45.21 -28.92 46.38
N PHE A 238 45.84 -27.97 45.69
CA PHE A 238 45.41 -26.58 45.69
C PHE A 238 43.99 -26.49 45.13
N SER A 239 43.15 -25.69 45.79
CA SER A 239 41.75 -25.42 45.48
C SER A 239 40.81 -26.56 45.80
N THR A 240 41.28 -27.62 46.44
CA THR A 240 40.41 -28.74 46.82
C THR A 240 39.84 -28.49 48.21
N ASN A 241 38.69 -29.09 48.49
CA ASN A 241 38.02 -28.92 49.76
C ASN A 241 37.98 -30.23 50.54
N CYS A 242 38.49 -30.20 51.76
CA CYS A 242 38.46 -31.37 52.63
C CYS A 242 37.01 -31.61 53.03
N VAL A 243 36.40 -32.67 52.50
CA VAL A 243 34.99 -32.95 52.77
C VAL A 243 34.78 -33.33 54.23
N GLU A 244 35.39 -34.42 54.69
CA GLU A 244 35.23 -34.86 56.05
C GLU A 244 36.57 -35.30 56.64
N GLY A 245 36.63 -35.30 57.97
CA GLY A 245 37.84 -35.67 58.68
C GLY A 245 38.82 -34.52 58.81
N THR A 246 39.94 -34.82 59.46
CA THR A 246 41.01 -33.86 59.69
C THR A 246 42.35 -34.49 59.33
N ALA A 247 43.28 -33.66 58.86
CA ALA A 247 44.59 -34.19 58.48
C ALA A 247 45.67 -33.12 58.61
N ARG A 248 46.92 -33.59 58.57
CA ARG A 248 48.11 -32.75 58.65
C ARG A 248 48.97 -32.96 57.41
N GLY A 249 49.85 -32.01 57.14
CA GLY A 249 50.71 -32.14 55.98
C GLY A 249 51.69 -31.00 55.79
N ILE A 250 52.78 -31.30 55.09
CA ILE A 250 53.82 -30.33 54.81
C ILE A 250 53.60 -29.77 53.40
N VAL A 251 53.62 -28.44 53.28
CA VAL A 251 53.40 -27.77 52.00
C VAL A 251 54.57 -28.07 51.06
N VAL A 252 54.30 -28.78 49.98
CA VAL A 252 55.33 -29.11 48.98
C VAL A 252 55.38 -28.06 47.89
N TYR A 253 54.24 -27.66 47.36
CA TYR A 253 54.15 -26.66 46.30
C TYR A 253 53.36 -25.45 46.78
N THR A 254 53.79 -24.27 46.35
CA THR A 254 53.13 -23.02 46.74
C THR A 254 52.98 -22.12 45.52
N GLY A 255 51.97 -21.25 45.58
CA GLY A 255 51.72 -20.29 44.52
C GLY A 255 51.48 -20.88 43.14
N ASP A 256 52.15 -20.28 42.15
CA ASP A 256 52.03 -20.70 40.75
C ASP A 256 52.70 -22.04 40.49
N ARG A 257 53.63 -22.45 41.35
CA ARG A 257 54.32 -23.73 41.17
C ARG A 257 53.42 -24.91 41.51
N THR A 258 52.21 -24.65 41.99
CA THR A 258 51.27 -25.70 42.36
C THR A 258 50.68 -26.38 41.11
N VAL A 259 49.92 -27.44 41.36
CA VAL A 259 49.30 -28.20 40.27
C VAL A 259 48.31 -27.33 39.51
N MET A 260 47.26 -26.86 40.21
CA MET A 260 46.28 -26.02 39.55
C MET A 260 46.91 -24.70 39.11
N GLY A 261 48.04 -24.32 39.71
CA GLY A 261 48.71 -23.11 39.29
C GLY A 261 49.36 -23.29 37.93
N ARG A 262 50.01 -24.45 37.72
CA ARG A 262 50.61 -24.73 36.43
C ARG A 262 49.52 -24.90 35.38
N ILE A 263 48.36 -25.43 35.79
CA ILE A 263 47.26 -25.59 34.84
C ILE A 263 46.71 -24.22 34.42
N ALA A 264 46.53 -23.32 35.39
CA ALA A 264 46.02 -21.99 35.08
C ALA A 264 47.01 -21.20 34.24
N THR A 265 48.31 -21.30 34.57
CA THR A 265 49.33 -20.60 33.80
C THR A 265 49.39 -21.14 32.38
N LEU A 266 49.12 -22.44 32.21
CA LEU A 266 49.10 -23.00 30.87
C LEU A 266 47.90 -22.47 30.10
N ALA A 267 46.74 -22.40 30.76
CA ALA A 267 45.54 -21.89 30.13
C ALA A 267 45.70 -20.45 29.67
N SER A 268 46.31 -19.61 30.50
CA SER A 268 46.49 -18.20 30.13
C SER A 268 47.43 -18.06 28.93
N GLY A 269 48.48 -18.87 28.86
CA GLY A 269 49.43 -18.79 27.78
C GLY A 269 49.17 -19.67 26.56
N LEU A 270 47.91 -19.83 26.16
CA LEU A 270 47.57 -20.64 25.01
C LEU A 270 46.98 -19.80 23.90
N GLU A 271 46.94 -20.38 22.70
CA GLU A 271 46.43 -19.69 21.52
C GLU A 271 44.91 -19.86 21.39
N GLY A 272 44.26 -18.77 20.99
CA GLY A 272 42.82 -18.82 20.80
C GLY A 272 42.39 -19.37 19.46
N GLY A 273 43.19 -19.15 18.43
CA GLY A 273 42.86 -19.64 17.10
C GLY A 273 42.07 -18.63 16.31
N GLN A 274 41.45 -19.12 15.23
CA GLN A 274 40.62 -18.31 14.35
C GLN A 274 39.23 -18.91 14.31
N THR A 275 38.24 -18.17 14.80
CA THR A 275 36.87 -18.63 14.80
C THR A 275 36.41 -18.92 13.38
N PRO A 276 35.48 -19.86 13.19
CA PRO A 276 35.02 -20.16 11.82
C PRO A 276 34.38 -18.97 11.12
N ILE A 277 33.59 -18.18 11.85
CA ILE A 277 32.94 -17.01 11.26
C ILE A 277 33.99 -16.01 10.79
N ALA A 278 35.09 -15.87 11.53
CA ALA A 278 36.15 -14.95 11.13
C ALA A 278 36.80 -15.42 9.83
N ALA A 279 37.08 -16.73 9.72
CA ALA A 279 37.67 -17.25 8.50
C ALA A 279 36.70 -17.10 7.34
N GLU A 280 35.40 -17.19 7.61
CA GLU A 280 34.42 -17.03 6.55
C GLU A 280 34.38 -15.58 6.07
N ILE A 281 34.45 -14.63 7.01
CA ILE A 281 34.47 -13.23 6.64
C ILE A 281 35.74 -12.91 5.85
N GLU A 282 36.85 -13.55 6.22
CA GLU A 282 38.11 -13.34 5.51
C GLU A 282 38.00 -13.86 4.08
N HIS A 283 37.44 -15.05 3.89
CA HIS A 283 37.26 -15.60 2.54
C HIS A 283 36.30 -14.72 1.74
N PHE A 284 35.29 -14.15 2.41
CA PHE A 284 34.35 -13.26 1.77
C PHE A 284 35.07 -12.03 1.23
N ILE A 285 35.93 -11.43 2.06
CA ILE A 285 36.70 -10.27 1.65
C ILE A 285 37.64 -10.65 0.51
N HIS A 286 38.14 -11.88 0.51
CA HIS A 286 39.01 -12.34 -0.56
C HIS A 286 38.30 -12.28 -1.90
N ILE A 287 37.05 -12.75 -1.93
CA ILE A 287 36.32 -12.71 -3.21
C ILE A 287 35.90 -11.28 -3.55
N ILE A 288 35.51 -10.50 -2.55
CA ILE A 288 35.09 -9.11 -2.78
C ILE A 288 36.21 -8.32 -3.42
N THR A 289 37.39 -8.31 -2.78
CA THR A 289 38.52 -7.58 -3.33
C THR A 289 39.03 -8.23 -4.61
N GLY A 290 38.87 -9.54 -4.78
CA GLY A 290 39.32 -10.18 -6.01
C GLY A 290 38.60 -9.60 -7.20
N VAL A 291 37.26 -9.64 -7.16
CA VAL A 291 36.51 -9.09 -8.29
C VAL A 291 36.65 -7.57 -8.34
N ALA A 292 36.83 -6.91 -7.19
CA ALA A 292 36.99 -5.46 -7.17
C ALA A 292 38.24 -5.02 -7.92
N VAL A 293 39.37 -5.66 -7.65
CA VAL A 293 40.61 -5.30 -8.33
C VAL A 293 40.59 -5.82 -9.75
N PHE A 294 39.87 -6.91 -10.03
CA PHE A 294 39.80 -7.38 -11.41
C PHE A 294 39.10 -6.34 -12.28
N LEU A 295 37.95 -5.86 -11.80
CA LEU A 295 37.21 -4.84 -12.53
C LEU A 295 37.99 -3.54 -12.60
N GLY A 296 38.60 -3.13 -11.49
CA GLY A 296 39.37 -1.89 -11.49
C GLY A 296 40.53 -1.91 -12.46
N VAL A 297 41.30 -3.00 -12.48
CA VAL A 297 42.45 -3.10 -13.38
C VAL A 297 42.01 -3.22 -14.83
N SER A 298 41.04 -4.10 -15.12
CA SER A 298 40.58 -4.24 -16.50
C SER A 298 40.01 -2.93 -17.02
N PHE A 299 39.34 -2.15 -16.16
CA PHE A 299 38.81 -0.87 -16.60
C PHE A 299 39.89 0.20 -16.63
N PHE A 300 40.98 0.03 -15.87
CA PHE A 300 42.09 0.97 -15.93
C PHE A 300 42.73 0.87 -17.31
N ILE A 301 42.93 -0.38 -17.75
CA ILE A 301 43.50 -0.63 -19.07
C ILE A 301 42.53 -0.19 -20.15
N LEU A 302 41.24 -0.43 -19.95
CA LEU A 302 40.24 -0.02 -20.94
C LEU A 302 40.21 1.49 -21.09
N SER A 303 40.26 2.22 -19.95
CA SER A 303 40.23 3.68 -19.99
C SER A 303 41.48 4.23 -20.67
N LEU A 304 42.64 3.61 -20.42
CA LEU A 304 43.84 4.07 -21.11
C LEU A 304 43.76 3.77 -22.59
N ILE A 305 43.13 2.64 -22.95
CA ILE A 305 42.97 2.28 -24.35
C ILE A 305 42.02 3.24 -25.06
N LEU A 306 41.06 3.81 -24.32
CA LEU A 306 40.15 4.72 -25.01
C LEU A 306 40.80 6.08 -25.27
N GLU A 307 40.86 6.94 -24.25
CA GLU A 307 41.49 8.25 -24.44
C GLU A 307 42.09 8.83 -23.16
N TYR A 308 41.56 8.42 -22.02
CA TYR A 308 41.96 8.96 -20.73
C TYR A 308 43.43 8.71 -20.41
N THR A 309 44.03 9.68 -19.73
CA THR A 309 45.42 9.69 -19.30
C THR A 309 45.61 8.87 -18.03
N TRP A 310 46.89 8.66 -17.68
CA TRP A 310 47.22 7.92 -16.47
C TRP A 310 46.64 8.62 -15.25
N LEU A 311 46.63 9.95 -15.28
CA LEU A 311 46.03 10.74 -14.20
C LEU A 311 44.57 10.39 -14.01
N GLU A 312 43.83 10.28 -15.10
CA GLU A 312 42.41 9.96 -15.05
C GLU A 312 42.18 8.48 -14.81
N ALA A 313 42.96 7.62 -15.49
CA ALA A 313 42.80 6.18 -15.33
C ALA A 313 43.07 5.74 -13.91
N VAL A 314 43.99 6.41 -13.20
CA VAL A 314 44.27 6.04 -11.81
C VAL A 314 43.05 6.33 -10.95
N ILE A 315 42.41 7.47 -11.18
CA ILE A 315 41.21 7.83 -10.42
C ILE A 315 40.10 6.85 -10.75
N PHE A 316 40.04 6.37 -11.99
CA PHE A 316 39.02 5.39 -12.37
C PHE A 316 39.26 4.06 -11.65
N LEU A 317 40.52 3.65 -11.57
CA LEU A 317 40.87 2.41 -10.88
C LEU A 317 40.47 2.48 -9.41
N ILE A 318 40.83 3.58 -8.75
CA ILE A 318 40.49 3.73 -7.32
C ILE A 318 38.97 3.81 -7.14
N GLY A 319 38.27 4.52 -8.02
CA GLY A 319 36.84 4.63 -7.89
C GLY A 319 36.13 3.30 -8.05
N ILE A 320 36.58 2.48 -9.01
CA ILE A 320 35.94 1.19 -9.23
C ILE A 320 36.26 0.22 -8.09
N ILE A 321 37.49 0.27 -7.56
CA ILE A 321 37.83 -0.64 -6.47
C ILE A 321 37.10 -0.25 -5.19
N VAL A 322 37.14 1.04 -4.83
CA VAL A 322 36.47 1.50 -3.61
C VAL A 322 34.96 1.32 -3.72
N ALA A 323 34.41 1.51 -4.92
CA ALA A 323 32.96 1.37 -5.10
C ALA A 323 32.48 -0.05 -4.81
N ASN A 324 33.34 -1.05 -5.02
CA ASN A 324 33.00 -2.44 -4.79
C ASN A 324 33.27 -2.89 -3.35
N VAL A 325 33.28 -1.95 -2.41
CA VAL A 325 33.54 -2.25 -1.01
C VAL A 325 32.28 -2.00 -0.20
N PRO A 326 31.57 -3.05 0.23
CA PRO A 326 30.35 -2.84 1.02
C PRO A 326 30.66 -2.01 2.25
N GLU A 327 30.21 -0.74 2.21
CA GLU A 327 30.47 0.17 3.31
C GLU A 327 29.59 -0.14 4.52
N GLY A 328 28.35 -0.50 4.27
CA GLY A 328 27.41 -0.81 5.34
C GLY A 328 27.34 -2.24 5.79
N LEU A 329 27.91 -3.17 5.01
CA LEU A 329 27.85 -4.58 5.39
C LEU A 329 28.57 -4.83 6.71
N LEU A 330 29.48 -3.94 7.11
CA LEU A 330 30.18 -4.11 8.38
C LEU A 330 29.22 -3.93 9.55
N ALA A 331 28.49 -2.82 9.56
CA ALA A 331 27.54 -2.56 10.62
C ALA A 331 26.40 -3.56 10.61
N THR A 332 25.96 -3.98 9.42
CA THR A 332 24.86 -4.94 9.36
C THR A 332 25.30 -6.30 9.90
N VAL A 333 26.50 -6.76 9.54
CA VAL A 333 26.97 -8.05 10.04
C VAL A 333 27.19 -7.96 11.55
N THR A 334 27.74 -6.85 12.03
CA THR A 334 27.97 -6.68 13.46
C THR A 334 26.64 -6.69 14.22
N VAL A 335 25.64 -5.96 13.73
CA VAL A 335 24.34 -5.94 14.40
C VAL A 335 23.70 -7.32 14.32
N CYS A 336 23.91 -8.06 13.23
CA CYS A 336 23.37 -9.41 13.12
C CYS A 336 23.91 -10.29 14.26
N LEU A 337 25.23 -10.29 14.38
CA LEU A 337 25.87 -11.06 15.45
C LEU A 337 25.43 -10.57 16.81
N THR A 338 25.29 -9.26 16.97
CA THR A 338 24.88 -8.67 18.23
C THR A 338 23.46 -9.11 18.60
N LEU A 339 22.55 -9.13 17.62
CA LEU A 339 21.17 -9.54 17.89
C LEU A 339 21.11 -10.99 18.35
N THR A 340 21.84 -11.88 17.65
CA THR A 340 21.81 -13.27 18.08
C THR A 340 22.46 -13.42 19.46
N ALA A 341 23.52 -12.64 19.73
CA ALA A 341 24.15 -12.70 21.04
C ALA A 341 23.19 -12.15 22.10
N LYS A 342 22.31 -11.22 21.71
CA LYS A 342 21.32 -10.70 22.64
C LYS A 342 20.39 -11.82 23.06
N ARG A 343 19.93 -12.60 22.07
CA ARG A 343 19.07 -13.75 22.40
C ARG A 343 19.82 -14.75 23.26
N MET A 344 21.14 -14.86 23.06
CA MET A 344 21.92 -15.78 23.88
C MET A 344 21.95 -15.30 25.33
N ALA A 345 22.15 -14.00 25.53
CA ALA A 345 22.17 -13.44 26.88
C ALA A 345 20.79 -13.45 27.52
N ARG A 346 19.73 -13.52 26.71
CA ARG A 346 18.38 -13.58 27.26
C ARG A 346 18.15 -14.92 27.94
N LYS A 347 18.68 -16.00 27.35
CA LYS A 347 18.56 -17.34 27.90
C LYS A 347 19.70 -17.69 28.86
N ASN A 348 20.33 -16.68 29.46
CA ASN A 348 21.43 -16.85 30.42
C ASN A 348 22.62 -17.58 29.81
N CYS A 349 22.82 -17.43 28.50
CA CYS A 349 23.92 -18.03 27.77
C CYS A 349 24.76 -16.85 27.26
N LEU A 350 25.62 -16.34 28.14
CA LEU A 350 26.42 -15.17 27.77
C LEU A 350 27.64 -15.55 26.94
N VAL A 351 27.94 -14.72 25.95
CA VAL A 351 29.10 -14.91 25.10
C VAL A 351 30.05 -13.76 25.36
N LYS A 352 31.32 -14.09 25.60
CA LYS A 352 32.29 -13.03 25.85
C LYS A 352 32.73 -12.40 24.56
N ASN A 353 32.99 -13.23 23.55
CA ASN A 353 33.38 -12.77 22.24
C ASN A 353 32.11 -12.68 21.41
N LEU A 354 32.01 -11.64 20.58
CA LEU A 354 30.80 -11.46 19.79
C LEU A 354 30.65 -12.55 18.73
N GLU A 355 31.67 -12.74 17.90
CA GLU A 355 31.60 -13.75 16.85
C GLU A 355 31.47 -15.17 17.40
N ALA A 356 31.77 -15.37 18.68
CA ALA A 356 31.63 -16.69 19.28
C ALA A 356 30.18 -17.16 19.27
N VAL A 357 29.24 -16.25 19.04
CA VAL A 357 27.83 -16.63 18.98
C VAL A 357 27.57 -17.59 17.84
N GLU A 358 28.39 -17.56 16.78
CA GLU A 358 28.18 -18.41 15.62
C GLU A 358 28.87 -19.77 15.68
N THR A 359 30.02 -19.85 16.36
CA THR A 359 30.81 -21.09 16.39
C THR A 359 30.02 -22.33 16.79
N LEU A 360 29.04 -22.21 17.69
CA LEU A 360 28.27 -23.39 18.11
C LEU A 360 27.59 -24.07 16.93
N GLY A 361 27.04 -23.29 16.01
CA GLY A 361 26.37 -23.88 14.85
C GLY A 361 27.31 -24.62 13.92
N SER A 362 28.53 -24.12 13.77
CA SER A 362 29.49 -24.78 12.90
C SER A 362 30.20 -25.95 13.57
N THR A 363 29.98 -26.16 14.86
CA THR A 363 30.61 -27.26 15.57
C THR A 363 30.14 -28.61 15.05
N SER A 364 31.07 -29.57 15.01
CA SER A 364 30.77 -30.91 14.55
C SER A 364 31.35 -32.00 15.45
N THR A 365 31.97 -31.63 16.56
CA THR A 365 32.53 -32.60 17.50
C THR A 365 32.62 -31.91 18.86
N ILE A 366 31.78 -32.33 19.80
CA ILE A 366 31.72 -31.73 21.13
C ILE A 366 32.44 -32.62 22.14
N CYS A 367 33.47 -32.06 22.78
CA CYS A 367 34.22 -32.74 23.83
C CYS A 367 33.66 -32.20 25.13
N SER A 368 32.99 -33.07 25.89
CA SER A 368 32.38 -32.64 27.14
C SER A 368 33.06 -33.19 28.38
N PHD A 369 32.85 -32.49 29.48
CA PHD A 369 33.42 -32.90 30.74
C PHD A 369 32.29 -33.66 31.48
O PHD A 369 31.07 -33.35 31.28
CB PHD A 369 33.95 -31.74 31.58
CG PHD A 369 34.37 -32.05 33.00
OD1 PHD A 369 35.50 -32.69 33.17
OD2 PHD A 369 33.72 -31.72 34.00
P PHD A 369 35.62 -33.69 34.42
OP1 PHD A 369 34.52 -34.70 34.37
OP2 PHD A 369 36.94 -34.40 34.36
OP3 PHD A 369 35.53 -32.90 35.70
N LYS A 370 32.65 -34.64 32.31
CA LYS A 370 31.67 -35.43 33.03
C LYS A 370 31.26 -34.78 34.36
N THR A 371 32.20 -34.68 35.28
CA THR A 371 31.92 -34.11 36.60
C THR A 371 31.69 -32.61 36.52
N GLY A 372 30.48 -32.17 36.89
CA GLY A 372 30.12 -30.77 36.88
C GLY A 372 29.54 -30.26 35.58
N THR A 373 29.75 -30.95 34.46
CA THR A 373 29.18 -30.54 33.18
C THR A 373 28.13 -31.53 32.70
N LEU A 374 28.52 -32.78 32.47
CA LEU A 374 27.56 -33.79 32.08
C LEU A 374 26.71 -34.20 33.27
N THR A 375 27.28 -34.15 34.46
CA THR A 375 26.63 -34.53 35.71
C THR A 375 26.45 -33.32 36.61
N GLN A 376 25.79 -33.57 37.75
CA GLN A 376 25.50 -32.55 38.75
C GLN A 376 26.62 -32.39 39.78
N ASN A 377 27.62 -33.27 39.77
CA ASN A 377 28.72 -33.25 40.73
C ASN A 377 28.17 -33.16 42.16
N ARG A 378 27.38 -34.17 42.50
CA ARG A 378 26.74 -34.27 43.81
C ARG A 378 26.19 -35.66 44.02
N MET A 379 26.56 -36.30 45.13
CA MET A 379 26.07 -37.65 45.41
C MET A 379 24.57 -37.61 45.61
N THR A 380 23.85 -38.52 44.94
CA THR A 380 22.40 -38.56 45.08
C THR A 380 21.94 -40.01 45.09
N VAL A 381 20.93 -40.30 45.92
CA VAL A 381 20.37 -41.64 46.03
C VAL A 381 19.80 -42.02 44.68
N ALA A 382 20.43 -42.97 44.01
CA ALA A 382 19.98 -43.38 42.68
C ALA A 382 18.84 -44.39 42.70
N HIS A 383 19.10 -45.58 43.23
CA HIS A 383 18.08 -46.63 43.28
C HIS A 383 17.98 -47.23 44.68
N MET A 384 16.82 -47.81 44.95
CA MET A 384 16.52 -48.46 46.22
C MET A 384 16.03 -49.87 45.93
N TRP A 385 16.15 -50.73 46.93
CA TRP A 385 15.75 -52.13 46.85
C TRP A 385 14.69 -52.39 47.92
N SER A 386 13.59 -53.00 47.53
CA SER A 386 12.51 -53.31 48.47
C SER A 386 11.59 -54.34 47.84
N ASP A 387 11.25 -55.37 48.62
CA ASP A 387 10.38 -56.46 48.16
C ASP A 387 11.01 -57.16 46.95
N ASN A 388 12.35 -57.28 46.96
CA ASN A 388 13.12 -57.89 45.88
C ASN A 388 12.85 -57.17 44.56
N GLN A 389 12.50 -55.89 44.66
CA GLN A 389 12.17 -55.06 43.50
C GLN A 389 12.98 -53.77 43.53
N ILE A 390 13.50 -53.39 42.36
CA ILE A 390 14.30 -52.17 42.21
C ILE A 390 13.37 -50.99 41.99
N HIS A 391 13.58 -49.92 42.77
CA HIS A 391 12.79 -48.70 42.70
C HIS A 391 13.72 -47.54 42.39
N GLU A 392 13.55 -46.92 41.22
CA GLU A 392 14.39 -45.79 40.84
C GLU A 392 13.80 -44.50 41.38
N ALA A 393 14.59 -43.76 42.14
CA ALA A 393 14.17 -42.49 42.71
C ALA A 393 14.47 -41.36 41.73
N ASP A 394 13.78 -40.24 41.92
CA ASP A 394 13.98 -39.09 41.04
C ASP A 394 15.33 -38.43 41.38
N THR A 395 16.22 -38.37 40.39
CA THR A 395 17.54 -37.80 40.58
C THR A 395 17.76 -36.52 39.77
N THR A 396 16.70 -35.82 39.41
CA THR A 396 16.84 -34.58 38.66
C THR A 396 17.25 -33.45 39.58
N GLU A 397 17.94 -32.46 39.02
CA GLU A 397 18.41 -31.33 39.83
C GLU A 397 17.27 -30.45 40.33
N ASN A 398 16.15 -30.40 39.61
CA ASN A 398 15.01 -29.58 40.01
C ASN A 398 13.79 -30.40 40.43
N GLN A 399 13.93 -31.72 40.55
CA GLN A 399 12.86 -32.64 40.96
C GLN A 399 11.64 -32.53 40.03
N SER A 400 11.86 -32.99 38.80
CA SER A 400 10.85 -33.01 37.75
C SER A 400 10.81 -34.37 37.08
N GLY A 401 10.73 -35.44 37.87
CA GLY A 401 10.70 -36.79 37.33
C GLY A 401 9.68 -37.71 37.96
N VAL A 402 9.79 -39.00 37.68
CA VAL A 402 8.85 -40.00 38.20
C VAL A 402 9.15 -40.27 39.67
N SER A 403 8.10 -40.32 40.48
CA SER A 403 8.21 -40.59 41.91
C SER A 403 7.85 -42.05 42.15
N PHE A 404 8.70 -42.74 42.90
CA PHE A 404 8.47 -44.15 43.19
C PHE A 404 7.26 -44.32 44.11
N ASP A 405 6.90 -45.58 44.36
CA ASP A 405 5.76 -45.91 45.21
C ASP A 405 6.18 -45.76 46.67
N LYS A 406 5.52 -44.85 47.40
CA LYS A 406 5.85 -44.60 48.79
C LYS A 406 4.70 -44.91 49.74
N THR A 407 4.06 -46.08 49.56
CA THR A 407 2.95 -46.48 50.40
C THR A 407 3.10 -47.86 51.02
N SER A 408 4.24 -48.52 50.83
CA SER A 408 4.47 -49.86 51.38
C SER A 408 5.13 -49.78 52.76
N ALA A 409 5.05 -50.89 53.49
CA ALA A 409 5.64 -50.95 54.81
C ALA A 409 7.16 -51.07 54.73
N THR A 410 7.65 -51.70 53.65
CA THR A 410 9.09 -51.85 53.47
C THR A 410 9.74 -50.47 53.32
N TRP A 411 9.05 -49.56 52.64
CA TRP A 411 9.56 -48.20 52.49
C TRP A 411 9.48 -47.45 53.81
N LEU A 412 8.38 -47.61 54.55
CA LEU A 412 8.25 -46.94 55.84
C LEU A 412 9.30 -47.42 56.84
N ALA A 413 9.86 -48.61 56.65
CA ALA A 413 10.90 -49.10 57.53
C ALA A 413 12.29 -48.68 57.04
N LEU A 414 12.53 -48.81 55.73
CA LEU A 414 13.81 -48.44 55.15
C LEU A 414 14.08 -46.94 55.32
N SER A 415 13.04 -46.12 55.15
CA SER A 415 13.20 -44.68 55.29
C SER A 415 13.58 -44.31 56.71
N ARG A 416 13.07 -45.03 57.71
CA ARG A 416 13.45 -44.73 59.09
C ARG A 416 14.86 -45.22 59.36
N ILE A 417 15.25 -46.35 58.77
CA ILE A 417 16.61 -46.85 58.97
C ILE A 417 17.61 -45.84 58.42
N ALA A 418 17.29 -45.23 57.28
CA ALA A 418 18.20 -44.25 56.68
C ALA A 418 18.12 -42.89 57.38
N GLY A 419 16.93 -42.40 57.68
CA GLY A 419 16.79 -41.12 58.34
C GLY A 419 17.30 -41.08 59.77
N LEU A 420 17.34 -42.23 60.42
CA LEU A 420 17.82 -42.29 61.81
C LEU A 420 19.31 -42.64 61.86
N CYS A 421 19.68 -43.79 61.32
CA CYS A 421 21.07 -44.25 61.32
C CYS A 421 21.87 -43.52 60.23
N ASN A 422 22.20 -42.26 60.52
CA ASN A 422 22.95 -41.42 59.61
C ASN A 422 23.50 -40.18 60.31
N ARG A 423 24.78 -39.91 60.11
CA ARG A 423 25.43 -38.74 60.71
C ARG A 423 25.39 -37.55 59.74
N ALA A 424 24.17 -37.14 59.41
CA ALA A 424 23.95 -36.03 58.48
C ALA A 424 22.82 -35.16 58.98
N VAL A 425 23.07 -33.85 59.06
CA VAL A 425 22.07 -32.88 59.50
C VAL A 425 22.27 -31.59 58.72
N PHE A 426 21.18 -30.83 58.61
CA PHE A 426 21.22 -29.55 57.95
C PHE A 426 21.89 -28.52 58.86
N GLN A 427 22.31 -27.42 58.27
CA GLN A 427 23.00 -26.37 59.00
C GLN A 427 22.01 -25.26 59.41
N ALA A 428 22.56 -24.12 59.84
CA ALA A 428 21.76 -22.99 60.32
C ALA A 428 20.88 -22.34 59.23
N ASN A 429 21.50 -21.75 58.20
CA ASN A 429 20.77 -21.06 57.14
C ASN A 429 20.01 -21.98 56.20
N GLN A 430 20.04 -23.31 56.40
CA GLN A 430 19.34 -24.23 55.51
C GLN A 430 17.85 -24.24 55.83
N GLU A 431 17.19 -23.13 55.48
CA GLU A 431 15.75 -23.02 55.69
C GLU A 431 14.98 -22.68 54.42
N ASN A 432 15.32 -21.55 53.78
CA ASN A 432 14.64 -21.11 52.56
C ASN A 432 15.14 -21.83 51.32
N LEU A 433 16.35 -22.38 51.35
CA LEU A 433 16.91 -23.09 50.21
C LEU A 433 16.12 -24.37 49.93
N PRO A 434 16.15 -24.86 48.69
CA PRO A 434 15.43 -26.10 48.37
C PRO A 434 16.03 -27.29 49.11
N ILE A 435 15.36 -28.44 49.01
CA ILE A 435 15.81 -29.64 49.70
C ILE A 435 17.11 -30.19 49.12
N LEU A 436 17.36 -29.97 47.82
CA LEU A 436 18.57 -30.50 47.20
C LEU A 436 19.76 -29.54 47.22
N LYS A 437 19.57 -28.31 46.73
CA LYS A 437 20.66 -27.34 46.67
C LYS A 437 21.16 -26.87 48.05
N ARG A 438 20.46 -27.19 49.13
CA ARG A 438 20.90 -26.75 50.45
C ARG A 438 22.14 -27.53 50.90
N ALA A 439 22.90 -26.93 51.82
CA ALA A 439 24.12 -27.52 52.34
C ALA A 439 23.84 -28.46 53.51
N VAL A 440 24.52 -29.61 53.49
CA VAL A 440 24.39 -30.63 54.52
C VAL A 440 25.75 -30.85 55.15
N ALA A 441 25.81 -31.01 56.47
CA ALA A 441 27.07 -31.20 57.17
C ALA A 441 27.35 -32.68 57.39
N GLY A 442 28.47 -33.17 56.83
CA GLY A 442 28.85 -34.56 56.99
C GLY A 442 29.29 -35.20 55.69
N ASP A 443 29.22 -36.53 55.68
CA ASP A 443 29.61 -37.36 54.54
C ASP A 443 28.70 -37.09 53.35
N ALA A 444 29.24 -37.31 52.14
CA ALA A 444 28.47 -37.11 50.92
C ALA A 444 27.36 -38.15 50.82
N SER A 445 27.66 -39.39 51.18
CA SER A 445 26.66 -40.46 51.14
C SER A 445 25.53 -40.18 52.12
N GLU A 446 25.89 -39.79 53.35
CA GLU A 446 24.88 -39.47 54.35
C GLU A 446 24.09 -38.24 53.93
N SER A 447 24.73 -37.33 53.18
CA SER A 447 24.02 -36.14 52.70
C SER A 447 22.98 -36.53 51.67
N ALA A 448 23.33 -37.43 50.75
CA ALA A 448 22.38 -37.89 49.75
C ALA A 448 21.21 -38.60 50.40
N LEU A 449 21.50 -39.43 51.42
CA LEU A 449 20.42 -40.14 52.12
C LEU A 449 19.51 -39.16 52.84
N LEU A 450 20.08 -38.18 53.53
CA LEU A 450 19.29 -37.19 54.25
C LEU A 450 18.41 -36.40 53.29
N LYS A 451 18.94 -36.02 52.12
CA LYS A 451 18.14 -35.28 51.16
C LYS A 451 17.02 -36.14 50.58
N CYS A 452 17.30 -37.41 50.30
CA CYS A 452 16.26 -38.28 49.75
C CYS A 452 15.14 -38.52 50.76
N ILE A 453 15.49 -38.66 52.05
CA ILE A 453 14.45 -38.87 53.06
C ILE A 453 13.68 -37.57 53.29
N GLU A 454 14.37 -36.44 53.30
CA GLU A 454 13.72 -35.15 53.49
C GLU A 454 12.85 -34.76 52.30
N LEU A 455 13.07 -35.39 51.14
CA LEU A 455 12.31 -35.09 49.94
C LEU A 455 11.15 -36.04 49.68
N CYS A 456 11.38 -37.35 49.76
CA CYS A 456 10.34 -38.33 49.49
C CYS A 456 9.71 -38.93 50.74
N CYS A 457 10.11 -38.50 51.94
CA CYS A 457 9.53 -39.05 53.16
C CYS A 457 9.26 -37.95 54.20
N GLY A 458 8.65 -36.86 53.76
CA GLY A 458 8.32 -35.76 54.66
C GLY A 458 9.49 -34.94 55.17
N SER A 459 9.83 -35.12 56.45
CA SER A 459 10.93 -34.39 57.08
C SER A 459 11.68 -35.31 58.02
N VAL A 460 12.98 -35.06 58.17
CA VAL A 460 13.82 -35.88 59.04
C VAL A 460 14.06 -35.25 60.41
N LYS A 461 13.72 -33.98 60.61
CA LYS A 461 13.91 -33.34 61.91
C LYS A 461 13.06 -34.03 62.97
N GLU A 462 11.74 -33.93 62.81
CA GLU A 462 10.81 -34.56 63.74
C GLU A 462 10.85 -36.08 63.62
N MET A 463 11.35 -36.61 62.51
CA MET A 463 11.44 -38.06 62.36
C MET A 463 12.65 -38.60 63.10
N ARG A 464 13.71 -37.78 63.22
CA ARG A 464 14.90 -38.20 63.95
C ARG A 464 14.71 -38.01 65.45
N GLU A 465 14.12 -36.88 65.86
CA GLU A 465 13.92 -36.70 67.30
C GLU A 465 12.80 -37.58 67.84
N ARG A 466 11.98 -38.18 66.98
CA ARG A 466 10.90 -39.05 67.43
C ARG A 466 11.45 -40.34 68.02
N TYR A 467 12.61 -40.78 67.54
CA TYR A 467 13.28 -42.00 68.00
C TYR A 467 14.56 -41.54 68.72
N THR A 468 14.44 -41.36 70.04
CA THR A 468 15.58 -40.91 70.83
C THR A 468 16.71 -41.93 70.78
N LYS A 469 17.87 -41.50 70.28
CA LYS A 469 19.03 -42.38 70.16
C LYS A 469 19.64 -42.66 71.52
N ILE A 470 19.90 -43.93 71.80
CA ILE A 470 20.48 -44.33 73.08
C ILE A 470 21.99 -44.50 72.93
N VAL A 471 22.41 -45.52 72.18
CA VAL A 471 23.81 -45.82 71.96
C VAL A 471 24.05 -46.05 70.47
N GLU A 472 25.11 -45.44 69.95
CA GLU A 472 25.51 -45.51 68.56
C GLU A 472 26.89 -46.13 68.42
N ILE A 473 27.20 -46.52 67.19
CA ILE A 473 28.48 -47.11 66.79
C ILE A 473 28.78 -46.54 65.40
N PRO A 474 29.77 -45.63 65.30
CA PRO A 474 30.09 -45.04 63.98
C PRO A 474 30.74 -46.02 63.02
N PHE A 475 31.14 -45.53 61.84
CA PHE A 475 31.77 -46.39 60.85
C PHE A 475 33.13 -46.88 61.34
N ASN A 476 33.41 -48.15 61.07
CA ASN A 476 34.65 -48.80 61.48
C ASN A 476 35.66 -48.83 60.33
N SER A 477 36.95 -48.87 60.68
CA SER A 477 38.01 -48.92 59.68
C SER A 477 38.01 -50.23 58.91
N THR A 478 37.62 -51.32 59.58
CA THR A 478 37.51 -52.64 58.99
C THR A 478 36.10 -53.12 59.27
N ASN A 479 35.48 -53.80 58.31
CA ASN A 479 34.10 -54.25 58.43
C ASN A 479 33.21 -53.04 58.67
N LYS A 480 33.37 -52.02 57.83
CA LYS A 480 32.66 -50.75 57.95
C LYS A 480 31.16 -50.95 58.15
N TYR A 481 30.70 -50.64 59.36
CA TYR A 481 29.31 -50.75 59.76
C TYR A 481 28.98 -49.56 60.64
N GLN A 482 27.73 -49.09 60.54
CA GLN A 482 27.26 -47.96 61.34
C GLN A 482 25.93 -48.38 61.94
N LEU A 483 25.86 -48.49 63.27
CA LEU A 483 24.62 -48.91 63.91
C LEU A 483 24.24 -47.96 65.02
N SER A 484 22.99 -48.07 65.47
CA SER A 484 22.47 -47.24 66.55
C SER A 484 21.14 -47.81 67.02
N ILE A 485 20.85 -47.64 68.31
CA ILE A 485 19.60 -48.10 68.89
C ILE A 485 18.78 -46.89 69.32
N HIS A 486 17.47 -46.95 69.09
CA HIS A 486 16.56 -45.86 69.43
C HIS A 486 15.32 -46.40 70.13
N LYS A 487 14.64 -45.49 70.82
CA LYS A 487 13.40 -45.81 71.49
C LYS A 487 12.28 -45.89 70.47
N ASN A 488 11.23 -46.63 70.80
CA ASN A 488 10.12 -46.80 69.88
C ASN A 488 8.92 -45.98 70.32
N PRO A 489 8.45 -45.04 69.51
CA PRO A 489 7.28 -44.22 69.87
C PRO A 489 5.94 -44.75 69.36
N ASN A 490 5.90 -45.95 68.78
CA ASN A 490 4.64 -46.49 68.29
C ASN A 490 3.68 -46.73 69.45
N THR A 491 2.39 -46.58 69.17
CA THR A 491 1.35 -46.77 70.18
C THR A 491 0.86 -48.21 70.24
N ALA A 492 1.72 -49.17 69.86
CA ALA A 492 1.40 -50.58 69.90
C ALA A 492 2.54 -51.48 70.36
N GLU A 493 3.79 -51.01 70.36
CA GLU A 493 4.93 -51.83 70.76
C GLU A 493 6.05 -50.99 71.40
N PRO A 494 6.46 -51.31 72.61
CA PRO A 494 7.54 -50.56 73.27
C PRO A 494 8.94 -51.14 73.08
N ARG A 495 9.11 -52.12 72.21
CA ARG A 495 10.41 -52.73 71.98
C ARG A 495 11.38 -51.75 71.33
N HIS A 496 12.66 -51.85 71.72
CA HIS A 496 13.68 -50.97 71.18
C HIS A 496 13.93 -51.24 69.70
N LEU A 497 14.11 -50.18 68.92
CA LEU A 497 14.35 -50.28 67.48
C LEU A 497 15.84 -50.10 67.20
N LEU A 498 16.50 -51.17 66.77
CA LEU A 498 17.92 -51.12 66.45
C LEU A 498 18.08 -51.09 64.93
N VAL A 499 18.95 -50.19 64.43
CA VAL A 499 19.16 -50.04 62.99
C VAL A 499 20.66 -50.08 62.69
N MET A 500 21.00 -50.56 61.50
CA MET A 500 22.39 -50.64 61.06
C MET A 500 22.49 -50.60 59.54
N LYS A 501 23.55 -49.94 59.05
CA LYS A 501 23.82 -49.82 57.63
C LYS A 501 25.28 -50.15 57.38
N GLY A 502 25.58 -50.50 56.13
CA GLY A 502 26.95 -50.83 55.78
C GLY A 502 27.01 -51.47 54.40
N ALA A 503 28.22 -51.87 54.03
CA ALA A 503 28.41 -52.51 52.73
C ALA A 503 27.58 -53.79 52.68
N PRO A 504 27.00 -54.14 51.52
CA PRO A 504 26.16 -55.35 51.45
C PRO A 504 26.89 -56.64 51.82
N GLU A 505 28.20 -56.69 51.64
CA GLU A 505 28.96 -57.89 52.00
C GLU A 505 29.15 -57.98 53.50
N ARG A 506 29.07 -56.86 54.21
CA ARG A 506 29.20 -56.84 55.66
C ARG A 506 27.85 -57.07 56.34
N ILE A 507 26.76 -56.71 55.66
CA ILE A 507 25.42 -56.90 56.22
C ILE A 507 24.87 -58.30 55.90
N LEU A 508 25.25 -58.89 54.76
CA LEU A 508 24.75 -60.23 54.44
C LEU A 508 25.26 -61.25 55.46
N ASP A 509 26.46 -61.04 55.99
CA ASP A 509 27.04 -61.95 56.98
C ASP A 509 26.38 -61.78 58.34
N ARG A 510 25.66 -60.68 58.57
CA ARG A 510 25.01 -60.43 59.84
C ARG A 510 23.49 -60.28 59.68
N CYS A 511 22.86 -61.17 58.91
CA CYS A 511 21.42 -61.10 58.69
C CYS A 511 20.86 -62.51 58.50
N SER A 512 19.66 -62.73 59.04
CA SER A 512 18.99 -64.02 58.91
C SER A 512 17.53 -63.82 58.52
N SER A 513 16.96 -62.68 58.88
CA SER A 513 15.57 -62.35 58.56
C SER A 513 15.52 -61.35 57.41
N ILE A 514 14.43 -61.39 56.65
CA ILE A 514 14.23 -60.52 55.50
C ILE A 514 12.81 -59.95 55.55
N LEU A 515 12.69 -58.63 55.41
CA LEU A 515 11.41 -57.95 55.44
C LEU A 515 10.75 -57.97 54.06
N ILE A 516 9.43 -58.19 54.04
CA ILE A 516 8.66 -58.19 52.80
C ILE A 516 7.22 -57.76 53.11
N HIS A 517 6.82 -56.63 52.52
CA HIS A 517 5.48 -56.06 52.67
C HIS A 517 5.03 -55.85 54.12
N GLY A 518 5.95 -55.97 55.08
CA GLY A 518 5.63 -55.79 56.48
C GLY A 518 5.97 -56.98 57.35
N LYS A 519 6.04 -58.19 56.81
CA LYS A 519 6.35 -59.37 57.62
C LYS A 519 7.77 -59.85 57.34
N GLU A 520 8.21 -60.87 58.09
CA GLU A 520 9.55 -61.40 57.95
C GLU A 520 9.55 -62.81 57.35
N GLN A 521 10.70 -63.18 56.81
CA GLN A 521 10.92 -64.48 56.18
C GLN A 521 12.38 -64.87 56.42
N PRO A 522 12.72 -66.17 56.25
CA PRO A 522 14.12 -66.59 56.46
C PRO A 522 15.04 -66.16 55.33
N LEU A 523 16.33 -66.51 55.42
CA LEU A 523 17.30 -66.15 54.40
C LEU A 523 17.39 -67.19 53.29
N ASP A 524 16.24 -67.54 52.71
CA ASP A 524 16.22 -68.53 51.63
C ASP A 524 17.00 -68.00 50.43
N GLU A 525 17.82 -68.88 49.84
CA GLU A 525 18.66 -68.49 48.71
C GLU A 525 17.85 -68.14 47.46
N GLU A 526 16.57 -68.53 47.40
CA GLU A 526 15.76 -68.20 46.22
C GLU A 526 15.60 -66.70 46.05
N LEU A 527 15.56 -65.96 47.16
CA LEU A 527 15.48 -64.51 47.12
C LEU A 527 16.79 -63.86 47.51
N LYS A 528 17.66 -64.60 48.21
CA LYS A 528 18.97 -64.05 48.57
C LYS A 528 19.83 -63.93 47.32
N ASP A 529 19.74 -64.91 46.42
CA ASP A 529 20.50 -64.81 45.18
C ASP A 529 19.91 -63.70 44.31
N ALA A 530 18.61 -63.44 44.46
CA ALA A 530 18.00 -62.34 43.72
C ALA A 530 18.51 -61.02 44.28
N PHE A 531 18.84 -61.00 45.58
CA PHE A 531 19.42 -59.80 46.18
C PHE A 531 20.84 -59.62 45.68
N GLN A 532 21.55 -60.73 45.47
CA GLN A 532 22.91 -60.66 44.96
C GLN A 532 22.92 -60.14 43.53
N ASN A 533 21.99 -60.60 42.69
CA ASN A 533 21.97 -60.09 41.32
C ASN A 533 21.54 -58.63 41.32
N ALA A 534 20.66 -58.23 42.25
CA ALA A 534 20.28 -56.82 42.30
C ALA A 534 21.48 -55.97 42.73
N TYR A 535 22.30 -56.50 43.64
CA TYR A 535 23.50 -55.80 44.09
C TYR A 535 24.48 -55.63 42.93
N LEU A 536 24.69 -56.69 42.15
CA LEU A 536 25.60 -56.57 41.01
C LEU A 536 25.00 -55.74 39.89
N GLU A 537 23.67 -55.61 39.84
CA GLU A 537 23.04 -54.78 38.82
C GLU A 537 23.25 -53.31 39.14
N LEU A 538 22.97 -52.90 40.39
CA LEU A 538 23.18 -51.51 40.77
C LEU A 538 24.67 -51.18 40.86
N GLY A 539 25.51 -52.18 41.13
CA GLY A 539 26.94 -51.96 41.22
C GLY A 539 27.57 -51.83 39.85
N GLY A 540 27.22 -52.72 38.92
CA GLY A 540 27.74 -52.67 37.58
C GLY A 540 27.30 -51.43 36.83
N LEU A 541 26.23 -50.79 37.30
CA LEU A 541 25.70 -49.56 36.73
C LEU A 541 26.53 -48.34 37.12
N GLY A 542 27.72 -48.55 37.69
CA GLY A 542 28.59 -47.48 38.11
C GLY A 542 28.20 -46.79 39.39
N GLU A 543 27.21 -47.31 40.12
CA GLU A 543 26.74 -46.71 41.36
C GLU A 543 27.36 -47.40 42.57
N ARG A 544 27.29 -46.69 43.70
CA ARG A 544 27.79 -47.18 44.98
C ARG A 544 26.57 -47.58 45.79
N VAL A 545 26.53 -48.85 46.20
CA VAL A 545 25.39 -49.40 46.92
C VAL A 545 25.71 -49.66 48.39
N LEU A 546 24.68 -49.50 49.23
CA LEU A 546 24.74 -49.72 50.67
C LEU A 546 23.53 -50.56 51.08
N GLY A 547 23.66 -51.28 52.19
CA GLY A 547 22.60 -52.14 52.71
C GLY A 547 22.12 -51.62 54.06
N PHE A 548 20.79 -51.67 54.25
CA PHE A 548 20.12 -51.20 55.45
C PHE A 548 19.29 -52.31 56.08
N CYS A 549 19.44 -52.48 57.40
CA CYS A 549 18.72 -53.50 58.14
C CYS A 549 18.35 -52.96 59.51
N HIS A 550 17.37 -53.61 60.13
CA HIS A 550 16.91 -53.22 61.45
C HIS A 550 16.31 -54.44 62.15
N LEU A 551 16.09 -54.31 63.45
CA LEU A 551 15.55 -55.39 64.26
C LEU A 551 14.90 -54.82 65.51
N PHE A 552 13.84 -55.50 65.96
CA PHE A 552 13.11 -55.12 67.15
C PHE A 552 13.75 -55.84 68.33
N LEU A 553 14.38 -55.09 69.22
CA LEU A 553 15.01 -55.71 70.39
C LEU A 553 13.92 -56.14 71.37
N PRO A 554 13.95 -57.38 71.87
CA PRO A 554 12.91 -57.83 72.80
C PRO A 554 12.99 -57.07 74.12
N ASP A 555 11.90 -56.36 74.45
CA ASP A 555 11.86 -55.59 75.69
C ASP A 555 11.85 -56.48 76.93
N GLU A 556 11.80 -57.79 76.76
CA GLU A 556 11.81 -58.73 77.88
C GLU A 556 13.23 -59.09 78.29
N GLN A 557 14.16 -59.10 77.33
CA GLN A 557 15.57 -59.37 77.59
C GLN A 557 16.37 -58.09 77.72
N PHE A 558 15.83 -56.98 77.24
CA PHE A 558 16.46 -55.66 77.31
C PHE A 558 15.34 -54.67 77.61
N PRO A 559 14.98 -54.50 78.89
CA PRO A 559 13.89 -53.59 79.24
C PRO A 559 14.22 -52.13 78.94
N GLU A 560 13.21 -51.28 79.14
CA GLU A 560 13.34 -49.86 78.89
C GLU A 560 14.29 -49.15 79.85
N GLY A 561 14.71 -49.80 80.93
CA GLY A 561 15.62 -49.19 81.89
C GLY A 561 17.06 -49.59 81.66
N PHE A 562 17.27 -50.75 81.03
CA PHE A 562 18.61 -51.24 80.77
C PHE A 562 19.34 -50.32 79.80
N GLN A 563 20.62 -50.05 80.09
CA GLN A 563 21.46 -49.19 79.27
C GLN A 563 22.52 -50.05 78.59
N PHE A 564 22.46 -50.10 77.26
CA PHE A 564 23.37 -50.90 76.45
C PHE A 564 24.64 -50.10 76.15
N ASP A 565 25.51 -50.02 77.15
CA ASP A 565 26.76 -49.29 76.98
C ASP A 565 27.59 -49.93 75.87
N THR A 566 28.20 -49.10 75.03
CA THR A 566 28.96 -49.58 73.88
C THR A 566 30.31 -50.19 74.31
N ASP A 567 30.23 -51.41 74.87
CA ASP A 567 31.44 -52.10 75.27
C ASP A 567 31.48 -53.56 74.81
N ASP A 568 30.41 -54.30 75.10
CA ASP A 568 30.28 -55.72 74.80
C ASP A 568 29.10 -55.97 73.87
N VAL A 569 28.77 -57.26 73.69
CA VAL A 569 27.69 -57.67 72.81
C VAL A 569 26.34 -57.47 73.49
N ASN A 570 25.77 -56.27 73.34
CA ASN A 570 24.47 -55.94 73.88
C ASN A 570 23.37 -56.02 72.83
N PHE A 571 23.74 -56.08 71.56
CA PHE A 571 22.83 -56.18 70.44
C PHE A 571 23.16 -57.40 69.59
N PRO A 572 22.15 -58.11 69.08
CA PRO A 572 22.44 -59.28 68.24
C PRO A 572 22.98 -58.85 66.89
N LEU A 573 24.27 -59.12 66.63
CA LEU A 573 24.85 -58.75 65.33
C LEU A 573 24.15 -59.48 64.20
N ASP A 574 23.90 -60.78 64.37
CA ASP A 574 23.23 -61.57 63.35
C ASP A 574 21.73 -61.58 63.64
N ASN A 575 20.98 -62.40 62.88
CA ASN A 575 19.53 -62.54 63.01
C ASN A 575 18.77 -61.23 62.84
N LEU A 576 19.36 -60.27 62.12
CA LEU A 576 18.72 -58.99 61.88
C LEU A 576 17.71 -59.12 60.74
N CYS A 577 16.99 -58.04 60.46
CA CYS A 577 15.99 -58.02 59.40
C CYS A 577 16.44 -57.04 58.31
N PHE A 578 16.91 -57.58 57.19
CA PHE A 578 17.37 -56.77 56.06
C PHE A 578 16.16 -56.19 55.33
N VAL A 579 16.16 -54.88 55.09
CA VAL A 579 15.04 -54.25 54.41
C VAL A 579 15.34 -53.98 52.95
N GLY A 580 16.54 -53.50 52.64
CA GLY A 580 16.86 -53.24 51.25
C GLY A 580 18.09 -52.40 51.01
N LEU A 581 18.64 -52.51 49.80
CA LEU A 581 19.82 -51.76 49.40
C LEU A 581 19.43 -50.35 48.97
N ILE A 582 20.42 -49.45 49.01
CA ILE A 582 20.21 -48.07 48.59
C ILE A 582 21.48 -47.64 47.86
N SER A 583 21.37 -47.44 46.55
CA SER A 583 22.52 -47.03 45.76
C SER A 583 22.55 -45.51 45.64
N MET A 584 23.66 -45.00 45.10
CA MET A 584 23.82 -43.57 44.95
C MET A 584 24.98 -43.27 44.01
N ILE A 585 24.86 -42.15 43.29
CA ILE A 585 25.86 -41.70 42.34
C ILE A 585 25.55 -40.25 41.98
N ASP A 586 26.50 -39.56 41.36
CA ASP A 586 26.27 -38.19 40.91
C ASP A 586 25.43 -38.32 39.63
N PRO A 587 24.19 -37.86 39.63
CA PRO A 587 23.36 -38.01 38.45
C PRO A 587 23.58 -36.88 37.46
N PRO A 588 23.29 -37.12 36.18
CA PRO A 588 23.45 -36.07 35.19
C PRO A 588 22.39 -34.99 35.38
N ARG A 589 22.65 -33.81 34.81
CA ARG A 589 21.68 -32.74 34.96
C ARG A 589 20.40 -33.09 34.20
N ALA A 590 19.34 -32.33 34.48
CA ALA A 590 18.03 -32.58 33.90
C ALA A 590 17.97 -32.69 32.37
N ALA A 591 18.23 -31.60 31.66
CA ALA A 591 18.16 -31.64 30.20
C ALA A 591 19.45 -32.13 29.55
N VAL A 592 20.36 -32.76 30.28
CA VAL A 592 21.61 -33.25 29.70
C VAL A 592 21.38 -34.39 28.72
N PRO A 593 20.66 -35.48 29.06
CA PRO A 593 20.48 -36.56 28.07
C PRO A 593 19.77 -36.10 26.81
N ASP A 594 18.66 -35.36 26.96
CA ASP A 594 17.94 -34.87 25.81
C ASP A 594 18.84 -33.99 24.94
N ALA A 595 19.65 -33.14 25.58
CA ALA A 595 20.56 -32.27 24.83
C ALA A 595 21.57 -33.09 24.04
N VAL A 596 22.10 -34.16 24.65
CA VAL A 596 23.05 -35.01 23.93
C VAL A 596 22.38 -35.63 22.72
N GLY A 597 21.12 -36.03 22.88
CA GLY A 597 20.39 -36.61 21.76
C GLY A 597 20.18 -35.61 20.65
N LYS A 598 19.87 -34.36 21.01
CA LYS A 598 19.69 -33.32 20.00
C LYS A 598 20.99 -33.05 19.27
N CYS A 599 22.10 -33.06 20.00
CA CYS A 599 23.41 -32.81 19.37
C CYS A 599 23.75 -33.93 18.40
N ARG A 600 23.52 -35.18 18.81
CA ARG A 600 23.79 -36.31 17.90
C ARG A 600 22.87 -36.26 16.71
N SER A 601 21.63 -35.78 16.90
CA SER A 601 20.67 -35.68 15.79
C SER A 601 21.17 -34.70 14.74
N ALA A 602 21.81 -33.62 15.16
CA ALA A 602 22.35 -32.64 14.24
C ALA A 602 23.68 -33.07 13.62
N GLY A 603 24.08 -34.32 13.86
CA GLY A 603 25.32 -34.83 13.33
C GLY A 603 26.58 -34.41 14.07
N ILE A 604 26.46 -34.05 15.34
CA ILE A 604 27.61 -33.63 16.14
C ILE A 604 28.12 -34.82 16.93
N LYS A 605 29.41 -35.11 16.78
CA LYS A 605 30.03 -36.22 17.49
C LYS A 605 30.24 -35.83 18.95
N VAL A 606 29.73 -36.65 19.85
CA VAL A 606 29.86 -36.40 21.28
C VAL A 606 30.95 -37.31 21.82
N ILE A 607 31.99 -36.71 22.40
CA ILE A 607 33.12 -37.46 22.95
C ILE A 607 33.30 -36.99 24.40
N MET A 608 33.21 -37.92 25.34
CA MET A 608 33.39 -37.57 26.73
C MET A 608 34.89 -37.54 27.05
N VAL A 609 35.33 -36.49 27.73
CA VAL A 609 36.72 -36.33 28.13
C VAL A 609 36.69 -35.99 29.62
N THR A 610 37.04 -36.95 30.46
CA THR A 610 37.02 -36.74 31.90
C THR A 610 38.14 -37.53 32.56
N GLY A 611 38.57 -37.06 33.72
CA GLY A 611 39.61 -37.70 34.48
C GLY A 611 39.10 -38.66 35.53
N ASP A 612 37.79 -38.89 35.56
CA ASP A 612 37.20 -39.78 36.54
C ASP A 612 37.51 -41.23 36.20
N HIS A 613 37.06 -42.14 37.06
CA HIS A 613 37.31 -43.56 36.86
C HIS A 613 36.52 -44.08 35.65
N PRO A 614 37.08 -45.05 34.92
CA PRO A 614 36.38 -45.57 33.74
C PRO A 614 35.08 -46.31 34.04
N ILE A 615 35.02 -47.02 35.17
CA ILE A 615 33.82 -47.77 35.53
C ILE A 615 32.62 -46.85 35.69
N THR A 616 32.85 -45.60 36.09
CA THR A 616 31.78 -44.63 36.24
C THR A 616 31.57 -43.82 34.97
N ALA A 617 32.66 -43.54 34.25
CA ALA A 617 32.57 -42.77 33.01
C ALA A 617 31.75 -43.51 31.95
N LYS A 618 31.96 -44.83 31.84
CA LYS A 618 31.20 -45.60 30.86
C LYS A 618 29.72 -45.64 31.20
N ALA A 619 29.39 -45.75 32.50
CA ALA A 619 27.99 -45.77 32.91
C ALA A 619 27.31 -44.44 32.64
N ILE A 620 27.99 -43.33 32.97
CA ILE A 620 27.39 -42.02 32.71
C ILE A 620 27.30 -41.78 31.19
N ALA A 621 28.26 -42.29 30.42
CA ALA A 621 28.21 -42.14 28.98
C ALA A 621 26.99 -42.84 28.40
N LYS A 622 26.75 -44.09 28.84
CA LYS A 622 25.58 -44.81 28.37
C LYS A 622 24.29 -44.16 28.86
N GLY A 623 24.32 -43.55 30.06
CA GLY A 623 23.14 -42.91 30.61
C GLY A 623 22.77 -41.59 30.00
N VAL A 624 23.74 -40.88 29.40
CA VAL A 624 23.42 -39.58 28.80
C VAL A 624 23.26 -39.66 27.29
N GLY A 625 23.84 -40.67 26.64
CA GLY A 625 23.72 -40.81 25.20
C GLY A 625 25.03 -40.82 24.43
N ILE A 626 26.17 -40.64 25.09
CA ILE A 626 27.44 -40.66 24.36
C ILE A 626 27.70 -42.04 23.80
N ILE A 627 27.38 -43.07 24.58
CA ILE A 627 27.50 -44.46 24.18
C ILE A 627 26.08 -44.96 23.96
N SER A 628 25.70 -45.22 22.71
CA SER A 628 24.35 -45.68 22.44
C SER A 628 24.14 -47.08 22.99
N GLU A 629 22.95 -47.33 23.53
CA GLU A 629 22.64 -48.64 24.07
C GLU A 629 22.64 -49.66 22.94
N GLY A 630 23.43 -50.72 23.13
CA GLY A 630 23.55 -51.75 22.12
C GLY A 630 24.96 -51.80 21.56
N ASN A 631 25.59 -50.63 21.38
CA ASN A 631 26.95 -50.59 20.89
C ASN A 631 27.87 -51.17 21.95
N GLU A 632 28.88 -51.93 21.52
CA GLU A 632 29.80 -52.57 22.43
C GLU A 632 31.23 -52.08 22.25
N THR A 633 31.96 -52.02 23.37
CA THR A 633 33.34 -51.61 23.35
C THR A 633 34.20 -52.79 22.92
N VAL A 634 35.51 -52.55 22.77
CA VAL A 634 36.39 -53.65 22.39
C VAL A 634 36.45 -54.70 23.49
N GLU A 635 36.15 -54.31 24.73
CA GLU A 635 36.15 -55.21 25.87
C GLU A 635 34.81 -55.93 26.05
N ASP A 636 33.71 -55.27 25.70
CA ASP A 636 32.39 -55.87 25.83
C ASP A 636 32.24 -57.09 24.95
N ILE A 637 32.81 -57.05 23.74
CA ILE A 637 32.70 -58.20 22.84
C ILE A 637 33.50 -59.37 23.39
N ALA A 638 34.69 -59.08 23.94
CA ALA A 638 35.52 -60.13 24.51
C ALA A 638 34.86 -60.72 25.75
N ALA A 639 34.04 -59.93 26.45
CA ALA A 639 33.36 -60.46 27.62
C ALA A 639 32.13 -61.27 27.23
N ARG A 640 31.46 -60.89 26.14
CA ARG A 640 30.29 -61.64 25.70
C ARG A 640 30.70 -62.95 25.06
N LEU A 641 31.90 -63.04 24.48
CA LEU A 641 32.37 -64.27 23.84
C LEU A 641 33.28 -65.10 24.73
N ASN A 642 33.62 -64.62 25.94
CA ASN A 642 34.50 -65.33 26.88
C ASN A 642 35.86 -65.65 26.23
N ILE A 643 36.40 -64.65 25.52
CA ILE A 643 37.68 -64.78 24.82
C ILE A 643 38.56 -63.60 25.22
N PRO A 644 39.88 -63.71 25.03
CA PRO A 644 40.76 -62.58 25.37
C PRO A 644 40.42 -61.36 24.53
N VAL A 645 40.62 -60.18 25.13
CA VAL A 645 40.31 -58.94 24.43
C VAL A 645 41.26 -58.70 23.26
N SER A 646 42.45 -59.31 23.28
CA SER A 646 43.41 -59.14 22.21
C SER A 646 43.00 -59.86 20.92
N GLN A 647 41.93 -60.66 20.96
CA GLN A 647 41.47 -61.40 19.79
C GLN A 647 40.44 -60.65 18.97
N VAL A 648 39.47 -59.99 19.62
CA VAL A 648 38.42 -59.29 18.90
C VAL A 648 39.00 -58.18 18.03
N ASN A 649 38.44 -58.04 16.85
CA ASN A 649 38.88 -57.02 15.93
C ASN A 649 38.29 -55.68 16.35
N PRO A 650 39.10 -54.64 16.55
CA PRO A 650 38.55 -53.34 16.97
C PRO A 650 37.55 -52.75 15.97
N ARG A 651 37.52 -53.23 14.73
CA ARG A 651 36.58 -52.72 13.75
C ARG A 651 35.16 -53.18 14.07
N ASP A 652 35.01 -54.28 14.81
CA ASP A 652 33.71 -54.78 15.20
C ASP A 652 33.16 -54.04 16.41
N ALA A 653 33.95 -53.12 16.98
CA ALA A 653 33.56 -52.33 18.15
C ALA A 653 33.38 -50.88 17.72
N LYS A 654 32.13 -50.39 17.78
CA LYS A 654 31.85 -49.01 17.41
C LYS A 654 32.35 -48.04 18.48
N ALA A 655 31.99 -48.29 19.74
CA ALA A 655 32.39 -47.45 20.85
C ALA A 655 33.67 -47.98 21.48
N CYS A 656 34.37 -47.10 22.20
CA CYS A 656 35.61 -47.48 22.85
C CYS A 656 35.92 -46.55 24.00
N VAL A 657 36.46 -47.14 25.07
CA VAL A 657 36.89 -46.42 26.26
C VAL A 657 38.41 -46.38 26.19
N VAL A 658 38.99 -45.21 26.41
CA VAL A 658 40.43 -45.02 26.36
C VAL A 658 40.87 -44.55 27.74
N HIS A 659 41.69 -45.35 28.40
CA HIS A 659 42.19 -45.02 29.72
C HIS A 659 43.35 -44.04 29.63
N GLY A 660 43.43 -43.14 30.61
CA GLY A 660 44.51 -42.16 30.62
C GLY A 660 45.88 -42.79 30.75
N SER A 661 45.97 -43.91 31.46
CA SER A 661 47.26 -44.60 31.62
C SER A 661 47.79 -45.02 30.26
N ASP A 662 46.91 -45.51 29.38
CA ASP A 662 47.31 -45.91 28.05
C ASP A 662 47.49 -44.72 27.12
N LEU A 663 46.74 -43.64 27.37
CA LEU A 663 46.84 -42.45 26.53
C LEU A 663 48.22 -41.81 26.60
N LYS A 664 48.91 -41.96 27.72
CA LYS A 664 50.24 -41.39 27.88
C LYS A 664 51.23 -41.96 26.87
N ASP A 665 51.05 -43.23 26.48
CA ASP A 665 51.91 -43.92 25.54
C ASP A 665 51.32 -43.93 24.13
N MET A 666 50.77 -42.82 23.66
CA MET A 666 50.18 -42.78 22.33
C MET A 666 50.85 -41.78 21.42
N THR A 667 50.76 -42.06 20.12
CA THR A 667 51.32 -41.25 19.06
C THR A 667 50.20 -40.46 18.36
N SER A 668 50.58 -39.65 17.37
CA SER A 668 49.59 -38.88 16.64
C SER A 668 48.74 -39.78 15.76
N GLU A 669 49.37 -40.72 15.05
CA GLU A 669 48.63 -41.63 14.18
C GLU A 669 47.68 -42.52 14.97
N GLN A 670 48.10 -42.97 16.15
CA GLN A 670 47.24 -43.83 16.97
C GLN A 670 45.99 -43.09 17.41
N LEU A 671 46.13 -41.84 17.86
CA LEU A 671 44.97 -41.07 18.26
C LEU A 671 44.09 -40.78 17.05
N ASP A 672 44.71 -40.53 15.90
CA ASP A 672 43.95 -40.30 14.68
C ASP A 672 43.09 -41.52 14.35
N ASP A 673 43.66 -42.72 14.51
CA ASP A 673 42.91 -43.94 14.25
C ASP A 673 41.81 -44.16 15.28
N ILE A 674 42.07 -43.79 16.54
CA ILE A 674 41.06 -43.93 17.58
C ILE A 674 39.84 -43.08 17.24
N LEU A 675 40.08 -41.88 16.73
CA LEU A 675 38.97 -40.99 16.37
C LEU A 675 38.33 -41.34 15.03
N LYS A 676 39.09 -41.92 14.10
CA LYS A 676 38.57 -42.24 12.77
C LYS A 676 37.72 -43.50 12.73
N TYR A 677 38.12 -44.56 13.44
CA TYR A 677 37.39 -45.82 13.39
C TYR A 677 36.40 -46.02 14.53
N HIS A 678 36.37 -45.15 15.53
CA HIS A 678 35.43 -45.28 16.64
C HIS A 678 34.50 -44.08 16.63
N THR A 679 33.19 -44.35 16.63
CA THR A 679 32.18 -43.30 16.59
C THR A 679 31.79 -42.77 17.96
N GLU A 680 31.81 -43.63 18.98
CA GLU A 680 31.45 -43.24 20.35
C GLU A 680 32.71 -43.48 21.18
N ILE A 681 33.40 -42.42 21.54
CA ILE A 681 34.65 -42.52 22.29
C ILE A 681 34.50 -41.87 23.65
N VAL A 682 35.15 -42.46 24.65
CA VAL A 682 35.11 -41.92 26.01
C VAL A 682 36.53 -41.97 26.58
N PHE A 683 37.12 -40.80 26.84
CA PHE A 683 38.46 -40.69 27.39
C PHE A 683 38.33 -40.57 28.91
N ALA A 684 38.80 -41.57 29.63
CA ALA A 684 38.73 -41.59 31.08
C ALA A 684 40.14 -41.50 31.69
N ARG A 685 40.20 -40.97 32.92
CA ARG A 685 41.44 -40.81 33.67
C ARG A 685 42.46 -39.97 32.90
N THR A 686 41.98 -38.95 32.18
CA THR A 686 42.84 -38.09 31.39
C THR A 686 43.17 -36.81 32.15
N SER A 687 44.46 -36.46 32.16
CA SER A 687 44.93 -35.25 32.83
C SER A 687 44.52 -34.03 32.00
N PRO A 688 44.53 -32.83 32.59
CA PRO A 688 44.17 -31.63 31.81
C PRO A 688 45.03 -31.49 30.57
N GLN A 689 46.32 -31.82 30.70
CA GLN A 689 47.23 -31.76 29.55
C GLN A 689 46.79 -32.75 28.49
N GLN A 690 46.31 -33.93 28.92
CA GLN A 690 45.83 -34.90 27.95
C GLN A 690 44.53 -34.42 27.33
N LYS A 691 43.72 -33.66 28.10
CA LYS A 691 42.51 -33.09 27.53
C LYS A 691 42.87 -32.18 26.38
N LEU A 692 43.91 -31.35 26.58
CA LEU A 692 44.39 -30.47 25.52
C LEU A 692 44.88 -31.28 24.32
N ILE A 693 45.57 -32.40 24.60
CA ILE A 693 46.07 -33.26 23.53
C ILE A 693 44.90 -33.82 22.73
N ILE A 694 43.81 -34.17 23.41
CA ILE A 694 42.63 -34.72 22.75
C ILE A 694 41.96 -33.67 21.88
N VAL A 695 41.84 -32.44 22.40
CA VAL A 695 41.24 -31.36 21.61
C VAL A 695 42.07 -31.11 20.36
N GLU A 696 43.41 -31.14 20.51
CA GLU A 696 44.27 -30.96 19.35
C GLU A 696 44.10 -32.12 18.37
N GLY A 697 43.94 -33.34 18.88
CA GLY A 697 43.74 -34.49 18.01
C GLY A 697 42.46 -34.37 17.21
N CYS A 698 41.41 -33.81 17.83
CA CYS A 698 40.16 -33.60 17.11
C CYS A 698 40.31 -32.50 16.07
N GLN A 699 41.08 -31.45 16.40
CA GLN A 699 41.29 -30.36 15.45
C GLN A 699 42.15 -30.80 14.27
N ARG A 700 42.99 -31.84 14.45
CA ARG A 700 43.81 -32.32 13.34
C ARG A 700 42.95 -32.86 12.21
N GLN A 701 41.77 -33.39 12.55
CA GLN A 701 40.87 -33.91 11.53
C GLN A 701 40.29 -32.79 10.68
N GLY A 702 40.28 -31.57 11.19
CA GLY A 702 39.73 -30.43 10.50
C GLY A 702 38.31 -30.07 10.87
N ALA A 703 37.81 -30.56 12.01
CA ALA A 703 36.47 -30.30 12.46
C ALA A 703 36.42 -29.27 13.58
N ILE A 704 35.32 -28.53 13.64
CA ILE A 704 35.12 -27.50 14.65
C ILE A 704 34.86 -28.19 15.99
N VAL A 705 35.57 -27.77 17.03
CA VAL A 705 35.46 -28.37 18.35
C VAL A 705 34.94 -27.40 19.40
N ALA A 706 34.10 -27.92 20.28
CA ALA A 706 33.50 -27.19 21.39
C ALA A 706 33.76 -28.00 22.65
N VAL A 707 34.44 -27.39 23.62
CA VAL A 707 34.74 -28.05 24.88
C VAL A 707 33.83 -27.48 25.95
N THR A 708 33.07 -28.34 26.63
CA THR A 708 32.13 -27.91 27.67
C THR A 708 32.61 -28.44 29.02
N GLY A 709 33.00 -27.54 29.92
CA GLY A 709 33.49 -27.95 31.22
C GLY A 709 33.19 -26.98 32.36
N ASP A 710 33.68 -27.36 33.55
CA ASP A 710 33.52 -26.58 34.77
C ASP A 710 34.79 -26.46 35.61
N GLY A 711 35.56 -27.56 35.75
CA GLY A 711 36.74 -27.56 36.58
C GLY A 711 37.96 -26.91 35.96
N VAL A 712 39.01 -26.78 36.79
CA VAL A 712 40.25 -26.16 36.33
C VAL A 712 40.90 -27.01 35.24
N ASN A 713 40.61 -28.32 35.24
CA ASN A 713 41.16 -29.22 34.22
C ASN A 713 40.59 -28.91 32.84
N ASP A 714 39.50 -28.17 32.76
CA ASP A 714 38.87 -27.78 31.51
C ASP A 714 39.41 -26.46 30.99
N SER A 715 40.35 -25.84 31.71
CA SER A 715 40.92 -24.58 31.23
C SER A 715 41.78 -24.77 29.99
N PRO A 716 42.78 -25.68 29.96
CA PRO A 716 43.59 -25.82 28.73
C PRO A 716 42.80 -26.42 27.59
N ALA A 717 41.69 -27.09 27.86
CA ALA A 717 40.87 -27.66 26.80
C ALA A 717 39.89 -26.63 26.26
N SER A 718 39.31 -25.81 27.14
CA SER A 718 38.39 -24.79 26.67
C SER A 718 39.13 -23.68 25.94
N LYS A 719 40.38 -23.43 26.31
CA LYS A 719 41.15 -22.39 25.65
C LYS A 719 41.52 -22.78 24.22
N LYS A 720 42.10 -23.97 24.04
CA LYS A 720 42.52 -24.42 22.70
C LYS A 720 41.35 -24.83 21.81
N ALA A 721 40.18 -25.12 22.36
CA ALA A 721 39.06 -25.52 21.53
C ALA A 721 38.55 -24.34 20.70
N ASP A 722 37.91 -24.66 19.56
CA ASP A 722 37.36 -23.60 18.72
C ASP A 722 36.37 -22.76 19.51
N ILE A 723 35.69 -23.38 20.48
CA ILE A 723 34.80 -22.63 21.36
C ILE A 723 34.66 -23.37 22.69
N GLY A 724 34.87 -22.63 23.77
CA GLY A 724 34.77 -23.18 25.11
C GLY A 724 33.49 -22.76 25.77
N VAL A 725 32.90 -23.67 26.54
CA VAL A 725 31.67 -23.46 27.25
C VAL A 725 31.93 -23.78 28.72
N ALA A 726 31.77 -22.78 29.57
CA ALA A 726 32.00 -22.98 31.00
C ALA A 726 30.68 -22.91 31.75
N MET A 727 30.63 -23.62 32.88
CA MET A 727 29.43 -23.58 33.71
C MET A 727 29.50 -22.30 34.55
N GLY A 728 28.42 -21.51 34.54
CA GLY A 728 28.38 -20.23 35.23
C GLY A 728 28.46 -20.26 36.74
N ILE A 729 28.08 -21.37 37.38
CA ILE A 729 28.15 -21.40 38.84
C ILE A 729 28.97 -22.59 39.32
N ALA A 730 28.69 -23.78 38.77
CA ALA A 730 29.43 -24.98 39.15
C ALA A 730 30.81 -25.06 38.50
N GLY A 731 31.25 -23.99 37.84
CA GLY A 731 32.54 -23.95 37.20
C GLY A 731 33.59 -23.15 37.96
N SER A 732 34.85 -23.44 37.66
CA SER A 732 35.98 -22.74 38.28
C SER A 732 36.26 -21.45 37.52
N ASP A 733 36.88 -20.50 38.23
CA ASP A 733 37.17 -19.21 37.62
C ASP A 733 38.17 -19.30 36.47
N VAL A 734 39.15 -20.20 36.58
CA VAL A 734 40.17 -20.31 35.54
C VAL A 734 39.58 -20.78 34.22
N SER A 735 38.83 -21.89 34.24
CA SER A 735 38.24 -22.37 33.00
C SER A 735 37.12 -21.44 32.53
N LYS A 736 36.51 -20.70 33.45
CA LYS A 736 35.46 -19.76 33.07
C LYS A 736 36.07 -18.59 32.32
N GLN A 737 37.27 -18.16 32.70
CA GLN A 737 37.93 -17.06 32.00
C GLN A 737 38.56 -17.55 30.71
N ALA A 738 39.14 -18.75 30.72
CA ALA A 738 39.78 -19.32 29.53
C ALA A 738 38.76 -19.79 28.50
N ALA A 739 37.47 -19.74 28.82
CA ALA A 739 36.44 -20.15 27.88
C ALA A 739 36.01 -18.96 27.03
N ASP A 740 35.18 -19.24 26.03
CA ASP A 740 34.66 -18.20 25.14
C ASP A 740 33.16 -17.98 25.32
N MET A 741 32.47 -18.86 26.04
CA MET A 741 31.04 -18.74 26.30
C MET A 741 30.75 -19.26 27.70
N ILE A 742 29.90 -18.55 28.44
CA ILE A 742 29.54 -18.88 29.81
C ILE A 742 28.05 -19.21 29.88
N LEU A 743 27.71 -20.24 30.66
CA LEU A 743 26.33 -20.66 30.87
C LEU A 743 25.98 -20.24 32.29
N LEU A 744 25.47 -19.01 32.43
CA LEU A 744 25.12 -18.47 33.74
C LEU A 744 24.07 -19.28 34.48
N ASP A 745 23.28 -20.10 33.78
CA ASP A 745 22.24 -20.91 34.40
C ASP A 745 22.59 -22.38 34.52
N ASP A 746 23.74 -22.80 33.99
CA ASP A 746 24.24 -24.17 33.99
C ASP A 746 23.32 -25.15 33.25
N ASN A 747 22.34 -24.63 32.50
CA ASN A 747 21.41 -25.45 31.73
C ASN A 747 22.16 -25.96 30.49
N PHE A 748 22.60 -27.21 30.54
CA PHE A 748 23.36 -27.78 29.42
C PHE A 748 22.59 -27.77 28.10
N ALA A 749 21.25 -27.67 28.14
CA ALA A 749 20.47 -27.61 26.91
C ALA A 749 20.78 -26.35 26.12
N SER A 750 21.37 -25.34 26.79
CA SER A 750 21.75 -24.12 26.10
C SER A 750 22.76 -24.42 25.00
N ILE A 751 23.48 -25.55 25.11
CA ILE A 751 24.40 -25.96 24.06
C ILE A 751 23.62 -26.26 22.79
N VAL A 752 22.47 -26.93 22.94
CA VAL A 752 21.62 -27.24 21.80
C VAL A 752 21.07 -25.94 21.20
N THR A 753 20.60 -25.04 22.08
CA THR A 753 20.11 -23.76 21.58
C THR A 753 21.22 -23.03 20.82
N GLY A 754 22.45 -23.11 21.35
CA GLY A 754 23.58 -22.47 20.70
C GLY A 754 23.87 -23.03 19.33
N VAL A 755 23.93 -24.36 19.21
CA VAL A 755 24.19 -24.96 17.92
C VAL A 755 23.06 -24.64 16.95
N GLU A 756 21.85 -24.38 17.46
CA GLU A 756 20.78 -24.02 16.56
C GLU A 756 20.94 -22.58 16.05
N GLU A 757 21.15 -21.64 16.99
CA GLU A 757 21.33 -20.24 16.63
C GLU A 757 22.56 -20.04 15.75
N GLY A 758 23.63 -20.80 16.01
CA GLY A 758 24.84 -20.67 15.21
C GLY A 758 24.62 -20.98 13.75
N ARG A 759 23.69 -21.89 13.46
CA ARG A 759 23.36 -22.22 12.08
C ARG A 759 22.34 -21.23 11.53
N LEU A 760 21.38 -20.83 12.39
CA LEU A 760 20.35 -19.88 12.02
C LEU A 760 20.95 -18.56 11.55
N ILE A 761 21.74 -17.93 12.42
CA ILE A 761 22.38 -16.67 12.07
C ILE A 761 23.35 -16.87 10.91
N PHE A 762 23.93 -18.08 10.75
CA PHE A 762 24.81 -18.29 9.60
C PHE A 762 24.04 -18.11 8.29
N ASP A 763 22.90 -18.81 8.17
CA ASP A 763 22.09 -18.69 6.96
C ASP A 763 21.55 -17.27 6.80
N ASN A 764 21.15 -16.64 7.90
CA ASN A 764 20.63 -15.27 7.82
C ASN A 764 21.74 -14.31 7.37
N LEU A 765 22.98 -14.55 7.80
CA LEU A 765 24.09 -13.73 7.37
C LEU A 765 24.29 -13.90 5.88
N LYS A 766 24.11 -15.13 5.37
CA LYS A 766 24.20 -15.35 3.94
C LYS A 766 23.20 -14.47 3.21
N LYS A 767 21.94 -14.51 3.66
CA LYS A 767 20.89 -13.70 3.04
C LYS A 767 21.23 -12.20 3.10
N SER A 768 21.65 -11.72 4.27
CA SER A 768 21.97 -10.31 4.44
C SER A 768 23.14 -9.88 3.55
N ILE A 769 24.14 -10.75 3.42
CA ILE A 769 25.28 -10.44 2.56
C ILE A 769 24.84 -10.37 1.11
N ALA A 770 24.01 -11.33 0.68
CA ALA A 770 23.52 -11.31 -0.70
C ALA A 770 22.71 -10.06 -0.96
N TYR A 771 22.06 -9.52 0.08
CA TYR A 771 21.30 -8.28 -0.10
C TYR A 771 22.23 -7.10 -0.31
N THR A 772 23.21 -6.93 0.58
CA THR A 772 24.14 -5.81 0.42
C THR A 772 24.99 -5.96 -0.84
N LEU A 773 25.32 -7.19 -1.24
CA LEU A 773 26.11 -7.44 -2.43
C LEU A 773 25.31 -7.33 -3.71
N THR A 774 23.97 -7.33 -3.63
CA THR A 774 23.18 -7.19 -4.84
C THR A 774 23.14 -5.73 -5.28
N SER A 775 23.12 -4.80 -4.32
CA SER A 775 23.07 -3.38 -4.60
C SER A 775 24.38 -2.83 -5.15
N ASN A 776 25.43 -3.62 -5.36
CA ASN A 776 26.68 -3.04 -5.87
C ASN A 776 26.68 -2.87 -7.37
N ILE A 777 25.99 -3.76 -8.11
CA ILE A 777 25.93 -3.63 -9.56
C ILE A 777 25.27 -2.32 -9.97
N PRO A 778 24.08 -1.97 -9.46
CA PRO A 778 23.50 -0.69 -9.87
C PRO A 778 24.21 0.51 -9.28
N GLU A 779 25.13 0.30 -8.33
CA GLU A 779 25.89 1.39 -7.74
C GLU A 779 27.13 1.71 -8.56
N ILE A 780 27.67 0.72 -9.27
CA ILE A 780 28.88 0.91 -10.06
C ILE A 780 28.59 1.05 -11.55
N THR A 781 27.60 0.33 -12.09
CA THR A 781 27.29 0.42 -13.52
C THR A 781 27.12 1.85 -14.05
N PRO A 782 26.51 2.81 -13.33
CA PRO A 782 26.44 4.18 -13.89
C PRO A 782 27.80 4.75 -14.19
N PHE A 783 28.77 4.56 -13.28
CA PHE A 783 30.11 5.07 -13.50
C PHE A 783 30.82 4.31 -14.61
N LEU A 784 30.60 2.99 -14.69
CA LEU A 784 31.22 2.17 -15.73
C LEU A 784 30.79 2.66 -17.12
N ILE A 785 29.49 2.70 -17.38
CA ILE A 785 29.07 3.18 -18.69
C ILE A 785 29.32 4.67 -18.85
N PHE A 786 29.51 5.40 -17.73
CA PHE A 786 29.86 6.81 -17.82
C PHE A 786 31.23 6.93 -18.46
N ILE A 787 32.10 5.96 -18.16
CA ILE A 787 33.44 5.93 -18.76
C ILE A 787 33.35 5.44 -20.20
N ILE A 788 32.51 4.43 -20.44
CA ILE A 788 32.39 3.84 -21.78
C ILE A 788 31.59 4.67 -22.78
N ALA A 789 30.28 4.83 -22.53
CA ALA A 789 29.40 5.55 -23.44
C ALA A 789 29.55 7.06 -23.41
N ASN A 790 30.30 7.63 -22.46
CA ASN A 790 30.49 9.07 -22.33
C ASN A 790 29.16 9.80 -22.22
N ILE A 791 28.30 9.31 -21.33
CA ILE A 791 26.98 9.88 -21.09
C ILE A 791 27.04 10.63 -19.76
N PRO A 792 26.08 11.52 -19.45
CA PRO A 792 26.12 12.20 -18.15
C PRO A 792 25.99 11.17 -17.03
N LEU A 793 26.58 11.49 -15.87
CA LEU A 793 26.58 10.60 -14.71
C LEU A 793 25.15 10.21 -14.28
N PRO A 794 24.79 8.94 -14.38
CA PRO A 794 23.42 8.54 -13.99
C PRO A 794 23.15 8.52 -12.50
N LEU A 795 24.13 8.11 -11.68
CA LEU A 795 23.96 8.03 -10.23
C LEU A 795 25.04 8.79 -9.49
N GLY A 796 24.64 9.59 -8.50
CA GLY A 796 25.57 10.37 -7.72
C GLY A 796 26.15 9.62 -6.53
N THR A 797 27.19 10.23 -5.95
CA THR A 797 27.86 9.63 -4.80
C THR A 797 27.01 9.72 -3.53
N VAL A 798 26.54 10.93 -3.21
CA VAL A 798 25.73 11.12 -2.00
C VAL A 798 24.48 10.24 -2.05
N THR A 799 23.94 10.02 -3.25
CA THR A 799 22.78 9.14 -3.36
C THR A 799 23.19 7.70 -3.03
N ILE A 800 24.39 7.30 -3.47
CA ILE A 800 24.89 5.97 -3.16
C ILE A 800 25.02 5.81 -1.66
N LEU A 801 25.50 6.85 -0.97
CA LEU A 801 25.59 6.78 0.49
C LEU A 801 24.21 6.69 1.10
N CYS A 802 23.23 7.37 0.51
CA CYS A 802 21.87 7.31 1.02
C CYS A 802 21.26 5.93 0.80
N ILE A 803 21.87 5.11 -0.06
CA ILE A 803 21.37 3.76 -0.29
C ILE A 803 22.09 2.77 0.64
N ASP A 804 23.43 2.74 0.55
CA ASP A 804 24.22 1.79 1.36
C ASP A 804 24.08 2.02 2.85
N LEU A 805 24.19 3.28 3.29
CA LEU A 805 24.12 3.61 4.70
C LEU A 805 22.82 4.27 5.11
N GLY A 806 21.87 4.41 4.19
CA GLY A 806 20.59 5.03 4.47
C GLY A 806 19.43 4.06 4.54
N THR A 807 18.79 3.88 3.39
CA THR A 807 17.61 3.02 3.29
C THR A 807 17.92 1.56 3.61
N ASP A 808 18.78 0.93 2.80
CA ASP A 808 19.13 -0.50 2.91
C ASP A 808 19.55 -0.97 4.30
N MET A 809 19.91 -0.07 5.22
CA MET A 809 20.35 -0.51 6.53
C MET A 809 19.25 -1.25 7.29
N VAL A 810 18.04 -0.75 7.28
CA VAL A 810 16.93 -1.38 7.99
C VAL A 810 16.52 -2.70 7.34
N PRO A 811 16.40 -2.81 6.00
CA PRO A 811 16.07 -4.12 5.43
C PRO A 811 17.13 -5.17 5.73
N ALA A 812 18.41 -4.80 5.58
CA ALA A 812 19.50 -5.74 5.84
C ALA A 812 19.50 -6.18 7.30
N ILE A 813 19.23 -5.27 8.24
CA ILE A 813 19.19 -5.65 9.64
C ILE A 813 18.00 -6.58 9.89
N SER A 814 16.87 -6.27 9.25
CA SER A 814 15.67 -7.09 9.41
C SER A 814 15.87 -8.49 8.86
N LEU A 815 16.78 -8.65 7.90
CA LEU A 815 17.04 -9.96 7.33
C LEU A 815 17.65 -10.94 8.34
N ALA A 816 18.06 -10.46 9.51
CA ALA A 816 18.60 -11.32 10.55
C ALA A 816 17.47 -12.01 11.31
N TYR A 817 16.30 -11.38 11.33
CA TYR A 817 15.13 -11.92 12.04
C TYR A 817 14.45 -13.05 11.29
N GLU A 818 14.97 -13.47 10.15
CA GLU A 818 14.35 -14.57 9.42
C GLU A 818 14.51 -15.86 10.19
N GLN A 819 13.51 -16.73 10.11
CA GLN A 819 13.53 -17.99 10.81
C GLN A 819 13.99 -19.12 9.90
N ALA A 820 13.98 -20.33 10.45
CA ALA A 820 14.40 -21.51 9.72
C ALA A 820 13.42 -21.85 8.60
N GLU A 821 13.96 -22.20 7.44
CA GLU A 821 13.12 -22.58 6.31
C GLU A 821 12.75 -24.05 6.36
N SER A 822 13.64 -24.87 6.90
CA SER A 822 13.44 -26.30 7.13
C SER A 822 13.97 -26.54 8.53
N ASP A 823 14.13 -27.79 8.94
CA ASP A 823 14.65 -28.03 10.27
C ASP A 823 16.18 -27.96 10.21
N ILE A 824 16.76 -26.98 10.90
CA ILE A 824 18.21 -26.86 10.87
C ILE A 824 18.86 -27.88 11.80
N MET A 825 18.18 -28.27 12.88
CA MET A 825 18.77 -29.25 13.77
C MET A 825 18.73 -30.66 13.21
N LYS A 826 18.30 -30.80 11.95
CA LYS A 826 18.22 -32.07 11.25
C LYS A 826 19.40 -32.29 10.31
N ARG A 827 19.81 -31.24 9.61
CA ARG A 827 20.92 -31.33 8.67
C ARG A 827 22.24 -31.52 9.40
N GLN A 828 23.21 -32.09 8.68
CA GLN A 828 24.53 -32.34 9.22
C GLN A 828 25.31 -31.03 9.40
N PRO A 829 26.35 -31.02 10.25
CA PRO A 829 27.11 -29.78 10.42
C PRO A 829 27.77 -29.37 9.12
N ARG A 830 27.82 -28.07 8.88
CA ARG A 830 28.39 -27.54 7.66
C ARG A 830 29.86 -27.95 7.53
N ASN A 831 30.25 -28.30 6.31
CA ASN A 831 31.63 -28.67 6.05
C ASN A 831 32.44 -27.38 5.93
N PRO A 832 33.50 -27.19 6.71
CA PRO A 832 34.26 -25.93 6.61
C PRO A 832 34.95 -25.74 5.28
N LYS A 833 35.35 -26.82 4.60
CA LYS A 833 35.99 -26.69 3.31
C LYS A 833 35.01 -26.57 2.16
N THR A 834 33.71 -26.83 2.39
CA THR A 834 32.70 -26.77 1.35
C THR A 834 31.66 -25.67 1.53
N ASP A 835 30.94 -25.64 2.65
CA ASP A 835 29.88 -24.65 2.87
C ASP A 835 30.39 -23.34 3.46
N LYS A 836 30.91 -22.47 2.59
CA LYS A 836 31.39 -21.19 3.07
C LYS A 836 30.25 -20.17 3.10
N LEU A 837 30.42 -19.17 3.98
CA LEU A 837 29.41 -18.13 4.15
C LEU A 837 29.08 -17.42 2.85
N VAL A 838 30.08 -17.16 2.01
CA VAL A 838 29.88 -16.50 0.72
C VAL A 838 30.57 -17.34 -0.34
N ASN A 839 29.81 -18.25 -0.96
CA ASN A 839 30.30 -19.14 -2.00
C ASN A 839 30.17 -18.48 -3.37
N GLU A 840 30.67 -19.16 -4.41
CA GLU A 840 30.63 -18.61 -5.76
C GLU A 840 29.21 -18.54 -6.35
N GLN A 841 28.21 -19.04 -5.63
CA GLN A 841 26.83 -18.99 -6.10
C GLN A 841 26.17 -17.67 -5.71
N LEU A 842 26.55 -17.14 -4.54
CA LEU A 842 26.02 -15.85 -4.10
C LEU A 842 26.52 -14.75 -5.03
N ILE A 843 27.76 -14.88 -5.52
CA ILE A 843 28.29 -13.88 -6.44
C ILE A 843 27.56 -13.97 -7.77
N SER A 844 27.25 -15.21 -8.21
CA SER A 844 26.49 -15.36 -9.45
C SER A 844 25.06 -14.83 -9.35
N MET A 845 24.52 -14.77 -8.13
CA MET A 845 23.17 -14.26 -7.94
C MET A 845 23.14 -12.75 -7.74
N ALA A 846 23.82 -12.25 -6.71
CA ALA A 846 23.86 -10.82 -6.43
C ALA A 846 24.52 -10.03 -7.55
N TYR A 847 25.81 -10.29 -7.79
CA TYR A 847 26.53 -9.57 -8.83
C TYR A 847 26.10 -9.97 -10.24
N GLY A 848 25.74 -11.23 -10.44
CA GLY A 848 25.37 -11.71 -11.76
C GLY A 848 23.97 -11.56 -12.30
N GLN A 849 22.94 -11.87 -11.52
CA GLN A 849 21.57 -11.82 -12.01
C GLN A 849 20.69 -10.73 -11.42
N ILE A 850 20.56 -10.65 -10.09
CA ILE A 850 19.66 -9.66 -9.49
C ILE A 850 20.20 -8.25 -9.64
N GLY A 851 21.45 -8.02 -9.22
CA GLY A 851 22.04 -6.70 -9.33
C GLY A 851 22.05 -6.19 -10.75
N MET A 852 22.16 -7.10 -11.72
CA MET A 852 22.15 -6.70 -13.13
C MET A 852 20.80 -6.12 -13.51
N ILE A 853 19.71 -6.78 -13.09
CA ILE A 853 18.37 -6.27 -13.39
C ILE A 853 18.17 -4.92 -12.70
N GLN A 854 18.68 -4.79 -11.47
CA GLN A 854 18.53 -3.52 -10.77
C GLN A 854 19.27 -2.41 -11.51
N ALA A 855 20.43 -2.72 -12.08
CA ALA A 855 21.19 -1.72 -12.84
C ALA A 855 20.43 -1.31 -14.10
N LEU A 856 19.79 -2.29 -14.75
CA LEU A 856 19.01 -1.95 -15.94
C LEU A 856 17.81 -1.08 -15.58
N GLY A 857 17.15 -1.38 -14.46
CA GLY A 857 16.03 -0.56 -14.03
C GLY A 857 16.45 0.86 -13.75
N GLY A 858 17.63 1.02 -13.14
CA GLY A 858 18.14 2.36 -12.87
C GLY A 858 18.41 3.12 -14.16
N PHE A 859 19.04 2.44 -15.15
CA PHE A 859 19.31 3.10 -16.42
C PHE A 859 18.01 3.44 -17.15
N PHE A 860 16.97 2.63 -16.94
CA PHE A 860 15.68 2.92 -17.56
C PHE A 860 15.11 4.21 -17.00
N THR A 861 15.08 4.33 -15.66
CA THR A 861 14.58 5.55 -15.04
C THR A 861 15.41 6.75 -15.50
N TYR A 862 16.72 6.53 -15.67
CA TYR A 862 17.63 7.57 -16.13
C TYR A 862 17.24 8.07 -17.52
N PHE A 863 17.11 7.15 -18.48
CA PHE A 863 16.74 7.53 -19.84
C PHE A 863 15.35 8.13 -19.90
N VAL A 864 14.45 7.71 -19.01
CA VAL A 864 13.11 8.28 -19.00
C VAL A 864 13.18 9.74 -18.62
N ILE A 865 13.90 10.05 -17.54
CA ILE A 865 14.03 11.43 -17.08
C ILE A 865 14.70 12.31 -18.13
N LEU A 866 15.79 11.82 -18.75
CA LEU A 866 16.46 12.67 -19.72
C LEU A 866 15.69 12.81 -21.04
N ALA A 867 15.06 11.74 -21.52
CA ALA A 867 14.32 11.83 -22.77
C ALA A 867 13.08 12.69 -22.60
N GLU A 868 12.48 12.70 -21.41
CA GLU A 868 11.29 13.51 -21.21
C GLU A 868 11.62 14.99 -21.09
N ASN A 869 12.81 15.33 -20.60
CA ASN A 869 13.22 16.72 -20.44
C ASN A 869 13.88 17.30 -21.69
N GLY A 870 13.92 16.55 -22.78
CA GLY A 870 14.49 17.03 -24.03
C GLY A 870 15.74 16.34 -24.52
N PHE A 871 16.37 15.47 -23.73
CA PHE A 871 17.59 14.79 -24.16
C PHE A 871 17.29 13.33 -24.46
N LEU A 872 17.03 13.04 -25.74
CA LEU A 872 16.75 11.67 -26.15
C LEU A 872 17.92 10.76 -25.78
N PRO A 873 17.66 9.49 -25.45
CA PRO A 873 18.78 8.60 -25.05
C PRO A 873 19.85 8.43 -26.11
N ILE A 874 19.47 8.32 -27.38
CA ILE A 874 20.46 8.16 -28.44
C ILE A 874 21.36 9.38 -28.50
N HIS A 875 20.83 10.56 -28.18
CA HIS A 875 21.57 11.82 -28.20
C HIS A 875 22.52 11.96 -27.01
N LEU A 876 22.35 11.15 -25.96
CA LEU A 876 23.21 11.24 -24.78
C LEU A 876 24.61 10.67 -24.97
N LEU A 877 24.91 10.09 -26.13
CA LEU A 877 26.24 9.52 -26.36
C LEU A 877 27.25 10.64 -26.63
N GLY A 878 28.40 10.56 -25.96
CA GLY A 878 29.44 11.57 -26.13
C GLY A 878 29.05 12.95 -25.66
N LEU A 879 27.98 13.05 -24.86
CA LEU A 879 27.50 14.34 -24.37
C LEU A 879 28.19 14.80 -23.09
N ARG A 880 28.71 13.87 -22.28
CA ARG A 880 29.36 14.25 -21.02
C ARG A 880 30.55 15.16 -21.21
N VAL A 881 31.20 15.10 -22.38
CA VAL A 881 32.38 15.93 -22.66
C VAL A 881 32.04 17.39 -22.43
N ASN A 882 30.96 17.85 -23.06
CA ASN A 882 30.51 19.22 -22.91
C ASN A 882 29.46 19.38 -21.82
N TRP A 883 28.85 18.28 -21.38
CA TRP A 883 27.83 18.37 -20.33
C TRP A 883 28.44 18.88 -19.03
N ASP A 884 29.49 18.22 -18.56
CA ASP A 884 30.17 18.54 -17.31
C ASP A 884 30.94 19.85 -17.36
N ASP A 885 31.13 20.44 -18.55
CA ASP A 885 31.82 21.72 -18.64
C ASP A 885 31.00 22.77 -17.90
N ARG A 886 31.67 23.55 -17.05
CA ARG A 886 31.02 24.56 -16.23
C ARG A 886 30.80 25.89 -16.94
N TRP A 887 31.24 26.03 -18.19
CA TRP A 887 31.09 27.30 -18.89
C TRP A 887 30.31 27.20 -20.19
N ILE A 888 30.12 25.99 -20.73
CA ILE A 888 29.34 25.83 -21.95
C ILE A 888 27.88 25.87 -21.52
N ASN A 889 27.30 27.07 -21.53
CA ASN A 889 25.91 27.26 -21.14
C ASN A 889 24.94 27.18 -22.29
N ASP A 890 25.36 26.63 -23.44
CA ASP A 890 24.47 26.45 -24.60
C ASP A 890 24.76 25.04 -25.11
N VAL A 891 24.13 24.06 -24.48
CA VAL A 891 24.28 22.66 -24.82
C VAL A 891 23.00 22.21 -25.50
N GLU A 892 23.11 21.87 -26.77
CA GLU A 892 21.96 21.46 -27.54
C GLU A 892 21.46 20.07 -27.15
N ASP A 893 20.15 19.97 -26.92
CA ASP A 893 19.47 18.72 -26.62
C ASP A 893 19.01 18.12 -27.94
N SER A 894 18.02 17.25 -27.91
CA SER A 894 17.51 16.67 -29.14
C SER A 894 16.46 17.54 -29.82
N TYR A 895 15.95 18.56 -29.13
CA TYR A 895 14.94 19.46 -29.68
C TYR A 895 15.51 20.82 -30.08
N GLY A 896 16.84 20.98 -30.07
CA GLY A 896 17.45 22.23 -30.43
C GLY A 896 17.51 23.28 -29.34
N GLN A 897 17.08 22.95 -28.12
CA GLN A 897 17.10 23.90 -27.02
C GLN A 897 18.52 24.04 -26.45
N GLN A 898 18.80 25.21 -25.88
CA GLN A 898 20.10 25.51 -25.30
C GLN A 898 19.99 25.46 -23.77
N TRP A 899 20.77 24.57 -23.15
CA TRP A 899 20.77 24.40 -21.71
C TRP A 899 22.01 25.02 -21.07
N THR A 900 21.79 25.76 -19.98
CA THR A 900 22.89 26.37 -19.26
C THR A 900 23.59 25.30 -18.41
N TYR A 901 24.61 25.69 -17.64
CA TYR A 901 25.31 24.71 -16.82
C TYR A 901 24.44 24.23 -15.67
N GLU A 902 23.99 25.16 -14.82
CA GLU A 902 23.19 24.77 -13.66
C GLU A 902 21.86 24.15 -14.05
N GLN A 903 21.25 24.54 -15.17
CA GLN A 903 19.97 23.94 -15.55
C GLN A 903 20.13 22.44 -15.80
N ARG A 904 21.08 22.08 -16.67
CA ARG A 904 21.30 20.67 -16.97
C ARG A 904 21.88 19.94 -15.76
N LYS A 905 22.63 20.65 -14.89
CA LYS A 905 23.14 19.99 -13.69
C LYS A 905 22.00 19.70 -12.73
N ILE A 906 21.00 20.59 -12.70
CA ILE A 906 19.81 20.36 -11.88
C ILE A 906 19.10 19.12 -12.41
N VAL A 907 19.11 18.95 -13.73
CA VAL A 907 18.48 17.75 -14.31
C VAL A 907 19.30 16.51 -13.94
N GLU A 908 20.63 16.61 -13.93
CA GLU A 908 21.46 15.46 -13.57
C GLU A 908 21.25 15.07 -12.10
N PHE A 909 21.11 16.06 -11.21
CA PHE A 909 20.90 15.73 -9.81
C PHE A 909 19.47 15.22 -9.58
N THR A 910 18.49 15.82 -10.27
CA THR A 910 17.12 15.36 -10.18
C THR A 910 16.94 14.08 -10.99
N CYS A 911 18.05 13.60 -11.58
CA CYS A 911 18.18 12.36 -12.31
C CYS A 911 18.90 11.32 -11.45
N HIS A 912 19.68 11.79 -10.47
CA HIS A 912 20.33 10.91 -9.51
C HIS A 912 19.32 10.49 -8.46
N THR A 913 18.47 11.45 -8.06
CA THR A 913 17.43 11.17 -7.06
C THR A 913 16.51 10.02 -7.49
N PRO A 914 15.96 9.97 -8.71
CA PRO A 914 15.11 8.84 -9.07
C PRO A 914 15.91 7.58 -9.25
N PHE A 915 17.20 7.67 -9.57
CA PHE A 915 18.00 6.46 -9.67
C PHE A 915 18.07 5.80 -8.30
N PHE A 916 18.25 6.63 -7.27
CA PHE A 916 18.27 6.17 -5.88
C PHE A 916 16.91 5.59 -5.49
N VAL A 917 15.83 6.27 -5.91
CA VAL A 917 14.49 5.78 -5.62
C VAL A 917 14.28 4.44 -6.33
N THR A 918 14.76 4.33 -7.56
CA THR A 918 14.69 3.09 -8.33
C THR A 918 15.41 1.99 -7.59
N ILE A 919 16.54 2.32 -6.96
CA ILE A 919 17.28 1.33 -6.18
C ILE A 919 16.40 0.82 -5.04
N VAL A 920 15.70 1.73 -4.36
CA VAL A 920 14.81 1.28 -3.27
C VAL A 920 13.68 0.40 -3.82
N VAL A 921 13.12 0.77 -4.97
CA VAL A 921 12.02 0.00 -5.56
C VAL A 921 12.47 -1.41 -5.91
N VAL A 922 13.66 -1.55 -6.50
CA VAL A 922 14.14 -2.88 -6.84
C VAL A 922 14.60 -3.61 -5.58
N GLN A 923 14.98 -2.87 -4.54
CA GLN A 923 15.40 -3.51 -3.30
C GLN A 923 14.21 -4.09 -2.57
N TRP A 924 13.00 -3.62 -2.85
CA TRP A 924 11.82 -4.22 -2.24
C TRP A 924 11.76 -5.70 -2.61
N ALA A 925 11.76 -5.96 -3.91
CA ALA A 925 11.71 -7.32 -4.42
C ALA A 925 12.98 -8.08 -4.07
N ASP A 926 14.14 -7.42 -4.09
CA ASP A 926 15.37 -8.12 -3.75
C ASP A 926 15.35 -8.59 -2.30
N LEU A 927 14.75 -7.80 -1.40
CA LEU A 927 14.66 -8.16 0.00
C LEU A 927 13.68 -9.30 0.21
N VAL A 928 12.55 -9.26 -0.50
CA VAL A 928 11.55 -10.32 -0.35
C VAL A 928 12.10 -11.65 -0.88
N ILE A 929 12.87 -11.60 -1.97
CA ILE A 929 13.40 -12.85 -2.50
C ILE A 929 14.61 -13.33 -1.69
N CYS A 930 15.42 -12.42 -1.13
CA CYS A 930 16.55 -12.85 -0.31
C CYS A 930 16.09 -13.38 1.02
N LYS A 931 14.89 -12.99 1.47
CA LYS A 931 14.36 -13.47 2.75
C LYS A 931 14.24 -14.99 2.76
N THR A 932 13.97 -15.59 1.61
CA THR A 932 13.84 -17.04 1.47
C THR A 932 14.90 -17.55 0.51
N ARG A 933 15.67 -18.55 0.93
CA ARG A 933 16.71 -19.09 0.08
C ARG A 933 16.24 -20.28 -0.76
N ARG A 934 15.33 -21.08 -0.21
CA ARG A 934 14.79 -22.25 -0.89
C ARG A 934 13.27 -22.27 -0.89
N ASN A 935 12.64 -21.87 0.21
CA ASN A 935 11.19 -21.85 0.29
C ASN A 935 10.64 -20.72 -0.58
N SER A 936 9.33 -20.74 -0.77
CA SER A 936 8.68 -19.70 -1.55
C SER A 936 8.21 -18.60 -0.61
N VAL A 937 8.10 -17.38 -1.14
CA VAL A 937 7.64 -16.26 -0.33
C VAL A 937 6.23 -16.50 0.18
N PHE A 938 5.46 -17.33 -0.52
CA PHE A 938 4.11 -17.63 -0.07
C PHE A 938 4.14 -18.72 1.01
N GLN A 939 5.14 -19.60 0.96
CA GLN A 939 5.28 -20.66 1.95
C GLN A 939 5.80 -20.11 3.27
N GLN A 940 6.94 -19.40 3.22
CA GLN A 940 7.54 -18.79 4.39
C GLN A 940 6.59 -17.75 4.99
N GLY A 941 6.33 -16.68 4.23
CA GLY A 941 5.40 -15.65 4.66
C GLY A 941 6.02 -14.39 5.23
N MET A 942 5.43 -13.24 4.91
CA MET A 942 5.91 -11.94 5.39
C MET A 942 5.50 -11.73 6.84
N LYS A 943 5.96 -12.65 7.69
CA LYS A 943 5.69 -12.61 9.12
C LYS A 943 6.77 -11.83 9.87
N ASN A 944 7.80 -11.40 9.17
CA ASN A 944 8.90 -10.63 9.73
C ASN A 944 8.43 -9.19 9.84
N LYS A 945 8.04 -8.78 11.05
CA LYS A 945 7.55 -7.42 11.25
C LYS A 945 8.68 -6.40 11.10
N ILE A 946 9.90 -6.78 11.45
CA ILE A 946 11.02 -5.86 11.28
C ILE A 946 11.26 -5.64 9.79
N LEU A 947 11.01 -6.67 8.97
CA LEU A 947 11.18 -6.52 7.53
C LEU A 947 10.09 -5.62 6.94
N ILE A 948 8.85 -5.75 7.43
CA ILE A 948 7.77 -4.88 6.96
C ILE A 948 8.11 -3.44 7.29
N PHE A 949 8.53 -3.20 8.54
CA PHE A 949 8.92 -1.85 8.90
C PHE A 949 10.13 -1.41 8.09
N GLY A 950 10.99 -2.36 7.72
CA GLY A 950 12.14 -2.02 6.91
C GLY A 950 11.73 -1.47 5.56
N LEU A 951 10.73 -2.09 4.93
CA LEU A 951 10.27 -1.60 3.64
C LEU A 951 9.54 -0.26 3.79
N PHE A 952 8.74 -0.12 4.86
CA PHE A 952 8.00 1.12 5.08
C PHE A 952 8.95 2.28 5.37
N GLU A 953 9.92 2.06 6.25
CA GLU A 953 10.90 3.08 6.59
C GLU A 953 11.78 3.41 5.39
N GLU A 954 12.18 2.37 4.65
CA GLU A 954 13.02 2.54 3.46
C GLU A 954 12.33 3.45 2.45
N THR A 955 11.06 3.15 2.14
CA THR A 955 10.33 3.96 1.17
C THR A 955 10.05 5.36 1.69
N ALA A 956 9.64 5.49 2.96
CA ALA A 956 9.36 6.81 3.52
C ALA A 956 10.62 7.66 3.55
N LEU A 957 11.76 7.04 3.87
CA LEU A 957 13.03 7.76 3.92
C LEU A 957 13.46 8.19 2.53
N ALA A 958 13.29 7.31 1.54
CA ALA A 958 13.66 7.66 0.17
C ALA A 958 12.80 8.82 -0.34
N ALA A 959 11.51 8.81 0.03
CA ALA A 959 10.63 9.90 -0.38
C ALA A 959 10.98 11.19 0.34
N PHE A 960 11.36 11.09 1.61
CA PHE A 960 11.72 12.28 2.39
C PHE A 960 13.00 12.92 1.86
N LEU A 961 13.99 12.12 1.50
CA LEU A 961 15.25 12.68 1.00
C LEU A 961 15.03 13.44 -0.30
N SER A 962 13.99 13.07 -1.07
CA SER A 962 13.73 13.78 -2.31
C SER A 962 12.81 14.99 -2.15
N TYR A 963 11.80 14.90 -1.28
CA TYR A 963 10.84 15.99 -1.12
C TYR A 963 11.05 16.84 0.13
N CYS A 964 12.16 16.69 0.84
CA CYS A 964 12.28 17.57 2.00
C CYS A 964 12.77 18.94 1.53
N PRO A 965 12.26 20.04 2.10
CA PRO A 965 12.73 21.37 1.68
C PRO A 965 14.19 21.58 2.00
N GLY A 966 14.96 21.96 0.98
CA GLY A 966 16.38 22.19 1.14
C GLY A 966 17.26 21.00 0.86
N MET A 967 16.76 19.98 0.17
CA MET A 967 17.59 18.82 -0.14
C MET A 967 18.37 19.01 -1.43
N GLY A 968 17.81 19.73 -2.39
CA GLY A 968 18.54 20.01 -3.62
C GLY A 968 19.67 20.98 -3.39
N VAL A 969 19.75 21.52 -2.18
CA VAL A 969 20.78 22.47 -1.77
C VAL A 969 21.85 21.77 -0.93
N ALA A 970 21.43 20.99 0.07
CA ALA A 970 22.36 20.29 0.94
C ALA A 970 22.93 19.03 0.29
N LEU A 971 22.06 18.05 0.00
CA LEU A 971 22.48 16.79 -0.61
C LEU A 971 22.34 16.77 -2.12
N ARG A 972 21.90 17.88 -2.73
CA ARG A 972 21.70 17.99 -4.17
C ARG A 972 20.69 16.98 -4.70
N MET A 973 19.70 16.61 -3.87
CA MET A 973 18.65 15.67 -4.25
C MET A 973 17.40 16.51 -4.44
N TYR A 974 16.91 16.57 -5.67
CA TYR A 974 15.75 17.36 -6.03
C TYR A 974 14.48 16.52 -6.05
N PRO A 975 13.30 17.17 -5.94
CA PRO A 975 12.04 16.42 -5.94
C PRO A 975 11.79 15.70 -7.26
N LEU A 976 11.03 14.62 -7.17
CA LEU A 976 10.70 13.77 -8.31
C LEU A 976 9.26 13.94 -8.76
N LYS A 977 9.07 13.96 -10.07
CA LYS A 977 7.74 14.00 -10.64
C LYS A 977 7.14 12.62 -10.36
N PRO A 978 5.91 12.53 -9.87
CA PRO A 978 5.34 11.22 -9.47
C PRO A 978 5.49 10.06 -10.45
N THR A 979 5.47 10.31 -11.77
CA THR A 979 5.60 9.20 -12.70
C THR A 979 6.95 8.51 -12.59
N TRP A 980 7.98 9.21 -12.07
CA TRP A 980 9.28 8.58 -11.92
C TRP A 980 9.20 7.40 -10.97
N TRP A 981 8.37 7.51 -9.93
CA TRP A 981 8.24 6.42 -8.95
C TRP A 981 7.76 5.14 -9.59
N PHE A 982 7.21 5.19 -10.80
CA PHE A 982 6.72 3.97 -11.44
C PHE A 982 7.63 3.47 -12.55
N CYS A 983 8.72 4.16 -12.86
CA CYS A 983 9.60 3.68 -13.92
C CYS A 983 10.34 2.42 -13.51
N ALA A 984 10.45 2.16 -12.21
CA ALA A 984 11.16 1.00 -11.68
C ALA A 984 10.27 -0.17 -11.29
N PHE A 985 8.96 0.01 -11.20
CA PHE A 985 8.05 -1.08 -10.82
C PHE A 985 8.18 -2.36 -11.64
N PRO A 986 8.22 -2.32 -12.99
CA PRO A 986 8.33 -3.60 -13.73
C PRO A 986 9.60 -4.36 -13.44
N TYR A 987 10.72 -3.68 -13.20
CA TYR A 987 11.96 -4.38 -12.90
C TYR A 987 11.88 -5.12 -11.57
N SER A 988 11.26 -4.49 -10.57
CA SER A 988 11.10 -5.16 -9.28
C SER A 988 10.22 -6.40 -9.43
N LEU A 989 9.09 -6.25 -10.15
CA LEU A 989 8.23 -7.41 -10.34
C LEU A 989 8.99 -8.51 -11.08
N LEU A 990 9.83 -8.14 -12.05
CA LEU A 990 10.61 -9.12 -12.79
C LEU A 990 11.56 -9.86 -11.87
N ILE A 991 12.27 -9.12 -11.01
CA ILE A 991 13.21 -9.72 -10.06
C ILE A 991 12.48 -10.72 -9.16
N PHE A 992 11.32 -10.31 -8.63
CA PHE A 992 10.55 -11.18 -7.74
C PHE A 992 10.12 -12.45 -8.45
N VAL A 993 9.55 -12.32 -9.66
CA VAL A 993 9.08 -13.51 -10.38
C VAL A 993 10.24 -14.41 -10.78
N TYR A 994 11.37 -13.82 -11.20
CA TYR A 994 12.52 -14.63 -11.59
C TYR A 994 13.04 -15.44 -10.42
N ASP A 995 13.30 -14.79 -9.28
CA ASP A 995 13.78 -15.53 -8.12
C ASP A 995 12.72 -16.51 -7.61
N GLU A 996 11.44 -16.20 -7.81
CA GLU A 996 10.41 -17.13 -7.37
C GLU A 996 10.43 -18.41 -8.18
N VAL A 997 10.56 -18.29 -9.51
CA VAL A 997 10.64 -19.51 -10.31
C VAL A 997 11.95 -20.22 -10.03
N ARG A 998 12.97 -19.47 -9.61
CA ARG A 998 14.25 -20.10 -9.26
C ARG A 998 14.05 -21.02 -8.07
N LYS A 999 13.48 -20.50 -6.99
CA LYS A 999 13.23 -21.31 -5.80
C LYS A 999 12.19 -22.40 -6.06
N LEU A 1000 11.31 -22.21 -7.06
CA LEU A 1000 10.33 -23.24 -7.37
C LEU A 1000 11.00 -24.41 -8.08
N ILE A 1001 11.95 -24.12 -8.98
CA ILE A 1001 12.65 -25.21 -9.65
C ILE A 1001 13.59 -25.88 -8.65
N ILE A 1002 14.11 -25.12 -7.68
CA ILE A 1002 14.95 -25.71 -6.65
C ILE A 1002 14.13 -26.67 -5.79
N ARG A 1003 12.87 -26.31 -5.53
CA ARG A 1003 12.00 -27.18 -4.75
C ARG A 1003 11.63 -28.44 -5.53
N ARG A 1004 11.05 -28.28 -6.73
CA ARG A 1004 10.64 -29.44 -7.52
C ARG A 1004 11.82 -30.28 -8.00
N ARG A 1005 12.92 -29.64 -8.40
CA ARG A 1005 14.11 -30.34 -8.87
C ARG A 1005 15.27 -30.15 -7.91
N PRO A 1006 15.40 -30.99 -6.88
CA PRO A 1006 16.53 -30.85 -5.95
C PRO A 1006 17.83 -31.48 -6.45
N GLY A 1007 17.93 -31.84 -7.73
CA GLY A 1007 19.17 -32.46 -8.17
C GLY A 1007 20.37 -31.57 -8.34
N GLY A 1008 20.53 -30.89 -9.49
CA GLY A 1008 21.72 -30.06 -9.61
C GLY A 1008 21.81 -28.74 -10.33
N TRP A 1009 21.00 -28.48 -11.36
CA TRP A 1009 21.18 -27.22 -12.08
C TRP A 1009 20.86 -25.97 -11.28
N VAL A 1010 19.59 -25.77 -10.92
CA VAL A 1010 19.22 -24.60 -10.16
C VAL A 1010 19.81 -24.63 -8.75
N GLU A 1011 20.11 -25.82 -8.23
CA GLU A 1011 20.64 -25.93 -6.88
C GLU A 1011 22.14 -25.66 -6.82
N LYS A 1012 22.94 -26.33 -7.64
CA LYS A 1012 24.38 -26.13 -7.58
C LYS A 1012 24.88 -24.88 -8.30
N GLU A 1013 24.02 -24.13 -8.99
CA GLU A 1013 24.48 -22.93 -9.69
C GLU A 1013 24.02 -21.63 -9.07
N THR A 1014 22.78 -21.55 -8.59
CA THR A 1014 22.26 -20.32 -8.00
C THR A 1014 21.98 -20.41 -6.51
N TYR A 1015 21.50 -21.56 -6.00
CA TYR A 1015 21.23 -21.72 -4.58
C TYR A 1015 22.52 -21.51 -3.79
N TYR A 1016 22.60 -20.41 -3.05
CA TYR A 1016 23.78 -20.09 -2.26
C TYR A 1016 23.55 -20.27 -0.76
N LYS B 13 46.90 -24.11 -2.91
CA LYS B 13 45.47 -24.26 -3.10
C LYS B 13 44.98 -23.37 -4.26
N LYS B 14 45.89 -22.60 -4.85
CA LYS B 14 45.52 -21.72 -5.95
C LYS B 14 46.06 -22.19 -7.29
N PHE B 15 46.27 -23.50 -7.43
CA PHE B 15 46.71 -24.13 -8.67
C PHE B 15 45.63 -25.10 -9.16
N ILE B 16 44.36 -24.72 -8.92
CA ILE B 16 43.18 -25.48 -9.31
C ILE B 16 42.95 -25.32 -10.81
N TRP B 17 43.91 -24.69 -11.50
CA TRP B 17 43.85 -24.44 -12.94
C TRP B 17 43.33 -25.64 -13.70
N ASN B 18 44.04 -26.76 -13.61
CA ASN B 18 43.68 -27.97 -14.31
C ASN B 18 44.01 -29.18 -13.46
N SER B 19 43.60 -30.34 -13.98
CA SER B 19 43.82 -31.64 -13.37
C SER B 19 43.54 -32.64 -14.48
N GLU B 20 43.87 -33.90 -14.22
CA GLU B 20 43.59 -34.88 -15.26
C GLU B 20 42.12 -35.23 -15.32
N LYS B 21 41.31 -34.74 -14.37
CA LYS B 21 39.88 -34.99 -14.32
C LYS B 21 39.05 -33.80 -14.84
N LYS B 22 39.63 -33.00 -15.75
CA LYS B 22 38.94 -31.89 -16.41
C LYS B 22 38.39 -30.69 -15.63
N GLU B 23 39.23 -29.69 -15.36
CA GLU B 23 38.82 -28.45 -14.71
C GLU B 23 39.65 -27.33 -15.31
N PHE B 24 39.01 -26.18 -15.59
CA PHE B 24 39.71 -25.02 -16.16
C PHE B 24 39.28 -23.77 -15.39
N LEU B 25 40.25 -23.08 -14.80
CA LEU B 25 40.03 -21.85 -14.04
C LEU B 25 39.14 -22.09 -12.82
N GLY B 26 38.78 -23.33 -12.54
CA GLY B 26 37.93 -23.67 -11.42
C GLY B 26 36.90 -24.75 -11.72
N ARG B 27 36.41 -24.82 -12.94
CA ARG B 27 35.40 -25.82 -13.33
C ARG B 27 35.78 -26.49 -14.64
N THR B 28 34.99 -27.52 -14.97
CA THR B 28 35.20 -28.34 -16.17
C THR B 28 34.82 -27.57 -17.44
N GLY B 29 34.92 -28.28 -18.57
CA GLY B 29 34.60 -27.74 -19.87
C GLY B 29 33.10 -27.72 -20.11
N GLY B 30 32.44 -28.85 -19.83
CA GLY B 30 31.01 -28.91 -20.01
C GLY B 30 30.29 -27.96 -19.07
N SER B 31 30.86 -27.71 -17.90
CA SER B 31 30.26 -26.77 -16.96
C SER B 31 30.45 -25.34 -17.44
N TRP B 32 31.62 -25.08 -18.04
CA TRP B 32 31.89 -23.75 -18.59
C TRP B 32 30.91 -23.47 -19.72
N PHE B 33 30.63 -24.48 -20.55
CA PHE B 33 29.69 -24.28 -21.65
C PHE B 33 28.27 -24.10 -21.13
N LYS B 34 27.86 -24.88 -20.12
CA LYS B 34 26.51 -24.74 -19.58
C LYS B 34 26.31 -23.34 -18.98
N ILE B 35 27.25 -22.89 -18.15
CA ILE B 35 27.14 -21.56 -17.54
C ILE B 35 27.17 -20.46 -18.60
N LEU B 36 28.10 -20.55 -19.56
CA LEU B 36 28.18 -19.52 -20.59
C LEU B 36 26.90 -19.45 -21.41
N LEU B 37 26.33 -20.61 -21.77
CA LEU B 37 25.08 -20.60 -22.53
C LEU B 37 23.95 -20.00 -21.70
N PHE B 38 23.89 -20.33 -20.41
CA PHE B 38 22.84 -19.78 -19.56
C PHE B 38 22.97 -18.27 -19.45
N TYR B 39 24.18 -17.78 -19.19
CA TYR B 39 24.39 -16.34 -19.08
C TYR B 39 24.10 -15.62 -20.39
N VAL B 40 24.40 -16.25 -21.53
CA VAL B 40 24.12 -15.62 -22.81
C VAL B 40 22.62 -15.50 -23.01
N ILE B 41 21.87 -16.56 -22.73
CA ILE B 41 20.41 -16.50 -22.90
C ILE B 41 19.80 -15.51 -21.91
N PHE B 42 20.26 -15.55 -20.65
CA PHE B 42 19.74 -14.65 -19.62
C PHE B 42 19.99 -13.19 -19.97
N TYR B 43 21.25 -12.83 -20.25
CA TYR B 43 21.56 -11.45 -20.59
C TYR B 43 20.89 -11.04 -21.90
N GLY B 44 20.68 -12.00 -22.82
CA GLY B 44 19.98 -11.65 -24.04
C GLY B 44 18.54 -11.26 -23.75
N CYS B 45 17.90 -12.01 -22.84
CA CYS B 45 16.53 -11.68 -22.45
C CYS B 45 16.49 -10.34 -21.74
N LEU B 46 17.48 -10.08 -20.88
CA LEU B 46 17.54 -8.80 -20.18
C LEU B 46 17.66 -7.65 -21.17
N ALA B 47 18.52 -7.82 -22.18
CA ALA B 47 18.70 -6.79 -23.20
C ALA B 47 17.40 -6.56 -23.96
N GLY B 48 16.73 -7.64 -24.34
CA GLY B 48 15.47 -7.49 -25.07
C GLY B 48 14.40 -6.81 -24.24
N ILE B 49 14.39 -7.08 -22.93
CA ILE B 49 13.40 -6.46 -22.05
C ILE B 49 13.69 -4.97 -21.90
N PHE B 50 14.96 -4.63 -21.64
CA PHE B 50 15.32 -3.22 -21.50
C PHE B 50 15.04 -2.46 -22.78
N ILE B 51 15.29 -3.09 -23.94
CA ILE B 51 15.03 -2.45 -25.22
C ILE B 51 13.54 -2.26 -25.43
N GLY B 52 12.72 -3.26 -25.07
CA GLY B 52 11.28 -3.11 -25.25
C GLY B 52 10.71 -2.00 -24.39
N THR B 53 11.15 -1.93 -23.13
CA THR B 53 10.65 -0.87 -22.25
C THR B 53 11.15 0.49 -22.72
N ILE B 54 12.40 0.56 -23.20
CA ILE B 54 12.92 1.83 -23.69
C ILE B 54 12.17 2.23 -24.96
N GLN B 55 11.65 1.25 -25.70
CA GLN B 55 10.87 1.56 -26.90
C GLN B 55 9.52 2.13 -26.51
N VAL B 56 8.89 1.56 -25.48
CA VAL B 56 7.62 2.12 -25.00
C VAL B 56 7.86 3.55 -24.53
N MET B 57 9.01 3.77 -23.87
CA MET B 57 9.38 5.10 -23.41
C MET B 57 9.52 6.04 -24.59
N LEU B 58 10.08 5.55 -25.71
CA LEU B 58 10.20 6.38 -26.91
C LEU B 58 8.83 6.67 -27.49
N LEU B 59 7.88 5.75 -27.31
CA LEU B 59 6.52 5.94 -27.81
C LEU B 59 5.71 6.89 -26.94
N THR B 60 6.17 7.18 -25.71
CA THR B 60 5.45 8.11 -24.85
C THR B 60 5.82 9.57 -25.10
N ILE B 61 6.83 9.84 -25.92
CA ILE B 61 7.27 11.21 -26.22
C ILE B 61 7.01 11.49 -27.70
N SER B 62 6.78 12.76 -28.00
CA SER B 62 6.52 13.20 -29.36
C SER B 62 7.80 13.70 -30.03
N GLU B 63 7.70 13.98 -31.32
CA GLU B 63 8.82 14.46 -32.11
C GLU B 63 8.85 15.97 -32.24
N PHE B 64 7.76 16.65 -31.92
CA PHE B 64 7.69 18.10 -32.08
C PHE B 64 7.67 18.88 -30.77
N LYS B 65 7.73 18.21 -29.61
CA LYS B 65 7.71 18.96 -28.36
C LYS B 65 8.16 18.11 -27.18
N PRO B 66 9.03 18.64 -26.32
CA PRO B 66 9.45 17.89 -25.14
C PRO B 66 8.33 17.88 -24.11
N THR B 67 8.16 16.73 -23.44
CA THR B 67 7.07 16.61 -22.47
C THR B 67 7.24 17.58 -21.30
N TYR B 68 8.43 17.67 -20.72
CA TYR B 68 8.67 18.58 -19.60
C TYR B 68 9.57 19.73 -20.05
N GLN B 69 9.11 20.96 -19.85
CA GLN B 69 9.87 22.15 -20.20
C GLN B 69 10.04 23.09 -19.02
N ASP B 70 9.78 22.65 -17.80
CA ASP B 70 9.90 23.53 -16.65
C ASP B 70 11.34 23.71 -16.17
N ARG B 71 12.25 22.81 -16.54
CA ARG B 71 13.63 22.95 -16.09
C ARG B 71 14.43 23.99 -16.89
N VAL B 72 13.80 24.65 -17.86
CA VAL B 72 14.46 25.68 -18.66
C VAL B 72 13.60 26.92 -18.64
N ALA B 73 12.85 27.13 -17.54
CA ALA B 73 11.95 28.26 -17.37
C ALA B 73 12.68 29.59 -17.63
N PRO B 74 13.74 29.95 -16.90
CA PRO B 74 14.43 31.19 -17.23
C PRO B 74 15.49 30.93 -18.28
N PRO B 75 15.33 31.49 -19.49
CA PRO B 75 16.34 31.24 -20.52
C PRO B 75 17.68 31.85 -20.15
N GLY B 76 18.75 31.25 -20.66
CA GLY B 76 20.09 31.72 -20.39
C GLY B 76 20.47 32.87 -21.29
N LEU B 77 21.69 33.38 -21.07
CA LEU B 77 22.22 34.50 -21.86
C LEU B 77 23.71 34.20 -22.09
N THR B 78 24.03 33.64 -23.25
CA THR B 78 25.40 33.27 -23.56
C THR B 78 26.08 34.31 -24.47
N GLN B 79 27.37 34.10 -24.71
CA GLN B 79 28.18 34.99 -25.54
C GLN B 79 28.92 34.18 -26.60
N ILE B 80 29.55 34.89 -27.53
CA ILE B 80 30.31 34.25 -28.60
C ILE B 80 31.67 33.73 -28.13
N PRO B 81 32.52 34.52 -27.40
CA PRO B 81 33.80 33.94 -26.97
C PRO B 81 33.62 33.03 -25.76
N GLN B 82 33.33 31.75 -26.00
CA GLN B 82 33.14 30.80 -24.91
C GLN B 82 34.49 30.61 -24.24
N SER B 83 34.79 31.55 -23.34
CA SER B 83 36.04 31.56 -22.60
C SER B 83 36.08 30.45 -21.55
N GLN B 84 37.29 30.09 -21.14
CA GLN B 84 37.45 29.03 -20.14
C GLN B 84 36.90 29.44 -18.78
N LYS B 85 36.89 30.75 -18.46
CA LYS B 85 36.36 31.23 -17.19
C LYS B 85 35.58 32.53 -17.39
N THR B 86 34.97 32.69 -18.57
CA THR B 86 34.21 33.89 -18.96
C THR B 86 35.09 35.13 -18.90
N GLU B 87 36.40 34.93 -19.11
CA GLU B 87 37.37 36.01 -19.07
C GLU B 87 38.00 36.20 -20.45
N ILE B 88 38.16 37.46 -20.83
CA ILE B 88 38.73 37.84 -22.11
C ILE B 88 40.04 38.56 -21.80
N SER B 89 41.14 37.82 -21.81
CA SER B 89 42.47 38.35 -21.54
C SER B 89 43.33 38.10 -22.77
N PHE B 90 43.83 39.18 -23.37
CA PHE B 90 44.64 39.08 -24.57
C PHE B 90 45.51 40.33 -24.66
N ARG B 91 46.29 40.40 -25.74
CA ARG B 91 47.17 41.53 -26.01
C ARG B 91 46.71 42.23 -27.29
N PRO B 92 46.55 43.56 -27.26
CA PRO B 92 46.10 44.26 -28.48
C PRO B 92 47.08 44.17 -29.64
N ASN B 93 48.31 43.72 -29.41
CA ASN B 93 49.32 43.62 -30.46
C ASN B 93 49.46 42.20 -31.00
N ASP B 94 49.77 41.24 -30.12
CA ASP B 94 49.97 39.83 -30.49
C ASP B 94 48.73 39.23 -31.14
N PRO B 95 48.78 38.87 -32.42
CA PRO B 95 47.60 38.28 -33.07
C PRO B 95 47.28 36.88 -32.56
N GLN B 96 48.27 36.13 -32.08
CA GLN B 96 48.04 34.79 -31.57
C GLN B 96 47.43 34.80 -30.18
N SER B 97 47.52 35.91 -29.45
CA SER B 97 46.96 35.97 -28.11
C SER B 97 45.43 35.93 -28.15
N TYR B 98 44.82 36.55 -29.16
CA TYR B 98 43.37 36.58 -29.29
C TYR B 98 42.86 35.65 -30.39
N GLU B 99 43.68 34.68 -30.82
CA GLU B 99 43.24 33.76 -31.87
C GLU B 99 42.11 32.86 -31.40
N SER B 100 42.18 32.38 -30.15
CA SER B 100 41.15 31.50 -29.63
C SER B 100 39.78 32.18 -29.61
N TYR B 101 39.76 33.51 -29.48
CA TYR B 101 38.49 34.23 -29.48
C TYR B 101 37.94 34.36 -30.89
N VAL B 102 38.73 34.99 -31.78
CA VAL B 102 38.33 35.22 -33.17
C VAL B 102 37.91 33.93 -33.86
N VAL B 103 38.60 32.82 -33.56
CA VAL B 103 38.25 31.53 -34.19
C VAL B 103 36.81 31.16 -33.84
N SER B 104 36.45 31.28 -32.57
CA SER B 104 35.09 30.94 -32.15
C SER B 104 34.08 31.95 -32.70
N ILE B 105 34.45 33.21 -32.84
CA ILE B 105 33.49 34.19 -33.36
C ILE B 105 33.20 33.90 -34.83
N VAL B 106 34.24 33.60 -35.62
CA VAL B 106 34.06 33.30 -37.03
C VAL B 106 33.27 32.00 -37.19
N ARG B 107 33.60 30.97 -36.42
CA ARG B 107 32.86 29.71 -36.53
C ARG B 107 31.40 29.89 -36.13
N PHE B 108 31.12 30.76 -35.15
CA PHE B 108 29.73 30.98 -34.74
C PHE B 108 28.96 31.72 -35.83
N LEU B 109 29.53 32.80 -36.36
CA LEU B 109 28.86 33.58 -37.40
C LEU B 109 29.03 33.00 -38.81
N GLU B 110 29.61 31.81 -38.95
CA GLU B 110 29.76 31.20 -40.28
C GLU B 110 28.42 30.82 -40.90
N LYS B 111 27.38 30.63 -40.10
CA LYS B 111 26.06 30.27 -40.58
C LYS B 111 25.16 31.48 -40.81
N TYR B 112 25.67 32.68 -40.56
CA TYR B 112 24.90 33.91 -40.75
C TYR B 112 25.30 34.67 -42.00
N LYS B 113 26.23 34.15 -42.79
CA LYS B 113 26.65 34.85 -44.01
C LYS B 113 25.52 34.90 -45.02
N ASP B 114 25.60 35.88 -45.93
CA ASP B 114 24.56 36.03 -46.94
C ASP B 114 24.49 34.82 -47.87
N LEU B 115 25.58 34.09 -48.03
CA LEU B 115 25.57 32.91 -48.88
C LEU B 115 24.90 31.72 -48.19
N ALA B 116 25.01 31.65 -46.85
CA ALA B 116 24.40 30.56 -46.11
C ALA B 116 22.86 30.65 -46.16
N GLN B 117 22.33 31.86 -46.07
CA GLN B 117 20.89 32.09 -46.13
C GLN B 117 20.57 32.54 -47.56
N LYS B 118 20.48 31.55 -48.46
CA LYS B 118 20.20 31.83 -49.86
C LYS B 118 18.93 31.19 -50.38
N ASP B 119 18.51 30.05 -49.81
CA ASP B 119 17.30 29.39 -50.27
C ASP B 119 16.08 30.16 -49.80
N ASP B 120 15.19 30.48 -50.73
CA ASP B 120 13.96 31.20 -50.40
C ASP B 120 12.85 30.29 -49.93
N MET B 121 13.04 28.97 -50.04
CA MET B 121 12.04 28.01 -49.60
C MET B 121 12.13 27.70 -48.11
N ILE B 122 13.19 28.14 -47.44
CA ILE B 122 13.35 27.88 -46.00
C ILE B 122 13.68 29.16 -45.25
N PHE B 123 13.91 30.25 -45.98
CA PHE B 123 14.23 31.53 -45.37
C PHE B 123 13.16 32.56 -45.74
N GLU B 124 12.88 33.45 -44.80
CA GLU B 124 11.86 34.48 -44.95
C GLU B 124 12.43 35.81 -44.45
N ASP B 125 12.38 36.85 -45.29
CA ASP B 125 12.90 38.16 -44.91
C ASP B 125 11.93 38.81 -43.94
N CYS B 126 12.30 38.83 -42.66
CA CYS B 126 11.45 39.42 -41.63
C CYS B 126 11.28 40.91 -41.84
N GLY B 127 12.36 41.67 -41.78
CA GLY B 127 12.26 43.10 -41.97
C GLY B 127 13.37 43.84 -41.27
N ASN B 128 13.54 45.10 -41.69
CA ASN B 128 14.55 46.00 -41.14
C ASN B 128 14.14 46.63 -39.82
N VAL B 129 12.91 46.39 -39.37
CA VAL B 129 12.39 46.96 -38.12
C VAL B 129 11.82 45.84 -37.27
N PRO B 130 12.12 45.77 -35.98
CA PRO B 130 11.57 44.71 -35.13
C PRO B 130 10.05 44.82 -35.03
N SER B 131 9.36 43.74 -35.38
CA SER B 131 7.92 43.68 -35.38
C SER B 131 7.42 42.69 -34.33
N GLU B 132 6.10 42.45 -34.34
CA GLU B 132 5.47 41.53 -33.41
C GLU B 132 5.90 40.09 -33.66
N LEU B 133 5.52 39.21 -32.75
CA LEU B 133 5.86 37.80 -32.84
C LEU B 133 5.25 37.17 -34.10
N LYS B 134 5.92 36.14 -34.61
CA LYS B 134 5.48 35.43 -35.81
C LYS B 134 5.14 33.98 -35.46
N GLU B 135 3.85 33.71 -35.29
CA GLU B 135 3.38 32.36 -34.97
C GLU B 135 2.99 31.64 -36.26
N ARG B 136 3.70 30.55 -36.55
CA ARG B 136 3.44 29.76 -37.75
C ARG B 136 2.61 28.53 -37.39
N GLY B 137 1.34 28.78 -37.08
CA GLY B 137 0.39 27.74 -36.73
C GLY B 137 0.75 26.98 -35.47
N GLU B 138 0.28 25.74 -35.40
CA GLU B 138 0.53 24.87 -34.26
C GLU B 138 1.86 24.15 -34.43
N TYR B 139 2.25 23.38 -33.41
CA TYR B 139 3.51 22.63 -33.43
C TYR B 139 3.40 21.25 -34.06
N ASN B 140 2.24 20.88 -34.61
CA ASN B 140 2.09 19.57 -35.22
C ASN B 140 2.80 19.53 -36.58
N ASN B 141 2.70 18.38 -37.24
CA ASN B 141 3.31 18.19 -38.55
C ASN B 141 2.31 18.34 -39.69
N GLU B 142 1.09 18.84 -39.40
CA GLU B 142 0.10 19.03 -40.46
C GLU B 142 0.60 20.02 -41.50
N ARG B 143 1.39 20.99 -41.08
CA ARG B 143 1.99 21.97 -41.97
C ARG B 143 3.38 21.48 -42.37
N GLY B 144 3.89 22.02 -43.47
CA GLY B 144 5.20 21.62 -43.92
C GLY B 144 6.32 22.15 -43.05
N GLU B 145 7.54 22.15 -43.56
CA GLU B 145 8.68 22.66 -42.79
C GLU B 145 8.56 24.19 -42.73
N ARG B 146 8.42 24.72 -41.51
CA ARG B 146 8.26 26.15 -41.30
C ARG B 146 9.45 26.94 -41.86
N LYS B 147 9.24 28.25 -42.01
CA LYS B 147 10.26 29.16 -42.50
C LYS B 147 11.00 29.79 -41.32
N VAL B 148 12.25 30.15 -41.56
CA VAL B 148 13.10 30.77 -40.55
C VAL B 148 13.44 32.17 -41.01
N CYS B 149 13.18 33.16 -40.15
CA CYS B 149 13.46 34.54 -40.53
C CYS B 149 14.97 34.75 -40.60
N ARG B 150 15.41 35.44 -41.65
CA ARG B 150 16.81 35.71 -41.90
C ARG B 150 17.35 36.75 -40.92
N PHE B 151 18.68 36.70 -40.71
CA PHE B 151 19.37 37.63 -39.83
C PHE B 151 20.78 37.80 -40.40
N ARG B 152 20.95 38.85 -41.20
CA ARG B 152 22.24 39.14 -41.82
C ARG B 152 23.19 39.75 -40.80
N LEU B 153 24.48 39.54 -41.01
CA LEU B 153 25.49 40.05 -40.10
C LEU B 153 25.52 41.58 -40.05
N GLU B 154 24.98 42.24 -41.07
CA GLU B 154 24.98 43.70 -41.11
C GLU B 154 24.25 44.34 -39.93
N TRP B 155 23.32 43.61 -39.30
CA TRP B 155 22.59 44.17 -38.17
C TRP B 155 23.50 44.49 -37.00
N LEU B 156 24.57 43.71 -36.81
CA LEU B 156 25.52 43.95 -35.72
C LEU B 156 26.59 44.90 -36.26
N GLY B 157 26.31 46.20 -36.20
CA GLY B 157 27.24 47.18 -36.68
C GLY B 157 28.53 47.22 -35.88
N ASN B 158 29.62 47.57 -36.56
CA ASN B 158 30.96 47.69 -35.99
C ASN B 158 31.49 46.38 -35.41
N CYS B 159 30.72 45.29 -35.52
CA CYS B 159 31.17 43.98 -35.04
C CYS B 159 30.83 42.92 -36.08
N SER B 160 30.73 43.31 -37.34
CA SER B 160 30.47 42.35 -38.40
C SER B 160 31.48 42.55 -39.53
N GLY B 161 31.50 43.77 -40.06
CA GLY B 161 32.41 44.11 -41.14
C GLY B 161 32.11 43.34 -42.42
N LEU B 162 32.91 43.65 -43.44
CA LEU B 162 32.87 42.98 -44.73
C LEU B 162 34.24 42.37 -44.96
N ASN B 163 34.80 41.83 -43.89
CA ASN B 163 36.12 41.22 -43.89
C ASN B 163 36.13 39.95 -44.74
N ASP B 164 37.34 39.41 -44.91
CA ASP B 164 37.59 38.19 -45.65
C ASP B 164 37.26 36.99 -44.78
N GLU B 165 37.78 35.82 -45.15
CA GLU B 165 37.55 34.58 -44.39
C GLU B 165 37.78 34.77 -42.89
N THR B 166 38.68 35.67 -42.50
CA THR B 166 38.97 35.95 -41.10
C THR B 166 38.37 37.31 -40.76
N TYR B 167 37.39 37.32 -39.86
CA TYR B 167 36.72 38.55 -39.44
C TYR B 167 37.68 39.38 -38.60
N GLY B 168 38.30 40.38 -39.21
CA GLY B 168 39.20 41.26 -38.49
C GLY B 168 38.37 42.00 -37.47
N TYR B 169 38.40 41.54 -36.23
CA TYR B 169 37.61 42.15 -35.18
C TYR B 169 38.38 43.28 -34.51
N LYS B 170 37.88 43.70 -33.36
CA LYS B 170 38.46 44.81 -32.62
C LYS B 170 39.51 44.32 -31.64
N ASP B 171 40.73 44.85 -31.78
CA ASP B 171 41.83 44.53 -30.88
C ASP B 171 41.67 45.39 -29.63
N GLY B 172 41.70 46.71 -29.82
CA GLY B 172 41.42 47.61 -28.73
C GLY B 172 39.92 47.77 -28.81
N LYS B 173 39.25 47.93 -27.65
CA LYS B 173 37.80 48.05 -27.61
C LYS B 173 37.14 46.81 -28.22
N PRO B 174 37.23 45.65 -27.57
CA PRO B 174 36.69 44.42 -28.16
C PRO B 174 35.16 44.38 -28.27
N CYS B 175 34.71 43.37 -29.02
CA CYS B 175 33.29 43.10 -29.28
C CYS B 175 32.90 41.78 -28.62
N VAL B 176 31.71 41.75 -28.01
CA VAL B 176 31.17 40.56 -27.37
C VAL B 176 29.67 40.53 -27.63
N ILE B 177 29.21 39.69 -28.55
CA ILE B 177 27.78 39.62 -28.83
C ILE B 177 27.14 38.68 -27.83
N ILE B 178 25.86 38.90 -27.57
CA ILE B 178 25.09 38.11 -26.63
C ILE B 178 24.00 37.37 -27.39
N LYS B 179 23.58 36.23 -26.85
CA LYS B 179 22.56 35.41 -27.48
C LYS B 179 21.61 34.86 -26.43
N LEU B 180 20.32 34.84 -26.78
CA LEU B 180 19.27 34.33 -25.91
C LEU B 180 19.11 32.84 -26.16
N ASN B 181 19.07 32.07 -25.07
CA ASN B 181 18.94 30.63 -25.15
C ASN B 181 17.69 30.21 -25.90
N ARG B 182 17.90 29.49 -27.01
CA ARG B 182 16.83 28.99 -27.84
C ARG B 182 15.94 28.02 -27.07
N VAL B 183 14.67 28.37 -26.89
CA VAL B 183 13.72 27.53 -26.18
C VAL B 183 12.50 27.30 -27.07
N LEU B 184 12.02 26.05 -27.10
CA LEU B 184 10.87 25.71 -27.93
C LEU B 184 9.61 26.34 -27.37
N GLY B 185 8.84 26.97 -28.26
CA GLY B 185 7.59 27.63 -27.91
C GLY B 185 7.69 28.81 -26.97
N PHE B 186 8.91 29.25 -26.65
CA PHE B 186 9.09 30.38 -25.74
C PHE B 186 8.77 31.68 -26.46
N LYS B 187 7.88 32.48 -25.86
CA LYS B 187 7.48 33.77 -26.40
C LYS B 187 8.02 34.85 -25.47
N PRO B 188 9.10 35.55 -25.84
CA PRO B 188 9.65 36.58 -24.96
C PRO B 188 8.67 37.73 -24.77
N LYS B 189 8.58 38.20 -23.54
CA LYS B 189 7.68 39.30 -23.18
C LYS B 189 8.51 40.41 -22.56
N PRO B 190 8.80 41.49 -23.28
CA PRO B 190 9.60 42.59 -22.73
C PRO B 190 8.86 43.28 -21.59
N PRO B 191 9.56 44.04 -20.75
CA PRO B 191 8.87 44.71 -19.64
C PRO B 191 7.88 45.74 -20.14
N LYS B 192 6.89 46.02 -19.29
CA LYS B 192 5.85 46.99 -19.60
C LYS B 192 6.46 48.37 -19.78
N ASN B 193 5.66 49.30 -20.29
CA ASN B 193 6.16 50.66 -20.47
C ASN B 193 6.52 51.27 -19.12
N GLU B 194 5.94 50.72 -18.05
CA GLU B 194 6.23 51.09 -16.66
C GLU B 194 7.51 50.35 -16.26
N SER B 195 8.62 50.83 -16.82
CA SER B 195 9.92 50.22 -16.57
C SER B 195 10.44 50.67 -15.22
N LEU B 196 10.69 49.69 -14.34
CA LEU B 196 11.17 49.95 -12.98
C LEU B 196 12.68 50.23 -12.98
N GLU B 197 13.04 51.44 -13.44
CA GLU B 197 14.44 51.89 -13.47
C GLU B 197 15.34 50.89 -14.23
N THR B 198 15.23 50.89 -15.57
CA THR B 198 15.98 49.92 -16.36
C THR B 198 17.22 50.45 -17.10
N TYR B 199 17.98 51.45 -16.55
CA TYR B 199 19.21 51.91 -17.21
C TYR B 199 19.02 52.40 -18.65
N PRO B 200 18.99 53.75 -18.89
CA PRO B 200 18.67 54.33 -20.21
C PRO B 200 18.77 53.42 -21.41
N VAL B 201 17.60 53.32 -22.07
CA VAL B 201 17.37 52.45 -23.21
C VAL B 201 16.39 53.17 -24.14
N MET B 202 16.36 52.74 -25.40
CA MET B 202 15.49 53.36 -26.38
C MET B 202 14.01 53.10 -26.06
N LYS B 203 13.14 53.91 -26.68
CA LYS B 203 11.70 53.82 -26.47
C LYS B 203 11.06 52.70 -27.28
N TYR B 204 11.82 51.76 -27.82
CA TYR B 204 11.22 50.66 -28.58
C TYR B 204 10.90 49.49 -27.66
N ASN B 205 10.24 49.83 -26.55
CA ASN B 205 9.86 48.82 -25.57
C ASN B 205 8.91 47.72 -26.05
N PRO B 206 7.96 47.91 -27.02
CA PRO B 206 7.05 46.79 -27.34
C PRO B 206 7.53 45.65 -28.23
N TYR B 207 8.43 45.85 -29.20
CA TYR B 207 8.79 44.71 -30.05
C TYR B 207 10.27 44.33 -30.00
N VAL B 208 10.86 44.32 -28.81
CA VAL B 208 12.26 43.91 -28.67
C VAL B 208 12.53 43.61 -27.20
N LEU B 209 13.27 42.53 -26.96
CA LEU B 209 13.66 42.09 -25.64
C LEU B 209 14.92 42.86 -25.26
N PRO B 210 14.82 43.78 -24.30
CA PRO B 210 15.99 44.58 -23.92
C PRO B 210 17.04 43.79 -23.15
N VAL B 211 18.29 44.20 -23.34
CA VAL B 211 19.46 43.62 -22.67
C VAL B 211 20.41 44.77 -22.38
N HIS B 212 20.72 44.99 -21.11
CA HIS B 212 21.60 46.10 -20.73
C HIS B 212 22.77 45.57 -19.92
N CYS B 213 23.98 46.01 -20.28
CA CYS B 213 25.20 45.61 -19.59
C CYS B 213 25.60 46.71 -18.61
N THR B 214 26.38 46.33 -17.62
CA THR B 214 26.86 47.26 -16.60
C THR B 214 27.98 46.58 -15.85
N GLY B 215 28.57 47.29 -14.89
CA GLY B 215 29.62 46.72 -14.09
C GLY B 215 29.01 45.82 -13.02
N LYS B 216 29.76 45.59 -11.96
CA LYS B 216 29.27 44.77 -10.86
C LYS B 216 29.32 45.47 -9.52
N ARG B 217 30.25 46.41 -9.34
CA ARG B 217 30.39 47.16 -8.10
C ARG B 217 30.81 48.58 -8.46
N ASP B 218 31.11 49.37 -7.44
CA ASP B 218 31.52 50.76 -7.66
C ASP B 218 32.82 50.87 -8.46
N GLU B 219 33.65 49.82 -8.44
CA GLU B 219 34.93 49.84 -9.15
C GLU B 219 34.77 49.48 -10.63
N ASP B 220 34.09 48.35 -10.92
CA ASP B 220 33.91 47.93 -12.30
C ASP B 220 33.07 48.93 -13.09
N LYS B 221 32.04 49.49 -12.47
CA LYS B 221 31.20 50.47 -13.17
C LYS B 221 31.97 51.73 -13.53
N GLU B 222 33.03 52.04 -12.78
CA GLU B 222 33.84 53.21 -13.08
C GLU B 222 34.91 52.91 -14.12
N LYS B 223 35.52 51.72 -14.05
CA LYS B 223 36.57 51.37 -15.02
C LYS B 223 36.01 51.27 -16.43
N VAL B 224 34.82 50.69 -16.58
CA VAL B 224 34.18 50.55 -17.90
C VAL B 224 33.60 51.91 -18.27
N GLY B 225 34.27 52.63 -19.16
CA GLY B 225 33.83 53.95 -19.57
C GLY B 225 32.58 54.05 -20.42
N THR B 226 32.65 53.57 -21.67
CA THR B 226 31.53 53.65 -22.58
C THR B 226 31.28 52.32 -23.27
N MET B 227 30.01 51.98 -23.46
CA MET B 227 29.59 50.76 -24.12
C MET B 227 28.65 51.12 -25.26
N GLU B 228 28.81 50.45 -26.40
CA GLU B 228 28.01 50.68 -27.59
C GLU B 228 27.34 49.37 -27.99
N TYR B 229 26.01 49.36 -28.03
CA TYR B 229 25.23 48.20 -28.37
C TYR B 229 24.83 48.23 -29.85
N PHE B 230 24.66 47.04 -30.43
CA PHE B 230 24.29 46.91 -31.83
C PHE B 230 23.25 45.80 -31.99
N GLY B 231 22.20 46.08 -32.75
CA GLY B 231 21.17 45.10 -32.96
C GLY B 231 20.39 45.35 -34.23
N LEU B 232 19.21 44.74 -34.32
CA LEU B 232 18.34 44.89 -35.47
C LEU B 232 17.84 46.33 -35.54
N GLY B 233 18.26 47.07 -36.56
CA GLY B 233 17.86 48.45 -36.71
C GLY B 233 18.45 49.41 -35.70
N GLY B 234 19.36 48.96 -34.85
CA GLY B 234 19.98 49.81 -33.86
C GLY B 234 19.41 49.72 -32.46
N TYR B 235 18.70 48.64 -32.12
CA TYR B 235 18.12 48.48 -30.80
C TYR B 235 18.89 47.44 -30.01
N PRO B 236 19.21 47.71 -28.75
CA PRO B 236 19.97 46.76 -27.90
C PRO B 236 19.11 45.63 -27.36
N GLY B 237 18.78 44.67 -28.22
CA GLY B 237 17.97 43.55 -27.79
C GLY B 237 17.69 42.57 -28.89
N PHE B 238 16.69 41.73 -28.64
CA PHE B 238 16.29 40.70 -29.60
C PHE B 238 14.90 40.98 -30.15
N PRO B 239 14.71 40.99 -31.47
CA PRO B 239 13.37 41.27 -32.02
C PRO B 239 12.41 40.12 -31.80
N LEU B 240 11.16 40.45 -31.49
CA LEU B 240 10.13 39.44 -31.26
C LEU B 240 9.69 38.74 -32.54
N GLN B 241 10.04 39.27 -33.71
CA GLN B 241 9.65 38.65 -34.97
C GLN B 241 10.36 37.33 -35.24
N TYR B 242 11.33 36.95 -34.40
CA TYR B 242 12.07 35.71 -34.57
C TYR B 242 11.62 34.61 -33.62
N TYR B 243 10.60 34.85 -32.81
CA TYR B 243 10.10 33.88 -31.84
C TYR B 243 8.63 33.57 -32.10
N PRO B 244 8.14 32.40 -31.65
CA PRO B 244 8.82 31.34 -30.90
C PRO B 244 9.53 30.30 -31.77
N TYR B 245 10.29 29.43 -31.11
CA TYR B 245 11.03 28.36 -31.76
C TYR B 245 10.13 27.13 -31.89
N TYR B 246 10.22 26.44 -33.02
CA TYR B 246 9.41 25.26 -33.29
C TYR B 246 10.24 23.97 -33.37
N GLY B 247 11.27 23.86 -32.56
CA GLY B 247 12.10 22.67 -32.56
C GLY B 247 13.03 22.52 -33.74
N LYS B 248 14.06 21.69 -33.58
CA LYS B 248 15.03 21.46 -34.64
C LYS B 248 14.44 20.63 -35.79
N LEU B 249 13.50 19.74 -35.49
CA LEU B 249 12.91 18.92 -36.53
C LEU B 249 12.07 19.75 -37.50
N LEU B 250 11.25 20.66 -36.97
CA LEU B 250 10.41 21.49 -37.83
C LEU B 250 11.09 22.74 -38.34
N GLN B 251 12.11 23.24 -37.65
CA GLN B 251 12.82 24.45 -38.08
C GLN B 251 14.34 24.24 -38.07
N PRO B 252 14.86 23.45 -39.00
CA PRO B 252 16.31 23.27 -39.05
C PRO B 252 16.94 24.51 -39.67
N LYS B 253 18.22 24.71 -39.35
CA LYS B 253 18.98 25.87 -39.84
C LYS B 253 18.33 27.18 -39.36
N TYR B 254 17.82 27.16 -38.14
CA TYR B 254 17.20 28.34 -37.54
C TYR B 254 18.28 29.26 -37.01
N LEU B 255 18.07 30.57 -37.17
CA LEU B 255 19.04 31.57 -36.73
C LEU B 255 18.40 32.45 -35.65
N GLN B 256 18.75 32.19 -34.39
CA GLN B 256 18.22 32.99 -33.30
C GLN B 256 18.79 34.41 -33.38
N PRO B 257 18.09 35.41 -32.83
CA PRO B 257 18.59 36.78 -32.91
C PRO B 257 19.89 36.96 -32.15
N LEU B 258 20.69 37.94 -32.61
CA LEU B 258 21.97 38.26 -32.01
C LEU B 258 22.00 39.77 -31.73
N MET B 259 22.87 40.14 -30.79
CA MET B 259 23.03 41.53 -30.39
C MET B 259 24.45 41.71 -29.89
N ALA B 260 25.22 42.58 -30.53
CA ALA B 260 26.61 42.79 -30.13
C ALA B 260 26.74 43.92 -29.11
N VAL B 261 27.83 43.85 -28.34
CA VAL B 261 28.14 44.83 -27.30
C VAL B 261 29.64 45.11 -27.37
N GLN B 262 30.01 46.38 -27.56
CA GLN B 262 31.41 46.79 -27.64
C GLN B 262 31.74 47.69 -26.47
N PHE B 263 32.90 47.47 -25.87
CA PHE B 263 33.36 48.26 -24.72
C PHE B 263 34.45 49.20 -25.23
N THR B 264 34.06 50.43 -25.56
CA THR B 264 35.00 51.40 -26.11
C THR B 264 36.00 51.91 -25.06
N ASN B 265 35.52 52.56 -24.02
CA ASN B 265 36.43 53.13 -23.02
C ASN B 265 36.72 52.16 -21.89
N LEU B 266 37.72 51.32 -22.09
CA LEU B 266 38.14 50.37 -21.08
C LEU B 266 39.49 50.80 -20.51
N THR B 267 39.76 50.34 -19.29
CA THR B 267 41.02 50.64 -18.61
C THR B 267 41.97 49.48 -18.92
N MET B 268 42.87 49.71 -19.88
CA MET B 268 43.80 48.66 -20.28
C MET B 268 44.65 48.18 -19.11
N ASP B 269 45.05 46.90 -19.18
CA ASP B 269 45.87 46.23 -18.17
C ASP B 269 45.14 46.17 -16.82
N THR B 270 43.82 45.96 -16.85
CA THR B 270 43.01 45.88 -15.65
C THR B 270 41.83 44.96 -15.91
N GLU B 271 41.67 43.94 -15.06
CA GLU B 271 40.58 42.99 -15.20
C GLU B 271 39.32 43.57 -14.56
N ILE B 272 38.29 43.82 -15.36
CA ILE B 272 37.04 44.39 -14.88
C ILE B 272 35.88 43.46 -15.22
N ARG B 273 34.92 43.40 -14.30
CA ARG B 273 33.76 42.53 -14.42
C ARG B 273 32.56 43.27 -15.01
N ILE B 274 31.90 42.61 -15.95
CA ILE B 274 30.73 43.13 -16.66
C ILE B 274 29.59 42.13 -16.49
N GLU B 275 28.39 42.64 -16.21
CA GLU B 275 27.18 41.86 -16.03
C GLU B 275 26.16 42.38 -17.05
N CYS B 276 25.85 41.55 -18.04
CA CYS B 276 24.88 41.88 -19.07
C CYS B 276 23.58 41.21 -18.66
N LYS B 277 22.65 41.99 -18.14
CA LYS B 277 21.38 41.48 -17.65
C LYS B 277 20.27 41.75 -18.67
N ALA B 278 19.56 40.69 -19.05
CA ALA B 278 18.44 40.77 -19.98
C ALA B 278 17.19 40.98 -19.15
N TYR B 279 16.39 41.98 -19.52
CA TYR B 279 15.19 42.31 -18.79
C TYR B 279 13.93 41.87 -19.54
N GLY B 280 12.90 41.57 -18.77
CA GLY B 280 11.63 41.12 -19.31
C GLY B 280 10.84 40.39 -18.25
N GLU B 281 9.55 40.21 -18.55
CA GLU B 281 8.69 39.51 -17.61
C GLU B 281 8.91 37.99 -17.68
N ASN B 282 9.08 37.46 -18.89
CA ASN B 282 9.32 36.03 -19.08
C ASN B 282 10.79 35.67 -18.94
N ILE B 283 11.60 36.57 -18.39
CA ILE B 283 13.04 36.35 -18.20
C ILE B 283 13.31 36.31 -16.71
N GLY B 284 13.64 35.12 -16.19
CA GLY B 284 13.93 34.97 -14.78
C GLY B 284 15.42 35.07 -14.50
N TYR B 285 15.75 35.05 -13.21
CA TYR B 285 17.12 35.12 -12.74
C TYR B 285 17.34 34.02 -11.71
N SER B 286 18.58 33.88 -11.26
CA SER B 286 18.91 32.85 -10.27
C SER B 286 20.22 33.20 -9.59
N GLU B 287 20.21 33.16 -8.25
CA GLU B 287 21.42 33.46 -7.49
C GLU B 287 22.44 32.32 -7.56
N LYS B 288 22.01 31.13 -8.00
CA LYS B 288 22.89 29.97 -8.14
C LYS B 288 23.43 29.82 -9.56
N ASP B 289 22.65 30.21 -10.56
CA ASP B 289 23.04 30.14 -11.96
C ASP B 289 23.20 31.58 -12.44
N ARG B 290 24.44 32.03 -12.54
CA ARG B 290 24.72 33.39 -12.99
C ARG B 290 24.45 33.59 -14.47
N PHE B 291 23.97 32.56 -15.17
CA PHE B 291 23.67 32.64 -16.59
C PHE B 291 22.18 32.73 -16.89
N GLN B 292 21.32 32.33 -15.94
CA GLN B 292 19.88 32.40 -16.13
C GLN B 292 19.44 33.87 -16.14
N GLY B 293 19.08 34.38 -17.32
CA GLY B 293 18.65 35.76 -17.43
C GLY B 293 19.80 36.73 -17.57
N ARG B 294 20.74 36.69 -16.61
CA ARG B 294 21.90 37.57 -16.64
C ARG B 294 23.07 36.86 -17.33
N PHE B 295 24.24 37.50 -17.33
CA PHE B 295 25.43 36.98 -17.98
C PHE B 295 26.64 37.77 -17.48
N ASP B 296 27.73 37.07 -17.15
CA ASP B 296 28.92 37.69 -16.61
C ASP B 296 30.13 37.51 -17.54
N VAL B 297 31.08 38.44 -17.42
CA VAL B 297 32.30 38.42 -18.22
C VAL B 297 33.37 39.22 -17.49
N LYS B 298 34.62 38.78 -17.64
CA LYS B 298 35.78 39.44 -17.00
C LYS B 298 36.72 39.86 -18.12
N ILE B 299 36.62 41.11 -18.56
CA ILE B 299 37.45 41.60 -19.66
C ILE B 299 38.72 42.25 -19.11
N GLU B 300 39.84 42.00 -19.81
CA GLU B 300 41.14 42.56 -19.42
C GLU B 300 41.99 42.66 -20.69
N VAL B 301 42.08 43.86 -21.24
CA VAL B 301 42.88 44.11 -22.45
C VAL B 301 44.24 44.59 -21.97
N LYS B 302 45.12 43.64 -21.66
CA LYS B 302 46.46 43.95 -21.19
C LYS B 302 47.39 44.17 -22.39
N SER B 303 47.99 45.35 -22.45
CA SER B 303 48.89 45.68 -23.56
C SER B 303 50.33 45.30 -23.22
N ASP C 17 1.35 28.95 -18.66
CA ASP C 17 2.53 28.67 -19.48
C ASP C 17 3.08 27.26 -19.19
N PRO C 18 3.64 26.60 -20.21
CA PRO C 18 4.19 25.26 -20.00
C PRO C 18 5.53 25.24 -19.29
N PHE C 19 6.08 26.42 -18.98
CA PHE C 19 7.37 26.54 -18.29
C PHE C 19 7.21 26.66 -16.79
N TYR C 20 6.14 26.11 -16.24
CA TYR C 20 5.85 26.15 -14.81
C TYR C 20 5.37 24.78 -14.36
N TYR C 21 5.85 24.35 -13.19
CA TYR C 21 5.49 23.08 -12.61
C TYR C 21 5.14 23.29 -11.14
N ASP C 22 3.99 22.78 -10.73
CA ASP C 22 3.53 22.89 -9.34
C ASP C 22 4.35 21.90 -8.51
N TYR C 23 5.57 22.31 -8.18
CA TYR C 23 6.46 21.47 -7.38
C TYR C 23 6.06 21.46 -5.91
N GLU C 24 5.37 22.50 -5.45
CA GLU C 24 4.97 22.56 -4.04
C GLU C 24 3.93 21.49 -3.72
N THR C 25 3.00 21.24 -4.64
CA THR C 25 1.97 20.23 -4.40
C THR C 25 2.58 18.82 -4.39
N VAL C 26 3.48 18.54 -5.33
CA VAL C 26 4.13 17.24 -5.39
C VAL C 26 5.00 17.04 -4.16
N ARG C 27 5.75 18.07 -3.77
CA ARG C 27 6.61 18.00 -2.59
C ARG C 27 5.77 17.77 -1.33
N ASN C 28 4.64 18.47 -1.22
CA ASN C 28 3.77 18.31 -0.07
C ASN C 28 3.21 16.89 -0.02
N GLY C 29 2.82 16.36 -1.18
CA GLY C 29 2.30 15.00 -1.21
C GLY C 29 3.36 13.99 -0.83
N GLY C 30 4.61 14.23 -1.26
CA GLY C 30 5.68 13.31 -0.91
C GLY C 30 5.98 13.32 0.58
N LEU C 31 5.93 14.50 1.18
CA LEU C 31 6.17 14.58 2.62
C LEU C 31 5.04 13.94 3.40
N ILE C 32 3.80 14.09 2.92
CA ILE C 32 2.67 13.46 3.60
C ILE C 32 2.78 11.95 3.47
N PHE C 33 3.19 11.47 2.29
CA PHE C 33 3.35 10.04 2.09
C PHE C 33 4.44 9.48 3.00
N ALA C 34 5.57 10.19 3.10
CA ALA C 34 6.65 9.70 3.95
C ALA C 34 6.18 9.66 5.41
N ALA C 35 5.40 10.65 5.83
CA ALA C 35 4.92 10.67 7.20
C ALA C 35 3.96 9.52 7.47
N LEU C 36 3.02 9.28 6.56
CA LEU C 36 2.06 8.20 6.74
C LEU C 36 2.76 6.84 6.70
N ALA C 37 3.67 6.63 5.75
CA ALA C 37 4.36 5.36 5.64
C ALA C 37 5.21 5.09 6.88
N PHE C 38 5.84 6.12 7.44
CA PHE C 38 6.66 5.86 8.62
C PHE C 38 5.81 5.60 9.85
N ILE C 39 4.71 6.34 10.03
CA ILE C 39 3.87 6.06 11.20
C ILE C 39 3.20 4.71 11.06
N VAL C 40 2.86 4.29 9.83
CA VAL C 40 2.26 2.98 9.64
C VAL C 40 3.27 1.89 9.98
N GLY C 41 4.53 2.08 9.55
CA GLY C 41 5.55 1.09 9.88
C GLY C 41 5.77 1.00 11.38
N LEU C 42 5.67 2.13 12.07
CA LEU C 42 5.81 2.12 13.53
C LEU C 42 4.67 1.33 14.15
N ILE C 43 3.46 1.47 13.58
CA ILE C 43 2.33 0.70 14.09
C ILE C 43 2.56 -0.78 13.81
N ILE C 44 3.27 -1.08 12.71
CA ILE C 44 3.56 -2.46 12.33
C ILE C 44 4.50 -3.12 13.33
N ILE C 45 5.53 -2.38 13.79
CA ILE C 45 6.45 -2.97 14.77
C ILE C 45 5.94 -2.88 16.21
N LEU C 46 4.80 -2.26 16.43
CA LEU C 46 4.18 -2.16 17.76
C LEU C 46 2.89 -2.97 17.65
N SER C 47 3.03 -4.29 17.77
CA SER C 47 1.91 -5.21 17.63
C SER C 47 0.96 -5.24 18.83
N LYS C 48 1.33 -4.60 19.94
CA LYS C 48 0.47 -4.56 21.14
C LYS C 48 0.02 -5.94 21.62
N LYS D 21 -61.69 15.60 -26.43
CA LYS D 21 -61.58 16.51 -27.58
C LYS D 21 -60.69 17.71 -27.23
N GLU D 22 -59.76 17.52 -26.30
CA GLU D 22 -58.87 18.62 -25.94
C GLU D 22 -57.86 18.93 -27.04
N ARG D 23 -57.75 18.06 -28.05
CA ARG D 23 -56.83 18.30 -29.16
C ARG D 23 -57.18 19.59 -29.87
N ASP D 24 -58.46 19.80 -30.17
CA ASP D 24 -58.87 21.04 -30.83
C ASP D 24 -58.66 22.23 -29.90
N MET D 25 -58.85 22.04 -28.59
CA MET D 25 -58.64 23.13 -27.66
C MET D 25 -57.19 23.60 -27.71
N ASP D 26 -56.26 22.65 -27.84
CA ASP D 26 -54.84 22.99 -27.93
C ASP D 26 -54.49 23.56 -29.30
N GLU D 27 -55.14 23.06 -30.36
CA GLU D 27 -54.87 23.56 -31.70
C GLU D 27 -55.31 25.01 -31.84
N LEU D 28 -56.44 25.36 -31.22
CA LEU D 28 -56.93 26.74 -31.26
C LEU D 28 -56.08 27.65 -30.39
N LYS D 29 -55.11 27.09 -29.66
CA LYS D 29 -54.19 27.85 -28.83
C LYS D 29 -52.81 27.94 -29.47
N LYS D 30 -52.51 27.06 -30.42
CA LYS D 30 -51.25 27.11 -31.15
C LYS D 30 -51.28 28.11 -32.31
N GLU D 31 -52.46 28.63 -32.64
CA GLU D 31 -52.65 29.58 -33.72
C GLU D 31 -52.51 31.01 -33.21
N VAL D 32 -51.98 31.89 -34.06
CA VAL D 32 -51.81 33.29 -33.66
C VAL D 32 -53.18 33.91 -33.45
N SER D 33 -53.26 34.81 -32.47
CA SER D 33 -54.51 35.46 -32.09
C SER D 33 -55.02 36.43 -33.16
N MET D 34 -56.33 36.66 -33.11
CA MET D 34 -57.08 37.56 -33.97
C MET D 34 -57.71 38.63 -33.08
N ASP D 35 -58.33 39.64 -33.69
CA ASP D 35 -58.95 40.70 -32.90
C ASP D 35 -59.92 41.52 -33.74
N ASP D 36 -60.50 42.51 -33.07
CA ASP D 36 -61.46 43.48 -33.61
C ASP D 36 -61.04 44.89 -33.23
N HIS D 37 -59.74 45.10 -33.06
CA HIS D 37 -59.22 46.41 -32.67
C HIS D 37 -59.49 47.48 -33.71
N LYS D 38 -59.39 47.14 -35.00
CA LYS D 38 -59.62 48.10 -36.08
C LYS D 38 -61.11 48.40 -36.19
N LEU D 39 -61.60 49.22 -35.26
CA LEU D 39 -63.00 49.59 -35.23
C LEU D 39 -63.13 51.02 -34.76
N SER D 40 -64.07 51.76 -35.34
CA SER D 40 -64.29 53.11 -34.89
C SER D 40 -64.84 53.06 -33.48
N LEU D 41 -64.61 54.15 -32.72
CA LEU D 41 -65.08 54.19 -31.34
C LEU D 41 -66.60 54.00 -31.26
N ASP D 42 -67.33 54.44 -32.29
CA ASP D 42 -68.78 54.27 -32.30
C ASP D 42 -69.16 52.82 -32.50
N GLU D 43 -68.52 52.14 -33.46
CA GLU D 43 -68.83 50.73 -33.67
C GLU D 43 -68.38 49.89 -32.48
N LEU D 44 -67.29 50.27 -31.84
CA LEU D 44 -66.81 49.54 -30.67
C LEU D 44 -67.81 49.66 -29.54
N HIS D 45 -68.23 50.90 -29.23
CA HIS D 45 -69.23 51.10 -28.17
C HIS D 45 -70.57 50.48 -28.54
N ARG D 46 -70.87 50.32 -29.83
CA ARG D 46 -72.12 49.69 -30.24
C ARG D 46 -72.05 48.19 -30.04
N LYS D 47 -70.87 47.60 -30.29
CA LYS D 47 -70.72 46.16 -30.10
C LYS D 47 -70.73 45.77 -28.64
N TYR D 48 -70.03 46.52 -27.78
CA TYR D 48 -69.99 46.16 -26.36
C TYR D 48 -71.08 46.80 -25.51
N GLY D 49 -71.66 47.92 -25.96
CA GLY D 49 -72.69 48.58 -25.18
C GLY D 49 -72.09 49.17 -23.93
N THR D 50 -71.24 50.18 -24.11
CA THR D 50 -70.56 50.83 -23.00
C THR D 50 -70.31 52.28 -23.34
N ASP D 51 -70.50 53.16 -22.36
CA ASP D 51 -70.26 54.59 -22.58
C ASP D 51 -68.76 54.84 -22.63
N LEU D 52 -68.32 55.58 -23.64
CA LEU D 52 -66.90 55.86 -23.81
C LEU D 52 -66.32 56.76 -22.72
N SER D 53 -67.15 57.52 -22.03
CA SER D 53 -66.67 58.41 -20.98
C SER D 53 -67.24 58.10 -19.60
N ARG D 54 -68.20 57.19 -19.50
CA ARG D 54 -68.81 56.82 -18.23
C ARG D 54 -68.73 55.34 -17.91
N GLY D 55 -68.26 54.51 -18.85
CA GLY D 55 -68.18 53.09 -18.59
C GLY D 55 -69.57 52.49 -18.64
N LEU D 56 -69.94 51.74 -17.60
CA LEU D 56 -71.26 51.14 -17.52
C LEU D 56 -71.74 51.16 -16.08
N THR D 57 -73.01 50.85 -15.91
CA THR D 57 -73.61 50.82 -14.58
C THR D 57 -73.01 49.70 -13.75
N PRO D 58 -72.82 49.90 -12.45
CA PRO D 58 -72.26 48.82 -11.61
C PRO D 58 -73.10 47.54 -11.66
N ALA D 59 -74.41 47.65 -11.92
CA ALA D 59 -75.24 46.46 -12.02
C ALA D 59 -74.84 45.65 -13.25
N ARG D 60 -74.54 46.33 -14.36
CA ARG D 60 -74.11 45.65 -15.57
C ARG D 60 -72.74 45.02 -15.37
N ALA D 61 -71.87 45.72 -14.63
CA ALA D 61 -70.53 45.19 -14.35
C ALA D 61 -70.63 43.91 -13.53
N ALA D 62 -71.47 43.91 -12.49
CA ALA D 62 -71.62 42.69 -11.69
C ALA D 62 -72.32 41.61 -12.50
N GLU D 63 -73.19 42.03 -13.44
CA GLU D 63 -73.91 41.09 -14.31
C GLU D 63 -72.94 40.32 -15.18
N ILE D 64 -71.83 40.95 -15.57
CA ILE D 64 -70.81 40.27 -16.37
C ILE D 64 -69.84 39.50 -15.46
N LEU D 65 -69.55 40.10 -14.28
CA LEU D 65 -68.64 39.50 -13.30
C LEU D 65 -69.10 38.11 -12.90
N ALA D 66 -70.40 37.94 -12.68
CA ALA D 66 -70.94 36.64 -12.32
C ALA D 66 -71.42 35.88 -13.55
N ARG D 67 -70.99 36.31 -14.73
CA ARG D 67 -71.37 35.68 -15.99
C ARG D 67 -70.23 34.93 -16.67
N ASP D 68 -69.03 35.51 -16.76
CA ASP D 68 -67.95 34.80 -17.44
C ASP D 68 -66.75 34.44 -16.59
N GLY D 69 -66.62 34.96 -15.38
CA GLY D 69 -65.49 34.64 -14.54
C GLY D 69 -64.66 35.86 -14.21
N PRO D 70 -64.06 35.86 -13.01
CA PRO D 70 -63.24 37.01 -12.60
C PRO D 70 -62.04 37.21 -13.51
N ASN D 71 -61.58 38.46 -13.59
CA ASN D 71 -60.42 38.81 -14.41
C ASN D 71 -59.17 38.33 -13.70
N ALA D 72 -58.88 37.05 -13.90
CA ALA D 72 -57.71 36.41 -13.31
C ALA D 72 -57.53 35.07 -14.00
N LEU D 73 -56.27 34.68 -14.21
CA LEU D 73 -55.98 33.42 -14.86
C LEU D 73 -56.40 32.26 -13.96
N THR D 74 -56.89 31.19 -14.59
CA THR D 74 -57.27 30.02 -13.82
C THR D 74 -56.03 29.46 -13.13
N PRO D 75 -56.11 29.08 -11.85
CA PRO D 75 -54.94 28.55 -11.15
C PRO D 75 -54.32 27.39 -11.90
N PRO D 76 -53.03 27.13 -11.69
CA PRO D 76 -52.40 25.98 -12.34
C PRO D 76 -52.95 24.68 -11.81
N PRO D 77 -52.71 23.56 -12.48
CA PRO D 77 -53.18 22.26 -11.97
C PRO D 77 -52.23 21.81 -10.86
N THR D 78 -52.76 21.74 -9.65
CA THR D 78 -51.93 21.36 -8.50
C THR D 78 -51.42 19.93 -8.61
N THR D 79 -50.13 19.76 -8.29
CA THR D 79 -49.41 18.49 -8.32
C THR D 79 -49.08 18.05 -6.91
N PRO D 80 -49.93 17.21 -6.28
CA PRO D 80 -49.65 16.75 -4.92
C PRO D 80 -48.28 16.08 -4.82
N GLU D 81 -47.72 16.10 -3.61
CA GLU D 81 -46.39 15.56 -3.39
C GLU D 81 -46.31 14.04 -3.40
N TRP D 82 -47.40 13.32 -3.13
CA TRP D 82 -47.30 11.87 -3.19
C TRP D 82 -47.26 11.40 -4.63
N VAL D 83 -47.76 12.23 -5.55
CA VAL D 83 -47.76 11.86 -6.96
C VAL D 83 -46.34 11.77 -7.48
N LYS D 84 -45.50 12.78 -7.19
CA LYS D 84 -44.14 12.70 -7.70
C LYS D 84 -43.25 11.75 -6.88
N PHE D 85 -43.69 11.29 -5.70
CA PHE D 85 -42.89 10.28 -5.02
C PHE D 85 -43.15 8.95 -5.70
N CYS D 86 -44.41 8.70 -6.07
CA CYS D 86 -44.71 7.50 -6.81
C CYS D 86 -44.07 7.58 -8.19
N ARG D 87 -43.95 8.80 -8.75
CA ARG D 87 -43.27 9.00 -10.03
C ARG D 87 -41.81 8.60 -9.93
N GLN D 88 -41.14 9.04 -8.87
CA GLN D 88 -39.73 8.70 -8.68
C GLN D 88 -39.55 7.21 -8.40
N LEU D 89 -40.59 6.54 -7.93
CA LEU D 89 -40.47 5.10 -7.66
C LEU D 89 -40.55 4.22 -8.90
N PHE D 90 -40.86 4.75 -10.09
CA PHE D 90 -40.94 3.89 -11.27
C PHE D 90 -39.88 4.17 -12.33
N GLY D 91 -39.87 5.36 -12.93
CA GLY D 91 -38.90 5.68 -13.99
C GLY D 91 -38.79 4.57 -15.01
N GLY D 92 -37.56 4.36 -15.51
CA GLY D 92 -37.31 3.30 -16.46
C GLY D 92 -36.39 2.24 -15.85
N PHE D 93 -35.41 2.74 -15.09
CA PHE D 93 -34.44 1.89 -14.43
C PHE D 93 -35.07 1.16 -13.25
N SER D 94 -35.77 1.92 -12.40
CA SER D 94 -36.44 1.34 -11.25
C SER D 94 -37.49 0.32 -11.70
N MET D 95 -38.00 0.46 -12.93
CA MET D 95 -38.96 -0.52 -13.42
C MET D 95 -38.28 -1.85 -13.68
N LEU D 96 -37.05 -1.82 -14.19
CA LEU D 96 -36.32 -3.06 -14.40
C LEU D 96 -36.03 -3.71 -13.05
N LEU D 97 -35.68 -2.90 -12.05
CA LEU D 97 -35.44 -3.49 -10.73
C LEU D 97 -36.75 -4.02 -10.13
N TRP D 98 -37.89 -3.42 -10.49
CA TRP D 98 -39.17 -3.89 -9.99
C TRP D 98 -39.51 -5.25 -10.59
N ILE D 99 -39.34 -5.40 -11.91
CA ILE D 99 -39.64 -6.70 -12.51
C ILE D 99 -38.66 -7.74 -11.98
N GLY D 100 -37.44 -7.31 -11.63
CA GLY D 100 -36.49 -8.26 -11.06
C GLY D 100 -36.97 -8.72 -9.69
N ALA D 101 -37.49 -7.79 -8.88
CA ALA D 101 -38.01 -8.15 -7.57
C ALA D 101 -39.22 -9.08 -7.71
N ILE D 102 -40.09 -8.80 -8.68
CA ILE D 102 -41.26 -9.64 -8.91
C ILE D 102 -40.82 -11.06 -9.26
N LEU D 103 -39.82 -11.17 -10.16
CA LEU D 103 -39.32 -12.49 -10.51
C LEU D 103 -38.68 -13.18 -9.31
N CYS D 104 -38.07 -12.40 -8.41
CA CYS D 104 -37.46 -12.99 -7.21
C CYS D 104 -38.54 -13.60 -6.33
N PHE D 105 -39.65 -12.89 -6.15
CA PHE D 105 -40.71 -13.43 -5.31
C PHE D 105 -41.42 -14.59 -6.01
N LEU D 106 -41.45 -14.59 -7.35
CA LEU D 106 -42.06 -15.71 -8.05
C LEU D 106 -41.22 -16.97 -7.87
N ALA D 107 -39.90 -16.83 -8.06
CA ALA D 107 -39.01 -17.96 -7.88
C ALA D 107 -39.06 -18.46 -6.44
N TYR D 108 -39.05 -17.54 -5.47
CA TYR D 108 -39.11 -17.96 -4.07
C TYR D 108 -40.44 -18.64 -3.76
N GLY D 109 -41.54 -18.18 -4.36
CA GLY D 109 -42.81 -18.82 -4.11
C GLY D 109 -42.82 -20.24 -4.63
N ILE D 110 -42.16 -20.46 -5.77
CA ILE D 110 -42.07 -21.79 -6.34
C ILE D 110 -41.22 -22.68 -5.42
N GLN D 111 -40.12 -22.12 -4.90
CA GLN D 111 -39.23 -22.83 -3.99
C GLN D 111 -39.88 -23.08 -2.64
N ALA D 112 -40.82 -22.21 -2.25
CA ALA D 112 -41.51 -22.33 -0.98
C ALA D 112 -42.51 -23.47 -1.02
N ALA D 113 -43.43 -23.40 -1.98
CA ALA D 113 -44.44 -24.45 -2.07
C ALA D 113 -43.85 -25.81 -2.43
N THR D 114 -42.75 -25.84 -3.18
CA THR D 114 -42.24 -27.15 -3.61
C THR D 114 -41.28 -27.88 -2.66
N GLU D 115 -40.43 -27.22 -1.87
CA GLU D 115 -39.49 -27.97 -1.04
C GLU D 115 -39.55 -27.64 0.45
N GLU D 116 -38.92 -28.54 1.22
CA GLU D 116 -38.80 -28.44 2.67
C GLU D 116 -37.73 -27.41 3.01
N GLU D 117 -37.94 -26.68 4.13
CA GLU D 117 -37.09 -25.61 4.65
C GLU D 117 -36.47 -24.82 3.49
N PRO D 118 -37.30 -24.12 2.72
CA PRO D 118 -36.80 -23.38 1.55
C PRO D 118 -35.68 -22.42 1.90
N GLN D 119 -34.88 -22.09 0.90
CA GLN D 119 -33.74 -21.20 1.11
C GLN D 119 -34.27 -19.77 1.15
N ASN D 120 -33.73 -18.99 2.07
CA ASN D 120 -34.17 -17.60 2.26
C ASN D 120 -33.61 -16.66 1.21
N ASP D 121 -32.73 -17.16 0.35
CA ASP D 121 -32.08 -16.41 -0.72
C ASP D 121 -32.93 -15.49 -1.58
N ASN D 122 -33.87 -16.06 -2.35
CA ASN D 122 -34.72 -15.23 -3.21
C ASN D 122 -35.53 -14.20 -2.44
N LEU D 123 -36.05 -14.56 -1.26
CA LEU D 123 -36.82 -13.58 -0.49
C LEU D 123 -35.92 -12.43 -0.06
N TYR D 124 -34.72 -12.76 0.43
CA TYR D 124 -33.73 -11.77 0.83
C TYR D 124 -33.42 -10.83 -0.34
N LEU D 125 -33.21 -11.41 -1.52
CA LEU D 125 -32.89 -10.63 -2.71
C LEU D 125 -34.05 -9.76 -3.17
N GLY D 126 -35.28 -10.27 -3.07
CA GLY D 126 -36.43 -9.48 -3.47
C GLY D 126 -36.63 -8.28 -2.58
N VAL D 127 -36.53 -8.49 -1.26
CA VAL D 127 -36.68 -7.34 -0.36
C VAL D 127 -35.53 -6.37 -0.57
N VAL D 128 -34.36 -6.86 -0.95
CA VAL D 128 -33.22 -5.96 -1.20
C VAL D 128 -33.49 -5.11 -2.43
N LEU D 129 -34.01 -5.71 -3.51
CA LEU D 129 -34.30 -4.94 -4.72
C LEU D 129 -35.37 -3.89 -4.45
N SER D 130 -36.38 -4.25 -3.65
CA SER D 130 -37.41 -3.27 -3.31
C SER D 130 -36.82 -2.13 -2.50
N ALA D 131 -35.92 -2.45 -1.56
CA ALA D 131 -35.29 -1.41 -0.76
C ALA D 131 -34.42 -0.50 -1.63
N VAL D 132 -33.74 -1.08 -2.62
CA VAL D 132 -32.91 -0.28 -3.52
C VAL D 132 -33.77 0.73 -4.27
N VAL D 133 -34.90 0.27 -4.80
CA VAL D 133 -35.78 1.17 -5.53
C VAL D 133 -36.36 2.24 -4.62
N ILE D 134 -36.82 1.86 -3.42
CA ILE D 134 -37.41 2.83 -2.49
C ILE D 134 -36.38 3.86 -2.04
N ILE D 135 -35.17 3.42 -1.70
CA ILE D 135 -34.14 4.37 -1.27
C ILE D 135 -33.78 5.32 -2.39
N THR D 136 -33.60 4.80 -3.60
CA THR D 136 -33.30 5.69 -4.73
C THR D 136 -34.44 6.65 -4.97
N GLY D 137 -35.68 6.19 -4.75
CA GLY D 137 -36.82 7.06 -4.93
C GLY D 137 -36.86 8.18 -3.91
N CYS D 138 -36.60 7.85 -2.64
CA CYS D 138 -36.59 8.88 -1.60
C CYS D 138 -35.48 9.88 -1.83
N PHE D 139 -34.30 9.42 -2.27
CA PHE D 139 -33.18 10.34 -2.50
C PHE D 139 -33.46 11.26 -3.69
N SER D 140 -33.84 10.69 -4.85
CA SER D 140 -34.13 11.51 -6.01
C SER D 140 -35.31 12.43 -5.74
N TYR D 141 -36.27 11.96 -4.94
CA TYR D 141 -37.42 12.78 -4.59
C TYR D 141 -36.98 13.94 -3.71
N TYR D 142 -36.10 13.68 -2.75
CA TYR D 142 -35.61 14.75 -1.87
C TYR D 142 -34.86 15.80 -2.67
N GLN D 143 -34.14 15.38 -3.71
CA GLN D 143 -33.41 16.36 -4.53
C GLN D 143 -34.39 17.22 -5.34
N GLU D 144 -35.34 16.58 -6.04
CA GLU D 144 -36.30 17.37 -6.81
C GLU D 144 -37.18 18.23 -5.90
N ALA D 145 -37.49 17.73 -4.71
CA ALA D 145 -38.30 18.48 -3.76
C ALA D 145 -37.52 19.69 -3.25
N LYS D 146 -36.20 19.53 -3.05
CA LYS D 146 -35.38 20.66 -2.61
C LYS D 146 -35.34 21.74 -3.69
N SER D 147 -35.26 21.31 -4.95
CA SER D 147 -35.27 22.27 -6.05
C SER D 147 -36.58 23.05 -6.08
N SER D 148 -37.71 22.34 -6.00
CA SER D 148 -38.99 23.03 -6.01
C SER D 148 -39.17 23.90 -4.76
N LYS D 149 -38.60 23.47 -3.63
CA LYS D 149 -38.69 24.25 -2.40
C LYS D 149 -38.01 25.59 -2.56
N ILE D 150 -36.78 25.60 -3.07
CA ILE D 150 -36.09 26.88 -3.25
C ILE D 150 -36.75 27.65 -4.39
N MET D 151 -37.53 26.98 -5.25
CA MET D 151 -38.21 27.71 -6.31
C MET D 151 -39.41 28.48 -5.77
N GLU D 152 -40.08 27.96 -4.74
CA GLU D 152 -41.22 28.67 -4.18
C GLU D 152 -40.82 29.96 -3.48
N SER D 153 -39.56 30.08 -3.03
CA SER D 153 -39.05 31.27 -2.33
C SER D 153 -38.82 32.48 -3.25
N PHE D 154 -39.21 32.39 -4.52
CA PHE D 154 -39.05 33.49 -5.46
C PHE D 154 -40.39 34.08 -5.91
N LYS D 155 -41.51 33.47 -5.50
CA LYS D 155 -42.86 33.90 -5.85
C LYS D 155 -43.38 34.96 -4.89
N ASN D 156 -43.39 36.21 -5.33
CA ASN D 156 -43.89 37.33 -4.53
C ASN D 156 -45.06 37.95 -5.29
N MET D 157 -46.25 37.35 -5.15
CA MET D 157 -47.45 37.83 -5.84
C MET D 157 -48.13 38.88 -4.97
N VAL D 158 -47.94 40.14 -5.32
CA VAL D 158 -48.54 41.26 -4.60
C VAL D 158 -49.82 41.65 -5.32
N PRO D 159 -50.97 41.70 -4.62
CA PRO D 159 -52.22 42.10 -5.28
C PRO D 159 -52.10 43.53 -5.79
N GLN D 160 -52.65 43.76 -6.98
CA GLN D 160 -52.60 45.07 -7.61
C GLN D 160 -54.02 45.49 -7.99
N GLN D 161 -54.52 46.55 -7.36
CA GLN D 161 -55.86 47.02 -7.65
C GLN D 161 -55.84 47.95 -8.85
N ALA D 162 -56.82 47.77 -9.73
CA ALA D 162 -56.97 48.54 -10.94
C ALA D 162 -57.93 49.72 -10.75
N LEU D 163 -57.74 50.74 -11.58
CA LEU D 163 -58.55 51.96 -11.58
C LEU D 163 -59.59 51.85 -12.69
N VAL D 164 -60.85 51.67 -12.31
CA VAL D 164 -61.95 51.50 -13.25
C VAL D 164 -62.92 52.67 -13.12
N ILE D 165 -63.41 53.14 -14.26
CA ILE D 165 -64.38 54.23 -14.32
C ILE D 165 -65.73 53.61 -14.67
N ARG D 166 -66.64 53.61 -13.70
CA ARG D 166 -67.97 53.04 -13.90
C ARG D 166 -69.02 54.04 -13.44
N ASN D 167 -70.10 54.12 -14.21
CA ASN D 167 -71.23 55.02 -13.96
C ASN D 167 -70.78 56.47 -13.88
N GLY D 168 -69.64 56.80 -14.48
CA GLY D 168 -69.11 58.15 -14.47
C GLY D 168 -68.22 58.50 -13.30
N GLU D 169 -67.80 57.51 -12.50
CA GLU D 169 -66.94 57.79 -11.36
C GLU D 169 -65.73 56.86 -11.37
N LYS D 170 -64.62 57.39 -10.86
CA LYS D 170 -63.36 56.65 -10.76
C LYS D 170 -63.34 55.88 -9.45
N MET D 171 -63.10 54.58 -9.52
CA MET D 171 -63.05 53.73 -8.35
C MET D 171 -61.90 52.74 -8.49
N SER D 172 -61.23 52.46 -7.38
CA SER D 172 -60.10 51.54 -7.36
C SER D 172 -60.57 50.22 -6.78
N ILE D 173 -60.69 49.20 -7.64
CA ILE D 173 -61.15 47.89 -7.23
C ILE D 173 -60.08 46.87 -7.53
N ASN D 174 -60.22 45.68 -6.93
CA ASN D 174 -59.26 44.60 -7.15
C ASN D 174 -59.22 44.21 -8.62
N ALA D 175 -58.06 43.73 -9.06
CA ALA D 175 -57.89 43.35 -10.47
C ALA D 175 -58.82 42.21 -10.87
N GLU D 176 -59.21 41.35 -9.94
CA GLU D 176 -60.10 40.25 -10.27
C GLU D 176 -61.55 40.71 -10.46
N GLU D 177 -61.91 41.86 -9.91
CA GLU D 177 -63.27 42.38 -10.02
C GLU D 177 -63.51 43.15 -11.31
N VAL D 178 -62.52 43.20 -12.21
CA VAL D 178 -62.65 43.89 -13.49
C VAL D 178 -63.36 42.95 -14.47
N VAL D 179 -64.24 43.50 -15.29
CA VAL D 179 -64.99 42.70 -16.26
C VAL D 179 -64.73 43.18 -17.68
N VAL D 180 -65.41 42.56 -18.64
CA VAL D 180 -65.28 42.92 -20.04
C VAL D 180 -66.12 44.15 -20.34
N GLY D 181 -65.63 44.96 -21.28
CA GLY D 181 -66.33 46.16 -21.71
C GLY D 181 -66.63 47.23 -20.70
N ASP D 182 -65.62 47.76 -20.02
CA ASP D 182 -65.82 48.84 -19.07
C ASP D 182 -64.58 49.72 -19.10
N LEU D 183 -64.80 51.03 -18.90
CA LEU D 183 -63.72 52.00 -18.95
C LEU D 183 -62.69 51.75 -17.87
N VAL D 184 -61.41 51.78 -18.26
CA VAL D 184 -60.29 51.59 -17.34
C VAL D 184 -59.21 52.60 -17.70
N GLU D 185 -58.67 53.28 -16.68
CA GLU D 185 -57.64 54.29 -16.83
C GLU D 185 -56.34 53.76 -16.25
N VAL D 186 -55.23 54.06 -16.91
CA VAL D 186 -53.91 53.63 -16.45
C VAL D 186 -53.01 54.85 -16.34
N LYS D 187 -52.21 54.86 -15.27
CA LYS D 187 -51.27 55.92 -14.94
C LYS D 187 -49.86 55.33 -14.97
N GLY D 188 -48.88 56.17 -15.29
CA GLY D 188 -47.50 55.75 -15.35
C GLY D 188 -47.03 55.08 -14.06
N GLY D 189 -46.83 53.77 -14.13
CA GLY D 189 -46.42 53.00 -12.98
C GLY D 189 -47.36 51.84 -12.75
N ASP D 190 -48.65 52.06 -13.04
CA ASP D 190 -49.66 51.02 -12.88
C ASP D 190 -49.45 49.91 -13.91
N ARG D 191 -49.96 48.73 -13.58
CA ARG D 191 -49.87 47.57 -14.45
C ARG D 191 -51.19 47.40 -15.20
N ILE D 192 -51.10 47.10 -16.49
CA ILE D 192 -52.28 46.91 -17.32
C ILE D 192 -53.00 45.66 -16.82
N PRO D 193 -54.22 45.78 -16.27
CA PRO D 193 -54.91 44.59 -15.73
C PRO D 193 -55.24 43.50 -16.74
N ALA D 194 -56.13 43.82 -17.67
CA ALA D 194 -56.57 42.93 -18.73
C ALA D 194 -56.12 43.53 -20.06
N ASP D 195 -56.61 42.96 -21.16
CA ASP D 195 -56.27 43.47 -22.48
C ASP D 195 -57.22 44.63 -22.78
N LEU D 196 -56.68 45.83 -22.87
CA LEU D 196 -57.46 47.03 -23.11
C LEU D 196 -57.43 47.46 -24.57
N ARG D 197 -58.41 48.28 -24.93
CA ARG D 197 -58.55 48.86 -26.26
C ARG D 197 -58.49 50.36 -25.98
N ILE D 198 -57.34 50.96 -26.25
CA ILE D 198 -57.12 52.37 -26.00
C ILE D 198 -58.14 53.23 -26.75
N ILE D 199 -58.65 54.25 -26.06
CA ILE D 199 -59.63 55.16 -26.65
C ILE D 199 -59.11 56.59 -26.57
N SER D 200 -58.25 56.85 -25.59
CA SER D 200 -57.67 58.17 -25.41
C SER D 200 -56.38 58.02 -24.64
N ALA D 201 -55.28 58.48 -25.23
CA ALA D 201 -53.97 58.40 -24.61
C ALA D 201 -53.36 59.79 -24.53
N ASN D 202 -52.43 59.95 -23.58
CA ASN D 202 -51.73 61.22 -23.36
C ASN D 202 -50.26 60.87 -23.19
N GLY D 203 -49.55 60.71 -24.30
CA GLY D 203 -48.14 60.35 -24.25
C GLY D 203 -47.90 59.11 -23.41
N CYS D 204 -48.76 58.10 -23.57
CA CYS D 204 -48.69 56.88 -22.80
C CYS D 204 -47.77 55.87 -23.46
N LYS D 205 -46.78 55.39 -22.73
CA LYS D 205 -45.83 54.39 -23.21
C LYS D 205 -45.89 53.18 -22.30
N VAL D 206 -46.22 52.03 -22.87
CA VAL D 206 -46.31 50.80 -22.12
C VAL D 206 -45.06 49.96 -22.43
N ASP D 207 -44.85 48.90 -21.65
CA ASP D 207 -43.71 48.02 -21.80
C ASP D 207 -44.18 46.62 -22.19
N ASN D 208 -44.10 46.31 -23.47
CA ASN D 208 -44.50 45.01 -24.01
C ASN D 208 -43.33 44.04 -24.13
N SER D 209 -42.34 44.16 -23.24
CA SER D 209 -41.17 43.28 -23.30
C SER D 209 -41.47 41.87 -22.78
N SER D 210 -42.14 41.77 -21.62
CA SER D 210 -42.43 40.44 -21.08
C SER D 210 -43.40 39.65 -21.93
N LEU D 211 -44.23 40.28 -22.75
CA LEU D 211 -45.20 39.57 -23.56
C LEU D 211 -44.79 39.45 -25.03
N THR D 212 -44.64 40.57 -25.73
CA THR D 212 -44.28 40.54 -27.14
C THR D 212 -42.79 40.74 -27.39
N GLY D 213 -41.99 40.84 -26.33
CA GLY D 213 -40.56 41.02 -26.48
C GLY D 213 -40.10 42.36 -26.99
N GLU D 214 -41.00 43.34 -27.14
CA GLU D 214 -40.61 44.66 -27.63
C GLU D 214 -39.81 45.37 -26.54
N SER D 215 -38.51 45.51 -26.78
CA SER D 215 -37.57 46.12 -25.84
C SER D 215 -37.88 47.55 -25.42
N GLU D 216 -37.76 48.49 -26.34
CA GLU D 216 -38.01 49.88 -26.01
C GLU D 216 -39.49 50.07 -25.66
N PRO D 217 -39.81 50.95 -24.69
CA PRO D 217 -41.21 51.15 -24.30
C PRO D 217 -42.06 51.58 -25.49
N GLN D 218 -42.97 50.70 -25.91
CA GLN D 218 -43.83 50.99 -27.04
C GLN D 218 -44.96 51.90 -26.62
N THR D 219 -45.13 53.01 -27.33
CA THR D 219 -46.20 53.92 -26.98
C THR D 219 -47.54 53.31 -27.42
N ARG D 220 -48.61 53.84 -26.84
CA ARG D 220 -49.96 53.39 -27.12
C ARG D 220 -50.82 54.57 -27.53
N SER D 221 -51.28 54.55 -28.77
CA SER D 221 -52.14 55.59 -29.30
C SER D 221 -53.51 54.99 -29.61
N PRO D 222 -54.60 55.76 -29.46
CA PRO D 222 -55.93 55.20 -29.74
C PRO D 222 -56.15 54.84 -31.20
N ASP D 223 -55.37 55.40 -32.12
CA ASP D 223 -55.53 55.13 -33.53
C ASP D 223 -54.91 53.79 -33.91
N PHE D 224 -55.64 53.00 -34.70
CA PHE D 224 -55.17 51.70 -35.16
C PHE D 224 -54.04 51.90 -36.17
N THR D 225 -52.90 51.22 -35.93
CA THR D 225 -51.72 51.34 -36.79
C THR D 225 -51.34 50.08 -37.56
N ASN D 226 -51.42 48.90 -36.96
CA ASN D 226 -51.04 47.67 -37.64
C ASN D 226 -52.10 46.60 -37.52
N GLU D 227 -52.23 45.78 -38.57
CA GLU D 227 -53.20 44.68 -38.59
C GLU D 227 -52.92 43.64 -37.51
N ASN D 228 -51.69 43.58 -37.01
CA ASN D 228 -51.33 42.62 -35.98
C ASN D 228 -51.73 43.20 -34.62
N PRO D 229 -52.57 42.51 -33.85
CA PRO D 229 -52.97 43.05 -32.54
C PRO D 229 -51.80 43.32 -31.61
N LEU D 230 -50.67 42.62 -31.78
CA LEU D 230 -49.51 42.84 -30.94
C LEU D 230 -48.77 44.12 -31.33
N GLU D 231 -48.73 44.44 -32.63
CA GLU D 231 -48.01 45.61 -33.11
C GLU D 231 -48.81 46.91 -33.01
N THR D 232 -50.13 46.88 -33.13
CA THR D 232 -50.92 48.11 -33.06
C THR D 232 -50.75 48.79 -31.70
N ARG D 233 -51.03 50.09 -31.68
CA ARG D 233 -50.89 50.90 -30.48
C ARG D 233 -52.18 51.12 -29.72
N ASN D 234 -53.32 50.71 -30.26
CA ASN D 234 -54.59 50.89 -29.58
C ASN D 234 -54.96 49.70 -28.69
N ILE D 235 -53.99 48.87 -28.31
CA ILE D 235 -54.24 47.69 -27.48
C ILE D 235 -53.20 47.59 -26.37
N ALA D 236 -53.67 47.52 -25.14
CA ALA D 236 -52.82 47.32 -23.97
C ALA D 236 -52.90 45.83 -23.65
N PHE D 237 -51.84 45.28 -23.05
CA PHE D 237 -51.82 43.85 -22.80
C PHE D 237 -51.71 43.47 -21.33
N PHE D 238 -52.23 42.27 -21.02
CA PHE D 238 -52.19 41.73 -19.68
C PHE D 238 -50.73 41.56 -19.26
N SER D 239 -50.43 41.93 -18.02
CA SER D 239 -49.13 41.87 -17.36
C SER D 239 -48.15 42.93 -17.85
N THR D 240 -48.56 43.85 -18.71
CA THR D 240 -47.68 44.91 -19.16
C THR D 240 -47.84 46.09 -18.21
N ASN D 241 -46.80 46.91 -18.10
CA ASN D 241 -46.79 48.04 -17.18
C ASN D 241 -46.73 49.37 -17.91
N CYS D 242 -47.66 50.26 -17.61
CA CYS D 242 -47.67 51.60 -18.19
C CYS D 242 -46.45 52.34 -17.64
N VAL D 243 -45.44 52.55 -18.49
CA VAL D 243 -44.21 53.20 -18.06
C VAL D 243 -44.44 54.67 -17.74
N GLU D 244 -44.85 55.44 -18.73
CA GLU D 244 -45.08 56.87 -18.56
C GLU D 244 -46.36 57.27 -19.28
N GLY D 245 -46.92 58.41 -18.86
CA GLY D 245 -48.14 58.91 -19.45
C GLY D 245 -49.36 58.21 -18.88
N THR D 246 -50.52 58.64 -19.37
CA THR D 246 -51.80 58.08 -18.93
C THR D 246 -52.66 57.79 -20.14
N ALA D 247 -53.52 56.77 -20.01
CA ALA D 247 -54.39 56.42 -21.13
C ALA D 247 -55.66 55.75 -20.63
N ARG D 248 -56.65 55.69 -21.51
CA ARG D 248 -57.94 55.08 -21.23
C ARG D 248 -58.19 53.93 -22.20
N GLY D 249 -59.09 53.04 -21.82
CA GLY D 249 -59.38 51.92 -22.71
C GLY D 249 -60.48 51.03 -22.18
N ILE D 250 -61.10 50.32 -23.12
CA ILE D 250 -62.19 49.39 -22.84
C ILE D 250 -61.62 47.98 -22.72
N VAL D 251 -62.00 47.26 -21.67
CA VAL D 251 -61.51 45.90 -21.46
C VAL D 251 -62.12 45.01 -22.54
N VAL D 252 -61.30 44.51 -23.45
CA VAL D 252 -61.78 43.64 -24.53
C VAL D 252 -61.70 42.18 -24.13
N TYR D 253 -60.58 41.74 -23.55
CA TYR D 253 -60.40 40.37 -23.12
C TYR D 253 -60.17 40.34 -21.62
N THR D 254 -60.73 39.33 -20.96
CA THR D 254 -60.61 39.22 -19.52
C THR D 254 -60.28 37.78 -19.12
N GLY D 255 -59.65 37.64 -17.96
CA GLY D 255 -59.29 36.32 -17.44
C GLY D 255 -58.33 35.57 -18.33
N ASP D 256 -58.64 34.28 -18.56
CA ASP D 256 -57.81 33.40 -19.37
C ASP D 256 -57.89 33.71 -20.85
N ARG D 257 -58.93 34.40 -21.30
CA ARG D 257 -59.08 34.74 -22.71
C ARG D 257 -58.08 35.79 -23.16
N THR D 258 -57.28 36.34 -22.26
CA THR D 258 -56.31 37.35 -22.62
C THR D 258 -55.16 36.72 -23.41
N VAL D 259 -54.29 37.58 -23.94
CA VAL D 259 -53.15 37.10 -24.73
C VAL D 259 -52.23 36.25 -23.87
N MET D 260 -51.71 36.83 -22.78
CA MET D 260 -50.83 36.07 -21.90
C MET D 260 -51.61 34.94 -21.23
N GLY D 261 -52.94 35.02 -21.19
CA GLY D 261 -53.73 33.94 -20.62
C GLY D 261 -53.70 32.73 -21.52
N ARG D 262 -53.85 32.95 -22.84
CA ARG D 262 -53.78 31.84 -23.77
C ARG D 262 -52.36 31.29 -23.81
N ILE D 263 -51.36 32.16 -23.60
CA ILE D 263 -49.98 31.70 -23.58
C ILE D 263 -49.72 30.81 -22.37
N ALA D 264 -50.21 31.22 -21.20
CA ALA D 264 -50.01 30.43 -19.99
C ALA D 264 -50.76 29.12 -20.06
N THR D 265 -52.00 29.14 -20.57
CA THR D 265 -52.76 27.91 -20.69
C THR D 265 -52.11 26.98 -21.72
N LEU D 266 -51.47 27.55 -22.74
CA LEU D 266 -50.77 26.72 -23.73
C LEU D 266 -49.55 26.09 -23.11
N ALA D 267 -48.77 26.87 -22.34
CA ALA D 267 -47.58 26.36 -21.69
C ALA D 267 -47.93 25.22 -20.73
N SER D 268 -48.99 25.39 -19.95
CA SER D 268 -49.39 24.34 -19.01
C SER D 268 -49.85 23.09 -19.76
N GLY D 269 -50.55 23.26 -20.88
CA GLY D 269 -51.04 22.14 -21.64
C GLY D 269 -50.14 21.60 -22.74
N LEU D 270 -48.83 21.56 -22.51
CA LEU D 270 -47.89 21.04 -23.49
C LEU D 270 -47.19 19.80 -22.94
N GLU D 271 -46.60 19.04 -23.86
CA GLU D 271 -45.88 17.82 -23.51
C GLU D 271 -44.42 18.13 -23.20
N GLY D 272 -43.88 17.44 -22.20
CA GLY D 272 -42.50 17.66 -21.83
C GLY D 272 -41.51 16.95 -22.72
N GLY D 273 -41.90 15.81 -23.29
CA GLY D 273 -41.02 15.05 -24.16
C GLY D 273 -40.18 14.04 -23.42
N GLN D 274 -39.15 13.55 -24.10
CA GLN D 274 -38.23 12.57 -23.54
C GLN D 274 -36.81 13.12 -23.62
N THR D 275 -36.20 13.35 -22.46
CA THR D 275 -34.84 13.87 -22.40
C THR D 275 -33.87 12.89 -23.07
N PRO D 276 -32.76 13.38 -23.64
CA PRO D 276 -31.82 12.45 -24.29
C PRO D 276 -31.22 11.44 -23.34
N ILE D 277 -30.86 11.86 -22.12
CA ILE D 277 -30.29 10.94 -21.14
C ILE D 277 -31.28 9.84 -20.77
N ALA D 278 -32.57 10.20 -20.66
CA ALA D 278 -33.58 9.19 -20.34
C ALA D 278 -33.68 8.16 -21.47
N ALA D 279 -33.67 8.63 -22.72
CA ALA D 279 -33.73 7.71 -23.85
C ALA D 279 -32.49 6.84 -23.88
N GLU D 280 -31.36 7.38 -23.41
CA GLU D 280 -30.13 6.61 -23.37
C GLU D 280 -30.24 5.51 -22.32
N ILE D 281 -30.84 5.81 -21.17
CA ILE D 281 -31.04 4.78 -20.15
C ILE D 281 -32.00 3.73 -20.70
N GLU D 282 -32.95 4.17 -21.53
CA GLU D 282 -33.89 3.23 -22.15
C GLU D 282 -33.16 2.25 -23.06
N HIS D 283 -32.29 2.76 -23.93
CA HIS D 283 -31.52 1.88 -24.81
C HIS D 283 -30.58 0.99 -24.00
N PHE D 284 -30.05 1.53 -22.90
CA PHE D 284 -29.17 0.75 -22.04
C PHE D 284 -29.92 -0.43 -21.45
N ILE D 285 -31.13 -0.18 -20.94
CA ILE D 285 -31.95 -1.24 -20.37
C ILE D 285 -32.33 -2.24 -21.46
N HIS D 286 -32.50 -1.76 -22.70
CA HIS D 286 -32.80 -2.69 -23.78
C HIS D 286 -31.68 -3.68 -23.97
N ILE D 287 -30.43 -3.22 -23.90
CA ILE D 287 -29.31 -4.15 -24.07
C ILE D 287 -29.14 -5.05 -22.85
N ILE D 288 -29.33 -4.50 -21.64
CA ILE D 288 -29.19 -5.30 -20.43
C ILE D 288 -30.21 -6.44 -20.43
N THR D 289 -31.48 -6.10 -20.65
CA THR D 289 -32.51 -7.13 -20.68
C THR D 289 -32.32 -8.05 -21.89
N GLY D 290 -31.72 -7.55 -22.98
CA GLY D 290 -31.48 -8.38 -24.13
C GLY D 290 -30.59 -9.55 -23.77
N VAL D 291 -29.42 -9.24 -23.20
CA VAL D 291 -28.52 -10.34 -22.83
C VAL D 291 -29.10 -11.14 -21.67
N ALA D 292 -29.90 -10.50 -20.80
CA ALA D 292 -30.49 -11.21 -19.67
C ALA D 292 -31.43 -12.31 -20.16
N VAL D 293 -32.32 -11.97 -21.10
CA VAL D 293 -33.26 -12.97 -21.61
C VAL D 293 -32.56 -13.94 -22.54
N PHE D 294 -31.49 -13.53 -23.23
CA PHE D 294 -30.79 -14.48 -24.10
C PHE D 294 -30.17 -15.57 -23.25
N LEU D 295 -29.42 -15.18 -22.21
CA LEU D 295 -28.80 -16.16 -21.34
C LEU D 295 -29.85 -16.98 -20.59
N GLY D 296 -30.90 -16.32 -20.09
CA GLY D 296 -31.93 -17.04 -19.37
C GLY D 296 -32.63 -18.11 -20.21
N VAL D 297 -33.00 -17.77 -21.44
CA VAL D 297 -33.69 -18.74 -22.30
C VAL D 297 -32.73 -19.83 -22.77
N SER D 298 -31.55 -19.44 -23.25
CA SER D 298 -30.59 -20.44 -23.72
C SER D 298 -30.18 -21.39 -22.61
N PHE D 299 -30.04 -20.88 -21.38
CA PHE D 299 -29.68 -21.77 -20.27
C PHE D 299 -30.89 -22.50 -19.73
N PHE D 300 -32.11 -21.99 -19.93
CA PHE D 300 -33.28 -22.74 -19.51
C PHE D 300 -33.39 -23.98 -20.37
N ILE D 301 -33.15 -23.80 -21.68
CA ILE D 301 -33.17 -24.91 -22.61
C ILE D 301 -32.03 -25.86 -22.32
N LEU D 302 -30.83 -25.32 -22.01
CA LEU D 302 -29.68 -26.16 -21.69
C LEU D 302 -29.92 -26.96 -20.41
N SER D 303 -30.48 -26.31 -19.38
CA SER D 303 -30.75 -26.98 -18.11
C SER D 303 -31.77 -28.08 -18.28
N LEU D 304 -32.80 -27.85 -19.09
CA LEU D 304 -33.77 -28.91 -19.31
C LEU D 304 -33.14 -30.04 -20.10
N ILE D 305 -32.23 -29.69 -21.02
CA ILE D 305 -31.54 -30.71 -21.80
C ILE D 305 -30.62 -31.53 -20.91
N LEU D 306 -30.11 -30.95 -19.83
CA LEU D 306 -29.22 -31.76 -19.00
C LEU D 306 -29.99 -32.80 -18.19
N GLU D 307 -30.58 -32.39 -17.06
CA GLU D 307 -31.36 -33.33 -16.26
C GLU D 307 -32.45 -32.69 -15.43
N TYR D 308 -32.27 -31.40 -15.12
CA TYR D 308 -33.18 -30.68 -14.23
C TYR D 308 -34.60 -30.63 -14.78
N THR D 309 -35.56 -30.67 -13.84
CA THR D 309 -36.98 -30.63 -14.11
C THR D 309 -37.43 -29.20 -14.38
N TRP D 310 -38.68 -29.07 -14.85
CA TRP D 310 -39.23 -27.75 -15.13
C TRP D 310 -39.25 -26.90 -13.87
N LEU D 311 -39.50 -27.53 -12.72
CA LEU D 311 -39.50 -26.82 -11.45
C LEU D 311 -38.16 -26.18 -11.19
N GLU D 312 -37.07 -26.91 -11.47
CA GLU D 312 -35.72 -26.40 -11.27
C GLU D 312 -35.29 -25.47 -12.39
N ALA D 313 -35.58 -25.84 -13.65
CA ALA D 313 -35.20 -25.01 -14.79
C ALA D 313 -35.86 -23.64 -14.73
N VAL D 314 -37.08 -23.53 -14.20
CA VAL D 314 -37.73 -22.23 -14.09
C VAL D 314 -36.97 -21.35 -13.10
N ILE D 315 -36.53 -21.96 -11.99
CA ILE D 315 -35.75 -21.23 -11.01
C ILE D 315 -34.42 -20.81 -11.61
N PHE D 316 -33.86 -21.63 -12.51
CA PHE D 316 -32.61 -21.28 -13.16
C PHE D 316 -32.80 -20.10 -14.10
N LEU D 317 -33.91 -20.11 -14.85
CA LEU D 317 -34.23 -19.01 -15.77
C LEU D 317 -34.34 -17.70 -15.01
N ILE D 318 -35.09 -17.72 -13.90
CA ILE D 318 -35.27 -16.51 -13.10
C ILE D 318 -33.94 -16.09 -12.47
N GLY D 319 -33.15 -17.04 -12.00
CA GLY D 319 -31.87 -16.68 -11.39
C GLY D 319 -30.90 -16.04 -12.38
N ILE D 320 -30.86 -16.56 -13.61
CA ILE D 320 -29.94 -16.02 -14.60
C ILE D 320 -30.39 -14.64 -15.06
N ILE D 321 -31.69 -14.43 -15.25
CA ILE D 321 -32.14 -13.11 -15.70
C ILE D 321 -31.99 -12.09 -14.57
N VAL D 322 -32.43 -12.45 -13.36
CA VAL D 322 -32.33 -11.54 -12.22
C VAL D 322 -30.88 -11.19 -11.91
N ALA D 323 -29.98 -12.18 -12.02
CA ALA D 323 -28.57 -11.91 -11.76
C ALA D 323 -27.98 -10.91 -12.75
N ASN D 324 -28.58 -10.79 -13.93
CA ASN D 324 -28.10 -9.90 -14.99
C ASN D 324 -28.66 -8.47 -14.87
N VAL D 325 -29.11 -8.07 -13.70
CA VAL D 325 -29.66 -6.73 -13.49
C VAL D 325 -28.78 -5.99 -12.49
N PRO D 326 -27.96 -5.02 -12.94
CA PRO D 326 -27.11 -4.25 -12.01
C PRO D 326 -27.96 -3.57 -10.95
N GLU D 327 -27.88 -4.08 -9.72
CA GLU D 327 -28.68 -3.54 -8.64
C GLU D 327 -28.16 -2.20 -8.15
N GLY D 328 -26.84 -2.02 -8.13
CA GLY D 328 -26.26 -0.79 -7.65
C GLY D 328 -26.09 0.30 -8.68
N LEU D 329 -26.21 -0.03 -9.96
CA LEU D 329 -26.07 1.01 -10.98
C LEU D 329 -27.14 2.08 -10.87
N LEU D 330 -28.29 1.77 -10.25
CA LEU D 330 -29.34 2.76 -10.10
C LEU D 330 -28.93 3.85 -9.11
N ALA D 331 -28.51 3.45 -7.91
CA ALA D 331 -28.09 4.43 -6.92
C ALA D 331 -26.83 5.15 -7.37
N THR D 332 -25.92 4.44 -8.03
CA THR D 332 -24.70 5.09 -8.48
C THR D 332 -24.97 6.12 -9.57
N VAL D 333 -25.81 5.79 -10.55
CA VAL D 333 -26.13 6.76 -11.61
C VAL D 333 -26.89 7.94 -11.02
N THR D 334 -27.81 7.68 -10.08
CA THR D 334 -28.55 8.76 -9.45
C THR D 334 -27.63 9.70 -8.71
N VAL D 335 -26.70 9.15 -7.91
CA VAL D 335 -25.77 9.99 -7.17
C VAL D 335 -24.84 10.73 -8.13
N CYS D 336 -24.46 10.09 -9.24
CA CYS D 336 -23.59 10.77 -10.22
C CYS D 336 -24.29 12.00 -10.77
N LEU D 337 -25.54 11.83 -11.20
CA LEU D 337 -26.32 12.95 -11.72
C LEU D 337 -26.49 14.02 -10.66
N THR D 338 -26.76 13.60 -9.42
CA THR D 338 -26.94 14.54 -8.32
C THR D 338 -25.65 15.31 -8.03
N LEU D 339 -24.49 14.66 -8.09
CA LEU D 339 -23.23 15.36 -7.85
C LEU D 339 -23.03 16.46 -8.88
N THR D 340 -23.29 16.14 -10.15
CA THR D 340 -23.15 17.18 -11.16
C THR D 340 -24.18 18.28 -10.93
N ALA D 341 -25.39 17.90 -10.50
CA ALA D 341 -26.41 18.91 -10.21
C ALA D 341 -26.00 19.77 -9.01
N LYS D 342 -25.19 19.21 -8.10
CA LYS D 342 -24.68 19.98 -6.98
C LYS D 342 -23.78 21.08 -7.51
N ARG D 343 -22.88 20.72 -8.44
CA ARG D 343 -22.03 21.73 -9.04
C ARG D 343 -22.88 22.76 -9.78
N MET D 344 -24.01 22.33 -10.32
CA MET D 344 -24.91 23.27 -11.00
C MET D 344 -25.49 24.26 -10.00
N ALA D 345 -25.93 23.77 -8.84
CA ALA D 345 -26.50 24.62 -7.81
C ALA D 345 -25.45 25.53 -7.18
N ARG D 346 -24.17 25.20 -7.29
CA ARG D 346 -23.14 26.06 -6.73
C ARG D 346 -23.01 27.35 -7.52
N LYS D 347 -23.13 27.27 -8.85
CA LYS D 347 -23.01 28.42 -9.73
C LYS D 347 -24.35 29.10 -10.02
N ASN D 348 -25.32 28.96 -9.11
CA ASN D 348 -26.65 29.55 -9.26
C ASN D 348 -27.36 29.09 -10.54
N CYS D 349 -27.03 27.87 -10.97
CA CYS D 349 -27.61 27.24 -12.16
C CYS D 349 -28.38 26.04 -11.64
N LEU D 350 -29.60 26.27 -11.17
CA LEU D 350 -30.42 25.21 -10.60
C LEU D 350 -31.20 24.47 -11.66
N VAL D 351 -31.34 23.16 -11.47
CA VAL D 351 -32.11 22.31 -12.38
C VAL D 351 -33.30 21.75 -11.60
N LYS D 352 -34.49 21.83 -12.20
CA LYS D 352 -35.64 21.27 -11.51
C LYS D 352 -35.68 19.76 -11.68
N ASN D 353 -35.34 19.29 -12.88
CA ASN D 353 -35.28 17.88 -13.23
C ASN D 353 -33.85 17.38 -13.03
N LEU D 354 -33.71 16.16 -12.52
CA LEU D 354 -32.39 15.60 -12.26
C LEU D 354 -31.64 15.31 -13.56
N GLU D 355 -32.24 14.53 -14.46
CA GLU D 355 -31.59 14.19 -15.71
C GLU D 355 -31.36 15.40 -16.60
N ALA D 356 -32.04 16.52 -16.33
CA ALA D 356 -31.84 17.74 -17.10
C ALA D 356 -30.41 18.24 -16.98
N VAL D 357 -29.65 17.73 -15.99
CA VAL D 357 -28.27 18.18 -15.85
C VAL D 357 -27.44 17.79 -17.07
N GLU D 358 -27.85 16.74 -17.80
CA GLU D 358 -27.08 16.31 -18.96
C GLU D 358 -27.52 16.90 -20.30
N THR D 359 -28.81 17.23 -20.44
CA THR D 359 -29.36 17.70 -21.71
C THR D 359 -28.55 18.82 -22.37
N LEU D 360 -27.93 19.72 -21.60
CA LEU D 360 -27.15 20.80 -22.21
C LEU D 360 -25.99 20.25 -23.05
N GLY D 361 -25.33 19.19 -22.56
CA GLY D 361 -24.21 18.64 -23.31
C GLY D 361 -24.60 18.05 -24.65
N SER D 362 -25.80 17.47 -24.72
CA SER D 362 -26.27 16.88 -25.97
C SER D 362 -26.85 17.90 -26.93
N THR D 363 -27.01 19.15 -26.50
CA THR D 363 -27.60 20.19 -27.34
C THR D 363 -26.73 20.52 -28.55
N SER D 364 -27.39 20.79 -29.67
CA SER D 364 -26.72 21.14 -30.92
C SER D 364 -27.40 22.31 -31.64
N THR D 365 -28.42 22.93 -31.04
CA THR D 365 -29.12 24.06 -31.64
C THR D 365 -29.72 24.88 -30.50
N ILE D 366 -29.18 26.07 -30.27
CA ILE D 366 -29.63 26.93 -29.19
C ILE D 366 -30.53 28.02 -29.74
N CYS D 367 -31.77 28.04 -29.25
CA CYS D 367 -32.74 29.05 -29.63
C CYS D 367 -32.77 30.02 -28.46
N SER D 368 -32.31 31.25 -28.68
CA SER D 368 -32.27 32.23 -27.61
C SER D 368 -33.23 33.39 -27.84
N PHD D 369 -33.67 33.98 -26.73
CA PHD D 369 -34.57 35.11 -26.75
C PHD D 369 -33.69 36.39 -26.68
O PHD D 369 -32.60 36.35 -26.03
CB PHD D 369 -35.58 35.06 -25.60
CG PHD D 369 -36.44 36.28 -25.44
OD1 PHD D 369 -37.39 36.44 -26.32
OD2 PHD D 369 -36.32 37.15 -24.56
P PHD D 369 -37.73 37.96 -26.61
OP1 PHD D 369 -36.48 38.68 -27.03
OP2 PHD D 369 -38.77 38.04 -27.70
OP3 PHD D 369 -38.26 38.60 -25.36
N LYS D 370 -34.11 37.49 -27.30
CA LYS D 370 -33.33 38.72 -27.28
C LYS D 370 -33.57 39.60 -26.05
N THR D 371 -34.78 40.12 -25.92
CA THR D 371 -35.12 41.00 -24.81
C THR D 371 -35.17 40.23 -23.50
N GLY D 372 -34.31 40.60 -22.56
CA GLY D 372 -34.25 39.99 -21.25
C GLY D 372 -33.37 38.77 -21.13
N THR D 373 -33.04 38.08 -22.23
CA THR D 373 -32.18 36.92 -22.16
C THR D 373 -30.83 37.20 -22.81
N LEU D 374 -30.82 37.50 -24.11
CA LEU D 374 -29.56 37.83 -24.76
C LEU D 374 -29.11 39.22 -24.34
N THR D 375 -30.07 40.07 -24.01
CA THR D 375 -29.86 41.45 -23.59
C THR D 375 -30.28 41.63 -22.13
N GLN D 376 -30.05 42.84 -21.63
CA GLN D 376 -30.38 43.20 -20.25
C GLN D 376 -31.79 43.76 -20.10
N ASN D 377 -32.50 44.03 -21.20
CA ASN D 377 -33.85 44.61 -21.19
C ASN D 377 -33.88 45.87 -20.30
N ARG D 378 -33.06 46.83 -20.72
CA ARG D 378 -32.92 48.10 -20.01
C ARG D 378 -32.19 49.07 -20.90
N MET D 379 -32.76 50.25 -21.13
CA MET D 379 -32.10 51.24 -21.97
C MET D 379 -30.82 51.70 -21.28
N THR D 380 -29.72 51.73 -22.04
CA THR D 380 -28.44 52.14 -21.48
C THR D 380 -27.72 53.00 -22.49
N VAL D 381 -27.02 54.02 -21.99
CA VAL D 381 -26.25 54.95 -22.81
C VAL D 381 -25.18 54.16 -23.53
N ALA D 382 -25.34 54.01 -24.84
CA ALA D 382 -24.38 53.24 -25.64
C ALA D 382 -23.20 54.09 -26.09
N HIS D 383 -23.46 55.11 -26.90
CA HIS D 383 -22.41 55.97 -27.43
C HIS D 383 -22.74 57.45 -27.24
N MET D 384 -21.68 58.26 -27.22
CA MET D 384 -21.75 59.69 -27.07
C MET D 384 -20.97 60.31 -28.22
N TRP D 385 -21.28 61.57 -28.51
CA TRP D 385 -20.65 62.32 -29.58
C TRP D 385 -20.01 63.56 -28.98
N SER D 386 -18.75 63.83 -29.31
CA SER D 386 -18.06 64.99 -28.78
C SER D 386 -16.83 65.24 -29.64
N ASP D 387 -16.64 66.49 -30.06
CA ASP D 387 -15.51 66.89 -30.90
C ASP D 387 -15.50 66.11 -32.21
N ASN D 388 -16.70 65.86 -32.76
CA ASN D 388 -16.89 65.09 -34.00
C ASN D 388 -16.28 63.70 -33.86
N GLN D 389 -16.25 63.20 -32.63
CA GLN D 389 -15.67 61.90 -32.33
C GLN D 389 -16.68 61.07 -31.54
N ILE D 390 -16.81 59.80 -31.91
CA ILE D 390 -17.71 58.87 -31.24
C ILE D 390 -16.98 58.27 -30.05
N HIS D 391 -17.61 58.32 -28.87
CA HIS D 391 -17.06 57.76 -27.65
C HIS D 391 -18.01 56.68 -27.16
N GLU D 392 -17.54 55.44 -27.14
CA GLU D 392 -18.37 54.32 -26.70
C GLU D 392 -18.25 54.15 -25.20
N ALA D 393 -19.38 54.17 -24.51
CA ALA D 393 -19.41 54.01 -23.07
C ALA D 393 -19.50 52.53 -22.71
N ASP D 394 -19.11 52.22 -21.48
CA ASP D 394 -19.18 50.85 -21.00
C ASP D 394 -20.63 50.48 -20.74
N THR D 395 -21.11 49.43 -21.41
CA THR D 395 -22.49 48.99 -21.27
C THR D 395 -22.61 47.61 -20.62
N THR D 396 -21.64 47.23 -19.80
CA THR D 396 -21.71 45.95 -19.12
C THR D 396 -22.63 46.08 -17.91
N GLU D 397 -23.29 44.97 -17.55
CA GLU D 397 -24.21 45.00 -16.43
C GLU D 397 -23.51 45.18 -15.10
N ASN D 398 -22.24 44.76 -14.99
CA ASN D 398 -21.48 44.89 -13.75
C ASN D 398 -20.37 45.94 -13.84
N GLN D 399 -20.33 46.72 -14.93
CA GLN D 399 -19.34 47.77 -15.16
C GLN D 399 -17.91 47.22 -15.11
N SER D 400 -17.62 46.40 -16.12
CA SER D 400 -16.31 45.76 -16.28
C SER D 400 -15.83 45.93 -17.72
N GLY D 401 -15.87 47.18 -18.21
CA GLY D 401 -15.44 47.45 -19.57
C GLY D 401 -14.58 48.68 -19.76
N VAL D 402 -14.43 49.11 -21.02
CA VAL D 402 -13.61 50.25 -21.36
C VAL D 402 -14.30 51.55 -20.98
N SER D 403 -13.56 52.45 -20.33
CA SER D 403 -14.05 53.76 -19.92
C SER D 403 -13.53 54.80 -20.90
N PHE D 404 -14.44 55.64 -21.40
CA PHE D 404 -14.07 56.67 -22.37
C PHE D 404 -13.24 57.77 -21.69
N ASP D 405 -12.80 58.73 -22.50
CA ASP D 405 -12.01 59.84 -21.98
C ASP D 405 -12.95 60.85 -21.34
N LYS D 406 -12.80 61.05 -20.02
CA LYS D 406 -13.66 61.98 -19.29
C LYS D 406 -12.88 63.12 -18.68
N THR D 407 -11.98 63.73 -19.46
CA THR D 407 -11.17 64.85 -19.00
C THR D 407 -11.23 66.06 -19.93
N SER D 408 -12.06 66.02 -20.97
CA SER D 408 -12.19 67.12 -21.92
C SER D 408 -13.28 68.09 -21.48
N ALA D 409 -13.23 69.30 -22.04
CA ALA D 409 -14.22 70.32 -21.69
C ALA D 409 -15.57 70.03 -22.35
N THR D 410 -15.56 69.41 -23.54
CA THR D 410 -16.80 69.09 -24.21
C THR D 410 -17.60 68.10 -23.38
N TRP D 411 -16.92 67.15 -22.73
CA TRP D 411 -17.61 66.20 -21.87
C TRP D 411 -18.09 66.87 -20.60
N LEU D 412 -17.29 67.76 -20.02
CA LEU D 412 -17.72 68.45 -18.80
C LEU D 412 -18.94 69.33 -19.06
N ALA D 413 -19.18 69.72 -20.32
CA ALA D 413 -20.36 70.50 -20.66
C ALA D 413 -21.54 69.58 -21.01
N LEU D 414 -21.27 68.54 -21.79
CA LEU D 414 -22.30 67.59 -22.19
C LEU D 414 -22.89 66.86 -20.98
N SER D 415 -22.02 66.51 -20.02
CA SER D 415 -22.48 65.82 -18.82
C SER D 415 -23.44 66.68 -18.02
N ARG D 416 -23.20 67.99 -18.00
CA ARG D 416 -24.11 68.87 -17.27
C ARG D 416 -25.41 69.06 -18.04
N ILE D 417 -25.33 69.09 -19.39
CA ILE D 417 -26.54 69.22 -20.18
C ILE D 417 -27.46 68.03 -19.92
N ALA D 418 -26.88 66.83 -19.83
CA ALA D 418 -27.69 65.63 -19.58
C ALA D 418 -28.09 65.50 -18.12
N GLY D 419 -27.16 65.71 -17.19
CA GLY D 419 -27.48 65.57 -15.78
C GLY D 419 -28.46 66.61 -15.25
N LEU D 420 -28.53 67.77 -15.91
CA LEU D 420 -29.44 68.83 -15.49
C LEU D 420 -30.75 68.76 -16.26
N CYS D 421 -30.69 68.84 -17.60
CA CYS D 421 -31.89 68.80 -18.43
C CYS D 421 -32.36 67.36 -18.54
N ASN D 422 -32.99 66.87 -17.47
CA ASN D 422 -33.51 65.52 -17.41
C ASN D 422 -34.46 65.35 -16.22
N ARG D 423 -35.65 64.82 -16.49
CA ARG D 423 -36.65 64.59 -15.45
C ARG D 423 -36.52 63.17 -14.90
N ALA D 424 -35.35 62.89 -14.33
CA ALA D 424 -35.06 61.57 -13.79
C ALA D 424 -34.36 61.70 -12.44
N VAL D 425 -34.87 60.99 -11.45
CA VAL D 425 -34.32 61.01 -10.10
C VAL D 425 -34.44 59.62 -9.48
N PHE D 426 -33.55 59.36 -8.53
CA PHE D 426 -33.53 58.13 -7.78
C PHE D 426 -34.66 58.17 -6.76
N GLN D 427 -35.00 57.00 -6.23
CA GLN D 427 -36.09 56.90 -5.26
C GLN D 427 -35.55 56.84 -3.82
N ALA D 428 -36.41 56.49 -2.87
CA ALA D 428 -36.06 56.43 -1.46
C ALA D 428 -34.99 55.40 -1.09
N ASN D 429 -35.29 54.11 -1.26
CA ASN D 429 -34.33 53.05 -0.91
C ASN D 429 -33.15 52.94 -1.86
N GLN D 430 -33.07 53.76 -2.91
CA GLN D 430 -31.96 53.67 -3.86
C GLN D 430 -30.70 54.29 -3.25
N GLU D 431 -30.13 53.58 -2.28
CA GLU D 431 -28.91 54.07 -1.65
C GLU D 431 -27.79 53.04 -1.69
N ASN D 432 -28.04 51.85 -1.13
CA ASN D 432 -27.05 50.78 -1.07
C ASN D 432 -26.93 50.00 -2.38
N LEU D 433 -27.96 50.02 -3.22
CA LEU D 433 -27.94 49.30 -4.49
C LEU D 433 -26.89 49.89 -5.42
N PRO D 434 -26.40 49.11 -6.40
CA PRO D 434 -25.41 49.63 -7.34
C PRO D 434 -25.99 50.76 -8.19
N ILE D 435 -25.12 51.41 -8.95
CA ILE D 435 -25.54 52.54 -9.78
C ILE D 435 -26.42 52.11 -10.95
N LEU D 436 -26.26 50.89 -11.45
CA LEU D 436 -27.07 50.44 -12.59
C LEU D 436 -28.36 49.72 -12.18
N LYS D 437 -28.24 48.70 -11.34
CA LYS D 437 -29.41 47.92 -10.93
C LYS D 437 -30.41 48.70 -10.08
N ARG D 438 -30.09 49.90 -9.62
CA ARG D 438 -31.03 50.66 -8.81
C ARG D 438 -32.19 51.17 -9.68
N ALA D 439 -33.32 51.39 -9.02
CA ALA D 439 -34.53 51.86 -9.70
C ALA D 439 -34.56 53.37 -9.84
N VAL D 440 -34.98 53.84 -11.01
CA VAL D 440 -35.08 55.26 -11.32
C VAL D 440 -36.53 55.56 -11.67
N ALA D 441 -37.04 56.70 -11.20
CA ALA D 441 -38.44 57.05 -11.46
C ALA D 441 -38.54 57.93 -12.69
N GLY D 442 -39.27 57.45 -13.73
CA GLY D 442 -39.45 58.25 -14.92
C GLY D 442 -39.23 57.45 -16.19
N ASP D 443 -38.90 58.20 -17.26
CA ASP D 443 -38.65 57.63 -18.58
C ASP D 443 -37.42 56.73 -18.57
N ALA D 444 -37.42 55.76 -19.48
CA ALA D 444 -36.28 54.84 -19.58
C ALA D 444 -35.05 55.55 -20.12
N SER D 445 -35.24 56.45 -21.09
CA SER D 445 -34.13 57.19 -21.67
C SER D 445 -33.48 58.09 -20.62
N GLU D 446 -34.30 58.84 -19.88
CA GLU D 446 -33.78 59.71 -18.84
C GLU D 446 -33.13 58.89 -17.73
N SER D 447 -33.61 57.65 -17.52
CA SER D 447 -33.00 56.79 -16.51
C SER D 447 -31.60 56.39 -16.94
N ALA D 448 -31.43 56.03 -18.22
CA ALA D 448 -30.11 55.66 -18.72
C ALA D 448 -29.16 56.84 -18.62
N LEU D 449 -29.65 58.04 -18.95
CA LEU D 449 -28.81 59.23 -18.86
C LEU D 449 -28.40 59.53 -17.41
N LEU D 450 -29.36 59.43 -16.49
CA LEU D 450 -29.07 59.68 -15.08
C LEU D 450 -28.03 58.69 -14.55
N LYS D 451 -28.16 57.42 -14.95
CA LYS D 451 -27.20 56.42 -14.49
C LYS D 451 -25.82 56.69 -15.08
N CYS D 452 -25.76 57.11 -16.35
CA CYS D 452 -24.46 57.38 -16.95
C CYS D 452 -23.77 58.57 -16.29
N ILE D 453 -24.52 59.60 -15.92
CA ILE D 453 -23.88 60.74 -15.27
C ILE D 453 -23.49 60.40 -13.83
N GLU D 454 -24.34 59.63 -13.13
CA GLU D 454 -24.05 59.23 -11.76
C GLU D 454 -22.89 58.24 -11.70
N LEU D 455 -22.57 57.58 -12.81
CA LEU D 455 -21.50 56.60 -12.87
C LEU D 455 -20.19 57.13 -13.42
N CYS D 456 -20.22 57.85 -14.54
CA CYS D 456 -19.01 58.37 -15.17
C CYS D 456 -18.72 59.83 -14.88
N CYS D 457 -19.54 60.51 -14.08
CA CYS D 457 -19.31 61.92 -13.78
C CYS D 457 -19.59 62.24 -12.31
N GLY D 458 -19.08 61.40 -11.41
CA GLY D 458 -19.28 61.65 -9.99
C GLY D 458 -20.67 61.39 -9.47
N SER D 459 -21.43 62.46 -9.17
CA SER D 459 -22.78 62.35 -8.66
C SER D 459 -23.65 63.45 -9.26
N VAL D 460 -24.93 63.12 -9.44
CA VAL D 460 -25.91 64.06 -10.02
C VAL D 460 -26.73 64.76 -8.95
N LYS D 461 -26.67 64.34 -7.70
CA LYS D 461 -27.42 64.98 -6.62
C LYS D 461 -26.96 66.42 -6.46
N GLU D 462 -25.70 66.56 -6.04
CA GLU D 462 -25.09 67.87 -5.84
C GLU D 462 -24.87 68.58 -7.17
N MET D 463 -24.84 67.84 -8.27
CA MET D 463 -24.65 68.45 -9.58
C MET D 463 -25.95 69.07 -10.08
N ARG D 464 -27.10 68.51 -9.68
CA ARG D 464 -28.38 69.06 -10.08
C ARG D 464 -28.75 70.24 -9.20
N GLU D 465 -28.54 70.12 -7.89
CA GLU D 465 -28.89 71.24 -7.03
C GLU D 465 -27.89 72.40 -7.14
N ARG D 466 -26.72 72.18 -7.74
CA ARG D 466 -25.74 73.25 -7.88
C ARG D 466 -26.21 74.32 -8.87
N TYR D 467 -27.00 73.92 -9.86
CA TYR D 467 -27.54 74.81 -10.88
C TYR D 467 -29.05 74.84 -10.64
N THR D 468 -29.49 75.81 -9.85
CA THR D 468 -30.91 75.93 -9.52
C THR D 468 -31.74 76.20 -10.78
N LYS D 469 -32.69 75.31 -11.06
CA LYS D 469 -33.54 75.45 -12.22
C LYS D 469 -34.54 76.58 -12.03
N ILE D 470 -34.65 77.45 -13.04
CA ILE D 470 -35.57 78.57 -12.97
C ILE D 470 -36.89 78.24 -13.66
N VAL D 471 -36.84 78.09 -14.98
CA VAL D 471 -38.02 77.79 -15.78
C VAL D 471 -37.67 76.65 -16.73
N GLU D 472 -38.57 75.67 -16.82
CA GLU D 472 -38.42 74.49 -17.66
C GLU D 472 -39.54 74.41 -18.69
N ILE D 473 -39.31 73.55 -19.68
CA ILE D 473 -40.22 73.24 -20.78
C ILE D 473 -40.09 71.74 -21.00
N PRO D 474 -41.09 70.95 -20.61
CA PRO D 474 -41.05 69.49 -20.80
C PRO D 474 -41.16 69.05 -22.25
N PHE D 475 -41.23 67.74 -22.47
CA PHE D 475 -41.34 67.23 -23.83
C PHE D 475 -42.67 67.65 -24.46
N ASN D 476 -42.61 68.03 -25.72
CA ASN D 476 -43.76 68.50 -26.48
C ASN D 476 -44.31 67.38 -27.37
N SER D 477 -45.60 67.47 -27.68
CA SER D 477 -46.24 66.47 -28.54
C SER D 477 -45.72 66.54 -29.96
N THR D 478 -45.39 67.75 -30.43
CA THR D 478 -44.84 67.99 -31.76
C THR D 478 -43.56 68.77 -31.57
N ASN D 479 -42.53 68.45 -32.37
CA ASN D 479 -41.22 69.08 -32.25
C ASN D 479 -40.69 68.86 -30.83
N LYS D 480 -40.70 67.59 -30.40
CA LYS D 480 -40.31 67.20 -29.05
C LYS D 480 -38.95 67.77 -28.65
N TYR D 481 -39.00 68.72 -27.72
CA TYR D 481 -37.82 69.39 -27.19
C TYR D 481 -38.03 69.56 -25.69
N GLN D 482 -36.94 69.48 -24.94
CA GLN D 482 -36.98 69.63 -23.49
C GLN D 482 -35.89 70.63 -23.12
N LEU D 483 -36.28 71.78 -22.59
CA LEU D 483 -35.29 72.79 -22.23
C LEU D 483 -35.53 73.29 -20.82
N SER D 484 -34.53 73.95 -20.28
CA SER D 484 -34.60 74.50 -18.94
C SER D 484 -33.43 75.44 -18.73
N ILE D 485 -33.65 76.47 -17.91
CA ILE D 485 -32.60 77.44 -17.61
C ILE D 485 -32.22 77.31 -16.14
N HIS D 486 -30.92 77.39 -15.86
CA HIS D 486 -30.40 77.25 -14.51
C HIS D 486 -29.40 78.36 -14.19
N LYS D 487 -29.19 78.57 -12.90
CA LYS D 487 -28.23 79.54 -12.41
C LYS D 487 -26.82 78.99 -12.56
N ASN D 488 -25.85 79.89 -12.65
CA ASN D 488 -24.46 79.49 -12.82
C ASN D 488 -23.67 79.68 -11.54
N PRO D 489 -23.12 78.61 -10.95
CA PRO D 489 -22.32 78.73 -9.73
C PRO D 489 -20.81 78.85 -9.96
N ASN D 490 -20.37 78.98 -11.21
CA ASN D 490 -18.94 79.11 -11.49
C ASN D 490 -18.41 80.41 -10.88
N THR D 491 -17.16 80.38 -10.44
CA THR D 491 -16.54 81.54 -9.83
C THR D 491 -15.83 82.41 -10.85
N ALA D 492 -16.32 82.41 -12.09
CA ALA D 492 -15.75 83.22 -13.16
C ALA D 492 -16.79 83.87 -14.07
N GLU D 493 -18.03 83.39 -14.10
CA GLU D 493 -19.05 83.95 -14.97
C GLU D 493 -20.45 83.79 -14.39
N PRO D 494 -21.20 84.87 -14.21
CA PRO D 494 -22.56 84.78 -13.66
C PRO D 494 -23.67 84.66 -14.69
N ARG D 495 -23.34 84.45 -15.96
CA ARG D 495 -24.36 84.33 -17.00
C ARG D 495 -25.20 83.08 -16.80
N HIS D 496 -26.49 83.18 -17.15
CA HIS D 496 -27.42 82.06 -17.00
C HIS D 496 -27.08 80.94 -17.97
N LEU D 497 -27.21 79.69 -17.49
CA LEU D 497 -26.92 78.51 -18.30
C LEU D 497 -28.22 77.91 -18.81
N LEU D 498 -28.46 77.98 -20.12
CA LEU D 498 -29.67 77.43 -20.72
C LEU D 498 -29.30 76.11 -21.39
N VAL D 499 -30.09 75.07 -21.17
CA VAL D 499 -29.81 73.76 -21.75
C VAL D 499 -31.06 73.21 -22.43
N MET D 500 -30.85 72.40 -23.47
CA MET D 500 -31.95 71.81 -24.21
C MET D 500 -31.52 70.51 -24.88
N LYS D 501 -32.43 69.55 -24.92
CA LYS D 501 -32.22 68.26 -25.55
C LYS D 501 -33.40 67.94 -26.45
N GLY D 502 -33.17 67.03 -27.39
CA GLY D 502 -34.22 66.64 -28.31
C GLY D 502 -33.68 65.84 -29.47
N ALA D 503 -34.57 65.49 -30.39
CA ALA D 503 -34.15 64.73 -31.56
C ALA D 503 -33.12 65.54 -32.34
N PRO D 504 -32.13 64.87 -32.96
CA PRO D 504 -31.09 65.63 -33.70
C PRO D 504 -31.63 66.49 -34.83
N GLU D 505 -32.77 66.14 -35.41
CA GLU D 505 -33.35 66.95 -36.49
C GLU D 505 -34.00 68.22 -35.97
N ARG D 506 -34.42 68.23 -34.70
CA ARG D 506 -35.03 69.41 -34.09
C ARG D 506 -33.97 70.33 -33.51
N ILE D 507 -32.82 69.78 -33.11
CA ILE D 507 -31.75 70.58 -32.55
C ILE D 507 -30.86 71.15 -33.65
N LEU D 508 -30.71 70.42 -34.78
CA LEU D 508 -29.92 70.95 -35.88
C LEU D 508 -30.57 72.19 -36.47
N ASP D 509 -31.91 72.24 -36.44
CA ASP D 509 -32.66 73.38 -36.95
C ASP D 509 -32.59 74.58 -36.00
N ARG D 510 -32.22 74.36 -34.75
CA ARG D 510 -32.14 75.44 -33.76
C ARG D 510 -30.75 75.58 -33.15
N CYS D 511 -29.71 75.55 -33.98
CA CYS D 511 -28.33 75.68 -33.51
C CYS D 511 -27.48 76.35 -34.58
N SER D 512 -26.52 77.17 -34.12
CA SER D 512 -25.60 77.86 -35.02
C SER D 512 -24.16 77.71 -34.55
N SER D 513 -23.95 77.51 -33.26
CA SER D 513 -22.62 77.35 -32.69
C SER D 513 -22.38 75.88 -32.36
N ILE D 514 -21.11 75.48 -32.39
CA ILE D 514 -20.68 74.11 -32.12
C ILE D 514 -19.50 74.15 -31.15
N LEU D 515 -19.57 73.36 -30.08
CA LEU D 515 -18.50 73.32 -29.09
C LEU D 515 -17.40 72.35 -29.50
N ILE D 516 -16.15 72.75 -29.22
CA ILE D 516 -14.97 71.93 -29.50
C ILE D 516 -13.88 72.27 -28.49
N HIS D 517 -13.50 71.27 -27.68
CA HIS D 517 -12.46 71.37 -26.66
C HIS D 517 -12.62 72.54 -25.70
N GLY D 518 -13.77 73.20 -25.69
CA GLY D 518 -14.01 74.32 -24.79
C GLY D 518 -14.42 75.60 -25.48
N LYS D 519 -14.07 75.78 -26.76
CA LYS D 519 -14.45 77.00 -27.47
C LYS D 519 -15.58 76.70 -28.46
N GLU D 520 -16.08 77.75 -29.11
CA GLU D 520 -17.18 77.62 -30.05
C GLU D 520 -16.71 77.87 -31.49
N GLN D 521 -17.52 77.40 -32.43
CA GLN D 521 -17.26 77.52 -33.85
C GLN D 521 -18.60 77.64 -34.57
N PRO D 522 -18.61 78.11 -35.83
CA PRO D 522 -19.89 78.23 -36.55
C PRO D 522 -20.40 76.86 -37.01
N LEU D 523 -21.54 76.83 -37.68
CA LEU D 523 -22.10 75.56 -38.17
C LEU D 523 -21.58 75.23 -39.57
N ASP D 524 -20.25 75.22 -39.71
CA ASP D 524 -19.64 74.91 -41.00
C ASP D 524 -20.03 73.50 -41.43
N GLU D 525 -20.39 73.36 -42.71
CA GLU D 525 -20.82 72.07 -43.23
C GLU D 525 -19.72 71.02 -43.22
N GLU D 526 -18.44 71.44 -43.10
CA GLU D 526 -17.34 70.48 -43.07
C GLU D 526 -17.45 69.57 -41.86
N LEU D 527 -17.97 70.09 -40.74
CA LEU D 527 -18.19 69.32 -39.53
C LEU D 527 -19.67 69.03 -39.30
N LYS D 528 -20.56 69.81 -39.91
CA LYS D 528 -21.98 69.54 -39.78
C LYS D 528 -22.37 68.27 -40.52
N ASP D 529 -21.81 68.06 -41.71
CA ASP D 529 -22.10 66.82 -42.43
C ASP D 529 -21.45 65.65 -41.71
N ALA D 530 -20.34 65.89 -41.01
CA ALA D 530 -19.73 64.82 -40.23
C ALA D 530 -20.63 64.47 -39.06
N PHE D 531 -21.40 65.46 -38.57
CA PHE D 531 -22.36 65.19 -37.52
C PHE D 531 -23.52 64.38 -38.08
N GLN D 532 -23.88 64.65 -39.33
CA GLN D 532 -24.96 63.90 -39.98
C GLN D 532 -24.56 62.44 -40.19
N ASN D 533 -23.31 62.21 -40.63
CA ASN D 533 -22.88 60.83 -40.83
C ASN D 533 -22.74 60.13 -39.47
N ALA D 534 -22.34 60.86 -38.42
CA ALA D 534 -22.27 60.24 -37.11
C ALA D 534 -23.66 59.89 -36.61
N TYR D 535 -24.64 60.75 -36.91
CA TYR D 535 -26.02 60.48 -36.51
C TYR D 535 -26.54 59.24 -37.21
N LEU D 536 -26.25 59.10 -38.51
CA LEU D 536 -26.71 57.91 -39.22
C LEU D 536 -25.90 56.68 -38.80
N GLU D 537 -24.70 56.88 -38.24
CA GLU D 537 -23.91 55.75 -37.76
C GLU D 537 -24.54 55.17 -36.50
N LEU D 538 -24.83 56.03 -35.52
CA LEU D 538 -25.45 55.54 -34.29
C LEU D 538 -26.91 55.18 -34.51
N GLY D 539 -27.59 55.79 -35.50
CA GLY D 539 -28.98 55.47 -35.76
C GLY D 539 -29.12 54.15 -36.48
N GLY D 540 -28.30 53.93 -37.52
CA GLY D 540 -28.34 52.68 -38.26
C GLY D 540 -27.87 51.50 -37.44
N LEU D 541 -27.16 51.75 -36.34
CA LEU D 541 -26.65 50.74 -35.42
C LEU D 541 -27.75 50.18 -34.52
N GLY D 542 -29.01 50.46 -34.81
CA GLY D 542 -30.13 49.99 -34.02
C GLY D 542 -30.36 50.74 -32.74
N GLU D 543 -29.63 51.83 -32.51
CA GLU D 543 -29.75 52.65 -31.31
C GLU D 543 -30.62 53.87 -31.55
N ARG D 544 -31.08 54.47 -30.45
CA ARG D 544 -31.91 55.67 -30.46
C ARG D 544 -31.00 56.82 -30.03
N VAL D 545 -30.89 57.84 -30.88
CA VAL D 545 -30.00 58.97 -30.63
C VAL D 545 -30.76 60.23 -30.25
N LEU D 546 -30.12 61.04 -29.40
CA LEU D 546 -30.62 62.31 -28.91
C LEU D 546 -29.52 63.35 -29.06
N GLY D 547 -29.90 64.62 -29.17
CA GLY D 547 -28.97 65.72 -29.32
C GLY D 547 -29.06 66.62 -28.10
N PHE D 548 -27.88 67.07 -27.64
CA PHE D 548 -27.75 67.92 -26.46
C PHE D 548 -27.03 69.22 -26.82
N CYS D 549 -27.61 70.35 -26.41
CA CYS D 549 -27.03 71.65 -26.68
C CYS D 549 -27.27 72.58 -25.50
N HIS D 550 -26.48 73.65 -25.44
CA HIS D 550 -26.62 74.62 -24.38
C HIS D 550 -26.12 75.98 -24.89
N LEU D 551 -26.41 77.02 -24.11
CA LEU D 551 -26.00 78.37 -24.46
C LEU D 551 -25.97 79.23 -23.22
N PHE D 552 -25.03 80.18 -23.22
CA PHE D 552 -24.85 81.12 -22.12
C PHE D 552 -25.72 82.33 -22.39
N LEU D 553 -26.74 82.54 -21.57
CA LEU D 553 -27.60 83.70 -21.75
C LEU D 553 -26.86 84.94 -21.29
N PRO D 554 -26.82 86.00 -22.10
CA PRO D 554 -26.09 87.21 -21.69
C PRO D 554 -26.76 87.86 -20.49
N ASP D 555 -26.02 87.95 -19.38
CA ASP D 555 -26.54 88.56 -18.15
C ASP D 555 -26.77 90.05 -18.29
N GLU D 556 -26.40 90.64 -19.43
CA GLU D 556 -26.61 92.06 -19.69
C GLU D 556 -27.98 92.32 -20.29
N GLN D 557 -28.50 91.35 -21.04
CA GLN D 557 -29.82 91.42 -21.66
C GLN D 557 -30.86 90.68 -20.85
N PHE D 558 -30.42 89.80 -19.94
CA PHE D 558 -31.29 89.03 -19.05
C PHE D 558 -30.56 89.00 -17.72
N PRO D 559 -30.70 90.05 -16.91
CA PRO D 559 -29.99 90.10 -15.62
C PRO D 559 -30.41 89.05 -14.59
N GLU D 560 -29.71 89.05 -13.45
CA GLU D 560 -29.96 88.12 -12.37
C GLU D 560 -31.33 88.32 -11.71
N GLY D 561 -31.99 89.44 -11.96
CA GLY D 561 -33.29 89.67 -11.37
C GLY D 561 -34.43 89.34 -12.31
N PHE D 562 -34.17 89.37 -13.61
CA PHE D 562 -35.20 89.07 -14.60
C PHE D 562 -35.66 87.63 -14.49
N GLN D 563 -36.98 87.42 -14.55
CA GLN D 563 -37.59 86.11 -14.47
C GLN D 563 -38.21 85.79 -15.82
N PHE D 564 -37.70 84.75 -16.48
CA PHE D 564 -38.13 84.33 -17.81
C PHE D 564 -39.33 83.37 -17.72
N ASP D 565 -40.51 83.96 -17.46
CA ASP D 565 -41.72 83.14 -17.38
C ASP D 565 -41.99 82.47 -18.73
N THR D 566 -42.43 81.21 -18.67
CA THR D 566 -42.67 80.39 -19.85
C THR D 566 -43.95 80.77 -20.61
N ASP D 567 -43.86 81.87 -21.37
CA ASP D 567 -45.00 82.29 -22.19
C ASP D 567 -44.59 82.70 -23.60
N ASP D 568 -43.56 83.54 -23.71
CA ASP D 568 -43.07 84.06 -24.98
C ASP D 568 -41.60 83.70 -25.18
N VAL D 569 -41.00 84.31 -26.20
CA VAL D 569 -39.60 84.06 -26.54
C VAL D 569 -38.66 84.79 -25.59
N ASN D 570 -38.32 84.14 -24.48
CA ASN D 570 -37.38 84.68 -23.50
C ASN D 570 -35.98 84.12 -23.67
N PHE D 571 -35.85 83.02 -24.42
CA PHE D 571 -34.60 82.34 -24.70
C PHE D 571 -34.42 82.23 -26.21
N PRO D 572 -33.20 82.40 -26.71
CA PRO D 572 -32.99 82.27 -28.15
C PRO D 572 -33.07 80.83 -28.63
N LEU D 573 -34.11 80.50 -29.40
CA LEU D 573 -34.27 79.13 -29.90
C LEU D 573 -33.07 78.74 -30.76
N ASP D 574 -32.65 79.63 -31.65
CA ASP D 574 -31.51 79.38 -32.52
C ASP D 574 -30.27 79.93 -31.84
N ASN D 575 -29.14 79.97 -32.57
CA ASN D 575 -27.86 80.47 -32.09
C ASN D 575 -27.34 79.70 -30.86
N LEU D 576 -27.79 78.46 -30.67
CA LEU D 576 -27.36 77.67 -29.54
C LEU D 576 -25.99 77.04 -29.84
N CYS D 577 -25.45 76.35 -28.83
CA CYS D 577 -24.16 75.68 -28.94
C CYS D 577 -24.38 74.19 -28.81
N PHE D 578 -24.29 73.48 -29.94
CA PHE D 578 -24.46 72.03 -29.95
C PHE D 578 -23.22 71.38 -29.37
N VAL D 579 -23.38 70.50 -28.39
CA VAL D 579 -22.22 69.85 -27.77
C VAL D 579 -22.03 68.44 -28.30
N GLY D 580 -23.11 67.69 -28.45
CA GLY D 580 -22.98 66.34 -28.96
C GLY D 580 -24.19 65.44 -28.80
N LEU D 581 -24.26 64.41 -29.63
CA LEU D 581 -25.33 63.44 -29.60
C LEU D 581 -25.07 62.39 -28.52
N ILE D 582 -26.13 61.73 -28.07
CA ILE D 582 -25.99 60.68 -27.07
C ILE D 582 -26.97 59.57 -27.45
N SER D 583 -26.45 58.43 -27.87
CA SER D 583 -27.30 57.31 -28.25
C SER D 583 -27.50 56.39 -27.05
N MET D 584 -28.41 55.43 -27.22
CA MET D 584 -28.72 54.48 -26.17
C MET D 584 -29.51 53.34 -26.77
N ILE D 585 -29.39 52.17 -26.14
CA ILE D 585 -30.07 50.97 -26.60
C ILE D 585 -30.03 49.96 -25.46
N ASP D 586 -30.86 48.93 -25.57
CA ASP D 586 -30.89 47.83 -24.62
C ASP D 586 -29.67 47.00 -24.97
N PRO D 587 -28.61 47.02 -24.16
CA PRO D 587 -27.38 46.30 -24.50
C PRO D 587 -27.40 44.86 -23.99
N PRO D 588 -26.58 43.99 -24.58
CA PRO D 588 -26.51 42.61 -24.12
C PRO D 588 -25.82 42.53 -22.77
N ARG D 589 -26.03 41.41 -22.08
CA ARG D 589 -25.44 41.20 -20.78
C ARG D 589 -23.92 41.04 -20.91
N ALA D 590 -23.24 41.11 -19.77
CA ALA D 590 -21.79 41.04 -19.71
C ALA D 590 -21.18 39.81 -20.39
N ALA D 591 -21.43 38.62 -19.85
CA ALA D 591 -20.86 37.40 -20.41
C ALA D 591 -21.66 36.82 -21.57
N VAL D 592 -22.58 37.57 -22.18
CA VAL D 592 -23.37 37.05 -23.29
C VAL D 592 -22.53 36.83 -24.56
N PRO D 593 -21.72 37.79 -25.03
CA PRO D 593 -20.95 37.53 -26.26
C PRO D 593 -19.99 36.37 -26.16
N ASP D 594 -19.20 36.31 -25.08
CA ASP D 594 -18.27 35.19 -24.92
C ASP D 594 -19.03 33.87 -24.88
N ALA D 595 -20.17 33.82 -24.19
CA ALA D 595 -20.95 32.59 -24.11
C ALA D 595 -21.42 32.15 -25.50
N VAL D 596 -21.88 33.12 -26.32
CA VAL D 596 -22.32 32.76 -27.67
C VAL D 596 -21.15 32.21 -28.47
N GLY D 597 -19.97 32.82 -28.31
CA GLY D 597 -18.80 32.35 -29.02
C GLY D 597 -18.39 30.95 -28.59
N LYS D 598 -18.44 30.67 -27.28
CA LYS D 598 -18.08 29.34 -26.80
C LYS D 598 -19.08 28.29 -27.28
N CYS D 599 -20.37 28.64 -27.33
CA CYS D 599 -21.35 27.67 -27.82
C CYS D 599 -21.11 27.39 -29.30
N ARG D 600 -20.81 28.43 -30.09
CA ARG D 600 -20.52 28.19 -31.49
C ARG D 600 -19.24 27.37 -31.65
N SER D 601 -18.29 27.55 -30.72
CA SER D 601 -17.04 26.80 -30.76
C SER D 601 -17.28 25.31 -30.61
N ALA D 602 -18.26 24.94 -29.79
CA ALA D 602 -18.59 23.54 -29.60
C ALA D 602 -19.45 22.98 -30.72
N GLY D 603 -19.65 23.75 -31.79
CA GLY D 603 -20.45 23.28 -32.90
C GLY D 603 -21.95 23.36 -32.67
N ILE D 604 -22.40 24.26 -31.80
CA ILE D 604 -23.81 24.42 -31.50
C ILE D 604 -24.36 25.58 -32.32
N LYS D 605 -25.44 25.32 -33.06
CA LYS D 605 -26.07 26.33 -33.89
C LYS D 605 -26.84 27.31 -33.02
N VAL D 606 -26.54 28.59 -33.14
CA VAL D 606 -27.19 29.63 -32.36
C VAL D 606 -28.21 30.34 -33.25
N ILE D 607 -29.47 30.32 -32.82
CA ILE D 607 -30.57 30.95 -33.55
C ILE D 607 -31.34 31.87 -32.63
N MET D 608 -31.43 33.16 -32.97
CA MET D 608 -32.17 34.10 -32.16
C MET D 608 -33.66 33.98 -32.49
N VAL D 609 -34.49 33.88 -31.46
CA VAL D 609 -35.94 33.78 -31.61
C VAL D 609 -36.54 34.83 -30.68
N THR D 610 -37.01 35.93 -31.25
CA THR D 610 -37.57 37.02 -30.48
C THR D 610 -38.71 37.70 -31.24
N GLY D 611 -39.57 38.36 -30.48
CA GLY D 611 -40.69 39.11 -30.99
C GLY D 611 -40.37 40.58 -31.21
N ASP D 612 -39.11 40.96 -31.02
CA ASP D 612 -38.66 42.34 -31.16
C ASP D 612 -38.60 42.73 -32.65
N HIS D 613 -38.28 44.00 -32.89
CA HIS D 613 -38.16 44.52 -34.24
C HIS D 613 -36.93 43.97 -34.95
N PRO D 614 -37.00 43.77 -36.26
CA PRO D 614 -35.85 43.22 -36.99
C PRO D 614 -34.64 44.13 -37.02
N ILE D 615 -34.85 45.45 -37.11
CA ILE D 615 -33.76 46.41 -37.18
C ILE D 615 -32.89 46.35 -35.93
N THR D 616 -33.47 46.00 -34.78
CA THR D 616 -32.73 45.89 -33.53
C THR D 616 -32.24 44.47 -33.30
N ALA D 617 -33.04 43.48 -33.73
CA ALA D 617 -32.66 42.08 -33.54
C ALA D 617 -31.41 41.75 -34.33
N LYS D 618 -31.31 42.23 -35.58
CA LYS D 618 -30.12 41.96 -36.37
C LYS D 618 -28.88 42.61 -35.78
N ALA D 619 -29.04 43.84 -35.24
CA ALA D 619 -27.91 44.53 -34.64
C ALA D 619 -27.42 43.81 -33.39
N ILE D 620 -28.34 43.36 -32.54
CA ILE D 620 -27.93 42.64 -31.33
C ILE D 620 -27.31 41.30 -31.72
N ALA D 621 -27.82 40.67 -32.78
CA ALA D 621 -27.27 39.41 -33.24
C ALA D 621 -25.83 39.60 -33.69
N LYS D 622 -25.57 40.64 -34.47
CA LYS D 622 -24.20 40.91 -34.90
C LYS D 622 -23.31 41.27 -33.71
N GLY D 623 -23.87 41.92 -32.71
CA GLY D 623 -23.09 42.32 -31.54
C GLY D 623 -22.76 41.20 -30.58
N VAL D 624 -23.53 40.12 -30.56
CA VAL D 624 -23.24 39.03 -29.63
C VAL D 624 -22.51 37.85 -30.30
N GLY D 625 -22.63 37.69 -31.60
CA GLY D 625 -21.95 36.61 -32.29
C GLY D 625 -22.85 35.67 -33.06
N ILE D 626 -24.18 35.84 -33.00
CA ILE D 626 -25.07 34.95 -33.75
C ILE D 626 -24.87 35.20 -35.24
N ILE D 627 -24.73 36.47 -35.63
CA ILE D 627 -24.51 36.87 -37.01
C ILE D 627 -23.05 37.32 -37.09
N SER D 628 -22.23 36.54 -37.81
CA SER D 628 -20.82 36.85 -37.94
C SER D 628 -20.58 38.10 -38.77
N GLU D 629 -19.56 38.87 -38.39
CA GLU D 629 -19.21 40.09 -39.11
C GLU D 629 -18.77 39.75 -40.52
N GLY D 630 -19.43 40.35 -41.51
CA GLY D 630 -19.09 40.08 -42.89
C GLY D 630 -20.21 39.38 -43.62
N ASN D 631 -20.90 38.46 -42.93
CA ASN D 631 -22.00 37.74 -43.54
C ASN D 631 -23.15 38.70 -43.82
N GLU D 632 -23.79 38.52 -44.98
CA GLU D 632 -24.89 39.37 -45.40
C GLU D 632 -26.18 38.56 -45.57
N THR D 633 -27.29 39.22 -45.26
CA THR D 633 -28.61 38.62 -45.40
C THR D 633 -29.06 38.74 -46.86
N VAL D 634 -30.24 38.21 -47.15
CA VAL D 634 -30.78 38.29 -48.50
C VAL D 634 -31.04 39.74 -48.89
N GLU D 635 -31.23 40.60 -47.89
CA GLU D 635 -31.49 42.02 -48.12
C GLU D 635 -30.22 42.86 -48.22
N ASP D 636 -29.17 42.51 -47.46
CA ASP D 636 -27.93 43.29 -47.50
C ASP D 636 -27.28 43.25 -48.88
N ILE D 637 -27.34 42.09 -49.55
CA ILE D 637 -26.74 41.98 -50.87
C ILE D 637 -27.56 42.78 -51.88
N ALA D 638 -28.88 42.74 -51.76
CA ALA D 638 -29.75 43.49 -52.66
C ALA D 638 -29.56 44.99 -52.47
N ALA D 639 -29.20 45.42 -51.25
CA ALA D 639 -28.97 46.84 -51.00
C ALA D 639 -27.58 47.26 -51.44
N ARG D 640 -26.60 46.36 -51.32
CA ARG D 640 -25.23 46.67 -51.74
C ARG D 640 -25.12 46.71 -53.26
N LEU D 641 -25.99 46.00 -53.96
CA LEU D 641 -25.96 45.99 -55.43
C LEU D 641 -26.95 46.96 -56.05
N ASN D 642 -27.76 47.66 -55.24
CA ASN D 642 -28.77 48.60 -55.73
C ASN D 642 -29.73 47.92 -56.70
N ILE D 643 -30.13 46.70 -56.34
CA ILE D 643 -31.03 45.89 -57.17
C ILE D 643 -32.18 45.39 -56.29
N PRO D 644 -33.29 44.99 -56.92
CA PRO D 644 -34.42 44.46 -56.14
C PRO D 644 -34.02 43.22 -55.37
N VAL D 645 -34.66 43.03 -54.21
CA VAL D 645 -34.36 41.88 -53.36
C VAL D 645 -34.80 40.57 -54.00
N SER D 646 -35.75 40.61 -54.93
CA SER D 646 -36.24 39.39 -55.59
C SER D 646 -35.24 38.80 -56.57
N GLN D 647 -34.14 39.49 -56.86
CA GLN D 647 -33.15 39.01 -57.81
C GLN D 647 -32.04 38.17 -57.18
N VAL D 648 -31.53 38.56 -56.02
CA VAL D 648 -30.44 37.83 -55.39
C VAL D 648 -30.85 36.39 -55.04
N ASN D 649 -29.90 35.48 -55.24
CA ASN D 649 -30.09 34.05 -54.98
C ASN D 649 -29.95 33.78 -53.48
N PRO D 650 -30.92 33.12 -52.84
CA PRO D 650 -30.80 32.85 -51.39
C PRO D 650 -29.59 32.01 -51.01
N ARG D 651 -28.97 31.29 -51.97
CA ARG D 651 -27.79 30.49 -51.64
C ARG D 651 -26.57 31.36 -51.42
N ASP D 652 -26.54 32.58 -51.97
CA ASP D 652 -25.42 33.49 -51.79
C ASP D 652 -25.46 34.19 -50.43
N ALA D 653 -26.51 33.98 -49.64
CA ALA D 653 -26.68 34.60 -48.33
C ALA D 653 -26.50 33.55 -47.24
N LYS D 654 -25.44 33.70 -46.44
CA LYS D 654 -25.20 32.75 -45.36
C LYS D 654 -26.21 32.95 -44.23
N ALA D 655 -26.33 34.19 -43.75
CA ALA D 655 -27.27 34.52 -42.69
C ALA D 655 -28.57 35.02 -43.31
N CYS D 656 -29.64 34.96 -42.51
CA CYS D 656 -30.92 35.44 -43.02
C CYS D 656 -31.83 35.81 -41.85
N VAL D 657 -32.59 36.88 -42.07
CA VAL D 657 -33.55 37.38 -41.07
C VAL D 657 -34.94 36.98 -41.54
N VAL D 658 -35.74 36.45 -40.62
CA VAL D 658 -37.10 36.03 -40.96
C VAL D 658 -38.10 36.81 -40.12
N HIS D 659 -38.96 37.57 -40.79
CA HIS D 659 -39.97 38.37 -40.12
C HIS D 659 -41.17 37.52 -39.74
N GLY D 660 -41.79 37.85 -38.61
CA GLY D 660 -42.97 37.13 -38.18
C GLY D 660 -44.11 37.31 -39.16
N SER D 661 -44.16 38.46 -39.84
CA SER D 661 -45.20 38.71 -40.83
C SER D 661 -45.13 37.68 -41.94
N ASP D 662 -43.91 37.34 -42.36
CA ASP D 662 -43.72 36.33 -43.39
C ASP D 662 -43.83 34.93 -42.82
N LEU D 663 -43.49 34.78 -41.53
CA LEU D 663 -43.54 33.48 -40.87
C LEU D 663 -44.94 32.90 -40.81
N LYS D 664 -45.98 33.75 -40.71
CA LYS D 664 -47.33 33.23 -40.64
C LYS D 664 -47.73 32.52 -41.93
N ASP D 665 -47.22 32.98 -43.06
CA ASP D 665 -47.51 32.38 -44.37
C ASP D 665 -46.43 31.38 -44.78
N MET D 666 -46.06 30.48 -43.87
CA MET D 666 -45.03 29.48 -44.13
C MET D 666 -45.54 28.07 -43.92
N THR D 667 -44.91 27.13 -44.62
CA THR D 667 -45.22 25.72 -44.54
C THR D 667 -44.10 25.03 -43.74
N SER D 668 -44.25 23.71 -43.52
CA SER D 668 -43.22 22.99 -42.79
C SER D 668 -41.95 22.85 -43.60
N GLU D 669 -42.09 22.52 -44.89
CA GLU D 669 -40.94 22.36 -45.77
C GLU D 669 -40.16 23.66 -45.93
N GLN D 670 -40.87 24.79 -46.01
CA GLN D 670 -40.19 26.07 -46.15
C GLN D 670 -39.32 26.35 -44.93
N LEU D 671 -39.85 26.07 -43.72
CA LEU D 671 -39.07 26.27 -42.51
C LEU D 671 -37.88 25.31 -42.50
N ASP D 672 -38.10 24.09 -43.00
CA ASP D 672 -37.03 23.11 -43.08
C ASP D 672 -35.89 23.64 -43.96
N ASP D 673 -36.25 24.24 -45.09
CA ASP D 673 -35.24 24.78 -46.00
C ASP D 673 -34.55 25.99 -45.40
N ILE D 674 -35.29 26.83 -44.67
CA ILE D 674 -34.67 28.01 -44.05
C ILE D 674 -33.60 27.57 -43.05
N LEU D 675 -33.89 26.52 -42.28
CA LEU D 675 -32.90 26.06 -41.31
C LEU D 675 -31.80 25.23 -41.95
N LYS D 676 -32.07 24.58 -43.08
CA LYS D 676 -31.08 23.73 -43.74
C LYS D 676 -30.04 24.51 -44.53
N TYR D 677 -30.46 25.57 -45.23
CA TYR D 677 -29.53 26.32 -46.07
C TYR D 677 -28.98 27.60 -45.43
N HIS D 678 -29.49 28.01 -44.28
CA HIS D 678 -29.00 29.22 -43.62
C HIS D 678 -28.38 28.83 -42.29
N THR D 679 -27.13 29.27 -42.07
CA THR D 679 -26.40 28.92 -40.85
C THR D 679 -26.65 29.89 -39.69
N GLU D 680 -26.86 31.18 -39.95
CA GLU D 680 -27.10 32.17 -38.91
C GLU D 680 -28.48 32.77 -39.15
N ILE D 681 -29.45 32.39 -38.32
CA ILE D 681 -30.83 32.83 -38.47
C ILE D 681 -31.28 33.65 -37.27
N VAL D 682 -32.11 34.66 -37.57
CA VAL D 682 -32.67 35.53 -36.53
C VAL D 682 -34.15 35.71 -36.89
N PHE D 683 -35.04 35.19 -36.03
CA PHE D 683 -36.47 35.29 -36.22
C PHE D 683 -36.97 36.49 -35.43
N ALA D 684 -37.46 37.51 -36.13
CA ALA D 684 -37.95 38.71 -35.48
C ALA D 684 -39.45 38.84 -35.65
N ARG D 685 -40.08 39.52 -34.68
CA ARG D 685 -41.52 39.77 -34.68
C ARG D 685 -42.33 38.47 -34.71
N THR D 686 -41.82 37.43 -34.03
CA THR D 686 -42.49 36.14 -33.98
C THR D 686 -43.31 36.03 -32.71
N SER D 687 -44.57 35.61 -32.86
CA SER D 687 -45.46 35.47 -31.73
C SER D 687 -45.04 34.26 -30.89
N PRO D 688 -45.50 34.16 -29.63
CA PRO D 688 -45.13 33.00 -28.81
C PRO D 688 -45.51 31.68 -29.46
N GLN D 689 -46.68 31.63 -30.11
CA GLN D 689 -47.09 30.42 -30.81
C GLN D 689 -46.11 30.12 -31.93
N GLN D 690 -45.63 31.18 -32.58
CA GLN D 690 -44.64 31.00 -33.65
C GLN D 690 -43.30 30.60 -33.05
N LYS D 691 -42.99 31.04 -31.83
CA LYS D 691 -41.75 30.60 -31.19
C LYS D 691 -41.79 29.09 -31.02
N LEU D 692 -42.94 28.59 -30.56
CA LEU D 692 -43.11 27.14 -30.42
C LEU D 692 -43.01 26.45 -31.77
N ILE D 693 -43.57 27.07 -32.83
CA ILE D 693 -43.49 26.48 -34.16
C ILE D 693 -42.04 26.40 -34.63
N ILE D 694 -41.24 27.41 -34.30
CA ILE D 694 -39.83 27.40 -34.68
C ILE D 694 -39.09 26.30 -33.93
N VAL D 695 -39.38 26.16 -32.63
CA VAL D 695 -38.73 25.11 -31.85
C VAL D 695 -39.09 23.75 -32.42
N GLU D 696 -40.35 23.55 -32.80
CA GLU D 696 -40.76 22.28 -33.40
C GLU D 696 -40.06 22.06 -34.72
N GLY D 697 -39.88 23.13 -35.51
CA GLY D 697 -39.19 23.00 -36.78
C GLY D 697 -37.76 22.56 -36.58
N CYS D 698 -37.11 23.07 -35.53
CA CYS D 698 -35.73 22.68 -35.24
C CYS D 698 -35.70 21.23 -34.79
N GLN D 699 -36.72 20.81 -34.02
CA GLN D 699 -36.78 19.43 -33.55
C GLN D 699 -37.05 18.46 -34.70
N ARG D 700 -37.67 18.94 -35.79
CA ARG D 700 -37.94 18.07 -36.93
C ARG D 700 -36.64 17.59 -37.57
N GLN D 701 -35.58 18.40 -37.46
CA GLN D 701 -34.28 18.02 -38.01
C GLN D 701 -33.68 16.84 -37.27
N GLY D 702 -34.07 16.62 -36.02
CA GLY D 702 -33.56 15.55 -35.21
C GLY D 702 -32.44 15.95 -34.27
N ALA D 703 -32.27 17.25 -34.02
CA ALA D 703 -31.23 17.77 -33.15
C ALA D 703 -31.81 18.22 -31.82
N ILE D 704 -30.99 18.14 -30.77
CA ILE D 704 -31.41 18.57 -29.44
C ILE D 704 -31.46 20.10 -29.42
N VAL D 705 -32.57 20.65 -28.92
CA VAL D 705 -32.78 22.09 -28.88
C VAL D 705 -32.90 22.56 -27.43
N ALA D 706 -32.30 23.71 -27.14
CA ALA D 706 -32.34 24.33 -25.82
C ALA D 706 -32.85 25.74 -26.00
N VAL D 707 -33.95 26.08 -25.35
CA VAL D 707 -34.54 27.41 -25.47
C VAL D 707 -34.24 28.20 -24.21
N THR D 708 -33.62 29.37 -24.38
CA THR D 708 -33.24 30.25 -23.27
C THR D 708 -34.06 31.54 -23.33
N GLY D 709 -34.91 31.76 -22.32
CA GLY D 709 -35.73 32.95 -22.29
C GLY D 709 -36.05 33.53 -20.92
N ASP D 710 -36.84 34.60 -20.95
CA ASP D 710 -37.27 35.28 -19.73
C ASP D 710 -38.76 35.66 -19.70
N GLY D 711 -39.32 36.13 -20.82
CA GLY D 711 -40.70 36.57 -20.85
C GLY D 711 -41.72 35.45 -21.00
N VAL D 712 -42.99 35.83 -20.87
CA VAL D 712 -44.08 34.86 -21.00
C VAL D 712 -44.13 34.28 -22.41
N ASN D 713 -43.61 35.00 -23.41
CA ASN D 713 -43.61 34.49 -24.77
C ASN D 713 -42.68 33.29 -24.91
N ASP D 714 -41.79 33.08 -23.95
CA ASP D 714 -40.87 31.95 -23.96
C ASP D 714 -41.45 30.74 -23.25
N SER D 715 -42.69 30.84 -22.72
CA SER D 715 -43.29 29.69 -22.06
C SER D 715 -43.60 28.57 -23.04
N PRO D 716 -44.31 28.80 -24.16
CA PRO D 716 -44.58 27.69 -25.08
C PRO D 716 -43.32 27.19 -25.77
N ALA D 717 -42.26 27.99 -25.80
CA ALA D 717 -41.02 27.58 -26.44
C ALA D 717 -40.12 26.82 -25.47
N SER D 718 -40.03 27.27 -24.22
CA SER D 718 -39.21 26.57 -23.24
C SER D 718 -39.84 25.27 -22.80
N LYS D 719 -41.18 25.18 -22.85
CA LYS D 719 -41.84 23.96 -22.43
C LYS D 719 -41.58 22.81 -23.42
N LYS D 720 -41.86 23.05 -24.71
CA LYS D 720 -41.68 22.02 -25.72
C LYS D 720 -40.22 21.73 -26.06
N ALA D 721 -39.30 22.63 -25.71
CA ALA D 721 -37.90 22.37 -26.02
C ALA D 721 -37.38 21.21 -25.17
N ASP D 722 -36.33 20.55 -25.67
CA ASP D 722 -35.74 19.43 -24.93
C ASP D 722 -35.30 19.89 -23.54
N ILE D 723 -34.95 21.17 -23.42
CA ILE D 723 -34.60 21.78 -22.15
C ILE D 723 -34.83 23.27 -22.27
N GLY D 724 -35.56 23.81 -21.31
CA GLY D 724 -35.87 25.22 -21.25
C GLY D 724 -35.01 25.83 -20.15
N VAL D 725 -34.49 27.02 -20.43
CA VAL D 725 -33.65 27.73 -19.48
C VAL D 725 -34.28 29.08 -19.26
N ALA D 726 -34.73 29.32 -18.04
CA ALA D 726 -35.36 30.58 -17.70
C ALA D 726 -34.44 31.41 -16.83
N MET D 727 -34.60 32.72 -16.92
CA MET D 727 -33.81 33.61 -16.10
C MET D 727 -34.42 33.64 -14.69
N GLY D 728 -33.58 33.43 -13.67
CA GLY D 728 -34.05 33.37 -12.30
C GLY D 728 -34.64 34.64 -11.73
N ILE D 729 -34.31 35.80 -12.29
CA ILE D 729 -34.85 37.05 -11.78
C ILE D 729 -35.52 37.85 -12.89
N ALA D 730 -34.81 38.05 -14.01
CA ALA D 730 -35.38 38.81 -15.12
C ALA D 730 -36.37 38.01 -15.93
N GLY D 731 -36.73 36.80 -15.50
CA GLY D 731 -37.68 35.99 -16.21
C GLY D 731 -39.04 36.03 -15.54
N SER D 732 -40.07 35.75 -16.34
CA SER D 732 -41.44 35.75 -15.84
C SER D 732 -41.74 34.41 -15.20
N ASP D 733 -42.71 34.41 -14.29
CA ASP D 733 -43.08 33.19 -13.57
C ASP D 733 -43.64 32.10 -14.47
N VAL D 734 -44.38 32.46 -15.52
CA VAL D 734 -44.95 31.44 -16.40
C VAL D 734 -43.86 30.67 -17.12
N SER D 735 -42.95 31.40 -17.78
CA SER D 735 -41.85 30.73 -18.47
C SER D 735 -40.85 30.14 -17.50
N LYS D 736 -40.76 30.69 -16.28
CA LYS D 736 -39.84 30.14 -15.30
C LYS D 736 -40.33 28.78 -14.81
N GLN D 737 -41.65 28.62 -14.73
CA GLN D 737 -42.22 27.34 -14.33
C GLN D 737 -42.18 26.36 -15.50
N ALA D 738 -42.40 26.87 -16.71
CA ALA D 738 -42.38 26.03 -17.91
C ALA D 738 -40.97 25.59 -18.30
N ALA D 739 -39.94 26.06 -17.61
CA ALA D 739 -38.57 25.68 -17.93
C ALA D 739 -38.13 24.45 -17.15
N ASP D 740 -36.98 23.92 -17.54
CA ASP D 740 -36.37 22.75 -16.90
C ASP D 740 -35.11 23.11 -16.15
N MET D 741 -34.56 24.31 -16.37
CA MET D 741 -33.37 24.79 -15.69
C MET D 741 -33.52 26.29 -15.50
N ILE D 742 -33.14 26.75 -14.30
CA ILE D 742 -33.23 28.13 -13.88
C ILE D 742 -31.83 28.68 -13.65
N LEU D 743 -31.59 29.91 -14.09
CA LEU D 743 -30.31 30.58 -13.90
C LEU D 743 -30.61 31.62 -12.82
N LEU D 744 -30.45 31.23 -11.56
CA LEU D 744 -30.74 32.13 -10.44
C LEU D 744 -29.96 33.43 -10.46
N ASP D 745 -28.82 33.47 -11.15
CA ASP D 745 -28.02 34.68 -11.24
C ASP D 745 -28.15 35.36 -12.59
N ASP D 746 -28.92 34.77 -13.51
CA ASP D 746 -29.13 35.26 -14.86
C ASP D 746 -27.85 35.35 -15.67
N ASN D 747 -26.78 34.72 -15.19
CA ASN D 747 -25.49 34.70 -15.89
C ASN D 747 -25.62 33.78 -17.09
N PHE D 748 -25.78 34.37 -18.28
CA PHE D 748 -25.93 33.56 -19.49
C PHE D 748 -24.74 32.64 -19.74
N ALA D 749 -23.57 32.93 -19.15
CA ALA D 749 -22.42 32.06 -19.33
C ALA D 749 -22.66 30.70 -18.68
N SER D 750 -23.64 30.62 -17.76
CA SER D 750 -23.97 29.35 -17.14
C SER D 750 -24.41 28.34 -18.18
N ILE D 751 -24.89 28.81 -19.35
CA ILE D 751 -25.25 27.87 -20.42
C ILE D 751 -23.99 27.15 -20.88
N VAL D 752 -22.88 27.89 -20.98
CA VAL D 752 -21.61 27.28 -21.37
C VAL D 752 -21.17 26.29 -20.31
N THR D 753 -21.24 26.71 -19.04
CA THR D 753 -20.89 25.78 -17.96
C THR D 753 -21.77 24.54 -18.02
N GLY D 754 -23.06 24.74 -18.33
CA GLY D 754 -24.00 23.65 -18.41
C GLY D 754 -23.68 22.67 -19.52
N VAL D 755 -23.40 23.16 -20.72
CA VAL D 755 -23.08 22.25 -21.81
C VAL D 755 -21.78 21.50 -21.52
N GLU D 756 -20.86 22.13 -20.77
CA GLU D 756 -19.63 21.42 -20.45
C GLU D 756 -19.90 20.31 -19.45
N GLU D 757 -20.61 20.61 -18.37
CA GLU D 757 -20.95 19.58 -17.38
C GLU D 757 -21.80 18.50 -18.02
N GLY D 758 -22.70 18.87 -18.94
CA GLY D 758 -23.54 17.90 -19.62
C GLY D 758 -22.75 16.91 -20.43
N ARG D 759 -21.61 17.33 -21.00
CA ARG D 759 -20.81 16.36 -21.74
C ARG D 759 -19.91 15.56 -20.79
N LEU D 760 -19.37 16.24 -19.77
CA LEU D 760 -18.50 15.59 -18.80
C LEU D 760 -19.22 14.45 -18.08
N ILE D 761 -20.38 14.74 -17.47
CA ILE D 761 -21.11 13.71 -16.77
C ILE D 761 -21.57 12.61 -17.72
N PHE D 762 -21.74 12.93 -19.01
CA PHE D 762 -22.10 11.88 -19.97
C PHE D 762 -20.99 10.84 -20.03
N ASP D 763 -19.75 11.32 -20.25
CA ASP D 763 -18.62 10.40 -20.31
C ASP D 763 -18.41 9.66 -18.99
N ASN D 764 -18.51 10.36 -17.86
CA ASN D 764 -18.33 9.70 -16.56
C ASN D 764 -19.43 8.68 -16.30
N LEU D 765 -20.66 8.95 -16.79
CA LEU D 765 -21.72 7.99 -16.63
C LEU D 765 -21.38 6.73 -17.39
N LYS D 766 -20.80 6.89 -18.59
CA LYS D 766 -20.36 5.73 -19.36
C LYS D 766 -19.34 4.91 -18.57
N LYS D 767 -18.33 5.60 -18.01
CA LYS D 767 -17.30 4.93 -17.23
C LYS D 767 -17.89 4.13 -16.06
N SER D 768 -18.76 4.79 -15.28
CA SER D 768 -19.36 4.13 -14.13
C SER D 768 -20.24 2.95 -14.57
N ILE D 769 -20.94 3.09 -15.69
CA ILE D 769 -21.78 2.01 -16.18
C ILE D 769 -20.92 0.83 -16.58
N ALA D 770 -19.83 1.06 -17.31
CA ALA D 770 -18.95 -0.04 -17.70
C ALA D 770 -18.35 -0.71 -16.48
N TYR D 771 -18.17 0.05 -15.39
CA TYR D 771 -17.63 -0.55 -14.17
C TYR D 771 -18.63 -1.49 -13.53
N THR D 772 -19.86 -1.01 -13.30
CA THR D 772 -20.87 -1.89 -12.69
C THR D 772 -21.23 -3.04 -13.61
N LEU D 773 -21.17 -2.83 -14.93
CA LEU D 773 -21.48 -3.88 -15.91
C LEU D 773 -20.36 -4.90 -16.04
N THR D 774 -19.17 -4.58 -15.58
CA THR D 774 -18.10 -5.56 -15.66
C THR D 774 -18.23 -6.61 -14.57
N SER D 775 -18.74 -6.22 -13.41
CA SER D 775 -18.91 -7.15 -12.30
C SER D 775 -20.01 -8.17 -12.52
N ASN D 776 -20.71 -8.19 -13.64
CA ASN D 776 -21.78 -9.18 -13.80
C ASN D 776 -21.27 -10.54 -14.26
N ILE D 777 -20.19 -10.57 -15.05
CA ILE D 777 -19.65 -11.86 -15.50
C ILE D 777 -19.14 -12.68 -14.33
N PRO D 778 -18.31 -12.16 -13.42
CA PRO D 778 -17.88 -12.99 -12.31
C PRO D 778 -18.96 -13.19 -11.26
N GLU D 779 -20.08 -12.48 -11.34
CA GLU D 779 -21.19 -12.67 -10.41
C GLU D 779 -22.14 -13.76 -10.88
N ILE D 780 -22.22 -13.99 -12.20
CA ILE D 780 -23.12 -15.01 -12.74
C ILE D 780 -22.39 -16.30 -13.12
N THR D 781 -21.17 -16.22 -13.65
CA THR D 781 -20.44 -17.44 -14.03
C THR D 781 -20.39 -18.51 -12.95
N PRO D 782 -20.25 -18.20 -11.64
CA PRO D 782 -20.27 -19.29 -10.65
C PRO D 782 -21.54 -20.11 -10.72
N PHE D 783 -22.68 -19.44 -10.86
CA PHE D 783 -23.95 -20.14 -10.97
C PHE D 783 -24.05 -20.93 -12.28
N LEU D 784 -23.54 -20.34 -13.37
CA LEU D 784 -23.58 -21.01 -14.67
C LEU D 784 -22.85 -22.35 -14.61
N ILE D 785 -21.57 -22.33 -14.23
CA ILE D 785 -20.86 -23.60 -14.17
C ILE D 785 -21.36 -24.45 -13.01
N PHE D 786 -22.05 -23.85 -12.03
CA PHE D 786 -22.64 -24.63 -10.95
C PHE D 786 -23.74 -25.52 -11.52
N ILE D 787 -24.45 -25.00 -12.52
CA ILE D 787 -25.51 -25.77 -13.15
C ILE D 787 -24.91 -26.78 -14.13
N ILE D 788 -23.91 -26.37 -14.90
CA ILE D 788 -23.32 -27.26 -15.91
C ILE D 788 -22.37 -28.32 -15.34
N ALA D 789 -21.24 -27.88 -14.75
CA ALA D 789 -20.26 -28.82 -14.23
C ALA D 789 -20.68 -29.50 -12.94
N ASN D 790 -21.78 -29.05 -12.31
CA ASN D 790 -22.28 -29.62 -11.06
C ASN D 790 -21.23 -29.63 -9.96
N ILE D 791 -20.62 -28.47 -9.74
CA ILE D 791 -19.59 -28.25 -8.73
C ILE D 791 -20.21 -27.50 -7.56
N PRO D 792 -19.60 -27.47 -6.36
CA PRO D 792 -20.20 -26.71 -5.27
C PRO D 792 -20.25 -25.23 -5.65
N LEU D 793 -21.24 -24.53 -5.13
CA LEU D 793 -21.45 -23.11 -5.43
C LEU D 793 -20.22 -22.28 -5.13
N PRO D 794 -19.59 -21.67 -6.15
CA PRO D 794 -18.37 -20.89 -5.88
C PRO D 794 -18.62 -19.55 -5.19
N LEU D 795 -19.69 -18.84 -5.54
CA LEU D 795 -20.00 -17.53 -4.98
C LEU D 795 -21.41 -17.50 -4.43
N GLY D 796 -21.55 -16.96 -3.21
CA GLY D 796 -22.84 -16.87 -2.57
C GLY D 796 -23.60 -15.61 -2.94
N THR D 797 -24.88 -15.59 -2.57
CA THR D 797 -25.73 -14.45 -2.85
C THR D 797 -25.37 -13.27 -1.98
N VAL D 798 -25.26 -13.50 -0.67
CA VAL D 798 -24.93 -12.46 0.29
C VAL D 798 -23.64 -11.76 -0.09
N THR D 799 -22.69 -12.53 -0.64
CA THR D 799 -21.43 -11.96 -1.08
C THR D 799 -21.65 -11.07 -2.31
N ILE D 800 -22.53 -11.51 -3.22
CA ILE D 800 -22.84 -10.70 -4.39
C ILE D 800 -23.43 -9.37 -3.96
N LEU D 801 -24.27 -9.40 -2.92
CA LEU D 801 -24.84 -8.16 -2.41
C LEU D 801 -23.74 -7.30 -1.80
N CYS D 802 -22.76 -7.93 -1.13
CA CYS D 802 -21.64 -7.19 -0.56
C CYS D 802 -20.73 -6.63 -1.65
N ILE D 803 -20.85 -7.10 -2.89
CA ILE D 803 -20.03 -6.58 -3.98
C ILE D 803 -20.76 -5.46 -4.71
N ASP D 804 -21.97 -5.76 -5.22
CA ASP D 804 -22.74 -4.79 -5.98
C ASP D 804 -23.17 -3.60 -5.12
N LEU D 805 -23.69 -3.87 -3.93
CA LEU D 805 -24.19 -2.83 -3.04
C LEU D 805 -23.29 -2.54 -1.86
N GLY D 806 -22.14 -3.19 -1.78
CA GLY D 806 -21.21 -3.00 -0.68
C GLY D 806 -19.99 -2.21 -1.07
N THR D 807 -18.94 -2.95 -1.45
CA THR D 807 -17.66 -2.36 -1.83
C THR D 807 -17.77 -1.42 -3.03
N ASP D 808 -18.17 -1.97 -4.19
CA ASP D 808 -18.26 -1.25 -5.47
C ASP D 808 -19.02 0.07 -5.44
N MET D 809 -19.83 0.34 -4.41
CA MET D 809 -20.59 1.59 -4.37
C MET D 809 -19.68 2.81 -4.38
N VAL D 810 -18.63 2.80 -3.57
CA VAL D 810 -17.71 3.94 -3.48
C VAL D 810 -16.89 4.05 -4.76
N PRO D 811 -16.31 2.97 -5.32
CA PRO D 811 -15.58 3.14 -6.60
C PRO D 811 -16.45 3.66 -7.73
N ALA D 812 -17.67 3.12 -7.87
CA ALA D 812 -18.56 3.58 -8.94
C ALA D 812 -18.94 5.04 -8.75
N ILE D 813 -19.16 5.47 -7.50
CA ILE D 813 -19.50 6.87 -7.25
C ILE D 813 -18.31 7.78 -7.56
N SER D 814 -17.10 7.37 -7.17
CA SER D 814 -15.92 8.19 -7.41
C SER D 814 -15.64 8.36 -8.89
N LEU D 815 -16.11 7.44 -9.72
CA LEU D 815 -15.87 7.55 -11.15
C LEU D 815 -16.59 8.75 -11.76
N ALA D 816 -17.51 9.38 -11.03
CA ALA D 816 -18.20 10.56 -11.52
C ALA D 816 -17.33 11.80 -11.37
N TYR D 817 -16.40 11.77 -10.41
CA TYR D 817 -15.50 12.88 -10.17
C TYR D 817 -14.35 12.96 -11.17
N GLU D 818 -14.32 12.08 -12.17
CA GLU D 818 -13.26 12.12 -13.17
C GLU D 818 -13.38 13.37 -14.02
N GLN D 819 -12.24 13.91 -14.40
CA GLN D 819 -12.22 15.12 -15.22
C GLN D 819 -12.06 14.76 -16.69
N ALA D 820 -11.99 15.81 -17.51
CA ALA D 820 -11.87 15.65 -18.95
C ALA D 820 -10.54 15.05 -19.35
N GLU D 821 -10.58 14.14 -20.32
CA GLU D 821 -9.38 13.52 -20.85
C GLU D 821 -8.77 14.35 -21.96
N SER D 822 -9.61 15.03 -22.74
CA SER D 822 -9.22 15.94 -23.81
C SER D 822 -10.13 17.16 -23.67
N ASP D 823 -10.13 18.05 -24.65
CA ASP D 823 -11.00 19.23 -24.56
C ASP D 823 -12.39 18.84 -25.04
N ILE D 824 -13.36 18.86 -24.13
CA ILE D 824 -14.74 18.49 -24.50
C ILE D 824 -15.44 19.66 -25.17
N MET D 825 -15.08 20.90 -24.82
CA MET D 825 -15.72 22.04 -25.45
C MET D 825 -15.20 22.29 -26.87
N LYS D 826 -14.38 21.37 -27.38
CA LYS D 826 -13.82 21.42 -28.73
C LYS D 826 -14.56 20.51 -29.70
N ARG D 827 -14.96 19.32 -29.25
CA ARG D 827 -15.66 18.36 -30.08
C ARG D 827 -17.08 18.80 -30.37
N GLN D 828 -17.63 18.26 -31.46
CA GLN D 828 -18.99 18.54 -31.88
C GLN D 828 -19.99 17.79 -30.99
N PRO D 829 -21.25 18.23 -30.96
CA PRO D 829 -22.24 17.53 -30.14
C PRO D 829 -22.43 16.10 -30.63
N ARG D 830 -22.60 15.18 -29.69
CA ARG D 830 -22.78 13.77 -30.01
C ARG D 830 -23.97 13.52 -30.91
N ASN D 831 -23.82 12.56 -31.82
CA ASN D 831 -24.91 12.17 -32.68
C ASN D 831 -25.85 11.29 -31.88
N PRO D 832 -27.15 11.63 -31.80
CA PRO D 832 -28.06 10.80 -30.99
C PRO D 832 -28.27 9.40 -31.53
N LYS D 833 -28.19 9.19 -32.85
CA LYS D 833 -28.38 7.88 -33.44
C LYS D 833 -27.12 7.02 -33.44
N THR D 834 -25.95 7.60 -33.16
CA THR D 834 -24.69 6.85 -33.19
C THR D 834 -24.01 6.71 -31.84
N ASP D 835 -23.69 7.81 -31.17
CA ASP D 835 -23.00 7.77 -29.89
C ASP D 835 -24.01 7.52 -28.77
N LYS D 836 -24.31 6.24 -28.57
CA LYS D 836 -25.25 5.84 -27.55
C LYS D 836 -24.54 5.78 -26.19
N LEU D 837 -25.32 5.94 -25.12
CA LEU D 837 -24.73 5.91 -23.78
C LEU D 837 -24.05 4.59 -23.51
N VAL D 838 -24.71 3.48 -23.87
CA VAL D 838 -24.16 2.14 -23.70
C VAL D 838 -24.33 1.46 -25.05
N ASN D 839 -23.32 1.56 -25.90
CA ASN D 839 -23.34 0.97 -27.23
C ASN D 839 -22.88 -0.47 -27.15
N GLU D 840 -22.96 -1.17 -28.29
CA GLU D 840 -22.55 -2.58 -28.33
C GLU D 840 -21.05 -2.74 -28.17
N GLN D 841 -20.30 -1.65 -28.03
CA GLN D 841 -18.85 -1.70 -27.84
C GLN D 841 -18.49 -1.82 -26.36
N LEU D 842 -19.29 -1.18 -25.49
CA LEU D 842 -19.05 -1.27 -24.05
C LEU D 842 -19.35 -2.68 -23.54
N ILE D 843 -20.37 -3.32 -24.11
CA ILE D 843 -20.75 -4.67 -23.73
C ILE D 843 -19.64 -5.65 -24.12
N SER D 844 -18.96 -5.38 -25.23
CA SER D 844 -17.86 -6.22 -25.66
C SER D 844 -16.70 -6.17 -24.68
N MET D 845 -16.61 -5.07 -23.92
CA MET D 845 -15.54 -4.93 -22.91
C MET D 845 -15.95 -5.48 -21.54
N ALA D 846 -17.02 -4.93 -20.97
CA ALA D 846 -17.49 -5.36 -19.64
C ALA D 846 -17.91 -6.82 -19.65
N TYR D 847 -18.95 -7.15 -20.43
CA TYR D 847 -19.43 -8.52 -20.49
C TYR D 847 -18.48 -9.41 -21.28
N GLY D 848 -17.81 -8.88 -22.29
CA GLY D 848 -16.94 -9.68 -23.13
C GLY D 848 -15.50 -9.96 -22.78
N GLN D 849 -14.70 -8.96 -22.40
CA GLN D 849 -13.29 -9.19 -22.13
C GLN D 849 -12.86 -9.03 -20.67
N ILE D 850 -13.15 -7.90 -20.03
CA ILE D 850 -12.70 -7.67 -18.66
C ILE D 850 -13.43 -8.56 -17.67
N GLY D 851 -14.77 -8.56 -17.73
CA GLY D 851 -15.54 -9.41 -16.82
C GLY D 851 -15.15 -10.87 -16.92
N MET D 852 -14.73 -11.30 -18.11
CA MET D 852 -14.32 -12.68 -18.31
C MET D 852 -13.08 -13.01 -17.48
N ILE D 853 -12.08 -12.12 -17.51
CA ILE D 853 -10.87 -12.32 -16.72
C ILE D 853 -11.22 -12.31 -15.24
N GLN D 854 -12.14 -11.43 -14.84
CA GLN D 854 -12.54 -11.39 -13.43
C GLN D 854 -13.17 -12.72 -13.01
N ALA D 855 -13.95 -13.33 -13.92
CA ALA D 855 -14.55 -14.62 -13.63
C ALA D 855 -13.48 -15.70 -13.49
N LEU D 856 -12.44 -15.62 -14.34
CA LEU D 856 -11.36 -16.61 -14.26
C LEU D 856 -10.61 -16.49 -12.94
N GLY D 857 -10.33 -15.26 -12.51
CA GLY D 857 -9.64 -15.08 -11.24
C GLY D 857 -10.47 -15.63 -10.09
N GLY D 858 -11.79 -15.45 -10.15
CA GLY D 858 -12.64 -15.98 -9.11
C GLY D 858 -12.59 -17.50 -9.06
N PHE D 859 -12.67 -18.14 -10.23
CA PHE D 859 -12.60 -19.61 -10.26
C PHE D 859 -11.23 -20.11 -9.82
N PHE D 860 -10.18 -19.32 -10.07
CA PHE D 860 -8.84 -19.73 -9.65
C PHE D 860 -8.77 -19.78 -8.14
N THR D 861 -9.16 -18.70 -7.46
CA THR D 861 -9.15 -18.69 -6.00
C THR D 861 -10.06 -19.79 -5.46
N TYR D 862 -11.18 -20.06 -6.16
CA TYR D 862 -12.10 -21.13 -5.76
C TYR D 862 -11.39 -22.48 -5.72
N PHE D 863 -10.76 -22.85 -6.83
CA PHE D 863 -10.05 -24.12 -6.88
C PHE D 863 -8.88 -24.16 -5.91
N VAL D 864 -8.24 -23.01 -5.65
CA VAL D 864 -7.12 -22.99 -4.71
C VAL D 864 -7.63 -23.34 -3.31
N ILE D 865 -8.72 -22.70 -2.89
CA ILE D 865 -9.31 -22.95 -1.59
C ILE D 865 -9.72 -24.40 -1.45
N LEU D 866 -10.37 -24.94 -2.47
CA LEU D 866 -10.85 -26.32 -2.38
C LEU D 866 -9.70 -27.33 -2.47
N ALA D 867 -8.72 -27.08 -3.33
CA ALA D 867 -7.61 -28.00 -3.50
C ALA D 867 -6.70 -28.04 -2.29
N GLU D 868 -6.51 -26.91 -1.61
CA GLU D 868 -5.64 -26.95 -0.44
C GLU D 868 -6.32 -27.64 0.75
N ASN D 869 -7.66 -27.62 0.79
CA ASN D 869 -8.38 -28.26 1.89
C ASN D 869 -8.66 -29.74 1.64
N GLY D 870 -8.15 -30.31 0.54
CA GLY D 870 -8.33 -31.72 0.25
C GLY D 870 -9.20 -32.06 -0.94
N PHE D 871 -9.84 -31.08 -1.57
CA PHE D 871 -10.72 -31.34 -2.72
C PHE D 871 -10.04 -30.85 -4.00
N LEU D 872 -9.37 -31.76 -4.69
CA LEU D 872 -8.70 -31.43 -5.93
C LEU D 872 -9.74 -30.90 -6.93
N PRO D 873 -9.34 -29.97 -7.81
CA PRO D 873 -10.32 -29.39 -8.75
C PRO D 873 -11.01 -30.40 -9.66
N ILE D 874 -10.27 -31.39 -10.16
CA ILE D 874 -10.87 -32.39 -11.05
C ILE D 874 -11.94 -33.21 -10.33
N HIS D 875 -11.76 -33.45 -9.02
CA HIS D 875 -12.69 -34.22 -8.22
C HIS D 875 -13.98 -33.47 -7.89
N LEU D 876 -13.99 -32.15 -8.06
CA LEU D 876 -15.15 -31.34 -7.74
C LEU D 876 -16.28 -31.47 -8.76
N LEU D 877 -16.07 -32.20 -9.86
CA LEU D 877 -17.11 -32.34 -10.87
C LEU D 877 -18.19 -33.31 -10.42
N GLY D 878 -19.45 -32.91 -10.60
CA GLY D 878 -20.58 -33.73 -10.21
C GLY D 878 -20.70 -33.96 -8.72
N LEU D 879 -19.99 -33.17 -7.92
CA LEU D 879 -19.99 -33.32 -6.47
C LEU D 879 -21.13 -32.58 -5.79
N ARG D 880 -21.66 -31.51 -6.41
CA ARG D 880 -22.73 -30.71 -5.80
C ARG D 880 -23.98 -31.53 -5.51
N VAL D 881 -24.21 -32.61 -6.26
CA VAL D 881 -25.40 -33.43 -6.02
C VAL D 881 -25.41 -33.91 -4.58
N ASN D 882 -24.29 -34.45 -4.12
CA ASN D 882 -24.17 -34.90 -2.74
C ASN D 882 -23.59 -33.83 -1.83
N TRP D 883 -22.91 -32.83 -2.38
CA TRP D 883 -22.35 -31.75 -1.57
C TRP D 883 -23.47 -30.96 -0.92
N ASP D 884 -24.49 -30.59 -1.69
CA ASP D 884 -25.63 -29.84 -1.17
C ASP D 884 -26.55 -30.66 -0.27
N ASP D 885 -26.44 -31.99 -0.28
CA ASP D 885 -27.29 -32.80 0.59
C ASP D 885 -26.97 -32.46 2.04
N ARG D 886 -28.01 -32.23 2.83
CA ARG D 886 -27.88 -31.84 4.23
C ARG D 886 -27.69 -33.02 5.18
N TRP D 887 -27.66 -34.26 4.68
CA TRP D 887 -27.52 -35.40 5.57
C TRP D 887 -26.35 -36.31 5.27
N ILE D 888 -25.72 -36.20 4.09
CA ILE D 888 -24.58 -37.04 3.79
C ILE D 888 -23.39 -36.45 4.53
N ASN D 889 -23.16 -36.92 5.76
CA ASN D 889 -22.09 -36.41 6.58
C ASN D 889 -20.76 -37.14 6.37
N ASP D 890 -20.64 -37.90 5.27
CA ASP D 890 -19.40 -38.60 4.92
C ASP D 890 -19.21 -38.41 3.42
N VAL D 891 -18.62 -37.26 3.06
CA VAL D 891 -18.37 -36.92 1.66
C VAL D 891 -16.87 -37.10 1.43
N GLU D 892 -16.51 -38.08 0.61
CA GLU D 892 -15.11 -38.35 0.35
C GLU D 892 -14.50 -37.32 -0.59
N ASP D 893 -13.34 -36.78 -0.18
CA ASP D 893 -12.59 -35.80 -0.97
C ASP D 893 -11.60 -36.57 -1.85
N SER D 894 -10.55 -35.89 -2.30
CA SER D 894 -9.55 -36.56 -3.13
C SER D 894 -8.52 -37.30 -2.30
N TYR D 895 -8.50 -37.06 -0.99
CA TYR D 895 -7.56 -37.72 -0.08
C TYR D 895 -8.25 -38.80 0.75
N GLY D 896 -9.50 -39.13 0.44
CA GLY D 896 -10.24 -40.15 1.15
C GLY D 896 -10.88 -39.72 2.46
N GLN D 897 -10.78 -38.45 2.84
CA GLN D 897 -11.37 -38.00 4.08
C GLN D 897 -12.88 -37.87 3.97
N GLN D 898 -13.57 -38.02 5.11
CA GLN D 898 -15.02 -37.93 5.19
C GLN D 898 -15.38 -36.59 5.83
N TRP D 899 -16.11 -35.75 5.09
CA TRP D 899 -16.51 -34.44 5.55
C TRP D 899 -17.98 -34.42 5.94
N THR D 900 -18.29 -33.80 7.08
CA THR D 900 -19.67 -33.70 7.53
C THR D 900 -20.39 -32.65 6.67
N TYR D 901 -21.66 -32.38 7.00
CA TYR D 901 -22.39 -31.38 6.22
C TYR D 901 -21.88 -29.98 6.51
N GLU D 902 -21.90 -29.57 7.77
CA GLU D 902 -21.44 -28.22 8.11
C GLU D 902 -19.95 -28.02 7.80
N GLN D 903 -19.13 -29.07 7.91
CA GLN D 903 -17.70 -28.90 7.59
C GLN D 903 -17.50 -28.49 6.13
N ARG D 904 -18.08 -29.25 5.20
CA ARG D 904 -17.93 -28.88 3.79
C ARG D 904 -18.69 -27.60 3.49
N LYS D 905 -19.78 -27.32 4.22
CA LYS D 905 -20.48 -26.05 3.99
C LYS D 905 -19.64 -24.89 4.46
N ILE D 906 -18.86 -25.10 5.52
CA ILE D 906 -17.95 -24.06 6.01
C ILE D 906 -16.91 -23.80 4.95
N VAL D 907 -16.47 -24.85 4.25
CA VAL D 907 -15.49 -24.62 3.19
C VAL D 907 -16.14 -23.86 2.03
N GLU D 908 -17.39 -24.17 1.69
CA GLU D 908 -18.06 -23.45 0.60
C GLU D 908 -18.27 -21.98 0.96
N PHE D 909 -18.64 -21.70 2.21
CA PHE D 909 -18.85 -20.31 2.62
C PHE D 909 -17.52 -19.58 2.77
N THR D 910 -16.50 -20.27 3.28
CA THR D 910 -15.17 -19.71 3.39
C THR D 910 -14.50 -19.69 2.03
N CYS D 911 -15.24 -20.14 1.01
CA CYS D 911 -14.88 -20.10 -0.39
C CYS D 911 -15.65 -19.00 -1.10
N HIS D 912 -16.79 -18.59 -0.53
CA HIS D 912 -17.57 -17.47 -1.06
C HIS D 912 -16.91 -16.17 -0.64
N THR D 913 -16.45 -16.11 0.61
CA THR D 913 -15.76 -14.91 1.10
C THR D 913 -14.54 -14.56 0.25
N PRO D 914 -13.63 -15.49 -0.08
CA PRO D 914 -12.49 -15.11 -0.93
C PRO D 914 -12.90 -14.87 -2.35
N PHE D 915 -13.99 -15.48 -2.84
CA PHE D 915 -14.44 -15.17 -4.19
C PHE D 915 -14.84 -13.71 -4.24
N PHE D 916 -15.52 -13.25 -3.18
CA PHE D 916 -15.93 -11.86 -3.06
C PHE D 916 -14.70 -10.95 -2.96
N VAL D 917 -13.70 -11.38 -2.18
CA VAL D 917 -12.46 -10.61 -2.05
C VAL D 917 -11.74 -10.56 -3.39
N THR D 918 -11.72 -11.68 -4.10
CA THR D 918 -11.11 -11.77 -5.43
C THR D 918 -11.78 -10.79 -6.37
N ILE D 919 -13.11 -10.66 -6.25
CA ILE D 919 -13.84 -9.70 -7.07
C ILE D 919 -13.32 -8.30 -6.75
N VAL D 920 -13.13 -8.01 -5.46
CA VAL D 920 -12.61 -6.70 -5.08
C VAL D 920 -11.23 -6.48 -5.70
N VAL D 921 -10.38 -7.52 -5.67
CA VAL D 921 -9.03 -7.43 -6.21
C VAL D 921 -9.05 -7.14 -7.71
N VAL D 922 -9.91 -7.83 -8.46
CA VAL D 922 -9.96 -7.55 -9.89
C VAL D 922 -10.65 -6.23 -10.15
N GLN D 923 -11.48 -5.77 -9.21
CA GLN D 923 -12.15 -4.49 -9.38
C GLN D 923 -11.17 -3.34 -9.21
N TRP D 924 -10.03 -3.58 -8.55
CA TRP D 924 -9.03 -2.52 -8.46
C TRP D 924 -8.58 -2.12 -9.86
N ALA D 925 -8.11 -3.11 -10.62
CA ALA D 925 -7.66 -2.85 -11.98
C ALA D 925 -8.81 -2.40 -12.87
N ASP D 926 -10.00 -2.99 -12.68
CA ASP D 926 -11.13 -2.58 -13.50
C ASP D 926 -11.47 -1.10 -13.28
N LEU D 927 -11.34 -0.62 -12.04
CA LEU D 927 -11.63 0.78 -11.76
C LEU D 927 -10.56 1.68 -12.34
N VAL D 928 -9.30 1.24 -12.27
CA VAL D 928 -8.20 2.05 -12.81
C VAL D 928 -8.32 2.18 -14.32
N ILE D 929 -8.72 1.10 -14.99
CA ILE D 929 -8.84 1.17 -16.45
C ILE D 929 -10.13 1.86 -16.88
N CYS D 930 -11.22 1.72 -16.11
CA CYS D 930 -12.47 2.38 -16.47
C CYS D 930 -12.37 3.87 -16.28
N LYS D 931 -11.44 4.33 -15.42
CA LYS D 931 -11.26 5.76 -15.18
C LYS D 931 -10.85 6.51 -16.45
N THR D 932 -10.11 5.87 -17.34
CA THR D 932 -9.65 6.47 -18.58
C THR D 932 -10.19 5.70 -19.77
N ARG D 933 -10.83 6.39 -20.70
CA ARG D 933 -11.38 5.74 -21.89
C ARG D 933 -10.41 5.74 -23.06
N ARG D 934 -9.57 6.77 -23.17
CA ARG D 934 -8.59 6.90 -24.24
C ARG D 934 -7.19 7.16 -23.72
N ASN D 935 -7.07 7.99 -22.69
CA ASN D 935 -5.77 8.31 -22.12
C ASN D 935 -5.18 7.13 -21.36
N SER D 936 -3.93 7.29 -20.99
CA SER D 936 -3.17 6.32 -20.21
C SER D 936 -3.34 6.64 -18.74
N VAL D 937 -3.20 5.63 -17.88
CA VAL D 937 -3.31 5.87 -16.44
C VAL D 937 -2.19 6.82 -16.02
N PHE D 938 -1.10 6.84 -16.79
CA PHE D 938 0.02 7.72 -16.53
C PHE D 938 -0.21 9.11 -17.12
N GLN D 939 -1.00 9.20 -18.21
CA GLN D 939 -1.30 10.49 -18.80
C GLN D 939 -2.32 11.23 -17.93
N GLN D 940 -3.47 10.60 -17.67
CA GLN D 940 -4.50 11.19 -16.83
C GLN D 940 -3.97 11.37 -15.41
N GLY D 941 -3.67 10.27 -14.73
CA GLY D 941 -3.14 10.33 -13.38
C GLY D 941 -4.15 10.07 -12.28
N MET D 942 -3.71 9.38 -11.22
CA MET D 942 -4.59 9.06 -10.08
C MET D 942 -4.77 10.26 -9.16
N LYS D 943 -5.28 11.35 -9.73
CA LYS D 943 -5.52 12.57 -8.96
C LYS D 943 -6.93 12.60 -8.38
N ASN D 944 -7.75 11.61 -8.66
CA ASN D 944 -9.11 11.53 -8.14
C ASN D 944 -8.97 11.05 -6.70
N LYS D 945 -9.08 11.99 -5.75
CA LYS D 945 -8.94 11.63 -4.33
C LYS D 945 -10.09 10.75 -3.87
N ILE D 946 -11.28 10.96 -4.43
CA ILE D 946 -12.41 10.12 -4.04
C ILE D 946 -12.19 8.71 -4.56
N LEU D 947 -11.52 8.55 -5.71
CA LEU D 947 -11.25 7.22 -6.24
C LEU D 947 -10.21 6.50 -5.38
N ILE D 948 -9.19 7.23 -4.91
CA ILE D 948 -8.20 6.62 -4.04
C ILE D 948 -8.88 6.16 -2.77
N PHE D 949 -9.73 7.03 -2.20
CA PHE D 949 -10.49 6.63 -1.02
C PHE D 949 -11.39 5.46 -1.34
N GLY D 950 -11.89 5.39 -2.57
CA GLY D 950 -12.73 4.29 -2.96
C GLY D 950 -11.99 2.98 -2.87
N LEU D 951 -10.73 2.98 -3.32
CA LEU D 951 -9.94 1.75 -3.27
C LEU D 951 -9.62 1.37 -1.84
N PHE D 952 -9.27 2.37 -1.01
CA PHE D 952 -8.93 2.09 0.38
C PHE D 952 -10.14 1.59 1.16
N GLU D 953 -11.29 2.25 0.99
CA GLU D 953 -12.51 1.84 1.67
C GLU D 953 -12.99 0.49 1.16
N GLU D 954 -12.91 0.26 -0.15
CA GLU D 954 -13.34 -1.00 -0.74
C GLU D 954 -12.58 -2.18 -0.14
N THR D 955 -11.24 -2.09 -0.14
CA THR D 955 -10.46 -3.20 0.41
C THR D 955 -10.64 -3.33 1.92
N ALA D 956 -10.65 -2.20 2.65
CA ALA D 956 -10.82 -2.29 4.10
C ALA D 956 -12.18 -2.88 4.45
N LEU D 957 -13.21 -2.57 3.67
CA LEU D 957 -14.54 -3.11 3.92
C LEU D 957 -14.57 -4.60 3.65
N ALA D 958 -13.91 -5.05 2.57
CA ALA D 958 -13.88 -6.49 2.30
C ALA D 958 -13.15 -7.22 3.42
N ALA D 959 -12.06 -6.64 3.91
CA ALA D 959 -11.32 -7.27 4.99
C ALA D 959 -12.14 -7.30 6.26
N PHE D 960 -12.95 -6.25 6.50
CA PHE D 960 -13.78 -6.23 7.69
C PHE D 960 -14.88 -7.29 7.59
N LEU D 961 -15.50 -7.41 6.41
CA LEU D 961 -16.54 -8.41 6.24
C LEU D 961 -15.99 -9.82 6.39
N SER D 962 -14.71 -10.00 6.12
CA SER D 962 -14.16 -11.35 6.27
C SER D 962 -13.65 -11.66 7.68
N TYR D 963 -13.03 -10.70 8.36
CA TYR D 963 -12.47 -10.96 9.68
C TYR D 963 -13.26 -10.39 10.86
N CYS D 964 -14.48 -9.91 10.64
CA CYS D 964 -15.14 -9.40 11.84
C CYS D 964 -15.72 -10.58 12.63
N PRO D 965 -15.64 -10.54 13.96
CA PRO D 965 -16.21 -11.65 14.76
C PRO D 965 -17.71 -11.72 14.58
N GLY D 966 -18.19 -12.90 14.21
CA GLY D 966 -19.61 -13.10 14.00
C GLY D 966 -20.08 -12.90 12.57
N MET D 967 -19.18 -12.91 11.60
CA MET D 967 -19.58 -12.78 10.21
C MET D 967 -19.93 -14.12 9.60
N GLY D 968 -19.24 -15.18 10.03
CA GLY D 968 -19.57 -16.51 9.56
C GLY D 968 -20.90 -17.00 10.08
N VAL D 969 -21.51 -16.23 10.99
CA VAL D 969 -22.80 -16.54 11.56
C VAL D 969 -23.89 -15.71 10.91
N ALA D 970 -23.64 -14.40 10.79
CA ALA D 970 -24.61 -13.49 10.18
C ALA D 970 -24.58 -13.58 8.65
N LEU D 971 -23.45 -13.25 8.04
CA LEU D 971 -23.33 -13.32 6.58
C LEU D 971 -22.75 -14.63 6.09
N ARG D 972 -22.43 -15.56 7.00
CA ARG D 972 -21.82 -16.84 6.63
C ARG D 972 -20.50 -16.62 5.89
N MET D 973 -19.82 -15.52 6.19
CA MET D 973 -18.52 -15.20 5.59
C MET D 973 -17.48 -15.43 6.66
N TYR D 974 -16.61 -16.37 6.40
CA TYR D 974 -15.57 -16.80 7.32
C TYR D 974 -14.24 -16.11 7.05
N PRO D 975 -13.34 -16.10 8.02
CA PRO D 975 -12.03 -15.47 7.80
C PRO D 975 -11.26 -16.18 6.70
N LEU D 976 -10.38 -15.42 6.05
CA LEU D 976 -9.58 -15.94 4.95
C LEU D 976 -8.15 -16.18 5.39
N LYS D 977 -7.59 -17.29 4.94
CA LYS D 977 -6.19 -17.55 5.22
C LYS D 977 -5.46 -16.53 4.36
N PRO D 978 -4.49 -15.80 4.92
CA PRO D 978 -3.84 -14.70 4.17
C PRO D 978 -3.40 -15.00 2.74
N THR D 979 -2.99 -16.23 2.45
CA THR D 979 -2.54 -16.53 1.09
C THR D 979 -3.66 -16.39 0.06
N TRP D 980 -4.93 -16.48 0.49
CA TRP D 980 -6.03 -16.32 -0.46
C TRP D 980 -6.03 -14.93 -1.07
N TRP D 981 -5.68 -13.91 -0.28
CA TRP D 981 -5.69 -12.55 -0.80
C TRP D 981 -4.76 -12.37 -2.00
N PHE D 982 -3.84 -13.30 -2.24
CA PHE D 982 -2.93 -13.14 -3.36
C PHE D 982 -3.26 -14.03 -4.55
N CYS D 983 -4.28 -14.88 -4.46
CA CYS D 983 -4.60 -15.72 -5.61
C CYS D 983 -5.17 -14.92 -6.78
N ALA D 984 -5.68 -13.72 -6.52
CA ALA D 984 -6.29 -12.89 -7.55
C ALA D 984 -5.37 -11.82 -8.12
N PHE D 985 -4.22 -11.57 -7.50
CA PHE D 985 -3.30 -10.54 -7.98
C PHE D 985 -2.90 -10.66 -9.46
N PRO D 986 -2.54 -11.84 -9.99
CA PRO D 986 -2.16 -11.89 -11.42
C PRO D 986 -3.28 -11.50 -12.37
N TYR D 987 -4.53 -11.85 -12.06
CA TYR D 987 -5.62 -11.49 -12.96
C TYR D 987 -5.83 -9.98 -12.99
N SER D 988 -5.76 -9.33 -11.82
CA SER D 988 -5.92 -7.89 -11.77
C SER D 988 -4.78 -7.21 -12.54
N LEU D 989 -3.55 -7.65 -12.30
CA LEU D 989 -2.42 -7.07 -13.03
C LEU D 989 -2.58 -7.26 -14.53
N LEU D 990 -3.09 -8.43 -14.93
CA LEU D 990 -3.31 -8.70 -16.35
C LEU D 990 -4.36 -7.75 -16.93
N ILE D 991 -5.46 -7.55 -16.19
CA ILE D 991 -6.50 -6.65 -16.65
C ILE D 991 -5.93 -5.25 -16.87
N PHE D 992 -5.12 -4.78 -15.91
CA PHE D 992 -4.52 -3.45 -16.01
C PHE D 992 -3.61 -3.34 -17.23
N VAL D 993 -2.69 -4.30 -17.40
CA VAL D 993 -1.76 -4.21 -18.52
C VAL D 993 -2.48 -4.36 -19.86
N TYR D 994 -3.47 -5.25 -19.93
CA TYR D 994 -4.22 -5.46 -21.16
C TYR D 994 -4.95 -4.19 -21.57
N ASP D 995 -5.73 -3.60 -20.65
CA ASP D 995 -6.44 -2.37 -21.01
C ASP D 995 -5.44 -1.24 -21.27
N GLU D 996 -4.25 -1.30 -20.67
CA GLU D 996 -3.25 -0.28 -20.92
C GLU D 996 -2.76 -0.34 -22.36
N VAL D 997 -2.45 -1.55 -22.84
CA VAL D 997 -2.02 -1.67 -24.23
C VAL D 997 -3.19 -1.39 -25.16
N ARG D 998 -4.42 -1.63 -24.69
CA ARG D 998 -5.59 -1.33 -25.51
C ARG D 998 -5.68 0.17 -25.77
N LYS D 999 -5.66 0.95 -24.69
CA LYS D 999 -5.73 2.41 -24.84
C LYS D 999 -4.47 2.95 -25.52
N LEU D 1000 -3.34 2.24 -25.44
CA LEU D 1000 -2.14 2.72 -26.12
C LEU D 1000 -2.28 2.53 -27.63
N ILE D 1001 -2.87 1.41 -28.05
CA ILE D 1001 -3.06 1.22 -29.49
C ILE D 1001 -4.13 2.18 -29.97
N ILE D 1002 -5.12 2.50 -29.11
CA ILE D 1002 -6.14 3.47 -29.51
C ILE D 1002 -5.48 4.83 -29.74
N ARG D 1003 -4.47 5.15 -28.93
CA ARG D 1003 -3.77 6.42 -29.11
C ARG D 1003 -2.94 6.42 -30.39
N ARG D 1004 -2.01 5.47 -30.52
CA ARG D 1004 -1.15 5.44 -31.70
C ARG D 1004 -1.92 5.08 -32.97
N ARG D 1005 -2.91 4.19 -32.89
CA ARG D 1005 -3.67 3.81 -34.06
C ARG D 1005 -5.11 4.31 -33.99
N PRO D 1006 -5.39 5.56 -34.37
CA PRO D 1006 -6.77 6.06 -34.31
C PRO D 1006 -7.64 5.66 -35.49
N GLY D 1007 -7.22 4.70 -36.33
CA GLY D 1007 -8.08 4.37 -37.45
C GLY D 1007 -9.33 3.58 -37.16
N GLY D 1008 -9.25 2.25 -37.08
CA GLY D 1008 -10.47 1.52 -36.80
C GLY D 1008 -10.60 0.28 -35.93
N TRP D 1009 -9.59 -0.59 -35.90
CA TRP D 1009 -9.75 -1.83 -35.14
C TRP D 1009 -9.92 -1.66 -33.64
N VAL D 1010 -8.88 -1.17 -32.96
CA VAL D 1010 -8.99 -1.01 -31.51
C VAL D 1010 -9.99 0.09 -31.17
N GLU D 1011 -10.21 1.03 -32.09
CA GLU D 1011 -11.12 2.14 -31.82
C GLU D 1011 -12.59 1.79 -32.07
N LYS D 1012 -12.91 1.25 -33.24
CA LYS D 1012 -14.32 0.94 -33.52
C LYS D 1012 -14.80 -0.35 -32.87
N GLU D 1013 -13.94 -1.12 -32.21
CA GLU D 1013 -14.36 -2.37 -31.59
C GLU D 1013 -14.40 -2.32 -30.08
N THR D 1014 -13.44 -1.68 -29.43
CA THR D 1014 -13.38 -1.61 -27.97
C THR D 1014 -13.61 -0.22 -27.39
N TYR D 1015 -13.15 0.84 -28.05
CA TYR D 1015 -13.34 2.20 -27.54
C TYR D 1015 -14.84 2.47 -27.46
N TYR D 1016 -15.36 2.54 -26.24
CA TYR D 1016 -16.78 2.78 -26.01
C TYR D 1016 -17.07 4.18 -25.48
N LYS E 13 -38.46 -2.05 -39.54
CA LYS E 13 -37.42 -1.20 -38.98
C LYS E 13 -36.40 -2.02 -38.21
N LYS E 14 -36.68 -3.32 -38.09
CA LYS E 14 -35.82 -4.27 -37.40
C LYS E 14 -35.24 -5.29 -38.38
N PHE E 15 -34.97 -4.86 -39.61
CA PHE E 15 -34.43 -5.73 -40.64
C PHE E 15 -32.94 -5.53 -40.81
N ILE E 16 -32.24 -5.35 -39.68
CA ILE E 16 -30.80 -5.19 -39.67
C ILE E 16 -30.20 -6.55 -39.98
N TRP E 17 -31.07 -7.56 -40.16
CA TRP E 17 -30.69 -8.92 -40.53
C TRP E 17 -29.73 -8.88 -41.70
N ASN E 18 -30.19 -8.30 -42.80
CA ASN E 18 -29.43 -8.18 -44.02
C ASN E 18 -29.77 -6.87 -44.70
N SER E 19 -29.04 -6.59 -45.76
CA SER E 19 -29.19 -5.41 -46.59
C SER E 19 -28.44 -5.71 -47.87
N GLU E 20 -28.63 -4.86 -48.87
CA GLU E 20 -27.90 -5.11 -50.10
C GLU E 20 -26.44 -4.70 -49.96
N LYS E 21 -26.07 -4.03 -48.87
CA LYS E 21 -24.72 -3.60 -48.60
C LYS E 21 -24.01 -4.47 -47.56
N LYS E 22 -24.41 -5.74 -47.43
CA LYS E 22 -23.77 -6.71 -46.55
C LYS E 22 -23.72 -6.48 -45.03
N GLU E 23 -24.77 -6.89 -44.32
CA GLU E 23 -24.82 -6.82 -42.85
C GLU E 23 -25.57 -8.05 -42.38
N PHE E 24 -25.10 -8.69 -41.30
CA PHE E 24 -25.79 -9.86 -40.75
C PHE E 24 -25.90 -9.73 -39.25
N LEU E 25 -27.15 -9.76 -38.75
CA LEU E 25 -27.47 -9.65 -37.32
C LEU E 25 -27.02 -8.31 -36.73
N GLY E 26 -26.51 -7.41 -37.58
CA GLY E 26 -26.05 -6.12 -37.13
C GLY E 26 -24.77 -5.65 -37.79
N ARG E 27 -23.89 -6.57 -38.18
CA ARG E 27 -22.63 -6.22 -38.82
C ARG E 27 -22.43 -7.08 -40.06
N THR E 28 -21.40 -6.73 -40.84
CA THR E 28 -21.09 -7.41 -42.09
C THR E 28 -20.50 -8.80 -41.83
N GLY E 29 -20.12 -9.47 -42.92
CA GLY E 29 -19.54 -10.79 -42.88
C GLY E 29 -18.06 -10.77 -42.51
N GLY E 30 -17.30 -9.90 -43.18
CA GLY E 30 -15.89 -9.79 -42.88
C GLY E 30 -15.66 -9.29 -41.46
N SER E 31 -16.60 -8.50 -40.95
CA SER E 31 -16.49 -8.01 -39.58
C SER E 31 -16.83 -9.12 -38.60
N TRP E 32 -17.80 -9.97 -38.98
CA TRP E 32 -18.15 -11.12 -38.14
C TRP E 32 -16.95 -12.04 -38.02
N PHE E 33 -16.23 -12.25 -39.14
CA PHE E 33 -15.06 -13.11 -39.10
C PHE E 33 -13.92 -12.49 -38.31
N LYS E 34 -13.68 -11.18 -38.48
CA LYS E 34 -12.60 -10.55 -37.72
C LYS E 34 -12.84 -10.65 -36.22
N ILE E 35 -14.05 -10.30 -35.78
CA ILE E 35 -14.36 -10.38 -34.34
C ILE E 35 -14.32 -11.81 -33.85
N LEU E 36 -14.90 -12.75 -34.60
CA LEU E 36 -14.89 -14.14 -34.16
C LEU E 36 -13.47 -14.66 -34.02
N LEU E 37 -12.59 -14.31 -34.96
CA LEU E 37 -11.20 -14.74 -34.87
C LEU E 37 -10.51 -14.12 -33.66
N PHE E 38 -10.77 -12.82 -33.41
CA PHE E 38 -10.16 -12.17 -32.26
C PHE E 38 -10.62 -12.82 -30.96
N TYR E 39 -11.93 -13.00 -30.80
CA TYR E 39 -12.46 -13.60 -29.59
C TYR E 39 -11.97 -15.04 -29.44
N VAL E 40 -11.77 -15.77 -30.54
CA VAL E 40 -11.25 -17.12 -30.41
C VAL E 40 -9.82 -17.09 -29.90
N ILE E 41 -8.99 -16.18 -30.45
CA ILE E 41 -7.61 -16.08 -29.99
C ILE E 41 -7.56 -15.60 -28.55
N PHE E 42 -8.36 -14.59 -28.22
CA PHE E 42 -8.40 -14.02 -26.87
C PHE E 42 -8.86 -15.06 -25.85
N TYR E 43 -10.01 -15.69 -26.08
CA TYR E 43 -10.52 -16.70 -25.17
C TYR E 43 -9.58 -17.90 -25.10
N GLY E 44 -8.89 -18.21 -26.20
CA GLY E 44 -7.94 -19.32 -26.17
C GLY E 44 -6.77 -18.98 -25.26
N CYS E 45 -6.28 -17.75 -25.34
CA CYS E 45 -5.19 -17.32 -24.47
C CYS E 45 -5.66 -17.29 -23.03
N LEU E 46 -6.89 -16.84 -22.79
CA LEU E 46 -7.43 -16.82 -21.43
C LEU E 46 -7.50 -18.22 -20.87
N ALA E 47 -7.95 -19.18 -21.69
CA ALA E 47 -8.03 -20.57 -21.25
C ALA E 47 -6.64 -21.11 -20.96
N GLY E 48 -5.67 -20.82 -21.83
CA GLY E 48 -4.32 -21.29 -21.59
C GLY E 48 -3.71 -20.70 -20.35
N ILE E 49 -4.03 -19.43 -20.05
CA ILE E 49 -3.50 -18.78 -18.86
C ILE E 49 -4.11 -19.41 -17.61
N PHE E 50 -5.44 -19.60 -17.60
CA PHE E 50 -6.08 -20.22 -16.45
C PHE E 50 -5.53 -21.62 -16.24
N ILE E 51 -5.28 -22.35 -17.34
CA ILE E 51 -4.76 -23.69 -17.24
C ILE E 51 -3.33 -23.68 -16.69
N GLY E 52 -2.50 -22.74 -17.13
CA GLY E 52 -1.14 -22.67 -16.61
C GLY E 52 -1.10 -22.35 -15.13
N THR E 53 -1.94 -21.40 -14.69
CA THR E 53 -1.97 -21.05 -13.28
C THR E 53 -2.54 -22.19 -12.45
N ILE E 54 -3.56 -22.89 -12.96
CA ILE E 54 -4.11 -24.01 -12.22
C ILE E 54 -3.12 -25.16 -12.18
N GLN E 55 -2.23 -25.26 -13.19
CA GLN E 55 -1.21 -26.31 -13.17
C GLN E 55 -0.18 -26.01 -12.10
N VAL E 56 0.23 -24.76 -11.98
CA VAL E 56 1.18 -24.40 -10.92
C VAL E 56 0.53 -24.67 -9.57
N MET E 57 -0.77 -24.35 -9.44
CA MET E 57 -1.47 -24.63 -8.20
C MET E 57 -1.46 -26.12 -7.92
N LEU E 58 -1.57 -26.93 -8.98
CA LEU E 58 -1.52 -28.38 -8.81
C LEU E 58 -0.13 -28.80 -8.34
N LEU E 59 0.90 -28.05 -8.73
CA LEU E 59 2.26 -28.33 -8.29
C LEU E 59 2.48 -27.91 -6.85
N THR E 60 1.57 -27.11 -6.29
CA THR E 60 1.70 -26.68 -4.90
C THR E 60 1.17 -27.72 -3.91
N ILE E 61 0.48 -28.75 -4.37
CA ILE E 61 -0.07 -29.77 -3.50
C ILE E 61 0.60 -31.11 -3.81
N SER E 62 0.66 -31.96 -2.79
CA SER E 62 1.25 -33.28 -2.93
C SER E 62 0.14 -34.30 -3.20
N GLU E 63 0.55 -35.53 -3.50
CA GLU E 63 -0.40 -36.60 -3.77
C GLU E 63 -0.69 -37.44 -2.53
N PHE E 64 0.11 -37.31 -1.48
CA PHE E 64 -0.03 -38.10 -0.28
C PHE E 64 -0.51 -37.33 0.93
N LYS E 65 -0.77 -36.02 0.81
CA LYS E 65 -1.23 -35.29 1.99
C LYS E 65 -1.84 -33.94 1.62
N PRO E 66 -2.99 -33.61 2.20
CA PRO E 66 -3.61 -32.31 1.93
C PRO E 66 -2.86 -31.23 2.69
N THR E 67 -2.69 -30.07 2.05
CA THR E 67 -1.97 -28.98 2.69
C THR E 67 -2.68 -28.50 3.95
N TYR E 68 -3.99 -28.27 3.87
CA TYR E 68 -4.78 -27.84 5.03
C TYR E 68 -5.72 -28.94 5.49
N GLN E 69 -5.65 -29.27 6.77
CA GLN E 69 -6.52 -30.27 7.38
C GLN E 69 -7.21 -29.71 8.62
N ASP E 70 -7.19 -28.39 8.81
CA ASP E 70 -7.77 -27.79 10.00
C ASP E 70 -9.29 -27.67 9.93
N ARG E 71 -9.89 -27.71 8.73
CA ARG E 71 -11.33 -27.63 8.61
C ARG E 71 -12.04 -28.94 8.92
N VAL E 72 -11.29 -29.98 9.29
CA VAL E 72 -11.84 -31.28 9.64
C VAL E 72 -11.29 -31.67 11.01
N ALA E 73 -10.95 -30.66 11.83
CA ALA E 73 -10.39 -30.86 13.16
C ALA E 73 -11.26 -31.81 14.00
N PRO E 74 -12.53 -31.53 14.28
CA PRO E 74 -13.32 -32.50 15.03
C PRO E 74 -13.96 -33.50 14.08
N PRO E 75 -13.56 -34.76 14.12
CA PRO E 75 -14.15 -35.74 13.21
C PRO E 75 -15.63 -35.97 13.48
N GLY E 76 -16.35 -36.33 12.42
CA GLY E 76 -17.78 -36.57 12.52
C GLY E 76 -18.11 -37.96 13.03
N LEU E 77 -19.42 -38.21 13.13
CA LEU E 77 -19.94 -39.49 13.60
C LEU E 77 -21.18 -39.78 12.74
N THR E 78 -21.01 -40.60 11.70
CA THR E 78 -22.13 -40.90 10.81
C THR E 78 -22.74 -42.26 11.16
N GLN E 79 -23.84 -42.58 10.47
CA GLN E 79 -24.55 -43.83 10.67
C GLN E 79 -24.78 -44.51 9.34
N ILE E 80 -25.24 -45.75 9.39
CA ILE E 80 -25.50 -46.52 8.17
C ILE E 80 -26.82 -46.09 7.51
N PRO E 81 -27.98 -45.98 8.23
CA PRO E 81 -29.19 -45.54 7.53
C PRO E 81 -29.21 -44.03 7.33
N GLN E 82 -28.61 -43.56 6.24
CA GLN E 82 -28.55 -42.14 5.94
C GLN E 82 -29.97 -41.68 5.61
N SER E 83 -30.73 -41.42 6.67
CA SER E 83 -32.12 -41.00 6.57
C SER E 83 -32.23 -39.58 6.02
N GLN E 84 -33.41 -39.28 5.47
CA GLN E 84 -33.66 -37.96 4.90
C GLN E 84 -33.63 -36.87 5.97
N LYS E 85 -33.97 -37.22 7.22
CA LYS E 85 -33.95 -36.26 8.33
C LYS E 85 -33.43 -36.94 9.59
N THR E 86 -32.53 -37.93 9.43
CA THR E 86 -31.95 -38.72 10.53
C THR E 86 -33.04 -39.39 11.36
N GLU E 87 -34.16 -39.69 10.73
CA GLU E 87 -35.29 -40.31 11.38
C GLU E 87 -35.53 -41.70 10.82
N ILE E 88 -35.84 -42.64 11.71
CA ILE E 88 -36.08 -44.03 11.36
C ILE E 88 -37.54 -44.33 11.70
N SER E 89 -38.42 -44.16 10.72
CA SER E 89 -39.85 -44.39 10.86
C SER E 89 -40.25 -45.49 9.88
N PHE E 90 -40.77 -46.59 10.40
CA PHE E 90 -41.16 -47.73 9.57
C PHE E 90 -42.18 -48.55 10.35
N ARG E 91 -42.61 -49.65 9.73
CA ARG E 91 -43.56 -50.56 10.33
C ARG E 91 -42.90 -51.92 10.56
N PRO E 92 -43.00 -52.50 11.75
CA PRO E 92 -42.36 -53.81 11.99
C PRO E 92 -42.92 -54.94 11.14
N ASN E 93 -44.06 -54.74 10.48
CA ASN E 93 -44.68 -55.78 9.65
C ASN E 93 -44.39 -55.60 8.16
N ASP E 94 -44.76 -54.45 7.59
CA ASP E 94 -44.57 -54.16 6.19
C ASP E 94 -43.10 -54.23 5.78
N PRO E 95 -42.72 -55.19 4.93
CA PRO E 95 -41.31 -55.28 4.52
C PRO E 95 -40.89 -54.14 3.63
N GLN E 96 -41.81 -53.53 2.88
CA GLN E 96 -41.49 -52.41 2.00
C GLN E 96 -41.33 -51.12 2.78
N SER E 97 -41.84 -51.06 4.02
CA SER E 97 -41.71 -49.84 4.81
C SER E 97 -40.27 -49.58 5.22
N TYR E 98 -39.51 -50.63 5.51
CA TYR E 98 -38.11 -50.49 5.91
C TYR E 98 -37.13 -50.90 4.82
N GLU E 99 -37.57 -50.90 3.56
CA GLU E 99 -36.68 -51.27 2.46
C GLU E 99 -35.57 -50.25 2.24
N SER E 100 -35.90 -48.95 2.35
CA SER E 100 -34.91 -47.89 2.16
C SER E 100 -33.77 -47.97 3.17
N TYR E 101 -34.04 -48.51 4.35
CA TYR E 101 -33.00 -48.64 5.37
C TYR E 101 -32.08 -49.82 5.06
N VAL E 102 -32.65 -51.02 5.00
CA VAL E 102 -31.91 -52.25 4.73
C VAL E 102 -31.10 -52.15 3.44
N VAL E 103 -31.64 -51.49 2.41
CA VAL E 103 -30.90 -51.35 1.16
C VAL E 103 -29.58 -50.64 1.40
N SER E 104 -29.62 -49.53 2.15
CA SER E 104 -28.40 -48.79 2.44
C SER E 104 -27.47 -49.56 3.36
N ILE E 105 -28.02 -50.37 4.28
CA ILE E 105 -27.16 -51.13 5.18
C ILE E 105 -26.40 -52.20 4.41
N VAL E 106 -27.10 -52.91 3.51
CA VAL E 106 -26.45 -53.96 2.73
C VAL E 106 -25.42 -53.35 1.77
N ARG E 107 -25.78 -52.25 1.10
CA ARG E 107 -24.81 -51.64 0.19
C ARG E 107 -23.59 -51.13 0.94
N PHE E 108 -23.77 -50.63 2.17
CA PHE E 108 -22.65 -50.15 2.96
C PHE E 108 -21.73 -51.30 3.38
N LEU E 109 -22.32 -52.37 3.94
CA LEU E 109 -21.52 -53.50 4.37
C LEU E 109 -21.15 -54.47 3.25
N GLU E 110 -21.44 -54.13 1.99
CA GLU E 110 -21.09 -55.02 0.90
C GLU E 110 -19.57 -55.16 0.73
N LYS E 111 -18.80 -54.21 1.23
CA LYS E 111 -17.35 -54.23 1.14
C LYS E 111 -16.69 -54.87 2.36
N TYR E 112 -17.47 -55.34 3.33
CA TYR E 112 -16.95 -55.95 4.54
C TYR E 112 -17.10 -57.47 4.57
N LYS E 113 -17.63 -58.08 3.51
CA LYS E 113 -17.81 -59.52 3.48
C LYS E 113 -16.45 -60.24 3.45
N ASP E 114 -16.45 -61.50 3.88
CA ASP E 114 -15.22 -62.28 3.91
C ASP E 114 -14.62 -62.47 2.52
N LEU E 115 -15.45 -62.44 1.47
CA LEU E 115 -14.94 -62.58 0.12
C LEU E 115 -14.28 -61.30 -0.38
N ALA E 116 -14.75 -60.14 0.09
CA ALA E 116 -14.15 -58.88 -0.34
C ALA E 116 -12.74 -58.74 0.21
N GLN E 117 -12.53 -59.16 1.47
CA GLN E 117 -11.22 -59.10 2.10
C GLN E 117 -10.63 -60.51 2.01
N LYS E 118 -10.11 -60.83 0.83
CA LYS E 118 -9.52 -62.14 0.58
C LYS E 118 -8.05 -62.09 0.18
N ASP E 119 -7.62 -61.01 -0.47
CA ASP E 119 -6.22 -60.90 -0.86
C ASP E 119 -5.36 -60.64 0.36
N ASP E 120 -4.31 -61.44 0.52
CA ASP E 120 -3.41 -61.28 1.65
C ASP E 120 -2.31 -60.25 1.41
N MET E 121 -2.19 -59.75 0.18
CA MET E 121 -1.19 -58.75 -0.17
C MET E 121 -1.61 -57.33 0.14
N ILE E 122 -2.87 -57.10 0.47
CA ILE E 122 -3.36 -55.75 0.78
C ILE E 122 -4.13 -55.75 2.10
N PHE E 123 -4.35 -56.92 2.67
CA PHE E 123 -5.07 -57.06 3.92
C PHE E 123 -4.15 -57.67 4.98
N GLU E 124 -4.34 -57.22 6.22
CA GLU E 124 -3.55 -57.66 7.37
C GLU E 124 -4.49 -57.95 8.52
N ASP E 125 -4.38 -59.16 9.08
CA ASP E 125 -5.24 -59.54 10.21
C ASP E 125 -4.73 -58.85 11.45
N CYS E 126 -5.45 -57.81 11.89
CA CYS E 126 -5.07 -57.06 13.08
C CYS E 126 -5.12 -57.93 14.33
N GLY E 127 -6.31 -58.41 14.68
CA GLY E 127 -6.45 -59.26 15.85
C GLY E 127 -7.84 -59.18 16.43
N ASN E 128 -8.15 -60.16 17.29
CA ASN E 128 -9.45 -60.26 17.95
C ASN E 128 -9.56 -59.33 19.14
N VAL E 129 -8.49 -58.64 19.52
CA VAL E 129 -8.52 -57.73 20.66
C VAL E 129 -7.97 -56.38 20.21
N PRO E 130 -8.64 -55.27 20.55
CA PRO E 130 -8.14 -53.95 20.12
C PRO E 130 -6.78 -53.64 20.76
N SER E 131 -5.81 -53.30 19.90
CA SER E 131 -4.46 -53.01 20.32
C SER E 131 -4.11 -51.55 20.04
N GLU E 132 -2.84 -51.21 20.26
CA GLU E 132 -2.32 -49.87 20.04
C GLU E 132 -2.33 -49.50 18.56
N LEU E 133 -2.05 -48.23 18.29
CA LEU E 133 -2.05 -47.75 16.90
C LEU E 133 -0.97 -48.45 16.09
N LYS E 134 -1.23 -48.57 14.79
CA LYS E 134 -0.32 -49.22 13.84
C LYS E 134 0.15 -48.20 12.82
N GLU E 135 1.35 -47.66 13.02
CA GLU E 135 1.92 -46.67 12.12
C GLU E 135 2.79 -47.37 11.08
N ARG E 136 2.41 -47.25 9.81
CA ARG E 136 3.15 -47.86 8.71
C ARG E 136 4.04 -46.84 8.03
N GLY E 137 5.10 -46.46 8.74
CA GLY E 137 6.11 -45.50 8.29
C GLY E 137 5.59 -44.10 8.06
N GLU E 138 6.28 -43.37 7.18
CA GLU E 138 5.90 -42.00 6.84
C GLU E 138 4.85 -42.00 5.73
N TYR E 139 4.35 -40.81 5.40
CA TYR E 139 3.32 -40.66 4.38
C TYR E 139 3.87 -40.52 2.96
N ASN E 140 5.18 -40.63 2.76
CA ASN E 140 5.74 -40.51 1.43
C ASN E 140 5.47 -41.79 0.62
N ASN E 141 5.96 -41.81 -0.62
CA ASN E 141 5.78 -42.95 -1.49
C ASN E 141 7.02 -43.86 -1.52
N GLU E 142 7.97 -43.65 -0.62
CA GLU E 142 9.17 -44.49 -0.57
C GLU E 142 8.80 -45.94 -0.32
N ARG E 143 7.76 -46.17 0.48
CA ARG E 143 7.25 -47.50 0.76
C ARG E 143 6.15 -47.83 -0.23
N GLY E 144 5.87 -49.12 -0.39
CA GLY E 144 4.82 -49.54 -1.30
C GLY E 144 3.43 -49.23 -0.79
N GLU E 145 2.43 -49.88 -1.38
CA GLU E 145 1.05 -49.68 -0.95
C GLU E 145 0.87 -50.31 0.43
N ARG E 146 0.55 -49.48 1.43
CA ARG E 146 0.37 -49.96 2.79
C ARG E 146 -0.75 -50.99 2.90
N LYS E 147 -0.74 -51.71 4.02
CA LYS E 147 -1.74 -52.74 4.28
C LYS E 147 -2.89 -52.14 5.09
N VAL E 148 -4.07 -52.72 4.91
CA VAL E 148 -5.28 -52.28 5.59
C VAL E 148 -5.76 -53.42 6.49
N CYS E 149 -5.96 -53.12 7.77
CA CYS E 149 -6.41 -54.16 8.70
C CYS E 149 -7.85 -54.57 8.39
N ARG E 150 -8.08 -55.89 8.41
CA ARG E 150 -9.39 -56.47 8.12
C ARG E 150 -10.38 -56.20 9.25
N PHE E 151 -11.66 -56.22 8.88
CA PHE E 151 -12.76 -56.01 9.83
C PHE E 151 -13.96 -56.80 9.31
N ARG E 152 -14.12 -58.03 9.81
CA ARG E 152 -15.20 -58.90 9.41
C ARG E 152 -16.52 -58.46 10.05
N LEU E 153 -17.63 -58.75 9.36
CA LEU E 153 -18.94 -58.38 9.85
C LEU E 153 -19.31 -59.08 11.15
N GLU E 154 -18.62 -60.18 11.49
CA GLU E 154 -18.91 -60.91 12.71
C GLU E 154 -18.67 -60.07 13.97
N TRP E 155 -17.82 -59.04 13.88
CA TRP E 155 -17.55 -58.21 15.05
C TRP E 155 -18.81 -57.47 15.52
N LEU E 156 -19.68 -57.08 14.60
CA LEU E 156 -20.93 -56.39 14.96
C LEU E 156 -21.97 -57.47 15.18
N GLY E 157 -22.00 -58.01 16.39
CA GLY E 157 -22.95 -59.05 16.71
C GLY E 157 -24.39 -58.57 16.68
N ASN E 158 -25.29 -59.48 16.28
CA ASN E 158 -26.72 -59.26 16.21
C ASN E 158 -27.16 -58.18 15.21
N CYS E 159 -26.22 -57.57 14.48
CA CYS E 159 -26.55 -56.52 13.50
C CYS E 159 -25.78 -56.74 12.20
N SER E 160 -25.69 -57.98 11.76
CA SER E 160 -24.98 -58.32 10.53
C SER E 160 -25.77 -59.20 9.57
N GLY E 161 -26.75 -59.96 10.05
CA GLY E 161 -27.56 -60.85 9.22
C GLY E 161 -26.86 -62.14 8.79
N GLY E 168 -31.50 -59.75 5.85
CA GLY E 168 -32.38 -59.85 7.01
C GLY E 168 -31.83 -59.12 8.22
N TYR E 169 -32.17 -57.84 8.30
CA TYR E 169 -31.73 -56.97 9.37
C TYR E 169 -32.80 -56.95 10.47
N LYS E 170 -32.74 -55.98 11.37
CA LYS E 170 -33.68 -55.89 12.49
C LYS E 170 -34.88 -55.00 12.19
N ASP E 171 -36.08 -55.59 12.28
CA ASP E 171 -37.34 -54.86 12.11
C ASP E 171 -37.79 -54.35 13.48
N GLY E 172 -38.05 -55.26 14.41
CA GLY E 172 -38.36 -54.87 15.76
C GLY E 172 -37.00 -54.76 16.43
N LYS E 173 -36.85 -53.76 17.31
CA LYS E 173 -35.57 -53.53 17.99
C LYS E 173 -34.53 -53.28 16.89
N PRO E 174 -34.60 -52.15 16.19
CA PRO E 174 -33.68 -51.91 15.07
C PRO E 174 -32.21 -51.74 15.48
N CYS E 175 -31.37 -51.84 14.44
CA CYS E 175 -29.93 -51.70 14.52
C CYS E 175 -29.47 -50.47 13.75
N VAL E 176 -28.53 -49.73 14.33
CA VAL E 176 -27.95 -48.55 13.68
C VAL E 176 -26.48 -48.54 14.04
N ILE E 177 -25.62 -48.90 13.08
CA ILE E 177 -24.19 -48.88 13.36
C ILE E 177 -23.67 -47.47 13.15
N ILE E 178 -22.61 -47.14 13.86
CA ILE E 178 -21.99 -45.83 13.80
C ILE E 178 -20.60 -45.98 13.21
N LYS E 179 -20.13 -44.92 12.56
CA LYS E 179 -18.82 -44.92 11.94
C LYS E 179 -18.13 -43.59 12.17
N LEU E 180 -16.83 -43.65 12.42
CA LEU E 180 -16.01 -42.47 12.66
C LEU E 180 -15.51 -41.93 11.33
N ASN E 181 -15.64 -40.61 11.16
CA ASN E 181 -15.21 -39.96 9.93
C ASN E 181 -13.74 -40.21 9.64
N ARG E 182 -13.49 -40.87 8.52
CA ARG E 182 -12.14 -41.19 8.08
C ARG E 182 -11.35 -39.91 7.82
N VAL E 183 -10.27 -39.69 8.57
CA VAL E 183 -9.43 -38.52 8.43
C VAL E 183 -7.99 -38.97 8.23
N LEU E 184 -7.29 -38.33 7.30
CA LEU E 184 -5.91 -38.70 7.01
C LEU E 184 -4.99 -38.31 8.17
N GLY E 185 -4.14 -39.25 8.58
CA GLY E 185 -3.19 -39.04 9.65
C GLY E 185 -3.77 -38.78 11.02
N PHE E 186 -5.09 -38.90 11.17
CA PHE E 186 -5.71 -38.65 12.47
C PHE E 186 -5.46 -39.83 13.40
N LYS E 187 -4.95 -39.52 14.60
CA LYS E 187 -4.67 -40.53 15.62
C LYS E 187 -5.65 -40.36 16.76
N PRO E 188 -6.64 -41.26 16.90
CA PRO E 188 -7.60 -41.12 17.99
C PRO E 188 -6.95 -41.26 19.36
N LYS E 189 -7.37 -40.40 20.28
CA LYS E 189 -6.87 -40.41 21.65
C LYS E 189 -8.06 -40.50 22.59
N PRO E 190 -8.35 -41.69 23.12
CA PRO E 190 -9.49 -41.84 24.03
C PRO E 190 -9.22 -41.09 25.33
N PRO E 191 -10.26 -40.82 26.13
CA PRO E 191 -10.03 -40.09 27.38
C PRO E 191 -9.16 -40.88 28.35
N LYS E 192 -8.54 -40.15 29.27
CA LYS E 192 -7.67 -40.73 30.28
C LYS E 192 -8.48 -41.65 31.20
N ASN E 193 -7.76 -42.43 32.02
CA ASN E 193 -8.46 -43.30 32.97
C ASN E 193 -9.28 -42.48 33.95
N GLU E 194 -8.94 -41.20 34.12
CA GLU E 194 -9.66 -40.26 34.95
C GLU E 194 -10.84 -39.74 34.11
N SER E 195 -11.81 -40.63 33.91
CA SER E 195 -12.99 -40.33 33.09
C SER E 195 -13.99 -39.52 33.91
N LEU E 196 -14.32 -38.33 33.41
CA LEU E 196 -15.24 -37.41 34.06
C LEU E 196 -16.70 -37.81 33.81
N GLU E 197 -17.13 -38.87 34.51
CA GLU E 197 -18.51 -39.37 34.42
C GLU E 197 -18.92 -39.68 32.98
N THR E 198 -18.42 -40.79 32.42
CA THR E 198 -18.68 -41.11 31.02
C THR E 198 -19.73 -42.19 30.77
N TYR E 199 -20.82 -42.33 31.58
CA TYR E 199 -21.85 -43.32 31.27
C TYR E 199 -21.36 -44.77 31.17
N PRO E 200 -21.60 -45.63 32.22
CA PRO E 200 -21.04 -47.00 32.29
C PRO E 200 -20.60 -47.63 30.98
N VAL E 201 -19.29 -47.92 30.98
CA VAL E 201 -18.55 -48.46 29.86
C VAL E 201 -17.50 -49.41 30.40
N MET E 202 -17.01 -50.30 29.53
CA MET E 202 -16.02 -51.29 29.93
C MET E 202 -14.69 -50.63 30.31
N LYS E 203 -13.85 -51.41 30.99
CA LYS E 203 -12.54 -50.97 31.47
C LYS E 203 -11.48 -50.96 30.38
N TYR E 204 -11.86 -51.04 29.10
CA TYR E 204 -10.88 -51.01 28.03
C TYR E 204 -10.61 -49.58 27.57
N ASN E 205 -10.35 -48.71 28.55
CA ASN E 205 -10.08 -47.31 28.24
C ASN E 205 -8.85 -47.03 27.36
N PRO E 206 -7.72 -47.82 27.39
CA PRO E 206 -6.57 -47.40 26.57
C PRO E 206 -6.56 -47.72 25.07
N TYR E 207 -7.18 -48.79 24.57
CA TYR E 207 -7.05 -49.03 23.13
C TYR E 207 -8.38 -49.08 22.37
N VAL E 208 -9.28 -48.15 22.66
CA VAL E 208 -10.56 -48.07 21.95
C VAL E 208 -11.17 -46.71 22.22
N LEU E 209 -11.71 -46.11 21.17
CA LEU E 209 -12.36 -44.81 21.23
C LEU E 209 -13.80 -45.06 21.66
N PRO E 210 -14.18 -44.66 22.88
CA PRO E 210 -15.54 -44.92 23.36
C PRO E 210 -16.58 -44.04 22.67
N VAL E 211 -17.78 -44.60 22.54
CA VAL E 211 -18.93 -43.94 21.94
C VAL E 211 -20.15 -44.37 22.76
N HIS E 212 -20.84 -43.43 23.38
CA HIS E 212 -22.00 -43.76 24.19
C HIS E 212 -23.23 -42.99 23.72
N CYS E 213 -24.34 -43.71 23.57
CA CYS E 213 -25.61 -43.15 23.15
C CYS E 213 -26.49 -42.91 24.37
N THR E 214 -27.47 -42.02 24.22
CA THR E 214 -28.39 -41.68 25.28
C THR E 214 -29.55 -40.91 24.65
N GLY E 215 -30.53 -40.53 25.46
CA GLY E 215 -31.65 -39.76 24.96
C GLY E 215 -31.22 -38.31 24.79
N LYS E 216 -32.18 -37.41 24.79
CA LYS E 216 -31.84 -35.99 24.67
C LYS E 216 -32.41 -35.18 25.82
N ARG E 217 -33.51 -35.61 26.41
CA ARG E 217 -34.12 -34.90 27.52
C ARG E 217 -34.70 -35.93 28.48
N ASP E 218 -35.41 -35.44 29.50
CA ASP E 218 -36.02 -36.32 30.49
C ASP E 218 -37.04 -37.26 29.88
N GLU E 219 -37.62 -36.90 28.74
CA GLU E 219 -38.60 -37.74 28.07
C GLU E 219 -37.95 -38.82 27.21
N ASP E 220 -37.02 -38.41 26.34
CA ASP E 220 -36.34 -39.35 25.47
C ASP E 220 -35.53 -40.36 26.26
N LYS E 221 -34.87 -39.92 27.33
CA LYS E 221 -34.06 -40.81 28.14
C LYS E 221 -34.92 -41.88 28.82
N GLU E 222 -36.20 -41.58 29.07
CA GLU E 222 -37.08 -42.54 29.70
C GLU E 222 -37.74 -43.48 28.70
N LYS E 223 -38.11 -42.96 27.52
CA LYS E 223 -38.75 -43.81 26.52
C LYS E 223 -37.81 -44.92 26.02
N VAL E 224 -36.54 -44.60 25.82
CA VAL E 224 -35.55 -45.57 25.34
C VAL E 224 -35.16 -46.44 26.52
N GLY E 225 -35.68 -47.67 26.56
CA GLY E 225 -35.40 -48.58 27.65
C GLY E 225 -34.00 -49.16 27.76
N THR E 226 -33.61 -50.03 26.83
CA THR E 226 -32.30 -50.66 26.88
C THR E 226 -31.62 -50.61 25.53
N MET E 227 -30.30 -50.36 25.55
CA MET E 227 -29.47 -50.29 24.36
C MET E 227 -28.32 -51.28 24.50
N GLU E 228 -28.01 -51.99 23.41
CA GLU E 228 -26.94 -52.96 23.37
C GLU E 228 -25.96 -52.57 22.29
N TYR E 229 -24.71 -52.36 22.67
CA TYR E 229 -23.64 -51.97 21.76
C TYR E 229 -22.84 -53.19 21.32
N PHE E 230 -22.28 -53.10 20.11
CA PHE E 230 -21.48 -54.20 19.56
C PHE E 230 -20.25 -53.63 18.86
N GLY E 231 -19.10 -54.23 19.11
CA GLY E 231 -17.86 -53.80 18.52
C GLY E 231 -16.84 -54.90 18.47
N LEU E 232 -15.58 -54.51 18.24
CA LEU E 232 -14.48 -55.46 18.16
C LEU E 232 -14.26 -56.09 19.54
N GLY E 233 -14.53 -57.39 19.64
CA GLY E 233 -14.38 -58.08 20.90
C GLY E 233 -15.41 -57.73 21.95
N GLY E 234 -16.42 -56.94 21.61
CA GLY E 234 -17.45 -56.56 22.54
C GLY E 234 -17.30 -55.21 23.19
N TYR E 235 -16.52 -54.31 22.60
CA TYR E 235 -16.32 -52.99 23.20
C TYR E 235 -17.07 -51.93 22.39
N PRO E 236 -17.79 -51.03 23.05
CA PRO E 236 -18.55 -49.98 22.34
C PRO E 236 -17.67 -48.82 21.87
N GLY E 237 -16.92 -49.08 20.80
CA GLY E 237 -16.06 -48.04 20.29
C GLY E 237 -15.28 -48.49 19.07
N PHE E 238 -14.23 -47.72 18.77
CA PHE E 238 -13.37 -48.00 17.62
C PHE E 238 -11.98 -48.40 18.06
N PRO E 239 -11.44 -49.52 17.59
CA PRO E 239 -10.10 -49.93 18.01
C PRO E 239 -9.01 -49.05 17.42
N LEU E 240 -7.98 -48.78 18.22
CA LEU E 240 -6.88 -47.93 17.77
C LEU E 240 -5.97 -48.61 16.75
N GLN E 241 -6.08 -49.92 16.57
CA GLN E 241 -5.24 -50.67 15.64
C GLN E 241 -5.55 -50.39 14.18
N TYR E 242 -6.60 -49.64 13.87
CA TYR E 242 -6.97 -49.33 12.49
C TYR E 242 -6.57 -47.92 12.06
N TYR E 243 -5.92 -47.15 12.93
CA TYR E 243 -5.53 -45.78 12.63
C TYR E 243 -4.01 -45.61 12.73
N PRO E 244 -3.44 -44.60 12.03
CA PRO E 244 -4.10 -43.60 11.19
C PRO E 244 -4.32 -43.99 9.73
N TYR E 245 -5.08 -43.16 9.02
CA TYR E 245 -5.39 -43.36 7.61
C TYR E 245 -4.28 -42.75 6.77
N TYR E 246 -3.93 -43.44 5.68
CA TYR E 246 -2.83 -43.00 4.81
C TYR E 246 -3.32 -42.56 3.43
N GLY E 247 -4.50 -41.94 3.37
CA GLY E 247 -5.04 -41.48 2.11
C GLY E 247 -5.55 -42.56 1.19
N LYS E 248 -6.42 -42.17 0.25
CA LYS E 248 -6.98 -43.13 -0.69
C LYS E 248 -5.93 -43.62 -1.67
N LEU E 249 -4.94 -42.76 -1.99
CA LEU E 249 -3.88 -43.15 -2.92
C LEU E 249 -2.99 -44.26 -2.36
N LEU E 250 -2.58 -44.14 -1.09
CA LEU E 250 -1.71 -45.16 -0.50
C LEU E 250 -2.44 -46.34 0.12
N GLN E 251 -3.69 -46.19 0.53
CA GLN E 251 -4.45 -47.29 1.14
C GLN E 251 -5.83 -47.45 0.51
N PRO E 252 -5.91 -47.92 -0.73
CA PRO E 252 -7.23 -48.13 -1.32
C PRO E 252 -7.87 -49.36 -0.71
N LYS E 253 -9.21 -49.39 -0.74
CA LYS E 253 -10.00 -50.47 -0.17
C LYS E 253 -9.78 -50.56 1.34
N TYR E 254 -9.62 -49.40 1.97
CA TYR E 254 -9.42 -49.33 3.41
C TYR E 254 -10.76 -49.47 4.13
N LEU E 255 -10.74 -50.19 5.25
CA LEU E 255 -11.97 -50.43 6.02
C LEU E 255 -11.85 -49.84 7.43
N GLN E 256 -12.51 -48.71 7.64
CA GLN E 256 -12.52 -48.07 8.94
C GLN E 256 -13.31 -48.92 9.92
N PRO E 257 -13.02 -48.81 11.22
CA PRO E 257 -13.76 -49.61 12.21
C PRO E 257 -15.22 -49.25 12.25
N LEU E 258 -16.05 -50.21 12.67
CA LEU E 258 -17.48 -50.03 12.79
C LEU E 258 -17.92 -50.46 14.18
N MET E 259 -19.07 -49.94 14.60
CA MET E 259 -19.64 -50.24 15.92
C MET E 259 -21.14 -50.08 15.81
N ALA E 260 -21.88 -51.17 16.07
CA ALA E 260 -23.32 -51.14 15.97
C ALA E 260 -23.98 -50.83 17.31
N VAL E 261 -25.21 -50.33 17.22
CA VAL E 261 -26.02 -49.97 18.40
C VAL E 261 -27.44 -50.43 18.13
N GLN E 262 -27.98 -51.26 19.01
CA GLN E 262 -29.34 -51.77 18.90
C GLN E 262 -30.18 -51.26 20.07
N PHE E 263 -31.40 -50.82 19.77
CA PHE E 263 -32.32 -50.29 20.78
C PHE E 263 -33.37 -51.36 21.03
N THR E 264 -33.16 -52.16 22.08
CA THR E 264 -34.05 -53.26 22.41
C THR E 264 -35.39 -52.78 22.97
N ASN E 265 -35.37 -52.09 24.10
CA ASN E 265 -36.62 -51.68 24.73
C ASN E 265 -37.05 -50.28 24.29
N LEU E 266 -37.77 -50.21 23.18
CA LEU E 266 -38.28 -48.95 22.67
C LEU E 266 -39.80 -48.89 22.86
N THR E 267 -40.31 -47.67 22.91
CA THR E 267 -41.75 -47.43 23.06
C THR E 267 -42.30 -47.28 21.65
N MET E 268 -42.90 -48.35 21.14
CA MET E 268 -43.44 -48.35 19.79
C MET E 268 -44.48 -47.26 19.59
N ASP E 269 -44.56 -46.78 18.34
CA ASP E 269 -45.48 -45.71 17.94
C ASP E 269 -45.17 -44.41 18.66
N THR E 270 -43.88 -44.14 18.86
CA THR E 270 -43.44 -42.94 19.55
C THR E 270 -42.09 -42.52 19.01
N GLU E 271 -41.99 -41.27 18.54
CA GLU E 271 -40.75 -40.75 18.00
C GLU E 271 -39.88 -40.27 19.16
N ILE E 272 -38.73 -40.93 19.35
CA ILE E 272 -37.81 -40.59 20.42
C ILE E 272 -36.45 -40.21 19.84
N ARG E 273 -35.82 -39.23 20.47
CA ARG E 273 -34.54 -38.69 20.03
C ARG E 273 -33.40 -39.36 20.79
N ILE E 274 -32.37 -39.75 20.03
CA ILE E 274 -31.18 -40.41 20.54
C ILE E 274 -29.96 -39.62 20.09
N GLU E 275 -29.02 -39.42 21.02
CA GLU E 275 -27.77 -38.70 20.79
C GLU E 275 -26.64 -39.65 21.13
N CYS E 276 -25.89 -40.06 20.10
CA CYS E 276 -24.73 -40.94 20.26
C CYS E 276 -23.51 -40.03 20.23
N LYS E 277 -22.94 -39.78 21.41
CA LYS E 277 -21.79 -38.90 21.55
C LYS E 277 -20.51 -39.72 21.68
N ALA E 278 -19.53 -39.40 20.82
CA ALA E 278 -18.24 -40.05 20.83
C ALA E 278 -17.34 -39.24 21.75
N TYR E 279 -16.68 -39.93 22.69
CA TYR E 279 -15.82 -39.26 23.66
C TYR E 279 -14.34 -39.48 23.35
N GLY E 280 -13.54 -38.49 23.73
CA GLY E 280 -12.11 -38.53 23.51
C GLY E 280 -11.52 -37.14 23.55
N GLU E 281 -10.18 -37.11 23.66
CA GLU E 281 -9.47 -35.84 23.70
C GLU E 281 -9.37 -35.22 22.32
N ASN E 282 -9.09 -36.03 21.30
CA ASN E 282 -8.98 -35.58 19.93
C ASN E 282 -10.34 -35.51 19.23
N ILE E 283 -11.44 -35.57 19.97
CA ILE E 283 -12.78 -35.53 19.41
C ILE E 283 -13.44 -34.25 19.89
N GLY E 284 -13.65 -33.32 18.95
CA GLY E 284 -14.30 -32.07 19.26
C GLY E 284 -15.80 -32.14 19.00
N TYR E 285 -16.50 -31.06 19.38
CA TYR E 285 -17.94 -30.95 19.21
C TYR E 285 -18.27 -29.59 18.60
N SER E 286 -19.55 -29.38 18.32
CA SER E 286 -19.99 -28.12 17.73
C SER E 286 -21.48 -27.93 17.97
N GLU E 287 -21.84 -26.75 18.49
CA GLU E 287 -23.24 -26.43 18.71
C GLU E 287 -23.97 -26.11 17.42
N LYS E 288 -23.22 -25.85 16.35
CA LYS E 288 -23.77 -25.54 15.03
C LYS E 288 -23.85 -26.77 14.15
N ASP E 289 -22.91 -27.70 14.31
CA ASP E 289 -22.86 -28.96 13.57
C ASP E 289 -23.15 -30.06 14.57
N ARG E 290 -24.37 -30.58 14.55
CA ARG E 290 -24.74 -31.65 15.46
C ARG E 290 -24.08 -32.99 15.12
N PHE E 291 -23.22 -33.04 14.10
CA PHE E 291 -22.54 -34.26 13.71
C PHE E 291 -21.07 -34.30 14.11
N GLN E 292 -20.46 -33.14 14.39
CA GLN E 292 -19.05 -33.11 14.81
C GLN E 292 -18.93 -33.73 16.18
N GLY E 293 -18.38 -34.94 16.25
CA GLY E 293 -18.21 -35.63 17.51
C GLY E 293 -19.45 -36.39 17.93
N ARG E 294 -20.59 -35.69 18.01
CA ARG E 294 -21.84 -36.30 18.40
C ARG E 294 -22.61 -36.77 17.16
N PHE E 295 -23.82 -37.27 17.38
CA PHE E 295 -24.67 -37.79 16.32
C PHE E 295 -26.08 -37.94 16.85
N ASP E 296 -27.08 -37.50 16.07
CA ASP E 296 -28.48 -37.55 16.47
C ASP E 296 -29.30 -38.46 15.55
N VAL E 297 -30.40 -38.98 16.10
CA VAL E 297 -31.29 -39.88 15.37
C VAL E 297 -32.68 -39.80 16.01
N LYS E 298 -33.72 -39.93 15.19
CA LYS E 298 -35.11 -39.88 15.65
C LYS E 298 -35.79 -41.21 15.28
N ILE E 299 -35.80 -42.17 16.22
CA ILE E 299 -36.39 -43.49 15.95
C ILE E 299 -37.85 -43.52 16.36
N GLU E 300 -38.66 -44.18 15.52
CA GLU E 300 -40.10 -44.33 15.76
C GLU E 300 -40.55 -45.61 15.08
N VAL E 301 -40.69 -46.68 15.86
CA VAL E 301 -41.13 -47.98 15.33
C VAL E 301 -42.63 -48.03 15.52
N LYS E 302 -43.35 -47.45 14.55
CA LYS E 302 -44.81 -47.40 14.60
C LYS E 302 -45.38 -48.70 14.04
N SER E 303 -46.18 -49.39 14.84
CA SER E 303 -46.80 -50.65 14.44
C SER E 303 -48.17 -50.42 13.79
N ASP F 17 -0.09 -30.13 16.10
CA ASP F 17 -0.87 -30.94 15.16
C ASP F 17 -1.32 -30.10 13.97
N PRO F 18 -1.42 -30.71 12.79
CA PRO F 18 -1.84 -29.98 11.60
C PRO F 18 -3.34 -29.69 11.55
N PHE F 19 -4.09 -30.12 12.56
CA PHE F 19 -5.53 -29.91 12.63
C PHE F 19 -5.92 -28.66 13.40
N TYR F 20 -5.03 -27.68 13.49
CA TYR F 20 -5.32 -26.44 14.20
C TYR F 20 -4.75 -25.28 13.40
N TYR F 21 -5.50 -24.18 13.36
CA TYR F 21 -5.10 -22.98 12.65
C TYR F 21 -5.30 -21.79 13.59
N ASP F 22 -4.25 -20.98 13.73
CA ASP F 22 -4.28 -19.78 14.57
C ASP F 22 -5.11 -18.73 13.83
N TYR F 23 -6.43 -18.85 13.96
CA TYR F 23 -7.34 -17.92 13.30
C TYR F 23 -7.42 -16.58 13.99
N GLU F 24 -7.10 -16.51 15.28
CA GLU F 24 -7.17 -15.24 15.99
C GLU F 24 -6.10 -14.28 15.51
N THR F 25 -4.91 -14.80 15.18
CA THR F 25 -3.84 -13.93 14.69
C THR F 25 -4.17 -13.34 13.34
N VAL F 26 -4.67 -14.17 12.42
CA VAL F 26 -5.04 -13.69 11.09
C VAL F 26 -6.24 -12.74 11.17
N ARG F 27 -7.24 -13.10 11.97
CA ARG F 27 -8.43 -12.26 12.12
C ARG F 27 -8.08 -10.91 12.74
N ASN F 28 -7.24 -10.90 13.78
CA ASN F 28 -6.83 -9.65 14.40
C ASN F 28 -6.03 -8.81 13.41
N GLY F 29 -5.17 -9.46 12.62
CA GLY F 29 -4.41 -8.72 11.63
C GLY F 29 -5.32 -8.11 10.58
N GLY F 30 -6.40 -8.82 10.22
CA GLY F 30 -7.33 -8.30 9.24
C GLY F 30 -8.07 -7.08 9.77
N LEU F 31 -8.42 -7.11 11.06
CA LEU F 31 -9.10 -5.95 11.65
C LEU F 31 -8.16 -4.76 11.73
N ILE F 32 -6.88 -5.02 12.02
CA ILE F 32 -5.91 -3.93 12.07
C ILE F 32 -5.70 -3.36 10.68
N PHE F 33 -5.67 -4.24 9.67
CA PHE F 33 -5.51 -3.79 8.30
C PHE F 33 -6.69 -2.92 7.89
N ALA F 34 -7.91 -3.34 8.25
CA ALA F 34 -9.08 -2.56 7.90
C ALA F 34 -9.02 -1.18 8.54
N ALA F 35 -8.55 -1.12 9.79
CA ALA F 35 -8.45 0.17 10.46
C ALA F 35 -7.43 1.08 9.80
N LEU F 36 -6.25 0.53 9.48
CA LEU F 36 -5.21 1.35 8.85
C LEU F 36 -5.62 1.80 7.45
N ALA F 37 -6.15 0.89 6.64
CA ALA F 37 -6.57 1.26 5.28
C ALA F 37 -7.71 2.27 5.29
N PHE F 38 -8.63 2.16 6.26
CA PHE F 38 -9.72 3.11 6.29
C PHE F 38 -9.27 4.48 6.78
N ILE F 39 -8.41 4.54 7.79
CA ILE F 39 -7.97 5.87 8.23
C ILE F 39 -7.10 6.49 7.14
N VAL F 40 -6.35 5.67 6.39
CA VAL F 40 -5.54 6.22 5.31
C VAL F 40 -6.44 6.82 4.24
N GLY F 41 -7.51 6.11 3.88
CA GLY F 41 -8.43 6.68 2.89
C GLY F 41 -9.09 7.95 3.38
N LEU F 42 -9.42 8.00 4.67
CA LEU F 42 -10.04 9.20 5.23
C LEU F 42 -9.07 10.37 5.18
N ILE F 43 -7.79 10.11 5.46
CA ILE F 43 -6.80 11.17 5.38
C ILE F 43 -6.64 11.62 3.94
N ILE F 44 -6.84 10.68 2.99
CA ILE F 44 -6.72 11.01 1.57
C ILE F 44 -7.83 11.96 1.14
N ILE F 45 -9.05 11.79 1.65
CA ILE F 45 -10.06 12.74 1.21
C ILE F 45 -9.98 14.03 2.03
N LEU F 46 -9.17 14.07 3.08
CA LEU F 46 -8.97 15.26 3.89
C LEU F 46 -7.57 15.80 3.57
N SER F 47 -7.45 16.40 2.39
CA SER F 47 -6.23 16.95 1.82
C SER F 47 -5.80 18.26 2.46
N LYS F 48 -6.55 18.79 3.42
CA LYS F 48 -6.23 20.04 4.10
C LYS F 48 -6.09 21.20 3.11
C1 NAG G . 32.12 52.20 -36.27
C2 NAG G . 31.43 53.35 -35.54
C3 NAG G . 31.65 54.66 -36.28
C4 NAG G . 33.13 54.90 -36.57
C5 NAG G . 33.75 53.66 -37.23
C6 NAG G . 35.25 53.76 -37.41
C7 NAG G . 29.36 53.11 -34.22
C8 NAG G . 27.90 52.83 -34.27
N2 NAG G . 30.01 53.09 -35.39
O3 NAG G . 31.13 55.74 -35.51
O4 NAG G . 33.29 56.00 -37.46
O5 NAG G . 33.51 52.50 -36.43
O6 NAG G . 35.71 52.85 -38.39
O7 NAG G . 29.94 53.36 -33.17
C1 NAG G . 33.67 57.22 -36.80
C2 NAG G . 34.32 58.15 -37.83
C3 NAG G . 34.66 59.49 -37.18
C4 NAG G . 33.43 60.09 -36.50
C5 NAG G . 32.85 59.09 -35.52
C6 NAG G . 31.56 59.58 -34.88
C7 NAG G . 35.49 56.80 -39.52
C8 NAG G . 36.81 56.26 -39.97
N2 NAG G . 35.50 57.54 -38.40
O3 NAG G . 35.14 60.39 -38.18
O4 NAG G . 33.79 61.29 -35.82
O5 NAG G . 32.54 57.86 -36.20
O6 NAG G . 31.24 58.82 -33.73
O7 NAG G . 34.45 56.58 -40.13
C1 NAG H . 37.58 57.78 -21.91
C2 NAG H . 36.86 59.10 -21.75
C3 NAG H . 37.86 60.20 -21.39
C4 NAG H . 38.78 59.80 -20.24
C5 NAG H . 39.33 58.38 -20.45
C6 NAG H . 40.05 57.80 -19.24
C7 NAG H . 34.86 59.10 -23.18
C8 NAG H . 34.28 59.54 -24.48
N2 NAG H . 36.14 59.45 -22.96
O3 NAG H . 37.14 61.39 -21.04
O4 NAG H . 39.84 60.75 -20.23
O5 NAG H . 38.28 57.47 -20.74
O6 NAG H . 40.82 56.67 -19.60
O7 NAG H . 34.22 58.44 -22.37
C1 NAG H . 40.40 61.13 -18.93
C2 NAG H . 41.83 61.57 -19.19
C3 NAG H . 42.52 61.93 -17.88
C4 NAG H . 41.70 62.97 -17.13
C5 NAG H . 40.25 62.52 -16.98
C6 NAG H . 39.36 63.58 -16.35
C7 NAG H . 42.71 60.52 -21.23
C8 NAG H . 43.51 59.37 -21.79
N2 NAG H . 42.58 60.53 -19.91
O3 NAG H . 43.82 62.43 -18.15
O4 NAG H . 42.27 63.20 -15.84
O5 NAG H . 39.69 62.19 -18.25
O6 NAG H . 38.14 63.03 -15.90
O7 NAG H . 42.20 61.36 -21.95
C1 NAG I . -28.55 -61.85 19.69
C2 NAG I . -28.23 -61.65 21.18
C3 NAG I . -28.49 -62.95 21.95
C4 NAG I . -29.89 -63.48 21.68
C5 NAG I . -30.16 -63.55 20.17
C6 NAG I . -31.58 -63.92 19.84
C7 NAG I . -26.47 -60.24 22.19
C8 NAG I . -25.01 -59.96 22.25
N2 NAG I . -26.84 -61.24 21.37
O3 NAG I . -28.32 -62.70 23.34
O4 NAG I . -30.01 -64.79 22.19
O5 NAG I . -29.90 -62.28 19.56
O6 NAG I . -31.66 -64.65 18.62
O7 NAG I . -27.30 -59.61 22.84
C1 NAG I . -30.80 -64.85 23.39
C2 NAG I . -31.40 -66.25 23.52
C3 NAG I . -32.16 -66.40 24.83
C4 NAG I . -31.28 -66.01 26.00
C5 NAG I . -30.72 -64.62 25.80
C6 NAG I . -29.74 -64.19 26.87
C7 NAG I . -31.84 -67.19 21.29
C8 NAG I . -32.87 -67.42 20.22
N2 NAG I . -32.26 -66.56 22.39
O3 NAG I . -32.60 -67.75 24.98
O4 NAG I . -32.03 -66.04 27.22
O5 NAG I . -30.00 -64.56 24.55
O6 NAG I . -29.29 -62.87 26.66
O7 NAG I . -30.67 -67.56 21.16
C1 NAG J . -38.87 -53.31 28.78
C2 NAG J . -38.50 -53.57 30.24
C3 NAG J . -39.72 -54.03 31.03
C4 NAG J . -40.92 -53.12 30.80
C5 NAG J . -41.14 -52.89 29.29
C6 NAG J . -42.20 -51.87 28.95
C7 NAG J . -36.13 -54.26 30.19
C8 NAG J . -35.18 -55.41 30.33
N2 NAG J . -37.43 -54.55 30.34
O3 NAG J . -39.40 -54.06 32.42
O4 NAG J . -42.06 -53.77 31.37
O5 NAG J . -39.92 -52.39 28.72
O6 NAG J . -42.21 -51.58 27.56
O7 NAG J . -35.75 -53.12 29.96
C1 NAG J . -42.95 -52.87 32.08
C2 NAG J . -44.36 -53.43 31.92
C3 NAG J . -45.37 -52.52 32.61
C4 NAG J . -44.98 -52.29 34.06
C5 NAG J . -43.52 -51.80 34.14
C6 NAG J . -43.02 -51.67 35.56
C7 NAG J . -44.38 -54.70 29.80
C8 NAG J . -44.81 -54.70 28.37
N2 NAG J . -44.71 -53.61 30.51
O3 NAG J . -46.67 -53.12 32.55
O4 NAG J . -45.82 -51.30 34.63
O5 NAG J . -42.65 -52.73 33.48
O6 NAG J . -41.71 -51.14 35.60
O7 NAG J . -43.77 -55.64 30.30
MG MG K . 34.42 -30.84 36.20
NA NA L . 39.25 -19.63 22.32
MG MG M . 27.64 0.03 -1.61
C1 PCW N . 23.66 1.33 21.85
C2 PCW N . 24.93 1.90 21.16
C3 PCW N . 24.54 3.01 20.20
C4 PCW N . 21.80 -1.83 25.14
C5 PCW N . 21.65 -1.37 26.60
C6 PCW N . 19.70 -2.67 26.85
C7 PCW N . 21.76 -3.54 27.48
C8 PCW N . 20.79 -1.84 28.75
C11 PCW N . 23.78 3.44 18.00
C12 PCW N . 24.96 4.12 17.26
C31 PCW N . 27.20 2.46 21.71
C32 PCW N . 27.96 3.81 21.64
N PCW N . 20.97 -2.36 27.43
O2 PCW N . 25.83 2.41 22.12
O3 PCW N . 24.03 2.48 19.00
O11 PCW N . 22.67 3.74 17.70
O31 PCW N . 27.77 1.46 21.42
O1P PCW N . 23.03 -2.44 22.56
O2P PCW N . 21.44 -0.68 21.84
O3P PCW N . 23.90 0.01 22.33
O4P PCW N . 22.20 -0.74 24.32
P PCW N . 22.62 -0.99 22.74
C1 PCW O . 36.03 -18.74 -7.50
C2 PCW O . 35.80 -17.45 -8.29
C3 PCW O . 37.13 -17.00 -8.90
C4 PCW O . 34.55 -20.38 -2.84
C5 PCW O . 33.25 -21.16 -2.60
C6 PCW O . 33.43 -23.50 -2.47
C7 PCW O . 34.58 -22.17 -0.95
C8 PCW O . 32.27 -22.34 -0.83
C11 PCW O . 38.11 -14.85 -8.51
C12 PCW O . 38.27 -14.63 -10.03
C31 PCW O . 35.13 -18.22 -10.51
C32 PCW O . 35.06 -17.38 -11.81
N PCW O . 33.38 -22.30 -1.71
O2 PCW O . 34.78 -17.63 -9.25
O3 PCW O . 37.81 -16.13 -8.00
O11 PCW O . 38.24 -13.92 -7.78
O31 PCW O . 35.46 -19.36 -10.58
O1P PCW O . 36.82 -19.97 -4.64
O2P PCW O . 35.00 -21.12 -5.85
O3P PCW O . 35.34 -18.59 -6.28
O4P PCW O . 34.38 -19.53 -3.93
P PCW O . 35.40 -19.84 -5.18
C1 PCW P . 15.95 -2.18 15.19
C2 PCW P . 15.87 -1.64 13.75
C3 PCW P . 14.88 -0.47 13.68
C4 PCW P . 12.64 -3.49 19.00
C5 PCW P . 11.10 -3.58 19.17
C6 PCW P . 11.25 -4.98 21.06
C7 PCW P . 11.24 -2.67 21.33
C8 PCW P . 9.28 -3.76 20.67
C11 PCW P . 14.74 1.89 14.09
C12 PCW P . 15.34 3.13 14.80
C31 PCW P . 17.39 -0.90 12.04
C32 PCW P . 18.31 0.29 11.65
N PCW P . 10.73 -3.75 20.56
O2 PCW P . 17.17 -1.20 13.41
O3 PCW P . 15.57 0.76 13.84
O11 PCW P . 13.60 1.89 13.76
O31 PCW P . 16.87 -1.56 11.21
O1P PCW P . 15.20 -2.05 18.06
O2P PCW P . 15.34 -4.44 17.49
O3P PCW P . 14.71 -2.75 15.61
O4P PCW P . 12.99 -3.35 17.64
P PCW P . 14.60 -3.15 17.23
C1 PCW Q . 40.21 -17.71 -4.09
C2 PCW Q . 41.00 -17.40 -5.38
C3 PCW Q . 42.20 -16.50 -5.06
C4 PCW Q . 40.85 -19.95 0.60
C5 PCW Q . 41.90 -20.84 1.30
C6 PCW Q . 40.39 -21.01 3.10
C7 PCW Q . 40.68 -22.82 1.67
C8 PCW Q . 42.38 -22.23 3.15
C11 PCW Q . 43.46 -14.68 -5.93
C12 PCW Q . 44.48 -14.60 -7.07
C31 PCW Q . 41.62 -18.48 -7.40
C32 PCW Q . 42.90 -19.07 -8.06
N PCW Q . 41.34 -21.73 2.31
O2 PCW Q . 41.44 -18.59 -5.98
O3 PCW Q . 42.31 -15.50 -6.06
O11 PCW Q . 43.62 -14.04 -4.94
O31 PCW Q . 40.79 -17.96 -8.06
O1P PCW Q . 39.06 -19.51 -1.78
O2P PCW Q . 39.87 -17.31 -1.02
O3P PCW Q . 40.99 -18.38 -3.10
O4P PCW Q . 41.36 -19.39 -0.59
P PCW Q . 40.28 -18.63 -1.61
C1 PCW R . 33.07 2.37 28.45
C2 PCW R . 32.95 3.27 27.19
C3 PCW R . 31.71 4.15 27.30
C4 PCW R . 29.80 -0.40 31.30
C5 PCW R . 28.35 -0.91 31.22
C6 PCW R . 28.34 -1.44 33.51
C7 PCW R . 27.61 0.66 32.81
C8 PCW R . 26.31 -1.23 32.37
C11 PCW R . 29.93 5.07 26.03
C12 PCW R . 29.27 5.49 24.70
C31 PCW R . 34.46 4.47 25.76
C32 PCW R . 35.16 5.85 25.51
N PCW R . 27.66 -0.72 32.48
O2 PCW R . 34.09 4.10 27.08
O3 PCW R . 31.13 4.33 26.02
O11 PCW R . 29.42 5.38 27.06
O31 PCW R . 34.26 3.76 24.84
O1P PCW R . 32.25 1.11 31.19
O2P PCW R . 32.85 -0.65 29.56
O3P PCW R . 31.89 1.59 28.65
O4P PCW R . 30.34 -0.20 30.00
P PCW R . 31.87 0.44 29.87
C1 PCW S . 0.80 -16.41 5.48
C2 PCW S . 1.00 -15.22 4.52
C3 PCW S . 0.84 -13.87 5.23
C4 PCW S . -0.20 -19.40 8.23
C5 PCW S . -0.50 -18.87 9.65
C6 PCW S . -0.99 -19.37 11.90
C7 PCW S . -1.29 -21.00 10.27
C8 PCW S . 0.87 -20.35 10.88
C11 PCW S . 1.08 -12.69 7.26
C12 PCW S . 1.12 -11.34 6.53
C31 PCW S . 2.30 -14.66 2.61
C32 PCW S . 3.31 -13.52 2.29
N PCW S . -0.49 -19.91 10.68
O2 PCW S . 2.27 -15.27 3.91
O3 PCW S . 1.30 -13.90 6.56
O11 PCW S . 0.86 -12.72 8.43
O31 PCW S . 1.56 -15.05 1.77
O1P PCW S . 0.43 -19.88 5.40
O2P PCW S . -1.91 -19.16 5.14
O3P PCW S . -0.04 -17.39 4.82
O4P PCW S . -0.64 -18.44 7.28
P PCW S . -0.55 -18.76 5.65
C18 BUF T . 33.39 8.28 -5.64
C13 BUF T . 33.30 7.86 -7.11
C12 BUF T . 34.61 8.00 -7.85
C11 BUF T . 34.94 9.42 -8.24
C9 BUF T . 33.82 10.16 -8.99
C10 BUF T . 34.24 11.61 -9.42
C19 BUF T . 34.69 12.38 -8.18
C1 BUF T . 35.48 11.51 -10.35
C2 BUF T . 35.21 10.93 -11.74
C3 BUF T . 34.19 11.82 -12.41
O3 BUF T . 34.77 13.11 -12.46
C4 BUF T . 32.89 11.86 -11.59
C5 BUF T . 33.08 12.36 -10.14
C6 BUF T . 31.78 12.27 -9.31
C7 BUF T . 31.39 10.87 -8.83
C8 BUF T . 32.53 10.12 -8.14
C14 BUF T . 32.14 8.65 -7.79
O14 BUF T . 31.07 8.71 -6.91
C15 BUF T . 31.77 7.75 -8.96
C16 BUF T . 32.14 6.32 -8.58
C17 BUF T . 32.96 6.36 -7.26
C20 BUF T . 32.33 5.70 -6.03
C22 BUF T . 30.92 5.79 -5.73
C23 BUF T . 30.41 5.20 -4.64
C24 BUF T . 31.25 4.42 -3.73
O24 BUF T . 30.93 3.83 -2.73
O21 BUF T . 32.59 4.34 -4.05
C21 BUF T . 33.07 4.95 -5.15
C1 CLR U . 7.02 4.73 -16.64
C2 CLR U . 6.92 6.24 -16.58
C3 CLR U . 7.28 6.86 -17.92
C4 CLR U . 6.29 6.26 -18.97
C5 CLR U . 6.16 4.71 -18.98
C6 CLR U . 6.64 4.04 -20.06
C7 CLR U . 7.09 2.61 -20.00
C8 CLR U . 6.18 1.89 -18.98
C9 CLR U . 6.29 2.49 -17.58
C10 CLR U . 5.99 4.06 -17.55
C11 CLR U . 5.48 1.66 -16.51
C12 CLR U . 5.63 0.07 -16.61
C13 CLR U . 5.43 -0.42 -18.09
C14 CLR U . 6.51 0.43 -18.93
C15 CLR U . 6.64 -0.26 -20.31
C16 CLR U . 6.32 -1.79 -19.98
C17 CLR U . 5.97 -1.87 -18.43
C18 CLR U . 4.01 -0.25 -18.63
C19 CLR U . 4.59 4.35 -16.97
C20 CLR U . 4.96 -3.03 -18.19
C21 CLR U . 4.81 -3.52 -16.74
C22 CLR U . 5.47 -4.24 -19.07
C23 CLR U . 4.40 -5.36 -19.17
C24 CLR U . 5.22 -6.71 -19.05
C25 CLR U . 4.22 -7.90 -18.96
C26 CLR U . 4.77 -9.23 -19.53
C27 CLR U . 3.74 -7.98 -17.48
O1 CLR U . 7.32 8.33 -17.97
C1 NAG V . 5.61 54.63 -23.34
C2 NAG V . 4.96 54.61 -24.72
C3 NAG V . 5.61 55.66 -25.62
C4 NAG V . 5.54 57.03 -24.96
C5 NAG V . 6.15 56.97 -23.54
C6 NAG V . 5.99 58.26 -22.78
C7 NAG V . 4.08 52.39 -25.29
C8 NAG V . 4.34 51.09 -25.98
N2 NAG V . 5.06 53.29 -25.33
O3 NAG V . 4.94 55.70 -26.87
O4 NAG V . 6.26 57.99 -25.73
O5 NAG V . 5.49 55.95 -22.77
O6 NAG V . 6.14 58.06 -21.38
O7 NAG V . 3.01 52.62 -24.73
C1 CLR W . 31.40 -16.27 -15.27
C2 CLR W . 31.36 -17.62 -14.56
C3 CLR W . 31.16 -17.43 -13.04
C4 CLR W . 29.81 -16.65 -12.88
C5 CLR W . 29.74 -15.32 -13.65
C6 CLR W . 29.89 -14.19 -12.96
C7 CLR W . 30.46 -12.93 -13.56
C8 CLR W . 29.92 -12.80 -15.00
C9 CLR W . 30.38 -13.99 -15.86
C10 CLR W . 30.11 -15.45 -15.18
C11 CLR W . 29.92 -13.83 -17.35
C12 CLR W . 30.30 -12.43 -18.01
C13 CLR W . 29.84 -11.21 -17.09
C14 CLR W . 30.44 -11.53 -15.64
C15 CLR W . 30.25 -10.24 -14.81
C16 CLR W . 30.47 -9.09 -15.91
C17 CLR W . 30.61 -9.83 -17.33
C18 CLR W . 28.32 -10.98 -17.06
C19 CLR W . 29.00 -16.23 -15.98
C20 CLR W . 30.06 -8.89 -18.44
C21 CLR W . 30.21 -9.38 -19.89
C22 CLR W . 30.89 -7.54 -18.30
C23 CLR W . 30.65 -6.57 -19.49
C24 CLR W . 31.37 -5.22 -19.10
C25 CLR W . 30.82 -4.06 -19.97
C26 CLR W . 31.13 -2.64 -19.44
C27 CLR W . 31.28 -4.33 -21.44
O1 CLR W . 31.21 -18.66 -12.24
C1 CLR X . 2.47 9.94 -4.93
C2 CLR X . 2.51 11.43 -5.12
C3 CLR X . 3.54 12.05 -4.19
C4 CLR X . 4.90 11.47 -4.63
C5 CLR X . 4.99 9.93 -4.58
C6 CLR X . 5.73 9.40 -3.60
C7 CLR X . 5.47 8.04 -3.03
C8 CLR X . 4.94 7.13 -4.17
C9 CLR X . 3.63 7.69 -4.73
C10 CLR X . 3.76 9.19 -5.28
C11 CLR X . 2.91 6.68 -5.67
C12 CLR X . 2.69 5.25 -5.04
C13 CLR X . 4.05 4.64 -4.53
C14 CLR X . 4.71 5.77 -3.58
C15 CLR X . 5.94 5.10 -2.96
C16 CLR X . 5.41 3.61 -2.72
C17 CLR X . 3.96 3.54 -3.41
C18 CLR X . 5.00 4.19 -5.66
C19 CLR X . 3.92 9.19 -6.85
C20 CLR X . 3.71 2.08 -3.82
C21 CLR X . 2.30 1.77 -4.39
C22 CLR X . 3.89 1.27 -2.48
C23 CLR X . 3.12 -0.06 -2.47
C24 CLR X . 4.15 -1.10 -3.08
C25 CLR X . 3.39 -2.08 -3.99
C26 CLR X . 4.30 -2.90 -4.96
C27 CLR X . 2.48 -2.95 -3.08
O1 CLR X . 3.54 13.51 -4.09
C1 CLR Y . -1.51 -18.05 -4.51
C2 CLR Y . -1.59 -18.60 -3.09
C3 CLR Y . -1.43 -20.12 -3.06
C4 CLR Y . -0.07 -20.46 -3.76
C5 CLR Y . 0.15 -19.78 -5.14
C6 CLR Y . 0.23 -20.56 -6.24
C7 CLR Y . -0.02 -20.02 -7.63
C8 CLR Y . 0.52 -18.59 -7.65
C9 CLR Y . -0.23 -17.68 -6.67
C10 CLR Y . -0.16 -18.24 -5.16
C11 CLR Y . 0.19 -16.16 -6.83
C12 CLR Y . 0.31 -15.64 -8.33
C13 CLR Y . 1.19 -16.61 -9.18
C14 CLR Y . 0.44 -18.02 -9.05
C15 CLR Y . 1.03 -18.94 -10.15
C16 CLR Y . 1.42 -17.91 -11.31
C17 CLR Y . 1.11 -16.44 -10.76
C18 CLR Y . 2.66 -16.67 -8.74
C19 CLR Y . 0.89 -17.44 -4.34
C20 CLR Y . 2.14 -15.45 -11.37
C21 CLR Y . 1.78 -13.95 -11.27
C22 CLR Y . 2.21 -15.82 -12.91
C23 CLR Y . 3.50 -15.28 -13.58
C24 CLR Y . 2.97 -14.21 -14.63
C25 CLR Y . 4.09 -13.16 -14.90
C26 CLR Y . 4.50 -13.03 -16.39
C27 CLR Y . 3.64 -11.83 -14.24
O1 CLR Y . -1.55 -20.73 -1.72
MG MG Z . -37.89 38.35 -23.13
NA NA AA . -39.47 20.24 -20.68
MG MG BA . -24.65 -7.27 -9.71
C1 PCW CA . -26.65 -4.19 -31.50
C2 PCW CA . -26.64 -5.38 -30.52
C3 PCW CA . -27.07 -6.63 -31.27
C4 PCW CA . -26.34 -1.01 -34.44
C5 PCW CA . -27.31 -1.31 -35.60
C6 PCW CA . -28.87 0.35 -35.03
C7 PCW CA . -27.02 0.92 -36.31
C8 PCW CA . -28.72 -0.37 -37.24
C11 PCW CA . -28.98 -7.90 -31.86
C12 PCW CA . -28.84 -9.12 -30.94
C31 PCW CA . -25.29 -6.31 -28.78
C32 PCW CA . -24.53 -7.67 -28.71
N PCW CA . -27.98 -0.10 -36.05
O2 PCW CA . -25.36 -5.57 -30.00
O3 PCW CA . -28.47 -6.65 -31.47
O11 PCW CA . -29.53 -8.02 -32.91
O31 PCW CA . -25.82 -5.89 -27.80
O1P PCW CA . -24.53 -1.16 -31.94
O2P PCW CA . -26.84 -0.57 -31.29
O3P PCW CA . -26.05 -3.03 -30.94
O4P PCW CA . -26.48 -1.99 -33.42
P PCW CA . -25.96 -1.65 -31.89
C1 PCW DA . 7.17 2.98 -35.21
C2 PCW DA . 7.30 1.65 -35.98
C3 PCW DA . 8.78 1.30 -36.18
C4 PCW DA . 4.61 7.58 -35.81
C5 PCW DA . 3.48 8.12 -36.71
C6 PCW DA . 3.17 9.73 -35.01
C7 PCW DA . 3.79 10.41 -37.14
C8 PCW DA . 1.63 9.60 -36.77
C11 PCW DA . 10.69 1.72 -37.57
C12 PCW DA . 11.53 0.83 -36.64
C31 PCW DA . 6.63 -0.65 -35.86
C32 PCW DA . 7.23 -1.91 -35.15
N PCW DA . 3.02 9.47 -36.40
O2 PCW DA . 6.69 0.62 -35.22
O3 PCW DA . 9.31 1.95 -37.33
O11 PCW DA . 11.20 2.24 -38.52
O31 PCW DA . 6.11 -0.78 -36.92
O1P PCW DA . 6.95 6.07 -34.58
O2P PCW DA . 4.92 4.85 -33.92
O3P PCW DA . 6.33 3.92 -35.90
O4P PCW DA . 4.88 6.21 -36.13
P PCW DA . 5.78 5.27 -35.08
C1 PCW EA . -27.59 -13.89 5.12
C2 PCW EA . -28.09 -12.42 4.95
C3 PCW EA . -27.58 -11.56 6.13
C4 PCW EA . -29.84 -17.78 7.63
C5 PCW EA . -31.18 -18.53 7.47
C6 PCW EA . -30.36 -20.54 8.42
C7 PCW EA . -31.36 -18.94 9.79
C8 PCW EA . -32.67 -20.18 8.30
C11 PCW EA . -27.21 -9.24 6.71
C12 PCW EA . -26.72 -7.97 5.97
C31 PCW EA . -28.16 -10.76 3.09
C32 PCW EA . -27.24 -9.56 2.70
N PCW EA . -31.39 -19.55 8.50
O2 PCW EA . -27.60 -11.93 3.71
O3 PCW EA . -27.98 -10.21 6.01
O11 PCW EA . -26.93 -9.39 7.85
O31 PCW EA . -29.32 -10.68 2.85
O1P PCW EA . -27.16 -16.71 7.39
O2P PCW EA . -27.52 -16.81 4.95
O3P PCW EA . -28.18 -14.62 6.21
O4P PCW EA . -29.59 -16.94 6.51
P PCW EA . -28.08 -16.30 6.27
C1 PCW FA . 1.30 12.30 -12.77
C2 PCW FA . 1.39 10.87 -12.21
C3 PCW FA . 0.84 10.80 -10.79
C4 PCW FA . 1.34 16.60 -13.77
C5 PCW FA . 1.04 17.72 -12.75
C6 PCW FA . -0.02 19.79 -12.35
C7 PCW FA . 1.55 19.62 -14.05
C8 PCW FA . -0.54 18.59 -14.29
C11 PCW FA . -0.96 11.32 -9.39
C12 PCW FA . -0.82 10.08 -8.49
C31 PCW FA . 0.89 8.60 -12.61
C32 PCW FA . -0.30 7.60 -12.49
N PCW FA . 0.51 18.94 -13.37
O2 PCW FA . 0.67 9.96 -13.00
O3 PCW FA . -0.48 11.29 -10.72
O11 PCW FA . -1.45 12.31 -8.96
O31 PCW FA . 1.99 8.23 -12.37
O1P PCW FA . 2.65 14.22 -15.18
O2P PCW FA . 4.16 14.90 -13.34
O3P PCW FA . 2.62 12.84 -12.97
O4P PCW FA . 1.63 15.38 -13.09
P PCW FA . 2.79 14.35 -13.67
C18 BUF GA . -30.27 -15.69 -6.12
C13 BUF GA . -29.70 -16.66 -7.15
C12 BUF GA . -30.74 -17.53 -7.82
C11 BUF GA . -31.19 -18.67 -6.96
C9 BUF GA . -30.07 -19.55 -6.39
C10 BUF GA . -30.61 -20.77 -5.57
C19 BUF GA . -31.54 -20.26 -4.46
C1 BUF GA . -31.48 -21.65 -6.50
C2 BUF GA . -30.71 -22.43 -7.55
C3 BUF GA . -29.74 -23.34 -6.84
O3 BUF GA . -30.50 -24.16 -5.99
C4 BUF GA . -28.76 -22.49 -5.99
C5 BUF GA . -29.45 -21.60 -4.94
C6 BUF GA . -28.47 -20.70 -4.19
C7 BUF GA . -27.98 -19.48 -4.96
C8 BUF GA . -29.11 -18.65 -5.58
C14 BUF GA . -28.56 -17.49 -6.48
O14 BUF GA . -27.82 -16.65 -5.64
C15 BUF GA . -27.69 -17.91 -7.66
C16 BUF GA . -27.88 -16.85 -8.75
C17 BUF GA . -29.04 -15.91 -8.33
C20 BUF GA . -28.69 -14.45 -8.10
C22 BUF GA . -27.53 -14.04 -7.35
C23 BUF GA . -27.24 -12.74 -7.16
C24 BUF GA . -28.08 -11.69 -7.72
O24 BUF GA . -27.96 -10.48 -7.65
O21 BUF GA . -29.18 -12.11 -8.44
C21 BUF GA . -29.43 -13.42 -8.61
C1 NAG HA . -8.13 -47.18 35.99
C2 NAG HA . -7.65 -48.59 35.62
C3 NAG HA . -8.40 -49.62 36.47
C4 NAG HA . -8.26 -49.31 37.95
C5 NAG HA . -8.70 -47.87 38.23
C6 NAG HA . -8.45 -47.46 39.67
C7 NAG HA . -6.90 -49.47 33.45
C8 NAG HA . -5.63 -49.87 34.14
N2 NAG HA . -7.82 -48.86 34.21
O3 NAG HA . -7.91 -50.93 36.19
O4 NAG HA . -9.09 -50.19 38.71
O5 NAG HA . -7.96 -46.96 37.41
O6 NAG HA . -9.66 -47.25 40.37
O7 NAG HA . -7.09 -49.69 32.26
C1 PCW IA . 6.20 -32.44 -14.29
C2 PCW IA . 5.77 -31.35 -15.28
C3 PCW IA . 4.30 -30.98 -15.04
C4 PCW IA . 5.48 -33.41 -9.15
C5 PCW IA . 5.28 -32.49 -7.94
C6 PCW IA . 4.40 -34.16 -6.53
C7 PCW IA . 6.71 -33.85 -6.65
C8 PCW IA . 5.37 -32.25 -5.59
C11 PCW IA . 2.18 -31.39 -16.05
C12 PCW IA . 1.43 -31.97 -17.27
C31 PCW IA . 6.49 -29.23 -16.15
C32 PCW IA . 6.82 -29.59 -17.62
N PCW IA . 5.44 -33.19 -6.66
O2 PCW IA . 6.60 -30.23 -15.13
O3 PCW IA . 3.44 -31.91 -15.67
O11 PCW IA . 1.69 -30.50 -15.44
O31 PCW IA . 6.15 -28.13 -15.87
O1P PCW IA . 7.54 -33.16 -11.55
O2P PCW IA . 5.60 -34.61 -12.04
O3P PCW IA . 5.62 -32.19 -13.01
O4P PCW IA . 5.31 -32.67 -10.35
P PCW IA . 6.05 -33.20 -11.73
C1 CLR JA . -19.80 -10.51 -30.98
C2 CLR JA . -19.57 -9.26 -31.80
C3 CLR JA . -20.38 -8.07 -31.27
C4 CLR JA . -20.05 -7.93 -29.74
C5 CLR JA . -20.05 -9.24 -28.88
C6 CLR JA . -20.96 -9.41 -27.89
C7 CLR JA . -21.38 -10.77 -27.34
C8 CLR JA . -20.11 -11.70 -27.37
C9 CLR JA . -19.59 -11.84 -28.81
C10 CLR JA . -19.29 -10.43 -29.55
C11 CLR JA . -18.42 -12.88 -28.90
C12 CLR JA . -18.73 -14.30 -28.24
C13 CLR JA . -19.23 -14.14 -26.75
C14 CLR JA . -20.46 -13.10 -26.82
C15 CLR JA . -21.12 -13.15 -25.43
C16 CLR JA . -20.95 -14.69 -25.01
C17 CLR JA . -20.04 -15.39 -26.15
C18 CLR JA . -18.13 -13.70 -25.76
C19 CLR JA . -17.76 -10.14 -29.62
C20 CLR JA . -19.22 -16.56 -25.49
C21 CLR JA . -18.25 -17.32 -26.41
C22 CLR JA . -20.31 -17.61 -24.95
C23 CLR JA . -19.65 -18.86 -24.29
C24 CLR JA . -20.85 -19.69 -23.67
C25 CLR JA . -20.29 -20.75 -22.67
C26 CLR JA . -21.35 -21.31 -21.67
C27 CLR JA . -19.55 -21.83 -23.50
O1 CLR JA . -20.18 -6.81 -32.01
C1 CLR KA . -2.38 -9.45 5.92
C2 CLR KA . -2.59 -10.32 7.15
C3 CLR KA . -3.96 -10.07 7.76
C4 CLR KA . -4.99 -10.45 6.66
C5 CLR KA . -4.80 -9.73 5.30
C6 CLR KA . -5.73 -8.82 4.96
C7 CLR KA . -5.43 -7.67 4.02
C8 CLR KA . -4.40 -8.14 2.96
C9 CLR KA . -3.10 -8.60 3.64
C10 CLR KA . -3.32 -9.76 4.76
C11 CLR KA . -1.97 -8.87 2.60
C12 CLR KA . -1.70 -7.66 1.61
C13 CLR KA . -3.03 -7.21 0.88
C14 CLR KA . -4.11 -6.98 2.05
C15 CLR KA . -5.32 -6.34 1.35
C16 CLR KA . -4.63 -5.37 0.29
C17 CLR KA . -3.05 -5.71 0.33
C18 CLR KA . -3.52 -8.20 -0.20
C19 CLR KA . -2.95 -11.16 4.18
C20 CLR KA . -2.46 -5.44 -1.08
C21 CLR KA . -0.94 -5.63 -1.23
C22 CLR KA . -2.79 -3.91 -1.35
C23 CLR KA . -1.79 -3.25 -2.32
C24 CLR KA . -2.57 -3.22 -3.69
C25 CLR KA . -1.59 -3.63 -4.84
C26 CLR KA . -2.30 -4.13 -6.12
C27 CLR KA . -0.62 -2.44 -5.05
O1 CLR KA . -4.21 -10.73 9.05
#